data_2E0G
#
_entry.id   2E0G
#
_cell.length_a   1.000
_cell.length_b   1.000
_cell.length_c   1.000
_cell.angle_alpha   90.00
_cell.angle_beta   90.00
_cell.angle_gamma   90.00
#
_symmetry.space_group_name_H-M   'P 1'
#
_entity_poly.entity_id   1
_entity_poly.type   'polypeptide(L)'
_entity_poly.pdbx_seq_one_letter_code
;SLSLWQQCLARLQDELPATEFSMWIRPLQAELSDNTLALYAPNRFVLDWVRDKYLNNINGLLTSFCGADAPQLRFEVGTK
PVTQTPQAAVTSNVAAPAQVAQTQPQR
;
_entity_poly.pdbx_strand_id   A
#
# COMPACT_ATOMS: atom_id res chain seq x y z
N SER A 1 4.79 19.36 -20.73
CA SER A 1 4.46 18.70 -21.98
C SER A 1 4.37 17.19 -21.80
N LEU A 2 5.42 16.60 -21.24
CA LEU A 2 5.46 15.16 -21.00
C LEU A 2 5.31 14.85 -19.52
N SER A 3 4.57 13.79 -19.21
CA SER A 3 4.36 13.39 -17.83
C SER A 3 5.03 12.05 -17.53
N LEU A 4 5.45 11.86 -16.29
CA LEU A 4 6.12 10.63 -15.88
C LEU A 4 5.30 9.41 -16.29
N TRP A 5 4.06 9.35 -15.84
CA TRP A 5 3.17 8.24 -16.18
C TRP A 5 3.20 7.95 -17.68
N GLN A 6 2.75 8.93 -18.47
CA GLN A 6 2.73 8.77 -19.92
C GLN A 6 4.00 8.10 -20.42
N GLN A 7 5.14 8.68 -20.08
CA GLN A 7 6.43 8.14 -20.50
C GLN A 7 6.59 6.69 -20.05
N CYS A 8 6.25 6.43 -18.80
CA CYS A 8 6.35 5.09 -18.24
C CYS A 8 5.57 4.09 -19.09
N LEU A 9 4.39 4.50 -19.55
CA LEU A 9 3.55 3.65 -20.37
C LEU A 9 4.22 3.35 -21.72
N ALA A 10 4.50 4.41 -22.47
CA ALA A 10 5.14 4.28 -23.78
C ALA A 10 6.45 3.50 -23.67
N ARG A 11 7.19 3.75 -22.59
CA ARG A 11 8.46 3.08 -22.38
C ARG A 11 8.26 1.57 -22.20
N LEU A 12 7.22 1.21 -21.46
CA LEU A 12 6.91 -0.20 -21.22
C LEU A 12 6.39 -0.87 -22.49
N GLN A 13 5.66 -0.12 -23.31
CA GLN A 13 5.13 -0.64 -24.55
C GLN A 13 6.17 -0.64 -25.65
N ASP A 14 7.22 0.16 -25.46
CA ASP A 14 8.30 0.24 -26.44
C ASP A 14 9.40 -0.76 -26.12
N GLU A 15 9.69 -0.94 -24.83
CA GLU A 15 10.72 -1.85 -24.39
C GLU A 15 10.36 -3.30 -24.76
N LEU A 16 9.07 -3.60 -24.74
CA LEU A 16 8.60 -4.94 -25.08
C LEU A 16 7.13 -4.90 -25.49
N PRO A 17 6.68 -5.97 -26.18
CA PRO A 17 5.30 -6.08 -26.64
C PRO A 17 4.32 -6.30 -25.49
N ALA A 18 4.85 -6.55 -24.30
CA ALA A 18 4.03 -6.78 -23.12
C ALA A 18 2.97 -5.68 -22.99
N THR A 19 1.75 -6.00 -23.39
CA THR A 19 0.64 -5.05 -23.31
C THR A 19 -0.09 -5.16 -21.99
N GLU A 20 0.21 -6.21 -21.24
CA GLU A 20 -0.42 -6.43 -19.93
C GLU A 20 -0.40 -5.16 -19.10
N PHE A 21 0.73 -4.47 -19.12
CA PHE A 21 0.87 -3.22 -18.36
C PHE A 21 -0.26 -2.27 -18.67
N SER A 22 -0.77 -2.32 -19.90
CA SER A 22 -1.86 -1.45 -20.32
C SER A 22 -3.16 -1.82 -19.62
N MET A 23 -3.21 -3.05 -19.11
CA MET A 23 -4.41 -3.54 -18.42
C MET A 23 -4.28 -3.31 -16.92
N TRP A 24 -3.05 -3.32 -16.41
CA TRP A 24 -2.80 -3.12 -15.00
C TRP A 24 -2.34 -1.70 -14.72
N ILE A 25 -2.77 -0.77 -15.57
CA ILE A 25 -2.40 0.64 -15.42
C ILE A 25 -3.52 1.55 -15.90
N ARG A 26 -4.16 1.16 -17.01
CA ARG A 26 -5.24 1.94 -17.58
C ARG A 26 -6.27 2.30 -16.51
N PRO A 27 -6.84 1.28 -15.88
CA PRO A 27 -7.86 1.46 -14.83
C PRO A 27 -7.27 2.05 -13.55
N LEU A 28 -5.94 2.14 -13.51
CA LEU A 28 -5.25 2.69 -12.35
C LEU A 28 -5.05 4.20 -12.50
N GLN A 29 -4.77 4.86 -11.37
CA GLN A 29 -4.54 6.30 -11.38
C GLN A 29 -3.17 6.65 -10.82
N ALA A 30 -2.27 7.10 -11.69
CA ALA A 30 -0.92 7.46 -11.27
C ALA A 30 -0.88 8.90 -10.74
N GLU A 31 0.02 9.14 -9.79
CA GLU A 31 0.16 10.46 -9.20
C GLU A 31 1.62 10.88 -9.15
N LEU A 32 1.92 12.04 -9.73
CA LEU A 32 3.28 12.56 -9.76
C LEU A 32 3.55 13.45 -8.55
N SER A 33 4.66 13.20 -7.87
CA SER A 33 5.02 13.98 -6.69
C SER A 33 6.32 14.76 -6.94
N ASP A 34 6.59 15.05 -8.21
CA ASP A 34 7.78 15.79 -8.58
C ASP A 34 9.02 14.90 -8.50
N ASN A 35 8.84 13.69 -7.98
CA ASN A 35 9.94 12.75 -7.85
C ASN A 35 9.44 11.41 -7.32
N THR A 36 8.13 11.19 -7.44
CA THR A 36 7.53 9.94 -6.97
C THR A 36 6.25 9.64 -7.74
N LEU A 37 6.28 8.58 -8.54
CA LEU A 37 5.12 8.18 -9.33
C LEU A 37 4.28 7.14 -8.58
N ALA A 38 3.21 7.61 -7.94
CA ALA A 38 2.32 6.74 -7.19
C ALA A 38 1.33 6.04 -8.11
N LEU A 39 0.74 4.96 -7.63
CA LEU A 39 -0.23 4.20 -8.41
C LEU A 39 -1.46 3.86 -7.57
N TYR A 40 -2.63 4.21 -8.09
CA TYR A 40 -3.89 3.94 -7.39
C TYR A 40 -4.67 2.82 -8.07
N ALA A 41 -4.85 1.72 -7.36
CA ALA A 41 -5.58 0.57 -7.90
C ALA A 41 -6.83 0.27 -7.06
N PRO A 42 -7.74 -0.51 -7.63
CA PRO A 42 -8.99 -0.89 -6.95
C PRO A 42 -8.74 -1.87 -5.81
N ASN A 43 -7.53 -2.42 -5.75
CA ASN A 43 -7.18 -3.36 -4.70
C ASN A 43 -5.66 -3.46 -4.56
N ARG A 44 -5.22 -4.30 -3.63
CA ARG A 44 -3.79 -4.49 -3.38
C ARG A 44 -3.19 -5.46 -4.39
N PHE A 45 -4.00 -6.39 -4.87
CA PHE A 45 -3.56 -7.38 -5.85
C PHE A 45 -2.86 -6.71 -7.02
N VAL A 46 -3.56 -5.77 -7.66
CA VAL A 46 -3.01 -5.04 -8.81
C VAL A 46 -1.68 -4.40 -8.45
N LEU A 47 -1.63 -3.74 -7.30
CA LEU A 47 -0.41 -3.08 -6.86
C LEU A 47 0.78 -4.04 -6.90
N ASP A 48 0.66 -5.15 -6.19
CA ASP A 48 1.73 -6.16 -6.16
C ASP A 48 2.16 -6.54 -7.57
N TRP A 49 1.18 -6.81 -8.43
CA TRP A 49 1.44 -7.19 -9.80
C TRP A 49 2.20 -6.09 -10.54
N VAL A 50 1.61 -4.90 -10.58
CA VAL A 50 2.22 -3.76 -11.26
C VAL A 50 3.64 -3.52 -10.74
N ARG A 51 3.79 -3.51 -9.43
CA ARG A 51 5.09 -3.30 -8.80
C ARG A 51 6.06 -4.42 -9.16
N ASP A 52 5.52 -5.51 -9.69
CA ASP A 52 6.33 -6.66 -10.07
C ASP A 52 7.03 -6.41 -11.40
N LYS A 53 6.26 -6.01 -12.41
CA LYS A 53 6.80 -5.73 -13.73
C LYS A 53 6.97 -4.24 -13.95
N TYR A 54 5.85 -3.51 -13.92
CA TYR A 54 5.88 -2.07 -14.13
C TYR A 54 7.07 -1.44 -13.42
N LEU A 55 7.19 -1.71 -12.11
CA LEU A 55 8.29 -1.17 -11.32
C LEU A 55 9.61 -1.32 -12.05
N ASN A 56 10.04 -2.56 -12.24
CA ASN A 56 11.30 -2.85 -12.93
C ASN A 56 11.46 -1.95 -14.15
N ASN A 57 10.42 -1.90 -14.98
CA ASN A 57 10.46 -1.09 -16.19
C ASN A 57 10.69 0.38 -15.85
N ILE A 58 9.79 0.95 -15.06
CA ILE A 58 9.90 2.35 -14.65
C ILE A 58 11.29 2.65 -14.11
N ASN A 59 11.70 1.92 -13.08
CA ASN A 59 13.01 2.12 -12.48
C ASN A 59 14.10 2.21 -13.55
N GLY A 60 14.17 1.21 -14.42
CA GLY A 60 15.16 1.20 -15.48
C GLY A 60 15.15 2.49 -16.28
N LEU A 61 13.96 3.04 -16.50
CA LEU A 61 13.82 4.28 -17.26
C LEU A 61 14.26 5.48 -16.43
N LEU A 62 13.74 5.56 -15.21
CA LEU A 62 14.08 6.67 -14.32
C LEU A 62 15.59 6.92 -14.30
N THR A 63 16.35 5.85 -14.12
CA THR A 63 17.80 5.94 -14.09
C THR A 63 18.38 6.13 -15.48
N SER A 64 17.79 5.45 -16.46
CA SER A 64 18.25 5.54 -17.84
C SER A 64 18.04 6.95 -18.39
N PHE A 65 17.14 7.70 -17.75
CA PHE A 65 16.85 9.06 -18.17
C PHE A 65 17.93 10.03 -17.68
N CYS A 66 18.24 9.95 -16.39
CA CYS A 66 19.26 10.82 -15.80
C CYS A 66 20.15 10.04 -14.85
N GLY A 67 19.53 9.26 -13.96
CA GLY A 67 20.29 8.48 -13.01
C GLY A 67 20.36 9.13 -11.64
N ALA A 68 20.94 10.33 -11.59
CA ALA A 68 21.07 11.06 -10.33
C ALA A 68 19.76 11.74 -9.95
N ASP A 69 18.76 11.62 -10.83
CA ASP A 69 17.45 12.23 -10.59
C ASP A 69 16.36 11.17 -10.61
N ALA A 70 16.72 9.95 -11.01
CA ALA A 70 15.77 8.85 -11.06
C ALA A 70 14.89 8.81 -9.82
N PRO A 71 13.62 9.23 -9.96
CA PRO A 71 12.66 9.26 -8.86
C PRO A 71 12.24 7.86 -8.42
N GLN A 72 11.18 7.77 -7.65
CA GLN A 72 10.67 6.50 -7.17
C GLN A 72 9.20 6.31 -7.54
N LEU A 73 8.65 5.16 -7.17
CA LEU A 73 7.26 4.85 -7.47
C LEU A 73 6.50 4.48 -6.20
N ARG A 74 5.19 4.70 -6.22
CA ARG A 74 4.34 4.39 -5.07
C ARG A 74 3.13 3.56 -5.49
N PHE A 75 2.51 2.89 -4.53
CA PHE A 75 1.33 2.06 -4.80
C PHE A 75 0.34 2.14 -3.65
N GLU A 76 -0.95 2.11 -3.98
CA GLU A 76 -1.99 2.17 -2.97
C GLU A 76 -3.34 1.77 -3.57
N VAL A 77 -4.30 1.47 -2.69
CA VAL A 77 -5.64 1.07 -3.12
C VAL A 77 -6.60 2.24 -3.08
N GLY A 78 -6.95 2.75 -4.24
CA GLY A 78 -7.88 3.88 -4.32
C GLY A 78 -7.47 5.02 -3.40
N THR A 79 -8.44 5.82 -2.99
CA THR A 79 -8.19 6.95 -2.11
C THR A 79 -8.09 6.51 -0.66
N LYS A 80 -7.48 7.35 0.17
CA LYS A 80 -7.33 7.05 1.59
C LYS A 80 -8.69 6.79 2.24
N PRO A 81 -8.68 6.09 3.39
CA PRO A 81 -9.89 5.77 4.13
C PRO A 81 -10.52 7.00 4.78
N VAL A 82 -11.74 6.83 5.28
CA VAL A 82 -12.46 7.92 5.92
C VAL A 82 -12.71 7.63 7.40
N THR A 83 -12.72 8.68 8.21
CA THR A 83 -12.95 8.53 9.65
C THR A 83 -14.00 9.52 10.15
N GLN A 84 -14.81 9.09 11.09
CA GLN A 84 -15.86 9.94 11.65
C GLN A 84 -16.64 9.20 12.74
N THR A 85 -16.30 9.48 14.00
CA THR A 85 -16.96 8.85 15.12
C THR A 85 -17.12 9.82 16.29
N PRO A 86 -18.07 9.51 17.19
CA PRO A 86 -18.34 10.34 18.36
C PRO A 86 -17.21 10.30 19.38
N GLN A 87 -17.46 10.87 20.55
CA GLN A 87 -16.46 10.90 21.62
C GLN A 87 -17.04 11.45 22.91
N ALA A 88 -16.68 10.84 24.03
CA ALA A 88 -17.18 11.27 25.33
C ALA A 88 -16.47 10.53 26.46
N ALA A 89 -16.80 10.88 27.69
CA ALA A 89 -16.20 10.25 28.86
C ALA A 89 -16.79 10.81 30.15
N VAL A 90 -16.52 10.13 31.27
CA VAL A 90 -17.01 10.56 32.57
C VAL A 90 -16.03 10.22 33.67
N THR A 91 -16.05 11.01 34.74
CA THR A 91 -15.15 10.79 35.88
C THR A 91 -15.86 11.05 37.20
N SER A 92 -15.15 10.82 38.29
CA SER A 92 -15.72 11.03 39.62
C SER A 92 -14.63 10.99 40.69
N ASN A 93 -15.04 11.14 41.94
CA ASN A 93 -14.10 11.12 43.06
C ASN A 93 -14.82 11.28 44.39
N VAL A 94 -14.32 10.60 45.42
CA VAL A 94 -14.93 10.67 46.75
C VAL A 94 -13.88 10.55 47.84
N ALA A 95 -14.10 11.22 48.96
CA ALA A 95 -13.17 11.18 50.08
C ALA A 95 -13.83 11.69 51.35
N ALA A 96 -13.23 11.36 52.49
CA ALA A 96 -13.76 11.78 53.79
C ALA A 96 -12.86 11.30 54.93
N PRO A 97 -11.67 11.88 55.02
CA PRO A 97 -10.69 11.54 56.05
C PRO A 97 -11.13 12.01 57.44
N ALA A 98 -10.25 11.84 58.43
CA ALA A 98 -10.55 12.24 59.79
C ALA A 98 -9.28 12.58 60.55
N GLN A 99 -9.42 12.90 61.84
CA GLN A 99 -8.28 13.25 62.67
C GLN A 99 -8.62 13.08 64.15
N VAL A 100 -7.94 12.15 64.81
CA VAL A 100 -8.16 11.89 66.23
C VAL A 100 -8.03 13.17 67.04
N ALA A 101 -8.44 13.11 68.31
CA ALA A 101 -8.36 14.26 69.19
C ALA A 101 -7.98 13.83 70.61
N GLN A 102 -6.99 14.51 71.18
CA GLN A 102 -6.53 14.21 72.54
C GLN A 102 -5.47 15.21 72.98
N THR A 103 -5.22 15.24 74.29
CA THR A 103 -4.23 16.15 74.85
C THR A 103 -3.20 15.41 75.69
N GLN A 104 -3.66 14.40 76.43
CA GLN A 104 -2.78 13.61 77.28
C GLN A 104 -1.94 14.50 78.18
N PRO A 105 -2.57 15.08 79.21
CA PRO A 105 -1.91 15.97 80.16
C PRO A 105 -0.93 15.22 81.07
N GLN A 106 -0.12 15.96 81.80
CA GLN A 106 0.86 15.37 82.70
C GLN A 106 0.70 15.92 84.11
N ARG A 107 1.41 15.32 85.07
CA ARG A 107 1.34 15.75 86.47
C ARG A 107 2.65 15.46 87.18
N SER A 1 3.37 16.73 -24.27
CA SER A 1 3.12 16.27 -22.91
C SER A 1 3.79 14.93 -22.65
N LEU A 2 4.80 14.93 -21.79
CA LEU A 2 5.53 13.71 -21.46
C LEU A 2 5.78 13.62 -19.96
N SER A 3 4.72 13.41 -19.19
CA SER A 3 4.82 13.30 -17.74
C SER A 3 5.42 11.95 -17.34
N LEU A 4 5.63 11.77 -16.04
CA LEU A 4 6.19 10.53 -15.52
C LEU A 4 5.39 9.32 -16.00
N TRP A 5 4.12 9.25 -15.58
CA TRP A 5 3.25 8.15 -15.98
C TRP A 5 3.33 7.90 -17.48
N GLN A 6 2.91 8.89 -18.26
CA GLN A 6 2.94 8.79 -19.71
C GLN A 6 4.21 8.09 -20.19
N GLN A 7 5.36 8.64 -19.79
CA GLN A 7 6.64 8.07 -20.17
C GLN A 7 6.75 6.61 -19.75
N CYS A 8 6.40 6.34 -18.49
CA CYS A 8 6.46 4.98 -17.96
C CYS A 8 5.71 4.01 -18.87
N LEU A 9 4.55 4.45 -19.35
CA LEU A 9 3.73 3.61 -20.23
C LEU A 9 4.41 3.40 -21.57
N ALA A 10 4.72 4.49 -22.25
CA ALA A 10 5.38 4.43 -23.55
C ALA A 10 6.66 3.59 -23.48
N ARG A 11 7.39 3.75 -22.38
CA ARG A 11 8.63 3.00 -22.19
C ARG A 11 8.35 1.50 -22.07
N LEU A 12 7.30 1.15 -21.34
CA LEU A 12 6.93 -0.24 -21.14
C LEU A 12 6.36 -0.83 -22.43
N GLN A 13 5.63 -0.01 -23.17
CA GLN A 13 5.03 -0.46 -24.42
C GLN A 13 6.05 -0.46 -25.55
N ASP A 14 7.12 0.29 -25.37
CA ASP A 14 8.19 0.38 -26.37
C ASP A 14 9.27 -0.67 -26.12
N GLU A 15 9.59 -0.87 -24.84
CA GLU A 15 10.61 -1.84 -24.46
C GLU A 15 10.20 -3.25 -24.87
N LEU A 16 8.91 -3.53 -24.79
CA LEU A 16 8.38 -4.84 -25.14
C LEU A 16 6.91 -4.76 -25.53
N PRO A 17 6.44 -5.75 -26.28
CA PRO A 17 5.04 -5.83 -26.73
C PRO A 17 4.08 -6.10 -25.58
N ALA A 18 4.63 -6.46 -24.43
CA ALA A 18 3.81 -6.76 -23.25
C ALA A 18 2.74 -5.69 -23.05
N THR A 19 1.50 -6.02 -23.41
CA THR A 19 0.40 -5.09 -23.27
C THR A 19 -0.26 -5.22 -21.91
N GLU A 20 0.11 -6.27 -21.18
CA GLU A 20 -0.44 -6.50 -19.85
C GLU A 20 -0.41 -5.23 -19.01
N PHE A 21 0.73 -4.54 -19.05
CA PHE A 21 0.89 -3.30 -18.28
C PHE A 21 -0.24 -2.33 -18.59
N SER A 22 -0.76 -2.39 -19.81
CA SER A 22 -1.84 -1.51 -20.23
C SER A 22 -3.15 -1.88 -19.54
N MET A 23 -3.20 -3.10 -18.99
CA MET A 23 -4.39 -3.57 -18.30
C MET A 23 -4.28 -3.35 -16.79
N TRP A 24 -3.04 -3.38 -16.29
CA TRP A 24 -2.80 -3.19 -14.86
C TRP A 24 -2.33 -1.77 -14.59
N ILE A 25 -2.73 -0.84 -15.44
CA ILE A 25 -2.36 0.56 -15.29
C ILE A 25 -3.46 1.49 -15.79
N ARG A 26 -4.08 1.12 -16.89
CA ARG A 26 -5.16 1.92 -17.48
C ARG A 26 -6.19 2.29 -16.41
N PRO A 27 -6.77 1.27 -15.77
CA PRO A 27 -7.78 1.47 -14.72
C PRO A 27 -7.19 2.05 -13.45
N LEU A 28 -5.87 2.17 -13.41
CA LEU A 28 -5.17 2.72 -12.26
C LEU A 28 -5.05 4.24 -12.36
N GLN A 29 -5.01 4.91 -11.22
CA GLN A 29 -4.89 6.36 -11.18
C GLN A 29 -3.50 6.78 -10.73
N ALA A 30 -2.72 7.33 -11.66
CA ALA A 30 -1.36 7.77 -11.36
C ALA A 30 -1.36 9.18 -10.78
N GLU A 31 -0.35 9.49 -9.97
CA GLU A 31 -0.24 10.80 -9.34
C GLU A 31 1.22 11.18 -9.15
N LEU A 32 1.62 12.31 -9.73
CA LEU A 32 3.00 12.79 -9.62
C LEU A 32 3.19 13.57 -8.32
N SER A 33 4.26 13.22 -7.60
CA SER A 33 4.56 13.89 -6.34
C SER A 33 5.76 14.82 -6.49
N ASP A 34 6.00 15.27 -7.72
CA ASP A 34 7.11 16.16 -8.00
C ASP A 34 8.43 15.39 -8.05
N ASN A 35 8.37 14.11 -7.73
CA ASN A 35 9.56 13.25 -7.73
C ASN A 35 9.19 11.81 -7.41
N THR A 36 7.92 11.47 -7.58
CA THR A 36 7.44 10.12 -7.31
C THR A 36 6.11 9.86 -8.00
N LEU A 37 6.05 8.79 -8.78
CA LEU A 37 4.83 8.43 -9.50
C LEU A 37 4.07 7.34 -8.75
N ALA A 38 2.98 7.74 -8.10
CA ALA A 38 2.16 6.80 -7.34
C ALA A 38 0.96 6.33 -8.17
N LEU A 39 0.59 5.06 -8.01
CA LEU A 39 -0.53 4.50 -8.74
C LEU A 39 -1.63 4.05 -7.79
N TYR A 40 -2.88 4.32 -8.16
CA TYR A 40 -4.02 3.93 -7.33
C TYR A 40 -4.82 2.83 -7.99
N ALA A 41 -4.90 1.68 -7.32
CA ALA A 41 -5.65 0.54 -7.84
C ALA A 41 -6.85 0.22 -6.96
N PRO A 42 -7.81 -0.54 -7.52
CA PRO A 42 -9.02 -0.93 -6.80
C PRO A 42 -8.73 -1.95 -5.70
N ASN A 43 -7.53 -2.50 -5.70
CA ASN A 43 -7.13 -3.48 -4.71
C ASN A 43 -5.61 -3.62 -4.65
N ARG A 44 -5.12 -4.28 -3.60
CA ARG A 44 -3.69 -4.48 -3.43
C ARG A 44 -3.15 -5.45 -4.48
N PHE A 45 -4.01 -6.36 -4.94
CA PHE A 45 -3.62 -7.33 -5.94
C PHE A 45 -2.91 -6.67 -7.12
N VAL A 46 -3.59 -5.69 -7.73
CA VAL A 46 -3.03 -4.97 -8.86
C VAL A 46 -1.68 -4.35 -8.51
N LEU A 47 -1.63 -3.66 -7.38
CA LEU A 47 -0.40 -3.01 -6.93
C LEU A 47 0.78 -3.99 -6.97
N ASP A 48 0.65 -5.09 -6.24
CA ASP A 48 1.68 -6.10 -6.19
C ASP A 48 2.11 -6.51 -7.60
N TRP A 49 1.13 -6.81 -8.45
CA TRP A 49 1.41 -7.21 -9.81
C TRP A 49 2.19 -6.13 -10.56
N VAL A 50 1.71 -4.90 -10.48
CA VAL A 50 2.38 -3.78 -11.14
C VAL A 50 3.83 -3.65 -10.67
N ARG A 51 4.03 -3.69 -9.37
CA ARG A 51 5.37 -3.57 -8.80
C ARG A 51 6.25 -4.74 -9.23
N ASP A 52 5.62 -5.78 -9.78
CA ASP A 52 6.34 -6.95 -10.25
C ASP A 52 7.08 -6.66 -11.55
N LYS A 53 6.32 -6.24 -12.56
CA LYS A 53 6.90 -5.93 -13.87
C LYS A 53 7.06 -4.42 -14.04
N TYR A 54 5.94 -3.70 -14.04
CA TYR A 54 5.97 -2.25 -14.19
C TYR A 54 7.18 -1.65 -13.50
N LEU A 55 7.33 -1.96 -12.22
CA LEU A 55 8.45 -1.45 -11.43
C LEU A 55 9.77 -1.60 -12.20
N ASN A 56 10.18 -2.84 -12.43
CA ASN A 56 11.41 -3.12 -13.15
C ASN A 56 11.58 -2.16 -14.32
N ASN A 57 10.55 -2.06 -15.15
CA ASN A 57 10.57 -1.18 -16.31
C ASN A 57 10.83 0.27 -15.89
N ILE A 58 9.93 0.81 -15.07
CA ILE A 58 10.06 2.18 -14.61
C ILE A 58 11.46 2.44 -14.05
N ASN A 59 11.87 1.62 -13.09
CA ASN A 59 13.19 1.77 -12.48
C ASN A 59 14.26 1.94 -13.55
N GLY A 60 14.34 0.98 -14.46
CA GLY A 60 15.33 1.06 -15.52
C GLY A 60 15.31 2.38 -16.26
N LEU A 61 14.12 2.94 -16.45
CA LEU A 61 13.97 4.21 -17.13
C LEU A 61 14.44 5.36 -16.25
N LEU A 62 13.95 5.40 -15.01
CA LEU A 62 14.32 6.44 -14.07
C LEU A 62 15.84 6.62 -14.03
N THR A 63 16.55 5.51 -13.84
CA THR A 63 18.00 5.56 -13.78
C THR A 63 18.60 5.97 -15.12
N SER A 64 18.11 5.38 -16.19
CA SER A 64 18.60 5.68 -17.53
C SER A 64 18.29 7.13 -17.90
N PHE A 65 17.30 7.72 -17.22
CA PHE A 65 16.91 9.09 -17.48
C PHE A 65 17.86 10.07 -16.79
N CYS A 66 18.16 9.79 -15.53
CA CYS A 66 19.06 10.64 -14.75
C CYS A 66 20.08 9.81 -13.99
N GLY A 67 19.59 8.80 -13.28
CA GLY A 67 20.47 7.94 -12.50
C GLY A 67 20.64 8.42 -11.08
N ALA A 68 19.83 7.87 -10.18
CA ALA A 68 19.89 8.25 -8.76
C ALA A 68 19.30 9.63 -8.54
N ASP A 69 18.90 10.28 -9.62
CA ASP A 69 18.31 11.61 -9.55
C ASP A 69 16.84 11.59 -9.97
N ALA A 70 16.46 10.55 -10.71
CA ALA A 70 15.08 10.41 -11.17
C ALA A 70 14.14 10.10 -10.02
N PRO A 71 12.84 10.28 -10.25
CA PRO A 71 11.80 10.02 -9.25
C PRO A 71 11.65 8.54 -8.94
N GLN A 72 10.74 8.23 -8.02
CA GLN A 72 10.49 6.84 -7.64
C GLN A 72 9.06 6.43 -7.97
N LEU A 73 8.74 5.17 -7.70
CA LEU A 73 7.39 4.65 -7.98
C LEU A 73 6.64 4.40 -6.68
N ARG A 74 5.33 4.60 -6.73
CA ARG A 74 4.48 4.40 -5.54
C ARG A 74 3.20 3.65 -5.92
N PHE A 75 2.64 2.93 -4.95
CA PHE A 75 1.42 2.18 -5.19
C PHE A 75 0.49 2.26 -3.96
N GLU A 76 -0.81 2.22 -4.22
CA GLU A 76 -1.80 2.30 -3.15
C GLU A 76 -3.17 1.83 -3.64
N VAL A 77 -4.04 1.51 -2.69
CA VAL A 77 -5.39 1.04 -3.02
C VAL A 77 -6.40 2.18 -2.93
N GLY A 78 -6.86 2.65 -4.09
CA GLY A 78 -7.83 3.73 -4.11
C GLY A 78 -9.09 3.39 -3.33
N THR A 79 -9.57 2.16 -3.48
CA THR A 79 -10.78 1.72 -2.79
C THR A 79 -10.60 0.33 -2.20
N LYS A 80 -10.97 0.16 -0.94
CA LYS A 80 -10.86 -1.12 -0.27
C LYS A 80 -12.23 -1.69 0.06
N PRO A 81 -12.30 -3.01 0.26
CA PRO A 81 -13.54 -3.70 0.58
C PRO A 81 -14.03 -3.38 1.99
N VAL A 82 -15.27 -3.79 2.29
CA VAL A 82 -15.85 -3.55 3.60
C VAL A 82 -16.56 -4.80 4.13
N THR A 83 -16.57 -4.95 5.45
CA THR A 83 -17.21 -6.10 6.08
C THR A 83 -17.63 -5.78 7.51
N GLN A 84 -18.42 -6.66 8.10
CA GLN A 84 -18.89 -6.47 9.47
C GLN A 84 -19.77 -7.64 9.91
N THR A 85 -20.14 -7.65 11.19
CA THR A 85 -20.97 -8.70 11.74
C THR A 85 -21.91 -8.17 12.81
N PRO A 86 -22.98 -8.92 13.08
CA PRO A 86 -23.98 -8.54 14.09
C PRO A 86 -23.43 -8.64 15.51
N GLN A 87 -24.31 -8.47 16.50
CA GLN A 87 -23.92 -8.53 17.90
C GLN A 87 -25.12 -8.33 18.81
N ALA A 88 -25.62 -9.43 19.38
CA ALA A 88 -26.76 -9.36 20.27
C ALA A 88 -27.11 -10.74 20.82
N ALA A 89 -28.25 -10.85 21.48
CA ALA A 89 -28.69 -12.11 22.06
C ALA A 89 -27.75 -12.57 23.16
N VAL A 90 -28.24 -12.54 24.40
CA VAL A 90 -27.44 -12.95 25.54
C VAL A 90 -28.32 -13.40 26.70
N THR A 91 -29.54 -13.81 26.38
CA THR A 91 -30.49 -14.26 27.39
C THR A 91 -29.92 -15.41 28.21
N SER A 92 -30.34 -15.51 29.46
CA SER A 92 -29.87 -16.56 30.34
C SER A 92 -30.53 -16.47 31.72
N ASN A 93 -30.02 -17.24 32.67
CA ASN A 93 -30.57 -17.23 34.03
C ASN A 93 -32.01 -17.73 34.04
N VAL A 94 -32.21 -18.95 34.49
CA VAL A 94 -33.55 -19.54 34.56
C VAL A 94 -33.75 -20.32 35.87
N ALA A 95 -35.00 -20.38 36.32
CA ALA A 95 -35.33 -21.09 37.54
C ALA A 95 -36.71 -21.73 37.46
N ALA A 96 -37.03 -22.58 38.43
CA ALA A 96 -38.31 -23.25 38.46
C ALA A 96 -38.44 -24.14 39.70
N PRO A 97 -38.63 -23.50 40.86
CA PRO A 97 -38.78 -24.21 42.14
C PRO A 97 -40.09 -24.98 42.23
N ALA A 98 -40.14 -25.92 43.17
CA ALA A 98 -41.34 -26.73 43.36
C ALA A 98 -41.17 -27.70 44.53
N GLN A 99 -42.21 -27.83 45.34
CA GLN A 99 -42.17 -28.73 46.49
C GLN A 99 -43.55 -28.86 47.13
N VAL A 100 -43.60 -29.50 48.29
CA VAL A 100 -44.86 -29.69 49.00
C VAL A 100 -45.80 -30.59 48.22
N ALA A 101 -46.64 -31.33 48.93
CA ALA A 101 -47.60 -32.23 48.30
C ALA A 101 -48.51 -32.88 49.34
N GLN A 102 -49.47 -33.67 48.86
CA GLN A 102 -50.41 -34.34 49.75
C GLN A 102 -51.28 -35.33 48.97
N THR A 103 -51.68 -36.40 49.64
CA THR A 103 -52.51 -37.42 49.02
C THR A 103 -53.13 -38.34 50.05
N GLN A 104 -54.01 -39.24 49.60
CA GLN A 104 -54.68 -40.18 50.50
C GLN A 104 -55.43 -41.24 49.71
N PRO A 105 -55.30 -42.50 50.15
CA PRO A 105 -55.97 -43.64 49.51
C PRO A 105 -57.47 -43.62 49.69
N GLN A 106 -58.14 -44.68 49.25
CA GLN A 106 -59.59 -44.78 49.38
C GLN A 106 -60.08 -46.15 48.91
N ARG A 107 -61.38 -46.38 49.05
CA ARG A 107 -61.98 -47.65 48.63
C ARG A 107 -63.50 -47.55 48.58
N SER A 1 2.97 17.13 -24.66
CA SER A 1 3.79 16.84 -23.49
C SER A 1 3.71 15.36 -23.12
N LEU A 2 4.57 14.94 -22.20
CA LEU A 2 4.59 13.55 -21.75
C LEU A 2 4.92 13.47 -20.25
N SER A 3 3.90 13.50 -19.42
CA SER A 3 4.08 13.43 -17.98
C SER A 3 4.80 12.14 -17.59
N LEU A 4 5.12 12.02 -16.31
CA LEU A 4 5.82 10.84 -15.80
C LEU A 4 5.09 9.57 -16.21
N TRP A 5 3.84 9.45 -15.80
CA TRP A 5 3.02 8.28 -16.12
C TRP A 5 3.12 7.95 -17.61
N GLN A 6 2.78 8.93 -18.46
CA GLN A 6 2.83 8.73 -19.90
C GLN A 6 4.14 8.06 -20.31
N GLN A 7 5.26 8.63 -19.88
CA GLN A 7 6.57 8.09 -20.20
C GLN A 7 6.68 6.63 -19.77
N CYS A 8 6.31 6.36 -18.52
CA CYS A 8 6.37 5.01 -17.98
C CYS A 8 5.70 4.02 -18.93
N LEU A 9 4.54 4.40 -19.45
CA LEU A 9 3.80 3.55 -20.37
C LEU A 9 4.54 3.39 -21.69
N ALA A 10 4.82 4.51 -22.35
CA ALA A 10 5.53 4.49 -23.62
C ALA A 10 6.81 3.67 -23.52
N ARG A 11 7.50 3.79 -22.39
CA ARG A 11 8.74 3.06 -22.17
C ARG A 11 8.48 1.56 -22.07
N LEU A 12 7.40 1.20 -21.38
CA LEU A 12 7.04 -0.20 -21.22
C LEU A 12 6.49 -0.79 -22.51
N GLN A 13 5.90 0.06 -23.33
CA GLN A 13 5.34 -0.38 -24.61
C GLN A 13 6.38 -0.29 -25.72
N ASP A 14 7.45 0.45 -25.46
CA ASP A 14 8.52 0.61 -26.44
C ASP A 14 9.58 -0.47 -26.27
N GLU A 15 9.88 -0.81 -25.01
CA GLU A 15 10.88 -1.83 -24.71
C GLU A 15 10.48 -3.17 -25.31
N LEU A 16 9.18 -3.45 -25.30
CA LEU A 16 8.67 -4.70 -25.85
C LEU A 16 7.15 -4.75 -25.76
N PRO A 17 6.53 -5.59 -26.61
CA PRO A 17 5.06 -5.75 -26.64
C PRO A 17 4.53 -6.46 -25.40
N ALA A 18 3.97 -5.68 -24.47
CA ALA A 18 3.42 -6.23 -23.24
C ALA A 18 2.13 -5.52 -22.85
N THR A 19 1.01 -5.98 -23.41
CA THR A 19 -0.28 -5.39 -23.12
C THR A 19 -0.64 -5.52 -21.64
N GLU A 20 0.11 -6.37 -20.94
CA GLU A 20 -0.12 -6.59 -19.52
C GLU A 20 -0.30 -5.27 -18.78
N PHE A 21 0.76 -4.47 -18.76
CA PHE A 21 0.72 -3.18 -18.08
C PHE A 21 -0.46 -2.34 -18.57
N SER A 22 -0.83 -2.53 -19.83
CA SER A 22 -1.94 -1.79 -20.43
C SER A 22 -3.26 -2.17 -19.76
N MET A 23 -3.24 -3.28 -19.02
CA MET A 23 -4.44 -3.75 -18.33
C MET A 23 -4.34 -3.48 -16.83
N TRP A 24 -3.10 -3.47 -16.32
CA TRP A 24 -2.87 -3.22 -14.90
C TRP A 24 -2.42 -1.79 -14.66
N ILE A 25 -2.84 -0.89 -15.53
CA ILE A 25 -2.48 0.53 -15.42
C ILE A 25 -3.60 1.42 -15.92
N ARG A 26 -4.23 1.01 -17.02
CA ARG A 26 -5.32 1.79 -17.61
C ARG A 26 -6.36 2.14 -16.55
N PRO A 27 -6.92 1.12 -15.89
CA PRO A 27 -7.93 1.31 -14.85
C PRO A 27 -7.35 1.93 -13.58
N LEU A 28 -6.02 2.01 -13.52
CA LEU A 28 -5.35 2.59 -12.37
C LEU A 28 -5.21 4.10 -12.51
N GLN A 29 -4.92 4.77 -11.40
CA GLN A 29 -4.76 6.22 -11.42
C GLN A 29 -3.39 6.62 -10.87
N ALA A 30 -2.51 7.08 -11.76
CA ALA A 30 -1.18 7.50 -11.37
C ALA A 30 -1.17 8.94 -10.88
N GLU A 31 -0.38 9.21 -9.84
CA GLU A 31 -0.29 10.56 -9.28
C GLU A 31 1.17 10.97 -9.12
N LEU A 32 1.52 12.09 -9.74
CA LEU A 32 2.89 12.60 -9.66
C LEU A 32 3.11 13.38 -8.38
N SER A 33 4.12 12.98 -7.61
CA SER A 33 4.43 13.65 -6.34
C SER A 33 5.61 14.60 -6.51
N ASP A 34 5.82 15.07 -7.73
CA ASP A 34 6.91 15.99 -8.03
C ASP A 34 8.25 15.25 -8.07
N ASN A 35 8.20 13.97 -7.73
CA ASN A 35 9.41 13.15 -7.73
C ASN A 35 9.09 11.69 -7.39
N THR A 36 7.82 11.33 -7.56
CA THR A 36 7.37 9.96 -7.27
C THR A 36 6.05 9.66 -7.95
N LEU A 37 6.02 8.58 -8.72
CA LEU A 37 4.80 8.19 -9.43
C LEU A 37 4.04 7.12 -8.65
N ALA A 38 2.98 7.53 -7.98
CA ALA A 38 2.17 6.61 -7.19
C ALA A 38 0.98 6.09 -8.01
N LEU A 39 0.72 4.80 -7.91
CA LEU A 39 -0.39 4.18 -8.63
C LEU A 39 -1.55 3.90 -7.70
N TYR A 40 -2.75 4.29 -8.12
CA TYR A 40 -3.95 4.07 -7.32
C TYR A 40 -4.83 3.00 -7.94
N ALA A 41 -4.82 1.82 -7.34
CA ALA A 41 -5.61 0.69 -7.83
C ALA A 41 -6.81 0.43 -6.92
N PRO A 42 -7.80 -0.32 -7.43
CA PRO A 42 -9.01 -0.66 -6.69
C PRO A 42 -8.73 -1.65 -5.56
N ASN A 43 -7.54 -2.24 -5.58
CA ASN A 43 -7.15 -3.20 -4.55
C ASN A 43 -5.63 -3.30 -4.45
N ARG A 44 -5.16 -4.16 -3.56
CA ARG A 44 -3.72 -4.35 -3.35
C ARG A 44 -3.16 -5.33 -4.37
N PHE A 45 -3.99 -6.28 -4.79
CA PHE A 45 -3.57 -7.28 -5.76
C PHE A 45 -2.89 -6.63 -6.96
N VAL A 46 -3.58 -5.70 -7.61
CA VAL A 46 -3.05 -5.01 -8.76
C VAL A 46 -1.70 -4.37 -8.45
N LEU A 47 -1.63 -3.67 -7.32
CA LEU A 47 -0.40 -3.01 -6.89
C LEU A 47 0.78 -3.99 -6.93
N ASP A 48 0.65 -5.09 -6.20
CA ASP A 48 1.71 -6.09 -6.16
C ASP A 48 2.12 -6.51 -7.56
N TRP A 49 1.14 -6.78 -8.40
CA TRP A 49 1.40 -7.18 -9.78
C TRP A 49 2.18 -6.10 -10.53
N VAL A 50 1.62 -4.89 -10.55
CA VAL A 50 2.26 -3.77 -11.23
C VAL A 50 3.70 -3.58 -10.75
N ARG A 51 3.88 -3.58 -9.43
CA ARG A 51 5.20 -3.41 -8.84
C ARG A 51 6.12 -4.55 -9.22
N ASP A 52 5.53 -5.62 -9.74
CA ASP A 52 6.30 -6.79 -10.15
C ASP A 52 6.99 -6.57 -11.49
N LYS A 53 6.22 -6.12 -12.48
CA LYS A 53 6.75 -5.86 -13.80
C LYS A 53 6.96 -4.36 -14.02
N TYR A 54 5.88 -3.59 -13.96
CA TYR A 54 5.94 -2.15 -14.14
C TYR A 54 7.17 -1.58 -13.44
N LEU A 55 7.30 -1.87 -12.15
CA LEU A 55 8.43 -1.38 -11.37
C LEU A 55 9.74 -1.55 -12.13
N ASN A 56 10.12 -2.79 -12.37
CA ASN A 56 11.36 -3.09 -13.09
C ASN A 56 11.54 -2.13 -14.26
N ASN A 57 10.53 -2.04 -15.11
CA ASN A 57 10.58 -1.16 -16.27
C ASN A 57 10.86 0.28 -15.85
N ILE A 58 9.97 0.83 -15.03
CA ILE A 58 10.12 2.20 -14.56
C ILE A 58 11.51 2.44 -14.00
N ASN A 59 11.92 1.60 -13.05
CA ASN A 59 13.24 1.72 -12.44
C ASN A 59 14.32 1.92 -13.50
N GLY A 60 14.40 0.98 -14.44
CA GLY A 60 15.39 1.07 -15.49
C GLY A 60 15.35 2.40 -16.21
N LEU A 61 14.15 2.95 -16.39
CA LEU A 61 13.99 4.22 -17.07
C LEU A 61 14.46 5.38 -16.19
N LEU A 62 13.99 5.39 -14.94
CA LEU A 62 14.37 6.43 -13.99
C LEU A 62 15.88 6.62 -13.97
N THR A 63 16.61 5.52 -13.81
CA THR A 63 18.06 5.57 -13.76
C THR A 63 18.64 6.02 -15.10
N SER A 64 18.14 5.42 -16.18
CA SER A 64 18.61 5.76 -17.52
C SER A 64 18.27 7.20 -17.87
N PHE A 65 17.28 7.75 -17.17
CA PHE A 65 16.86 9.13 -17.41
C PHE A 65 17.79 10.12 -16.71
N CYS A 66 18.13 9.83 -15.46
CA CYS A 66 19.01 10.70 -14.70
C CYS A 66 20.05 9.87 -13.93
N GLY A 67 19.59 8.84 -13.24
CA GLY A 67 20.49 7.99 -12.49
C GLY A 67 20.67 8.46 -11.05
N ALA A 68 19.87 7.92 -10.15
CA ALA A 68 19.94 8.28 -8.74
C ALA A 68 19.34 9.66 -8.50
N ASP A 69 18.92 10.31 -9.58
CA ASP A 69 18.33 11.64 -9.49
C ASP A 69 16.85 11.61 -9.90
N ALA A 70 16.48 10.58 -10.65
CA ALA A 70 15.11 10.43 -11.12
C ALA A 70 14.17 10.11 -9.96
N PRO A 71 12.86 10.26 -10.20
CA PRO A 71 11.84 9.99 -9.19
C PRO A 71 11.71 8.50 -8.87
N GLN A 72 10.77 8.16 -8.00
CA GLN A 72 10.55 6.77 -7.61
C GLN A 72 9.12 6.34 -7.93
N LEU A 73 8.82 5.07 -7.67
CA LEU A 73 7.48 4.54 -7.93
C LEU A 73 6.74 4.27 -6.63
N ARG A 74 5.43 4.48 -6.65
CA ARG A 74 4.61 4.26 -5.47
C ARG A 74 3.33 3.50 -5.83
N PHE A 75 2.73 2.84 -4.83
CA PHE A 75 1.52 2.08 -5.04
C PHE A 75 0.57 2.22 -3.85
N GLU A 76 -0.73 2.21 -4.13
CA GLU A 76 -1.74 2.34 -3.09
C GLU A 76 -3.11 1.91 -3.59
N VAL A 77 -4.02 1.63 -2.66
CA VAL A 77 -5.37 1.21 -3.02
C VAL A 77 -6.35 2.37 -2.90
N GLY A 78 -6.79 2.88 -4.05
CA GLY A 78 -7.73 3.98 -4.06
C GLY A 78 -7.28 5.13 -3.17
N THR A 79 -7.90 5.25 -2.01
CA THR A 79 -7.56 6.31 -1.07
C THR A 79 -7.11 5.74 0.27
N LYS A 80 -6.51 6.60 1.09
CA LYS A 80 -6.03 6.18 2.40
C LYS A 80 -7.19 5.81 3.32
N PRO A 81 -6.89 5.01 4.36
CA PRO A 81 -7.90 4.56 5.32
C PRO A 81 -8.41 5.69 6.20
N VAL A 82 -9.47 5.42 6.95
CA VAL A 82 -10.05 6.42 7.85
C VAL A 82 -10.49 5.79 9.16
N THR A 83 -10.43 6.57 10.24
CA THR A 83 -10.83 6.08 11.56
C THR A 83 -11.11 7.24 12.50
N GLN A 84 -12.05 7.04 13.41
CA GLN A 84 -12.41 8.07 14.38
C GLN A 84 -13.46 7.56 15.37
N THR A 85 -13.20 7.76 16.65
CA THR A 85 -14.12 7.31 17.69
C THR A 85 -13.65 7.78 19.07
N PRO A 86 -13.77 9.10 19.32
CA PRO A 86 -13.36 9.69 20.60
C PRO A 86 -14.29 9.31 21.74
N GLN A 87 -13.85 9.55 22.97
CA GLN A 87 -14.64 9.22 24.15
C GLN A 87 -13.92 9.64 25.42
N ALA A 88 -14.68 10.20 26.36
CA ALA A 88 -14.11 10.66 27.62
C ALA A 88 -15.20 11.22 28.54
N ALA A 89 -15.08 10.93 29.84
CA ALA A 89 -16.05 11.40 30.81
C ALA A 89 -15.63 11.01 32.23
N VAL A 90 -15.30 12.01 33.05
CA VAL A 90 -14.89 11.77 34.42
C VAL A 90 -15.26 12.93 35.32
N THR A 91 -15.69 12.62 36.54
CA THR A 91 -16.08 13.64 37.51
C THR A 91 -16.42 13.02 38.86
N SER A 92 -15.88 13.62 39.92
CA SER A 92 -16.11 13.12 41.27
C SER A 92 -15.41 14.00 42.30
N ASN A 93 -16.12 14.34 43.37
CA ASN A 93 -15.56 15.17 44.42
C ASN A 93 -16.58 15.37 45.55
N VAL A 94 -16.23 14.90 46.74
CA VAL A 94 -17.10 15.04 47.90
C VAL A 94 -16.32 15.47 49.13
N ALA A 95 -16.95 16.30 49.96
CA ALA A 95 -16.32 16.80 51.17
C ALA A 95 -17.27 17.68 51.98
N ALA A 96 -17.19 17.58 53.30
CA ALA A 96 -18.05 18.37 54.17
C ALA A 96 -17.70 18.14 55.64
N PRO A 97 -16.54 18.67 56.06
CA PRO A 97 -16.06 18.54 57.43
C PRO A 97 -16.90 19.34 58.42
N ALA A 98 -16.76 19.03 59.71
CA ALA A 98 -17.50 19.73 60.74
C ALA A 98 -17.09 19.23 62.13
N GLN A 99 -16.92 20.17 63.06
CA GLN A 99 -16.54 19.82 64.43
C GLN A 99 -16.43 21.07 65.29
N VAL A 100 -16.89 20.97 66.54
CA VAL A 100 -16.86 22.09 67.46
C VAL A 100 -17.33 21.67 68.85
N ALA A 101 -16.68 22.19 69.88
CA ALA A 101 -17.04 21.87 71.26
C ALA A 101 -16.16 22.63 72.24
N GLN A 102 -16.80 23.34 73.18
CA GLN A 102 -16.08 24.11 74.18
C GLN A 102 -17.04 24.70 75.21
N THR A 103 -16.76 24.44 76.48
CA THR A 103 -17.60 24.95 77.56
C THR A 103 -17.03 24.58 78.92
N GLN A 104 -16.67 25.60 79.70
CA GLN A 104 -16.11 25.37 81.03
C GLN A 104 -15.92 26.69 81.76
N PRO A 105 -17.04 27.33 82.13
CA PRO A 105 -17.02 28.61 82.85
C PRO A 105 -16.52 28.46 84.28
N GLN A 106 -15.90 29.52 84.79
CA GLN A 106 -15.38 29.50 86.16
C GLN A 106 -14.91 30.90 86.58
N ARG A 107 -15.15 31.24 87.84
CA ARG A 107 -14.76 32.55 88.36
C ARG A 107 -13.42 32.46 89.09
N SER A 1 1.07 14.23 -24.60
CA SER A 1 1.23 14.07 -23.15
C SER A 1 2.71 14.07 -22.78
N LEU A 2 3.04 14.78 -21.71
CA LEU A 2 4.42 14.89 -21.23
C LEU A 2 4.50 14.67 -19.73
N SER A 3 3.75 13.68 -19.23
CA SER A 3 3.75 13.37 -17.81
C SER A 3 4.52 12.08 -17.53
N LEU A 4 5.01 11.96 -16.31
CA LEU A 4 5.77 10.78 -15.90
C LEU A 4 5.03 9.50 -16.27
N TRP A 5 3.76 9.44 -15.92
CA TRP A 5 2.94 8.27 -16.21
C TRP A 5 3.03 7.90 -17.69
N GLN A 6 2.57 8.79 -18.55
CA GLN A 6 2.60 8.56 -19.99
C GLN A 6 3.99 8.10 -20.44
N GLN A 7 5.02 8.58 -19.75
CA GLN A 7 6.40 8.22 -20.06
C GLN A 7 6.68 6.77 -19.68
N CYS A 8 6.35 6.41 -18.45
CA CYS A 8 6.58 5.05 -17.96
C CYS A 8 5.91 4.03 -18.88
N LEU A 9 4.71 4.35 -19.36
CA LEU A 9 3.98 3.46 -20.25
C LEU A 9 4.68 3.36 -21.60
N ALA A 10 4.90 4.50 -22.23
CA ALA A 10 5.56 4.53 -23.53
C ALA A 10 6.84 3.69 -23.53
N ARG A 11 7.59 3.79 -22.44
CA ARG A 11 8.84 3.04 -22.31
C ARG A 11 8.57 1.55 -22.19
N LEU A 12 7.52 1.19 -21.43
CA LEU A 12 7.15 -0.20 -21.23
C LEU A 12 6.61 -0.81 -22.51
N GLN A 13 5.95 0.02 -23.32
CA GLN A 13 5.37 -0.45 -24.58
C GLN A 13 6.39 -0.34 -25.71
N ASP A 14 7.45 0.44 -25.47
CA ASP A 14 8.50 0.63 -26.47
C ASP A 14 9.59 -0.42 -26.30
N GLU A 15 9.91 -0.74 -25.06
CA GLU A 15 10.95 -1.72 -24.76
C GLU A 15 10.58 -3.10 -25.32
N LEU A 16 9.28 -3.40 -25.29
CA LEU A 16 8.79 -4.67 -25.79
C LEU A 16 7.26 -4.74 -25.71
N PRO A 17 6.66 -5.62 -26.53
CA PRO A 17 5.21 -5.80 -26.57
C PRO A 17 4.68 -6.46 -25.30
N ALA A 18 4.09 -5.66 -24.42
CA ALA A 18 3.54 -6.17 -23.17
C ALA A 18 2.25 -5.45 -22.80
N THR A 19 1.14 -5.88 -23.37
CA THR A 19 -0.15 -5.27 -23.10
C THR A 19 -0.54 -5.41 -21.63
N GLU A 20 0.19 -6.28 -20.92
CA GLU A 20 -0.08 -6.51 -19.50
C GLU A 20 -0.27 -5.18 -18.76
N PHE A 21 0.78 -4.38 -18.73
CA PHE A 21 0.74 -3.09 -18.06
C PHE A 21 -0.45 -2.25 -18.54
N SER A 22 -0.80 -2.43 -19.81
CA SER A 22 -1.91 -1.70 -20.41
C SER A 22 -3.23 -2.10 -19.76
N MET A 23 -3.22 -3.21 -19.03
CA MET A 23 -4.41 -3.70 -18.36
C MET A 23 -4.34 -3.45 -16.85
N TRP A 24 -3.11 -3.43 -16.33
CA TRP A 24 -2.90 -3.20 -14.91
C TRP A 24 -2.46 -1.77 -14.64
N ILE A 25 -2.88 -0.86 -15.51
CA ILE A 25 -2.54 0.55 -15.37
C ILE A 25 -3.66 1.45 -15.87
N ARG A 26 -4.28 1.05 -16.98
CA ARG A 26 -5.37 1.82 -17.56
C ARG A 26 -6.41 2.17 -16.51
N PRO A 27 -6.98 1.14 -15.86
CA PRO A 27 -7.99 1.32 -14.83
C PRO A 27 -7.42 1.92 -13.54
N LEU A 28 -6.10 2.04 -13.49
CA LEU A 28 -5.42 2.60 -12.33
C LEU A 28 -5.29 4.11 -12.46
N GLN A 29 -4.95 4.77 -11.35
CA GLN A 29 -4.79 6.22 -11.34
C GLN A 29 -3.40 6.61 -10.84
N ALA A 30 -2.57 7.10 -11.75
CA ALA A 30 -1.21 7.51 -11.41
C ALA A 30 -1.19 8.94 -10.87
N GLU A 31 -0.44 9.16 -9.79
CA GLU A 31 -0.34 10.48 -9.18
C GLU A 31 1.11 10.92 -9.11
N LEU A 32 1.42 12.05 -9.76
CA LEU A 32 2.77 12.59 -9.76
C LEU A 32 3.02 13.44 -8.53
N SER A 33 4.04 13.08 -7.75
CA SER A 33 4.38 13.82 -6.54
C SER A 33 5.56 14.75 -6.79
N ASP A 34 5.76 15.12 -8.04
CA ASP A 34 6.87 16.00 -8.41
C ASP A 34 8.20 15.27 -8.38
N ASN A 35 8.16 14.00 -7.97
CA ASN A 35 9.37 13.19 -7.88
C ASN A 35 9.04 11.76 -7.48
N THR A 36 7.77 11.37 -7.67
CA THR A 36 7.32 10.04 -7.30
C THR A 36 6.02 9.69 -8.02
N LEU A 37 6.03 8.59 -8.77
CA LEU A 37 4.85 8.15 -9.50
C LEU A 37 4.08 7.11 -8.70
N ALA A 38 3.00 7.53 -8.05
CA ALA A 38 2.18 6.63 -7.25
C ALA A 38 1.04 6.05 -8.09
N LEU A 39 0.69 4.80 -7.81
CA LEU A 39 -0.39 4.14 -8.54
C LEU A 39 -1.57 3.85 -7.61
N TYR A 40 -2.76 4.24 -8.06
CA TYR A 40 -3.97 4.03 -7.28
C TYR A 40 -4.86 2.97 -7.92
N ALA A 41 -4.89 1.78 -7.32
CA ALA A 41 -5.70 0.69 -7.83
C ALA A 41 -6.88 0.40 -6.92
N PRO A 42 -7.87 -0.32 -7.44
CA PRO A 42 -9.08 -0.67 -6.69
C PRO A 42 -8.80 -1.68 -5.58
N ASN A 43 -7.61 -2.26 -5.60
CA ASN A 43 -7.21 -3.24 -4.59
C ASN A 43 -5.69 -3.32 -4.47
N ARG A 44 -5.22 -4.18 -3.58
CA ARG A 44 -3.78 -4.35 -3.37
C ARG A 44 -3.20 -5.33 -4.37
N PHE A 45 -4.02 -6.27 -4.82
CA PHE A 45 -3.59 -7.28 -5.78
C PHE A 45 -2.89 -6.63 -6.98
N VAL A 46 -3.59 -5.70 -7.62
CA VAL A 46 -3.05 -5.00 -8.79
C VAL A 46 -1.71 -4.35 -8.46
N LEU A 47 -1.66 -3.65 -7.34
CA LEU A 47 -0.44 -2.97 -6.91
C LEU A 47 0.75 -3.93 -6.94
N ASP A 48 0.64 -5.03 -6.20
CA ASP A 48 1.70 -6.03 -6.15
C ASP A 48 2.11 -6.45 -7.55
N TRP A 49 1.13 -6.73 -8.39
CA TRP A 49 1.39 -7.16 -9.77
C TRP A 49 2.16 -6.08 -10.53
N VAL A 50 1.60 -4.88 -10.58
CA VAL A 50 2.24 -3.76 -11.26
C VAL A 50 3.67 -3.55 -10.77
N ARG A 51 3.84 -3.55 -9.45
CA ARG A 51 5.16 -3.36 -8.85
C ARG A 51 6.09 -4.52 -9.21
N ASP A 52 5.51 -5.59 -9.73
CA ASP A 52 6.29 -6.77 -10.11
C ASP A 52 6.99 -6.55 -11.46
N LYS A 53 6.20 -6.12 -12.44
CA LYS A 53 6.74 -5.87 -13.78
C LYS A 53 6.96 -4.39 -14.02
N TYR A 54 5.88 -3.62 -13.96
CA TYR A 54 5.95 -2.17 -14.16
C TYR A 54 7.17 -1.58 -13.46
N LEU A 55 7.28 -1.85 -12.17
CA LEU A 55 8.39 -1.34 -11.37
C LEU A 55 9.72 -1.54 -12.11
N ASN A 56 10.09 -2.80 -12.31
CA ASN A 56 11.34 -3.12 -13.00
C ASN A 56 11.55 -2.20 -14.20
N ASN A 57 10.57 -2.15 -15.09
CA ASN A 57 10.64 -1.31 -16.27
C ASN A 57 10.91 0.14 -15.89
N ILE A 58 10.03 0.70 -15.07
CA ILE A 58 10.17 2.08 -14.62
C ILE A 58 11.58 2.35 -14.09
N ASN A 59 12.03 1.50 -13.17
CA ASN A 59 13.35 1.65 -12.58
C ASN A 59 14.41 1.85 -13.67
N GLY A 60 14.44 0.92 -14.63
CA GLY A 60 15.41 1.00 -15.70
C GLY A 60 15.36 2.33 -16.42
N LEU A 61 14.15 2.87 -16.60
CA LEU A 61 13.97 4.15 -17.28
C LEU A 61 14.45 5.30 -16.39
N LEU A 62 13.98 5.32 -15.15
CA LEU A 62 14.36 6.36 -14.20
C LEU A 62 15.87 6.56 -14.18
N THR A 63 16.60 5.45 -14.06
CA THR A 63 18.06 5.49 -14.02
C THR A 63 18.63 5.96 -15.35
N SER A 64 18.12 5.40 -16.44
CA SER A 64 18.58 5.76 -17.77
C SER A 64 18.23 7.21 -18.10
N PHE A 65 17.25 7.74 -17.38
CA PHE A 65 16.82 9.12 -17.60
C PHE A 65 17.74 10.09 -16.87
N CYS A 66 18.07 9.78 -15.62
CA CYS A 66 18.95 10.62 -14.81
C CYS A 66 20.02 9.80 -14.13
N GLY A 67 19.60 8.72 -13.46
CA GLY A 67 20.54 7.86 -12.77
C GLY A 67 20.81 8.31 -11.35
N ALA A 68 20.08 7.72 -10.40
CA ALA A 68 20.23 8.06 -8.99
C ALA A 68 19.61 9.42 -8.69
N ASP A 69 19.13 10.09 -9.73
CA ASP A 69 18.50 11.40 -9.57
C ASP A 69 17.02 11.35 -9.94
N ALA A 70 16.64 10.30 -10.66
CA ALA A 70 15.25 10.14 -11.08
C ALA A 70 14.34 9.93 -9.88
N PRO A 71 13.02 10.10 -10.10
CA PRO A 71 12.02 9.94 -9.03
C PRO A 71 11.86 8.48 -8.61
N GLN A 72 10.80 8.21 -7.86
CA GLN A 72 10.53 6.86 -7.39
C GLN A 72 9.11 6.42 -7.74
N LEU A 73 8.78 5.18 -7.41
CA LEU A 73 7.45 4.65 -7.69
C LEU A 73 6.67 4.40 -6.41
N ARG A 74 5.36 4.58 -6.46
CA ARG A 74 4.51 4.37 -5.30
C ARG A 74 3.27 3.56 -5.68
N PHE A 75 2.66 2.91 -4.69
CA PHE A 75 1.48 2.09 -4.91
C PHE A 75 0.51 2.19 -3.73
N GLU A 76 -0.78 2.14 -4.02
CA GLU A 76 -1.80 2.23 -2.99
C GLU A 76 -3.17 1.83 -3.53
N VAL A 77 -4.09 1.55 -2.63
CA VAL A 77 -5.45 1.16 -3.03
C VAL A 77 -6.41 2.34 -2.94
N GLY A 78 -6.79 2.88 -4.10
CA GLY A 78 -7.70 4.00 -4.14
C GLY A 78 -7.26 5.13 -3.22
N THR A 79 -8.20 6.00 -2.86
CA THR A 79 -7.91 7.13 -1.98
C THR A 79 -8.17 6.78 -0.52
N LYS A 80 -7.33 7.29 0.36
CA LYS A 80 -7.48 7.03 1.79
C LYS A 80 -7.93 8.29 2.53
N PRO A 81 -9.26 8.49 2.60
CA PRO A 81 -9.84 9.65 3.28
C PRO A 81 -9.67 9.59 4.79
N VAL A 82 -9.97 10.70 5.46
CA VAL A 82 -9.85 10.78 6.91
C VAL A 82 -10.64 9.65 7.59
N THR A 83 -10.12 9.17 8.71
CA THR A 83 -10.77 8.10 9.45
C THR A 83 -10.40 8.15 10.92
N GLN A 84 -11.40 7.98 11.79
CA GLN A 84 -11.17 8.00 13.23
C GLN A 84 -12.18 7.13 13.96
N THR A 85 -11.80 6.61 15.11
CA THR A 85 -12.67 5.76 15.91
C THR A 85 -12.26 5.76 17.37
N PRO A 86 -12.50 6.90 18.05
CA PRO A 86 -12.16 7.06 19.47
C PRO A 86 -13.06 6.23 20.38
N GLN A 87 -12.49 5.72 21.47
CA GLN A 87 -13.25 4.91 22.41
C GLN A 87 -12.38 4.51 23.59
N ALA A 88 -12.84 4.84 24.80
CA ALA A 88 -12.11 4.51 26.01
C ALA A 88 -12.89 4.92 27.25
N ALA A 89 -12.32 4.65 28.43
CA ALA A 89 -12.97 5.00 29.69
C ALA A 89 -11.97 4.96 30.84
N VAL A 90 -12.34 5.57 31.96
CA VAL A 90 -11.49 5.60 33.14
C VAL A 90 -12.31 5.57 34.42
N THR A 91 -11.73 5.03 35.48
CA THR A 91 -12.41 4.93 36.78
C THR A 91 -11.48 4.38 37.85
N SER A 92 -11.66 4.86 39.07
CA SER A 92 -10.83 4.42 40.19
C SER A 92 -11.26 5.10 41.49
N ASN A 93 -10.64 4.69 42.59
CA ASN A 93 -10.96 5.27 43.90
C ASN A 93 -10.08 4.66 44.99
N VAL A 94 -9.49 5.52 45.81
CA VAL A 94 -8.63 5.05 46.90
C VAL A 94 -8.88 5.86 48.18
N ALA A 95 -8.64 5.23 49.32
CA ALA A 95 -8.83 5.89 50.60
C ALA A 95 -8.39 4.99 51.75
N ALA A 96 -7.46 5.49 52.57
CA ALA A 96 -6.97 4.72 53.70
C ALA A 96 -6.04 5.58 54.56
N PRO A 97 -6.63 6.51 55.33
CA PRO A 97 -5.88 7.41 56.21
C PRO A 97 -5.28 6.67 57.40
N ALA A 98 -4.63 7.42 58.29
CA ALA A 98 -4.01 6.84 59.48
C ALA A 98 -3.40 7.93 60.36
N GLN A 99 -2.82 7.52 61.48
CA GLN A 99 -2.20 8.45 62.41
C GLN A 99 -1.45 7.69 63.51
N VAL A 100 -0.56 8.40 64.20
CA VAL A 100 0.21 7.81 65.28
C VAL A 100 1.08 8.86 65.98
N ALA A 101 1.34 8.65 67.26
CA ALA A 101 2.16 9.57 68.04
C ALA A 101 2.71 8.89 69.29
N GLN A 102 3.70 9.53 69.91
CA GLN A 102 4.32 8.98 71.11
C GLN A 102 5.31 9.98 71.70
N THR A 103 5.68 9.76 72.97
CA THR A 103 6.62 10.64 73.65
C THR A 103 7.32 9.91 74.79
N GLN A 104 8.56 10.30 75.08
CA GLN A 104 9.32 9.68 76.15
C GLN A 104 10.65 10.41 76.36
N PRO A 105 10.57 11.63 76.93
CA PRO A 105 11.75 12.45 77.20
C PRO A 105 12.62 11.88 78.31
N GLN A 106 11.98 11.44 79.39
CA GLN A 106 12.69 10.87 80.53
C GLN A 106 13.64 11.89 81.14
N ARG A 107 14.15 11.58 82.33
CA ARG A 107 15.06 12.47 83.03
C ARG A 107 16.35 11.74 83.42
N SER A 1 2.66 15.98 -25.07
CA SER A 1 2.68 16.04 -23.62
C SER A 1 3.99 15.48 -23.07
N LEU A 2 4.13 15.48 -21.75
CA LEU A 2 5.33 14.97 -21.09
C LEU A 2 5.11 14.81 -19.60
N SER A 3 4.99 13.56 -19.14
CA SER A 3 4.77 13.28 -17.74
C SER A 3 5.39 11.94 -17.35
N LEU A 4 5.65 11.75 -16.07
CA LEU A 4 6.23 10.51 -15.56
C LEU A 4 5.44 9.30 -16.05
N TRP A 5 4.19 9.22 -15.63
CA TRP A 5 3.32 8.11 -16.02
C TRP A 5 3.40 7.86 -17.52
N GLN A 6 3.03 8.87 -18.30
CA GLN A 6 3.06 8.76 -19.76
C GLN A 6 4.33 8.06 -20.22
N GLN A 7 5.47 8.54 -19.73
CA GLN A 7 6.75 7.96 -20.09
C GLN A 7 6.85 6.50 -19.66
N CYS A 8 6.44 6.23 -18.42
CA CYS A 8 6.47 4.87 -17.88
C CYS A 8 5.77 3.91 -18.81
N LEU A 9 4.62 4.32 -19.33
CA LEU A 9 3.85 3.48 -20.24
C LEU A 9 4.54 3.34 -21.58
N ALA A 10 4.84 4.47 -22.22
CA ALA A 10 5.51 4.47 -23.51
C ALA A 10 6.78 3.63 -23.46
N ARG A 11 7.51 3.72 -22.35
CA ARG A 11 8.75 2.96 -22.20
C ARG A 11 8.46 1.46 -22.11
N LEU A 12 7.41 1.11 -21.37
CA LEU A 12 7.04 -0.29 -21.20
C LEU A 12 6.45 -0.85 -22.50
N GLN A 13 5.84 0.02 -23.29
CA GLN A 13 5.24 -0.39 -24.55
C GLN A 13 6.25 -0.30 -25.68
N ASP A 14 7.34 0.42 -25.45
CA ASP A 14 8.38 0.58 -26.45
C ASP A 14 9.44 -0.51 -26.33
N GLU A 15 9.76 -0.87 -25.09
CA GLU A 15 10.77 -1.90 -24.83
C GLU A 15 10.33 -3.23 -25.42
N LEU A 16 9.03 -3.50 -25.37
CA LEU A 16 8.48 -4.74 -25.90
C LEU A 16 6.95 -4.74 -25.80
N PRO A 17 6.31 -5.52 -26.68
CA PRO A 17 4.85 -5.64 -26.71
C PRO A 17 4.30 -6.39 -25.50
N ALA A 18 3.80 -5.65 -24.52
CA ALA A 18 3.24 -6.23 -23.31
C ALA A 18 1.97 -5.51 -22.88
N THR A 19 0.84 -5.91 -23.44
CA THR A 19 -0.44 -5.29 -23.10
C THR A 19 -0.76 -5.45 -21.61
N GLU A 20 -0.03 -6.35 -20.95
CA GLU A 20 -0.23 -6.59 -19.54
C GLU A 20 -0.33 -5.28 -18.76
N PHE A 21 0.76 -4.53 -18.75
CA PHE A 21 0.80 -3.24 -18.04
C PHE A 21 -0.36 -2.36 -18.48
N SER A 22 -0.77 -2.50 -19.73
CA SER A 22 -1.86 -1.69 -20.27
C SER A 22 -3.18 -2.05 -19.59
N MET A 23 -3.21 -3.20 -18.92
CA MET A 23 -4.41 -3.65 -18.22
C MET A 23 -4.29 -3.40 -16.73
N TRP A 24 -3.07 -3.43 -16.22
CA TRP A 24 -2.82 -3.20 -14.79
C TRP A 24 -2.36 -1.77 -14.54
N ILE A 25 -2.78 -0.86 -15.42
CA ILE A 25 -2.41 0.55 -15.28
C ILE A 25 -3.49 1.46 -15.84
N ARG A 26 -4.15 1.01 -16.91
CA ARG A 26 -5.21 1.78 -17.54
C ARG A 26 -6.25 2.21 -16.51
N PRO A 27 -6.87 1.22 -15.86
CA PRO A 27 -7.90 1.47 -14.84
C PRO A 27 -7.33 2.08 -13.57
N LEU A 28 -6.00 2.15 -13.50
CA LEU A 28 -5.33 2.71 -12.34
C LEU A 28 -5.19 4.23 -12.46
N GLN A 29 -5.05 4.90 -11.34
CA GLN A 29 -4.91 6.35 -11.32
C GLN A 29 -3.53 6.76 -10.83
N ALA A 30 -2.72 7.30 -11.75
CA ALA A 30 -1.37 7.74 -11.42
C ALA A 30 -1.38 9.14 -10.84
N GLU A 31 -0.40 9.43 -9.98
CA GLU A 31 -0.30 10.75 -9.36
C GLU A 31 1.17 11.14 -9.15
N LEU A 32 1.56 12.27 -9.74
CA LEU A 32 2.92 12.74 -9.63
C LEU A 32 3.12 13.55 -8.35
N SER A 33 4.17 13.25 -7.62
CA SER A 33 4.47 13.94 -6.37
C SER A 33 5.68 14.87 -6.53
N ASP A 34 5.93 15.28 -7.76
CA ASP A 34 7.05 16.17 -8.06
C ASP A 34 8.36 15.39 -8.07
N ASN A 35 8.29 14.12 -7.71
CA ASN A 35 9.48 13.26 -7.69
C ASN A 35 9.11 11.83 -7.34
N THR A 36 7.83 11.49 -7.53
CA THR A 36 7.35 10.14 -7.23
C THR A 36 6.02 9.87 -7.93
N LEU A 37 5.99 8.81 -8.72
CA LEU A 37 4.78 8.43 -9.45
C LEU A 37 4.02 7.33 -8.72
N ALA A 38 2.92 7.70 -8.08
CA ALA A 38 2.10 6.74 -7.34
C ALA A 38 0.92 6.27 -8.19
N LEU A 39 0.57 5.00 -8.03
CA LEU A 39 -0.55 4.43 -8.79
C LEU A 39 -1.66 3.98 -7.84
N TYR A 40 -2.90 4.30 -8.20
CA TYR A 40 -4.05 3.94 -7.39
C TYR A 40 -4.84 2.82 -8.05
N ALA A 41 -4.93 1.67 -7.37
CA ALA A 41 -5.65 0.53 -7.90
C ALA A 41 -6.86 0.20 -7.01
N PRO A 42 -7.80 -0.57 -7.58
CA PRO A 42 -9.02 -0.97 -6.86
C PRO A 42 -8.73 -1.96 -5.74
N ASN A 43 -7.53 -2.53 -5.75
CA ASN A 43 -7.14 -3.49 -4.73
C ASN A 43 -5.62 -3.61 -4.66
N ARG A 44 -5.13 -4.22 -3.58
CA ARG A 44 -3.70 -4.40 -3.39
C ARG A 44 -3.13 -5.38 -4.40
N PHE A 45 -3.97 -6.30 -4.87
CA PHE A 45 -3.54 -7.28 -5.85
C PHE A 45 -2.84 -6.62 -7.03
N VAL A 46 -3.49 -5.65 -7.64
CA VAL A 46 -2.93 -4.93 -8.78
C VAL A 46 -1.60 -4.29 -8.42
N LEU A 47 -1.56 -3.61 -7.28
CA LEU A 47 -0.34 -2.96 -6.81
C LEU A 47 0.84 -3.91 -6.86
N ASP A 48 0.73 -5.02 -6.15
CA ASP A 48 1.79 -6.02 -6.11
C ASP A 48 2.20 -6.44 -7.51
N TRP A 49 1.21 -6.72 -8.35
CA TRP A 49 1.46 -7.13 -9.72
C TRP A 49 2.26 -6.06 -10.47
N VAL A 50 1.77 -4.83 -10.43
CA VAL A 50 2.43 -3.71 -11.09
C VAL A 50 3.89 -3.58 -10.63
N ARG A 51 4.09 -3.62 -9.32
CA ARG A 51 5.43 -3.51 -8.75
C ARG A 51 6.30 -4.68 -9.17
N ASP A 52 5.66 -5.71 -9.72
CA ASP A 52 6.39 -6.90 -10.16
C ASP A 52 7.10 -6.64 -11.48
N LYS A 53 6.35 -6.21 -12.49
CA LYS A 53 6.91 -5.93 -13.80
C LYS A 53 7.10 -4.42 -13.99
N TYR A 54 6.00 -3.68 -13.97
CA TYR A 54 6.05 -2.24 -14.13
C TYR A 54 7.28 -1.65 -13.45
N LEU A 55 7.43 -1.95 -12.16
CA LEU A 55 8.55 -1.44 -11.38
C LEU A 55 9.86 -1.61 -12.16
N ASN A 56 10.26 -2.85 -12.38
CA ASN A 56 11.49 -3.14 -13.12
C ASN A 56 11.65 -2.20 -14.29
N ASN A 57 10.61 -2.08 -15.11
CA ASN A 57 10.64 -1.21 -16.28
C ASN A 57 10.88 0.24 -15.87
N ILE A 58 9.98 0.78 -15.06
CA ILE A 58 10.10 2.15 -14.59
C ILE A 58 11.50 2.43 -14.03
N ASN A 59 11.92 1.62 -13.06
CA ASN A 59 13.23 1.78 -12.45
C ASN A 59 14.31 1.94 -13.52
N GLY A 60 14.37 0.99 -14.45
CA GLY A 60 15.36 1.06 -15.51
C GLY A 60 15.35 2.38 -16.25
N LEU A 61 14.15 2.93 -16.44
CA LEU A 61 14.01 4.21 -17.14
C LEU A 61 14.47 5.36 -16.26
N LEU A 62 13.97 5.39 -15.03
CA LEU A 62 14.33 6.44 -14.09
C LEU A 62 15.84 6.63 -14.04
N THR A 63 16.57 5.53 -13.87
CA THR A 63 18.02 5.58 -13.81
C THR A 63 18.62 6.01 -15.15
N SER A 64 18.13 5.42 -16.23
CA SER A 64 18.61 5.73 -17.57
C SER A 64 18.28 7.18 -17.92
N PHE A 65 17.30 7.75 -17.23
CA PHE A 65 16.89 9.13 -17.48
C PHE A 65 17.82 10.11 -16.76
N CYS A 66 18.14 9.81 -15.51
CA CYS A 66 19.01 10.67 -14.73
C CYS A 66 20.05 9.84 -13.98
N GLY A 67 19.60 8.80 -13.28
CA GLY A 67 20.49 7.96 -12.53
C GLY A 67 20.69 8.42 -11.10
N ALA A 68 19.92 7.87 -10.18
CA ALA A 68 20.01 8.23 -8.77
C ALA A 68 19.39 9.61 -8.53
N ASP A 69 18.96 10.25 -9.60
CA ASP A 69 18.34 11.58 -9.50
C ASP A 69 16.87 11.52 -9.89
N ALA A 70 16.49 10.46 -10.60
CA ALA A 70 15.11 10.29 -11.04
C ALA A 70 14.19 10.04 -9.85
N PRO A 71 12.88 10.21 -10.08
CA PRO A 71 11.86 10.00 -9.04
C PRO A 71 11.71 8.53 -8.65
N GLN A 72 10.66 8.23 -7.90
CA GLN A 72 10.41 6.85 -7.46
C GLN A 72 8.97 6.43 -7.80
N LEU A 73 8.70 5.15 -7.65
CA LEU A 73 7.37 4.62 -7.93
C LEU A 73 6.59 4.36 -6.64
N ARG A 74 5.28 4.57 -6.69
CA ARG A 74 4.43 4.36 -5.53
C ARG A 74 3.16 3.60 -5.92
N PHE A 75 2.59 2.89 -4.95
CA PHE A 75 1.37 2.12 -5.18
C PHE A 75 0.44 2.18 -3.98
N GLU A 76 -0.86 2.16 -4.23
CA GLU A 76 -1.86 2.22 -3.17
C GLU A 76 -3.23 1.84 -3.70
N VAL A 77 -4.13 1.49 -2.78
CA VAL A 77 -5.48 1.10 -3.15
C VAL A 77 -6.43 2.30 -3.12
N GLY A 78 -6.82 2.77 -4.31
CA GLY A 78 -7.71 3.91 -4.39
C GLY A 78 -8.95 3.73 -3.54
N THR A 79 -9.36 2.49 -3.33
CA THR A 79 -10.54 2.19 -2.54
C THR A 79 -10.20 2.05 -1.06
N LYS A 80 -11.21 1.90 -0.23
CA LYS A 80 -11.02 1.75 1.20
C LYS A 80 -11.42 0.36 1.68
N PRO A 81 -10.85 -0.07 2.82
CA PRO A 81 -11.15 -1.38 3.40
C PRO A 81 -12.56 -1.49 3.93
N VAL A 82 -12.97 -2.71 4.27
CA VAL A 82 -14.32 -2.95 4.79
C VAL A 82 -14.30 -3.09 6.32
N THR A 83 -15.40 -2.70 6.95
CA THR A 83 -15.50 -2.79 8.40
C THR A 83 -16.28 -4.02 8.83
N GLN A 84 -16.29 -4.30 10.13
CA GLN A 84 -17.00 -5.45 10.66
C GLN A 84 -17.01 -5.44 12.18
N THR A 85 -17.85 -6.28 12.78
CA THR A 85 -17.95 -6.36 14.23
C THR A 85 -18.27 -7.79 14.67
N PRO A 86 -17.26 -8.66 14.61
CA PRO A 86 -17.41 -10.07 15.01
C PRO A 86 -17.57 -10.23 16.51
N GLN A 87 -17.86 -11.45 16.94
CA GLN A 87 -18.04 -11.74 18.36
C GLN A 87 -17.81 -13.21 18.65
N ALA A 88 -17.77 -13.56 19.93
CA ALA A 88 -17.57 -14.95 20.35
C ALA A 88 -17.60 -15.08 21.87
N ALA A 89 -17.38 -16.30 22.36
CA ALA A 89 -17.39 -16.56 23.78
C ALA A 89 -16.56 -17.79 24.13
N VAL A 90 -16.28 -17.98 25.41
CA VAL A 90 -15.49 -19.12 25.86
C VAL A 90 -15.95 -19.58 27.25
N THR A 91 -15.78 -20.87 27.53
CA THR A 91 -16.16 -21.43 28.81
C THR A 91 -14.96 -22.06 29.52
N SER A 92 -15.21 -22.64 30.69
CA SER A 92 -14.16 -23.27 31.47
C SER A 92 -14.62 -24.61 32.03
N ASN A 93 -13.78 -25.22 32.86
CA ASN A 93 -14.11 -26.51 33.47
C ASN A 93 -13.29 -26.74 34.73
N VAL A 94 -13.41 -27.94 35.30
CA VAL A 94 -12.67 -28.28 36.51
C VAL A 94 -12.11 -29.70 36.42
N ALA A 95 -11.00 -29.93 37.12
CA ALA A 95 -10.36 -31.24 37.12
C ALA A 95 -9.20 -31.28 38.12
N ALA A 96 -9.07 -32.39 38.82
CA ALA A 96 -8.01 -32.56 39.80
C ALA A 96 -7.84 -34.03 40.18
N PRO A 97 -7.25 -34.81 39.27
CA PRO A 97 -7.01 -36.24 39.49
C PRO A 97 -5.94 -36.50 40.54
N ALA A 98 -5.61 -37.77 40.75
CA ALA A 98 -4.60 -38.15 41.73
C ALA A 98 -4.02 -39.52 41.41
N GLN A 99 -3.15 -40.01 42.29
CA GLN A 99 -2.51 -41.30 42.10
C GLN A 99 -2.10 -41.91 43.44
N VAL A 100 -1.55 -43.12 43.39
CA VAL A 100 -1.11 -43.81 44.59
C VAL A 100 0.17 -44.60 44.34
N ALA A 101 0.99 -44.74 45.38
CA ALA A 101 2.23 -45.48 45.27
C ALA A 101 2.20 -46.75 46.11
N GLN A 102 3.34 -47.42 46.21
CA GLN A 102 3.43 -48.67 46.98
C GLN A 102 4.89 -49.01 47.29
N THR A 103 5.09 -49.74 48.37
CA THR A 103 6.43 -50.14 48.78
C THR A 103 6.60 -51.66 48.73
N GLN A 104 7.75 -52.14 49.21
CA GLN A 104 8.03 -53.57 49.22
C GLN A 104 9.25 -53.88 50.08
N PRO A 105 9.34 -55.12 50.55
CA PRO A 105 10.46 -55.58 51.38
C PRO A 105 11.76 -55.67 50.60
N GLN A 106 12.79 -56.24 51.23
CA GLN A 106 14.09 -56.40 50.60
C GLN A 106 14.57 -57.84 50.68
N ARG A 107 15.29 -58.29 49.66
CA ARG A 107 15.81 -59.65 49.62
C ARG A 107 17.10 -59.75 50.43
N SER A 1 5.08 10.92 -23.81
CA SER A 1 5.97 12.07 -23.92
C SER A 1 5.28 13.34 -23.42
N LEU A 2 5.17 13.45 -22.09
CA LEU A 2 4.53 14.62 -21.49
C LEU A 2 4.77 14.63 -19.98
N SER A 3 4.40 13.54 -19.31
CA SER A 3 4.58 13.43 -17.87
C SER A 3 5.23 12.10 -17.50
N LEU A 4 5.55 11.93 -16.22
CA LEU A 4 6.18 10.71 -15.74
C LEU A 4 5.39 9.48 -16.17
N TRP A 5 4.15 9.40 -15.72
CA TRP A 5 3.28 8.27 -16.08
C TRP A 5 3.33 7.99 -17.57
N GLN A 6 2.87 8.95 -18.37
CA GLN A 6 2.85 8.81 -19.82
C GLN A 6 4.13 8.15 -20.31
N GLN A 7 5.27 8.73 -19.95
CA GLN A 7 6.56 8.18 -20.37
C GLN A 7 6.71 6.73 -19.91
N CYS A 8 6.41 6.48 -18.65
CA CYS A 8 6.52 5.13 -18.10
C CYS A 8 5.75 4.13 -18.96
N LEU A 9 4.55 4.52 -19.38
CA LEU A 9 3.72 3.66 -20.21
C LEU A 9 4.37 3.39 -21.56
N ALA A 10 4.68 4.47 -22.27
CA ALA A 10 5.31 4.36 -23.59
C ALA A 10 6.61 3.58 -23.50
N ARG A 11 7.32 3.74 -22.38
CA ARG A 11 8.59 3.04 -22.18
C ARG A 11 8.37 1.54 -22.07
N LEU A 12 7.31 1.15 -21.37
CA LEU A 12 6.99 -0.27 -21.18
C LEU A 12 6.48 -0.88 -22.47
N GLN A 13 5.78 -0.07 -23.27
CA GLN A 13 5.23 -0.53 -24.54
C GLN A 13 6.27 -0.44 -25.65
N ASP A 14 7.32 0.33 -25.41
CA ASP A 14 8.39 0.51 -26.38
C ASP A 14 9.48 -0.53 -26.19
N GLU A 15 9.80 -0.82 -24.92
CA GLU A 15 10.83 -1.80 -24.60
C GLU A 15 10.46 -3.17 -25.15
N LEU A 16 9.18 -3.49 -25.15
CA LEU A 16 8.70 -4.77 -25.64
C LEU A 16 7.17 -4.83 -25.61
N PRO A 17 6.60 -5.70 -26.45
CA PRO A 17 5.14 -5.88 -26.54
C PRO A 17 4.57 -6.55 -25.29
N ALA A 18 3.94 -5.77 -24.43
CA ALA A 18 3.35 -6.30 -23.21
C ALA A 18 2.09 -5.52 -22.83
N THR A 19 0.97 -5.86 -23.46
CA THR A 19 -0.29 -5.19 -23.19
C THR A 19 -0.70 -5.34 -21.73
N GLU A 20 -0.04 -6.26 -21.04
CA GLU A 20 -0.33 -6.51 -19.63
C GLU A 20 -0.42 -5.19 -18.86
N PHE A 21 0.67 -4.43 -18.85
CA PHE A 21 0.71 -3.16 -18.16
C PHE A 21 -0.46 -2.27 -18.58
N SER A 22 -0.87 -2.40 -19.84
CA SER A 22 -1.97 -1.60 -20.37
C SER A 22 -3.29 -1.96 -19.68
N MET A 23 -3.28 -3.09 -18.97
CA MET A 23 -4.47 -3.55 -18.27
C MET A 23 -4.33 -3.31 -16.76
N TRP A 24 -3.10 -3.34 -16.27
CA TRP A 24 -2.84 -3.13 -14.85
C TRP A 24 -2.36 -1.70 -14.60
N ILE A 25 -2.74 -0.79 -15.48
CA ILE A 25 -2.36 0.61 -15.35
C ILE A 25 -3.45 1.54 -15.87
N ARG A 26 -4.13 1.11 -16.93
CA ARG A 26 -5.20 1.89 -17.53
C ARG A 26 -6.23 2.30 -16.48
N PRO A 27 -6.84 1.29 -15.83
CA PRO A 27 -7.85 1.52 -14.80
C PRO A 27 -7.26 2.11 -13.52
N LEU A 28 -5.93 2.19 -13.48
CA LEU A 28 -5.24 2.74 -12.32
C LEU A 28 -5.11 4.25 -12.41
N GLN A 29 -4.96 4.91 -11.27
CA GLN A 29 -4.84 6.37 -11.23
C GLN A 29 -3.44 6.78 -10.79
N ALA A 30 -2.67 7.33 -11.71
CA ALA A 30 -1.32 7.77 -11.41
C ALA A 30 -1.31 9.18 -10.83
N GLU A 31 -0.34 9.46 -9.97
CA GLU A 31 -0.23 10.77 -9.35
C GLU A 31 1.24 11.19 -9.21
N LEU A 32 1.58 12.32 -9.80
CA LEU A 32 2.95 12.84 -9.75
C LEU A 32 3.17 13.68 -8.50
N SER A 33 4.22 13.35 -7.75
CA SER A 33 4.55 14.08 -6.54
C SER A 33 5.75 15.00 -6.75
N ASP A 34 5.96 15.41 -8.00
CA ASP A 34 7.07 16.28 -8.33
C ASP A 34 8.40 15.52 -8.33
N ASN A 35 8.33 14.25 -7.94
CA ASN A 35 9.53 13.41 -7.89
C ASN A 35 9.16 11.98 -7.52
N THR A 36 7.89 11.62 -7.70
CA THR A 36 7.42 10.28 -7.37
C THR A 36 6.11 9.98 -8.09
N LEU A 37 6.11 8.90 -8.87
CA LEU A 37 4.92 8.49 -9.60
C LEU A 37 4.18 7.38 -8.88
N ALA A 38 3.10 7.74 -8.19
CA ALA A 38 2.30 6.77 -7.46
C ALA A 38 1.09 6.31 -8.28
N LEU A 39 0.73 5.05 -8.11
CA LEU A 39 -0.41 4.48 -8.84
C LEU A 39 -1.49 3.99 -7.88
N TYR A 40 -2.74 4.34 -8.18
CA TYR A 40 -3.86 3.93 -7.34
C TYR A 40 -4.66 2.81 -7.99
N ALA A 41 -4.61 1.63 -7.39
CA ALA A 41 -5.34 0.47 -7.91
C ALA A 41 -6.61 0.21 -7.10
N PRO A 42 -7.54 -0.55 -7.71
CA PRO A 42 -8.81 -0.89 -7.07
C PRO A 42 -8.63 -1.86 -5.90
N ASN A 43 -7.46 -2.49 -5.84
CA ASN A 43 -7.16 -3.45 -4.78
C ASN A 43 -5.66 -3.56 -4.56
N ARG A 44 -5.27 -4.41 -3.61
CA ARG A 44 -3.86 -4.62 -3.30
C ARG A 44 -3.23 -5.60 -4.29
N PHE A 45 -4.06 -6.43 -4.90
CA PHE A 45 -3.57 -7.42 -5.87
C PHE A 45 -2.86 -6.73 -7.03
N VAL A 46 -3.52 -5.75 -7.63
CA VAL A 46 -2.95 -5.01 -8.74
C VAL A 46 -1.59 -4.42 -8.37
N LEU A 47 -1.53 -3.79 -7.21
CA LEU A 47 -0.30 -3.17 -6.74
C LEU A 47 0.87 -4.15 -6.82
N ASP A 48 0.73 -5.29 -6.14
CA ASP A 48 1.78 -6.31 -6.15
C ASP A 48 2.17 -6.67 -7.57
N TRP A 49 1.18 -6.90 -8.42
CA TRP A 49 1.43 -7.26 -9.81
C TRP A 49 2.21 -6.17 -10.52
N VAL A 50 1.69 -4.94 -10.49
CA VAL A 50 2.34 -3.81 -11.13
C VAL A 50 3.78 -3.66 -10.65
N ARG A 51 3.97 -3.72 -9.34
CA ARG A 51 5.29 -3.59 -8.74
C ARG A 51 6.20 -4.75 -9.16
N ASP A 52 5.58 -5.79 -9.72
CA ASP A 52 6.32 -6.96 -10.17
C ASP A 52 7.03 -6.68 -11.49
N LYS A 53 6.27 -6.24 -12.49
CA LYS A 53 6.82 -5.93 -13.81
C LYS A 53 7.01 -4.43 -13.98
N TYR A 54 5.91 -3.69 -13.93
CA TYR A 54 5.96 -2.24 -14.07
C TYR A 54 7.18 -1.66 -13.37
N LEU A 55 7.33 -1.99 -12.09
CA LEU A 55 8.45 -1.50 -11.30
C LEU A 55 9.76 -1.63 -12.08
N ASN A 56 10.18 -2.87 -12.32
CA ASN A 56 11.41 -3.13 -13.05
C ASN A 56 11.55 -2.18 -14.24
N ASN A 57 10.47 -2.02 -14.99
CA ASN A 57 10.47 -1.14 -16.15
C ASN A 57 10.71 0.31 -15.74
N ILE A 58 9.78 0.85 -14.94
CA ILE A 58 9.88 2.23 -14.48
C ILE A 58 11.27 2.51 -13.90
N ASN A 59 11.64 1.72 -12.88
CA ASN A 59 12.95 1.89 -12.24
C ASN A 59 14.06 1.98 -13.27
N GLY A 60 14.15 0.97 -14.13
CA GLY A 60 15.18 0.97 -15.17
C GLY A 60 15.21 2.26 -15.96
N LEU A 61 14.03 2.81 -16.23
CA LEU A 61 13.93 4.06 -17.00
C LEU A 61 14.39 5.24 -16.15
N LEU A 62 13.87 5.33 -14.93
CA LEU A 62 14.22 6.42 -14.02
C LEU A 62 15.74 6.60 -13.97
N THR A 63 16.45 5.51 -13.72
CA THR A 63 17.90 5.55 -13.64
C THR A 63 18.52 5.89 -14.98
N SER A 64 18.04 5.24 -16.04
CA SER A 64 18.55 5.47 -17.39
C SER A 64 18.25 6.90 -17.84
N PHE A 65 17.27 7.52 -17.20
CA PHE A 65 16.89 8.89 -17.54
C PHE A 65 17.84 9.90 -16.89
N CYS A 66 18.14 9.68 -15.61
CA CYS A 66 19.03 10.58 -14.87
C CYS A 66 20.02 9.78 -14.04
N GLY A 67 19.53 8.81 -13.29
CA GLY A 67 20.38 7.99 -12.45
C GLY A 67 20.56 8.56 -11.06
N ALA A 68 19.77 8.07 -10.12
CA ALA A 68 19.83 8.54 -8.74
C ALA A 68 19.22 9.93 -8.60
N ASP A 69 18.82 10.51 -9.72
CA ASP A 69 18.21 11.83 -9.72
C ASP A 69 16.74 11.76 -10.12
N ALA A 70 16.37 10.67 -10.80
CA ALA A 70 14.99 10.49 -11.25
C ALA A 70 14.07 10.23 -10.06
N PRO A 71 12.75 10.35 -10.30
CA PRO A 71 11.74 10.14 -9.28
C PRO A 71 11.64 8.66 -8.87
N GLN A 72 10.64 8.36 -8.03
CA GLN A 72 10.43 6.99 -7.56
C GLN A 72 9.00 6.54 -7.83
N LEU A 73 8.82 5.23 -7.97
CA LEU A 73 7.49 4.67 -8.24
C LEU A 73 6.77 4.38 -6.93
N ARG A 74 5.46 4.62 -6.92
CA ARG A 74 4.65 4.37 -5.73
C ARG A 74 3.36 3.66 -6.10
N PHE A 75 2.74 3.01 -5.10
CA PHE A 75 1.49 2.28 -5.33
C PHE A 75 0.57 2.40 -4.12
N GLU A 76 -0.73 2.35 -4.36
CA GLU A 76 -1.72 2.46 -3.30
C GLU A 76 -3.01 1.74 -3.68
N VAL A 77 -3.70 1.21 -2.67
CA VAL A 77 -4.96 0.51 -2.90
C VAL A 77 -6.16 1.38 -2.55
N GLY A 78 -6.87 1.84 -3.57
CA GLY A 78 -8.03 2.68 -3.36
C GLY A 78 -7.72 3.88 -2.48
N THR A 79 -8.25 3.88 -1.26
CA THR A 79 -8.03 4.97 -0.33
C THR A 79 -7.07 4.56 0.79
N LYS A 80 -6.63 5.54 1.57
CA LYS A 80 -5.71 5.27 2.68
C LYS A 80 -6.40 5.52 4.02
N PRO A 81 -7.06 4.47 4.55
CA PRO A 81 -7.76 4.55 5.83
C PRO A 81 -6.81 4.66 7.01
N VAL A 82 -7.36 4.95 8.19
CA VAL A 82 -6.55 5.09 9.40
C VAL A 82 -7.14 4.27 10.54
N THR A 83 -6.26 3.79 11.42
CA THR A 83 -6.69 2.98 12.55
C THR A 83 -5.72 3.13 13.72
N GLN A 84 -6.18 2.75 14.91
CA GLN A 84 -5.34 2.83 16.11
C GLN A 84 -5.75 1.78 17.14
N THR A 85 -4.78 1.27 17.88
CA THR A 85 -5.04 0.26 18.89
C THR A 85 -3.98 0.28 19.98
N PRO A 86 -4.31 -0.28 21.15
CA PRO A 86 -3.39 -0.33 22.29
C PRO A 86 -2.23 -1.29 22.06
N GLN A 87 -1.24 -1.23 22.94
CA GLN A 87 -0.06 -2.10 22.83
C GLN A 87 0.90 -1.86 23.99
N ALA A 88 2.09 -2.45 23.88
CA ALA A 88 3.10 -2.30 24.93
C ALA A 88 2.64 -2.95 26.23
N ALA A 89 3.34 -4.00 26.63
CA ALA A 89 3.01 -4.71 27.86
C ALA A 89 4.09 -5.74 28.21
N VAL A 90 4.77 -5.52 29.32
CA VAL A 90 5.83 -6.42 29.77
C VAL A 90 5.77 -6.63 31.28
N THR A 91 6.13 -7.84 31.72
CA THR A 91 6.12 -8.17 33.13
C THR A 91 6.92 -9.43 33.41
N SER A 92 8.06 -9.26 34.10
CA SER A 92 8.93 -10.39 34.41
C SER A 92 10.08 -9.95 35.31
N ASN A 93 10.92 -10.91 35.70
CA ASN A 93 12.06 -10.62 36.56
C ASN A 93 12.88 -11.88 36.82
N VAL A 94 14.01 -12.00 36.14
CA VAL A 94 14.89 -13.15 36.31
C VAL A 94 16.34 -12.73 36.43
N ALA A 95 17.09 -13.41 37.31
CA ALA A 95 18.49 -13.10 37.52
C ALA A 95 19.15 -14.15 38.41
N ALA A 96 20.48 -14.21 38.36
CA ALA A 96 21.24 -15.17 39.16
C ALA A 96 22.73 -14.90 39.07
N PRO A 97 23.48 -15.44 40.04
CA PRO A 97 24.94 -15.27 40.10
C PRO A 97 25.65 -16.04 38.99
N ALA A 98 26.98 -16.01 39.02
CA ALA A 98 27.78 -16.72 38.02
C ALA A 98 29.27 -16.56 38.31
N GLN A 99 29.95 -17.70 38.47
CA GLN A 99 31.38 -17.70 38.75
C GLN A 99 31.96 -19.10 38.60
N VAL A 100 33.13 -19.19 37.97
CA VAL A 100 33.80 -20.46 37.76
C VAL A 100 35.17 -20.28 37.11
N ALA A 101 36.11 -21.13 37.47
CA ALA A 101 37.46 -21.06 36.91
C ALA A 101 38.14 -19.75 37.31
N GLN A 102 39.07 -19.84 38.25
CA GLN A 102 39.80 -18.66 38.70
C GLN A 102 41.18 -19.05 39.23
N THR A 103 42.02 -19.56 38.34
CA THR A 103 43.37 -19.98 38.72
C THR A 103 44.36 -19.67 37.60
N GLN A 104 45.64 -19.63 37.94
CA GLN A 104 46.69 -19.35 36.97
C GLN A 104 47.33 -20.64 36.48
N PRO A 105 48.01 -20.57 35.32
CA PRO A 105 48.67 -21.73 34.72
C PRO A 105 49.90 -22.17 35.52
N GLN A 106 50.39 -23.36 35.24
CA GLN A 106 51.56 -23.90 35.92
C GLN A 106 52.54 -24.53 34.93
N ARG A 107 53.83 -24.33 35.18
CA ARG A 107 54.86 -24.88 34.31
C ARG A 107 55.43 -26.18 34.89
N SER A 1 7.86 12.41 -23.76
CA SER A 1 8.59 13.19 -22.76
C SER A 1 7.73 14.33 -22.24
N LEU A 2 6.78 14.00 -21.38
CA LEU A 2 5.89 15.01 -20.80
C LEU A 2 5.61 14.71 -19.33
N SER A 3 4.89 13.63 -19.08
CA SER A 3 4.55 13.23 -17.72
C SER A 3 5.16 11.87 -17.39
N LEU A 4 5.45 11.66 -16.10
CA LEU A 4 6.03 10.40 -15.64
C LEU A 4 5.21 9.21 -16.13
N TRP A 5 3.94 9.17 -15.73
CA TRP A 5 3.06 8.08 -16.14
C TRP A 5 3.17 7.81 -17.63
N GLN A 6 2.79 8.80 -18.43
CA GLN A 6 2.85 8.67 -19.88
C GLN A 6 4.14 8.00 -20.33
N GLN A 7 5.26 8.53 -19.85
CA GLN A 7 6.57 7.98 -20.19
C GLN A 7 6.69 6.52 -19.76
N CYS A 8 6.28 6.24 -18.52
CA CYS A 8 6.33 4.89 -17.99
C CYS A 8 5.65 3.90 -18.93
N LEU A 9 4.51 4.31 -19.47
CA LEU A 9 3.76 3.46 -20.39
C LEU A 9 4.50 3.29 -21.71
N ALA A 10 4.78 4.41 -22.37
CA ALA A 10 5.49 4.39 -23.64
C ALA A 10 6.77 3.57 -23.55
N ARG A 11 7.49 3.74 -22.44
CA ARG A 11 8.74 3.02 -22.22
C ARG A 11 8.48 1.52 -22.10
N LEU A 12 7.40 1.16 -21.41
CA LEU A 12 7.05 -0.23 -21.21
C LEU A 12 6.55 -0.86 -22.51
N GLN A 13 5.80 -0.08 -23.28
CA GLN A 13 5.27 -0.55 -24.56
C GLN A 13 6.33 -0.53 -25.64
N ASP A 14 7.38 0.25 -25.41
CA ASP A 14 8.48 0.37 -26.37
C ASP A 14 9.58 -0.66 -26.07
N GLU A 15 9.87 -0.84 -24.80
CA GLU A 15 10.90 -1.79 -24.38
C GLU A 15 10.48 -3.22 -24.71
N LEU A 16 9.18 -3.48 -24.65
CA LEU A 16 8.65 -4.81 -24.94
C LEU A 16 7.18 -4.73 -25.36
N PRO A 17 6.72 -5.76 -26.08
CA PRO A 17 5.34 -5.83 -26.56
C PRO A 17 4.35 -6.06 -25.42
N ALA A 18 4.87 -6.35 -24.24
CA ALA A 18 4.03 -6.59 -23.07
C ALA A 18 2.97 -5.50 -22.92
N THR A 19 1.75 -5.80 -23.36
CA THR A 19 0.65 -4.84 -23.27
C THR A 19 -0.11 -4.99 -21.96
N GLU A 20 0.20 -6.06 -21.22
CA GLU A 20 -0.46 -6.32 -19.95
C GLU A 20 -0.53 -5.06 -19.10
N PHE A 21 0.56 -4.29 -19.10
CA PHE A 21 0.63 -3.05 -18.32
C PHE A 21 -0.57 -2.15 -18.65
N SER A 22 -1.01 -2.20 -19.90
CA SER A 22 -2.15 -1.38 -20.32
C SER A 22 -3.43 -1.81 -19.62
N MET A 23 -3.42 -3.01 -19.06
CA MET A 23 -4.57 -3.55 -18.36
C MET A 23 -4.43 -3.35 -16.85
N TRP A 24 -3.20 -3.34 -16.38
CA TRP A 24 -2.93 -3.17 -14.95
C TRP A 24 -2.48 -1.74 -14.66
N ILE A 25 -2.91 -0.81 -15.50
CA ILE A 25 -2.57 0.60 -15.32
C ILE A 25 -3.70 1.51 -15.78
N ARG A 26 -4.34 1.15 -16.89
CA ARG A 26 -5.45 1.93 -17.42
C ARG A 26 -6.46 2.26 -16.33
N PRO A 27 -7.01 1.21 -15.70
CA PRO A 27 -8.01 1.37 -14.63
C PRO A 27 -7.40 1.94 -13.36
N LEU A 28 -6.08 2.08 -13.35
CA LEU A 28 -5.37 2.62 -12.19
C LEU A 28 -5.26 4.13 -12.28
N GLN A 29 -4.99 4.77 -11.14
CA GLN A 29 -4.85 6.22 -11.09
C GLN A 29 -3.44 6.63 -10.68
N ALA A 30 -2.69 7.18 -11.61
CA ALA A 30 -1.32 7.61 -11.34
C ALA A 30 -1.29 8.97 -10.65
N GLU A 31 -0.34 9.15 -9.74
CA GLU A 31 -0.21 10.40 -9.02
C GLU A 31 1.23 10.88 -8.99
N LEU A 32 1.47 12.06 -9.55
CA LEU A 32 2.81 12.63 -9.60
C LEU A 32 3.08 13.51 -8.38
N SER A 33 4.20 13.26 -7.71
CA SER A 33 4.57 14.02 -6.52
C SER A 33 5.74 14.95 -6.82
N ASP A 34 5.90 15.30 -8.09
CA ASP A 34 6.96 16.20 -8.52
C ASP A 34 8.30 15.46 -8.57
N ASN A 35 8.29 14.21 -8.12
CA ASN A 35 9.51 13.39 -8.11
C ASN A 35 9.19 11.94 -7.74
N THR A 36 7.91 11.57 -7.86
CA THR A 36 7.47 10.23 -7.53
C THR A 36 6.11 9.92 -8.15
N LEU A 37 6.05 8.84 -8.92
CA LEU A 37 4.82 8.44 -9.58
C LEU A 37 4.14 7.29 -8.83
N ALA A 38 3.04 7.60 -8.15
CA ALA A 38 2.30 6.60 -7.39
C ALA A 38 1.17 6.00 -8.23
N LEU A 39 0.77 4.78 -7.88
CA LEU A 39 -0.30 4.10 -8.60
C LEU A 39 -1.45 3.76 -7.66
N TYR A 40 -2.66 4.18 -8.04
CA TYR A 40 -3.84 3.92 -7.23
C TYR A 40 -4.73 2.86 -7.88
N ALA A 41 -4.82 1.70 -7.25
CA ALA A 41 -5.64 0.61 -7.76
C ALA A 41 -6.81 0.30 -6.83
N PRO A 42 -7.82 -0.40 -7.35
CA PRO A 42 -9.00 -0.78 -6.58
C PRO A 42 -8.70 -1.82 -5.50
N ASN A 43 -7.50 -2.38 -5.56
CA ASN A 43 -7.08 -3.39 -4.59
C ASN A 43 -5.56 -3.55 -4.59
N ARG A 44 -5.04 -4.17 -3.54
CA ARG A 44 -3.61 -4.38 -3.41
C ARG A 44 -3.11 -5.39 -4.45
N PHE A 45 -4.00 -6.28 -4.88
CA PHE A 45 -3.66 -7.30 -5.87
C PHE A 45 -2.98 -6.67 -7.07
N VAL A 46 -3.68 -5.74 -7.72
CA VAL A 46 -3.15 -5.06 -8.90
C VAL A 46 -1.80 -4.41 -8.60
N LEU A 47 -1.74 -3.68 -7.49
CA LEU A 47 -0.51 -3.00 -7.09
C LEU A 47 0.67 -3.97 -7.09
N ASP A 48 0.55 -5.04 -6.32
CA ASP A 48 1.61 -6.05 -6.24
C ASP A 48 2.03 -6.49 -7.63
N TRP A 49 1.06 -6.82 -8.48
CA TRP A 49 1.34 -7.26 -9.84
C TRP A 49 2.09 -6.19 -10.61
N VAL A 50 1.54 -4.99 -10.64
CA VAL A 50 2.15 -3.88 -11.35
C VAL A 50 3.58 -3.65 -10.88
N ARG A 51 3.77 -3.65 -9.57
CA ARG A 51 5.10 -3.44 -8.99
C ARG A 51 6.04 -4.59 -9.37
N ASP A 52 5.47 -5.67 -9.89
CA ASP A 52 6.26 -6.83 -10.29
C ASP A 52 6.94 -6.58 -11.63
N LYS A 53 6.17 -6.11 -12.61
CA LYS A 53 6.70 -5.83 -13.93
C LYS A 53 6.93 -4.33 -14.12
N TYR A 54 5.85 -3.56 -14.04
CA TYR A 54 5.93 -2.11 -14.19
C TYR A 54 7.15 -1.55 -13.47
N LEU A 55 7.23 -1.79 -12.17
CA LEU A 55 8.35 -1.31 -11.37
C LEU A 55 9.67 -1.52 -12.09
N ASN A 56 10.04 -2.77 -12.29
CA ASN A 56 11.28 -3.10 -12.98
C ASN A 56 11.51 -2.17 -14.18
N ASN A 57 10.51 -2.10 -15.05
CA ASN A 57 10.59 -1.24 -16.24
C ASN A 57 10.84 0.21 -15.85
N ILE A 58 9.91 0.78 -15.09
CA ILE A 58 10.03 2.17 -14.65
C ILE A 58 11.41 2.44 -14.05
N ASN A 59 11.78 1.65 -13.04
CA ASN A 59 13.07 1.81 -12.39
C ASN A 59 14.18 1.97 -13.42
N GLY A 60 14.29 1.01 -14.33
CA GLY A 60 15.32 1.06 -15.35
C GLY A 60 15.29 2.36 -16.13
N LEU A 61 14.10 2.89 -16.36
CA LEU A 61 13.95 4.15 -17.09
C LEU A 61 14.44 5.33 -16.25
N LEU A 62 13.98 5.39 -15.01
CA LEU A 62 14.36 6.47 -14.11
C LEU A 62 15.88 6.62 -14.07
N THR A 63 16.59 5.52 -13.83
CA THR A 63 18.04 5.53 -13.78
C THR A 63 18.64 5.95 -15.11
N SER A 64 18.14 5.34 -16.19
CA SER A 64 18.62 5.65 -17.53
C SER A 64 18.29 7.08 -17.93
N PHE A 65 17.29 7.66 -17.26
CA PHE A 65 16.86 9.02 -17.54
C PHE A 65 17.81 10.02 -16.89
N CYS A 66 18.14 9.79 -15.62
CA CYS A 66 19.02 10.67 -14.88
C CYS A 66 20.04 9.87 -14.09
N GLY A 67 19.57 8.86 -13.35
CA GLY A 67 20.46 8.05 -12.56
C GLY A 67 20.61 8.56 -11.14
N ALA A 68 19.80 8.04 -10.22
CA ALA A 68 19.84 8.45 -8.83
C ALA A 68 19.24 9.84 -8.65
N ASP A 69 18.85 10.46 -9.75
CA ASP A 69 18.25 11.80 -9.71
C ASP A 69 16.80 11.75 -10.16
N ALA A 70 16.45 10.71 -10.92
CA ALA A 70 15.09 10.56 -11.41
C ALA A 70 14.12 10.25 -10.27
N PRO A 71 12.82 10.41 -10.54
CA PRO A 71 11.76 10.15 -9.55
C PRO A 71 11.62 8.66 -9.23
N GLN A 72 10.77 8.35 -8.27
CA GLN A 72 10.54 6.97 -7.87
C GLN A 72 9.11 6.55 -8.15
N LEU A 73 8.80 5.28 -7.87
CA LEU A 73 7.45 4.76 -8.11
C LEU A 73 6.76 4.44 -6.79
N ARG A 74 5.44 4.65 -6.75
CA ARG A 74 4.66 4.38 -5.55
C ARG A 74 3.42 3.56 -5.88
N PHE A 75 2.85 2.94 -4.86
CA PHE A 75 1.65 2.11 -5.05
C PHE A 75 0.73 2.22 -3.84
N GLU A 76 -0.58 2.13 -4.08
CA GLU A 76 -1.57 2.21 -3.01
C GLU A 76 -2.95 1.85 -3.53
N VAL A 77 -3.85 1.50 -2.60
CA VAL A 77 -5.22 1.14 -2.96
C VAL A 77 -6.13 2.36 -2.91
N GLY A 78 -6.53 2.83 -4.09
CA GLY A 78 -7.41 3.99 -4.16
C GLY A 78 -8.79 3.70 -3.60
N THR A 79 -9.38 2.59 -4.04
CA THR A 79 -10.71 2.20 -3.57
C THR A 79 -10.66 0.91 -2.76
N LYS A 80 -11.37 0.89 -1.64
CA LYS A 80 -11.40 -0.28 -0.77
C LYS A 80 -12.79 -0.91 -0.76
N PRO A 81 -12.85 -2.20 -0.41
CA PRO A 81 -14.12 -2.95 -0.36
C PRO A 81 -15.00 -2.49 0.80
N VAL A 82 -16.26 -2.95 0.80
CA VAL A 82 -17.20 -2.60 1.85
C VAL A 82 -17.22 -3.64 2.95
N THR A 83 -17.45 -3.19 4.18
CA THR A 83 -17.48 -4.08 5.33
C THR A 83 -18.56 -3.65 6.34
N GLN A 84 -19.35 -4.61 6.79
CA GLN A 84 -20.41 -4.32 7.76
C GLN A 84 -21.16 -5.59 8.14
N THR A 85 -21.42 -5.75 9.44
CA THR A 85 -22.12 -6.92 9.94
C THR A 85 -22.32 -6.85 11.45
N PRO A 86 -23.17 -5.92 11.89
CA PRO A 86 -23.45 -5.73 13.32
C PRO A 86 -24.26 -6.88 13.91
N GLN A 87 -24.29 -6.95 15.23
CA GLN A 87 -25.03 -8.01 15.92
C GLN A 87 -24.93 -7.86 17.43
N ALA A 88 -26.08 -7.84 18.10
CA ALA A 88 -26.12 -7.70 19.55
C ALA A 88 -27.55 -7.77 20.07
N ALA A 89 -27.79 -8.70 20.98
CA ALA A 89 -29.12 -8.88 21.57
C ALA A 89 -29.12 -9.97 22.63
N VAL A 90 -29.38 -9.58 23.88
CA VAL A 90 -29.40 -10.52 24.98
C VAL A 90 -30.43 -10.12 26.03
N THR A 91 -31.06 -11.11 26.65
CA THR A 91 -32.06 -10.84 27.68
C THR A 91 -32.65 -12.14 28.21
N SER A 92 -32.80 -12.22 29.53
CA SER A 92 -33.35 -13.42 30.16
C SER A 92 -33.42 -13.23 31.68
N ASN A 93 -34.59 -13.54 32.25
CA ASN A 93 -34.80 -13.41 33.69
C ASN A 93 -36.21 -13.84 34.07
N VAL A 94 -36.30 -14.77 35.02
CA VAL A 94 -37.59 -15.26 35.49
C VAL A 94 -37.52 -15.70 36.94
N ALA A 95 -38.50 -15.26 37.73
CA ALA A 95 -38.54 -15.60 39.14
C ALA A 95 -39.79 -15.01 39.81
N ALA A 96 -40.41 -15.80 40.68
CA ALA A 96 -41.62 -15.36 41.38
C ALA A 96 -42.11 -16.43 42.34
N PRO A 97 -41.38 -16.64 43.44
CA PRO A 97 -41.72 -17.62 44.45
C PRO A 97 -42.96 -17.23 45.25
N ALA A 98 -43.51 -18.19 45.99
CA ALA A 98 -44.70 -17.94 46.80
C ALA A 98 -45.10 -19.19 47.58
N GLN A 99 -45.50 -18.99 48.84
CA GLN A 99 -45.91 -20.10 49.68
C GLN A 99 -46.34 -19.60 51.06
N VAL A 100 -47.56 -19.94 51.46
CA VAL A 100 -48.09 -19.53 52.75
C VAL A 100 -49.08 -20.56 53.30
N ALA A 101 -49.07 -20.74 54.62
CA ALA A 101 -49.95 -21.69 55.27
C ALA A 101 -49.78 -21.67 56.78
N GLN A 102 -50.86 -21.94 57.50
CA GLN A 102 -50.81 -21.95 58.96
C GLN A 102 -52.15 -22.41 59.54
N THR A 103 -52.09 -23.16 60.63
CA THR A 103 -53.30 -23.66 61.29
C THR A 103 -52.96 -24.31 62.62
N GLN A 104 -53.97 -24.43 63.48
CA GLN A 104 -53.79 -25.03 64.80
C GLN A 104 -55.08 -24.99 65.60
N PRO A 105 -55.61 -23.77 65.82
CA PRO A 105 -56.85 -23.57 66.58
C PRO A 105 -58.08 -24.07 65.82
N GLN A 106 -58.97 -24.75 66.53
CA GLN A 106 -60.19 -25.28 65.93
C GLN A 106 -61.11 -25.88 66.98
N ARG A 107 -61.91 -25.02 67.60
CA ARG A 107 -62.84 -25.47 68.64
C ARG A 107 -64.07 -26.11 68.02
N SER A 1 5.00 18.64 -24.12
CA SER A 1 4.02 18.08 -23.20
C SER A 1 4.29 16.61 -22.94
N LEU A 2 4.52 16.27 -21.67
CA LEU A 2 4.80 14.90 -21.28
C LEU A 2 4.82 14.76 -19.75
N SER A 3 4.31 13.64 -19.26
CA SER A 3 4.27 13.39 -17.82
C SER A 3 4.96 12.08 -17.49
N LEU A 4 5.33 11.92 -16.23
CA LEU A 4 6.00 10.70 -15.77
C LEU A 4 5.22 9.46 -16.18
N TRP A 5 3.97 9.39 -15.76
CA TRP A 5 3.12 8.25 -16.09
C TRP A 5 3.17 7.95 -17.59
N GLN A 6 2.81 8.93 -18.40
CA GLN A 6 2.81 8.77 -19.85
C GLN A 6 4.10 8.10 -20.32
N GLN A 7 5.22 8.59 -19.80
CA GLN A 7 6.52 8.04 -20.17
C GLN A 7 6.64 6.58 -19.74
N CYS A 8 6.17 6.29 -18.53
CA CYS A 8 6.23 4.93 -17.99
C CYS A 8 5.52 3.95 -18.93
N LEU A 9 4.38 4.38 -19.47
CA LEU A 9 3.61 3.54 -20.37
C LEU A 9 4.34 3.35 -21.70
N ALA A 10 4.65 4.46 -22.36
CA ALA A 10 5.36 4.42 -23.63
C ALA A 10 6.66 3.63 -23.52
N ARG A 11 7.34 3.79 -22.39
CA ARG A 11 8.60 3.09 -22.15
C ARG A 11 8.37 1.58 -22.03
N LEU A 12 7.31 1.20 -21.34
CA LEU A 12 6.99 -0.21 -21.16
C LEU A 12 6.45 -0.82 -22.46
N GLN A 13 5.83 0.01 -23.28
CA GLN A 13 5.28 -0.45 -24.55
C GLN A 13 6.33 -0.35 -25.67
N ASP A 14 7.38 0.41 -25.41
CA ASP A 14 8.45 0.58 -26.39
C ASP A 14 9.54 -0.48 -26.20
N GLU A 15 9.84 -0.77 -24.94
CA GLU A 15 10.87 -1.77 -24.63
C GLU A 15 10.50 -3.14 -25.20
N LEU A 16 9.20 -3.43 -25.21
CA LEU A 16 8.72 -4.71 -25.73
C LEU A 16 7.19 -4.77 -25.69
N PRO A 17 6.61 -5.62 -26.55
CA PRO A 17 5.15 -5.80 -26.62
C PRO A 17 4.60 -6.50 -25.38
N ALA A 18 4.00 -5.73 -24.49
CA ALA A 18 3.42 -6.27 -23.27
C ALA A 18 2.15 -5.53 -22.88
N THR A 19 1.04 -5.91 -23.51
CA THR A 19 -0.24 -5.28 -23.23
C THR A 19 -0.63 -5.43 -21.76
N GLU A 20 0.05 -6.33 -21.07
CA GLU A 20 -0.21 -6.57 -19.64
C GLU A 20 -0.34 -5.25 -18.89
N PHE A 21 0.75 -4.48 -18.88
CA PHE A 21 0.77 -3.20 -18.19
C PHE A 21 -0.41 -2.32 -18.64
N SER A 22 -0.80 -2.47 -19.90
CA SER A 22 -1.90 -1.70 -20.46
C SER A 22 -3.22 -2.07 -19.79
N MET A 23 -3.22 -3.19 -19.07
CA MET A 23 -4.42 -3.65 -18.38
C MET A 23 -4.31 -3.41 -16.88
N TRP A 24 -3.08 -3.42 -16.38
CA TRP A 24 -2.83 -3.20 -14.96
C TRP A 24 -2.36 -1.78 -14.69
N ILE A 25 -2.76 -0.86 -15.57
CA ILE A 25 -2.37 0.54 -15.43
C ILE A 25 -3.49 1.47 -15.92
N ARG A 26 -4.12 1.08 -17.02
CA ARG A 26 -5.20 1.88 -17.58
C ARG A 26 -6.22 2.27 -16.51
N PRO A 27 -6.80 1.26 -15.86
CA PRO A 27 -7.79 1.47 -14.79
C PRO A 27 -7.17 2.05 -13.53
N LEU A 28 -5.84 2.10 -13.49
CA LEU A 28 -5.13 2.64 -12.35
C LEU A 28 -4.97 4.15 -12.45
N GLN A 29 -4.68 4.79 -11.33
CA GLN A 29 -4.51 6.24 -11.29
C GLN A 29 -3.13 6.61 -10.76
N ALA A 30 -2.26 7.09 -11.66
CA ALA A 30 -0.91 7.48 -11.27
C ALA A 30 -0.85 8.98 -10.97
N GLU A 31 -0.33 9.31 -9.79
CA GLU A 31 -0.21 10.72 -9.38
C GLU A 31 1.26 11.10 -9.22
N LEU A 32 1.63 12.21 -9.85
CA LEU A 32 3.01 12.70 -9.78
C LEU A 32 3.20 13.60 -8.57
N SER A 33 4.07 13.19 -7.66
CA SER A 33 4.35 13.96 -6.45
C SER A 33 5.64 14.77 -6.61
N ASP A 34 6.22 15.17 -5.48
CA ASP A 34 7.45 15.95 -5.49
C ASP A 34 8.50 15.30 -6.40
N ASN A 35 8.40 13.98 -6.55
CA ASN A 35 9.34 13.24 -7.39
C ASN A 35 9.11 11.74 -7.27
N THR A 36 7.84 11.35 -7.20
CA THR A 36 7.49 9.94 -7.09
C THR A 36 6.11 9.67 -7.68
N LEU A 37 6.06 8.78 -8.67
CA LEU A 37 4.80 8.43 -9.32
C LEU A 37 4.08 7.32 -8.56
N ALA A 38 3.04 7.69 -7.82
CA ALA A 38 2.27 6.73 -7.05
C ALA A 38 1.03 6.29 -7.82
N LEU A 39 0.84 4.97 -7.93
CA LEU A 39 -0.31 4.41 -8.63
C LEU A 39 -1.45 4.11 -7.68
N TYR A 40 -2.68 4.22 -8.17
CA TYR A 40 -3.85 3.96 -7.35
C TYR A 40 -4.74 2.91 -7.99
N ALA A 41 -4.74 1.71 -7.42
CA ALA A 41 -5.55 0.61 -7.93
C ALA A 41 -6.76 0.36 -7.05
N PRO A 42 -7.76 -0.35 -7.60
CA PRO A 42 -8.99 -0.68 -6.88
C PRO A 42 -8.76 -1.68 -5.76
N ASN A 43 -7.57 -2.29 -5.74
CA ASN A 43 -7.22 -3.27 -4.73
C ASN A 43 -5.71 -3.43 -4.63
N ARG A 44 -5.26 -4.05 -3.54
CA ARG A 44 -3.84 -4.27 -3.32
C ARG A 44 -3.29 -5.30 -4.31
N PHE A 45 -4.17 -6.18 -4.77
CA PHE A 45 -3.77 -7.22 -5.72
C PHE A 45 -3.03 -6.61 -6.91
N VAL A 46 -3.70 -5.72 -7.62
CA VAL A 46 -3.12 -5.06 -8.79
C VAL A 46 -1.75 -4.47 -8.44
N LEU A 47 -1.70 -3.70 -7.36
CA LEU A 47 -0.46 -3.07 -6.94
C LEU A 47 0.69 -4.07 -6.95
N ASP A 48 0.53 -5.17 -6.21
CA ASP A 48 1.55 -6.20 -6.14
C ASP A 48 2.00 -6.62 -7.54
N TRP A 49 1.03 -6.94 -8.40
CA TRP A 49 1.32 -7.35 -9.76
C TRP A 49 2.11 -6.27 -10.50
N VAL A 50 1.58 -5.06 -10.50
CA VAL A 50 2.23 -3.94 -11.17
C VAL A 50 3.67 -3.76 -10.68
N ARG A 51 3.84 -3.80 -9.37
CA ARG A 51 5.16 -3.64 -8.76
C ARG A 51 6.08 -4.78 -9.17
N ASP A 52 5.50 -5.84 -9.72
CA ASP A 52 6.28 -7.00 -10.17
C ASP A 52 7.01 -6.69 -11.47
N LYS A 53 6.27 -6.24 -12.47
CA LYS A 53 6.84 -5.92 -13.77
C LYS A 53 7.01 -4.41 -13.93
N TYR A 54 5.91 -3.68 -13.90
CA TYR A 54 5.93 -2.24 -14.03
C TYR A 54 7.13 -1.64 -13.30
N LEU A 55 7.25 -1.97 -12.01
CA LEU A 55 8.35 -1.47 -11.19
C LEU A 55 9.67 -1.57 -11.94
N ASN A 56 10.11 -2.80 -12.20
CA ASN A 56 11.37 -3.04 -12.91
C ASN A 56 11.51 -2.07 -14.09
N ASN A 57 10.45 -1.95 -14.87
CA ASN A 57 10.45 -1.07 -16.03
C ASN A 57 10.68 0.39 -15.61
N ILE A 58 9.78 0.90 -14.77
CA ILE A 58 9.90 2.27 -14.28
C ILE A 58 11.28 2.55 -13.72
N ASN A 59 11.69 1.76 -12.74
CA ASN A 59 13.00 1.92 -12.11
C ASN A 59 14.08 2.07 -13.16
N GLY A 60 14.19 1.08 -14.05
CA GLY A 60 15.20 1.13 -15.09
C GLY A 60 15.13 2.41 -15.90
N LEU A 61 13.93 2.91 -16.13
CA LEU A 61 13.74 4.14 -16.89
C LEU A 61 14.24 5.34 -16.12
N LEU A 62 13.76 5.50 -14.88
CA LEU A 62 14.18 6.62 -14.04
C LEU A 62 15.69 6.75 -14.01
N THR A 63 16.37 5.64 -13.73
CA THR A 63 17.82 5.63 -13.68
C THR A 63 18.43 6.02 -15.03
N SER A 64 17.94 5.41 -16.10
CA SER A 64 18.43 5.70 -17.44
C SER A 64 18.07 7.12 -17.86
N PHE A 65 17.05 7.69 -17.21
CA PHE A 65 16.61 9.04 -17.51
C PHE A 65 17.52 10.07 -16.86
N CYS A 66 17.85 9.84 -15.60
CA CYS A 66 18.72 10.75 -14.86
C CYS A 66 19.78 9.99 -14.08
N GLY A 67 19.35 8.97 -13.35
CA GLY A 67 20.27 8.17 -12.56
C GLY A 67 20.52 8.75 -11.19
N ALA A 68 19.75 8.28 -10.20
CA ALA A 68 19.88 8.76 -8.83
C ALA A 68 19.30 10.16 -8.68
N ASP A 69 18.86 10.74 -9.79
CA ASP A 69 18.28 12.08 -9.78
C ASP A 69 16.82 12.04 -10.20
N ALA A 70 16.44 10.99 -10.93
CA ALA A 70 15.06 10.84 -11.39
C ALA A 70 14.14 10.43 -10.25
N PRO A 71 12.83 10.59 -10.47
CA PRO A 71 11.82 10.25 -9.47
C PRO A 71 11.69 8.75 -9.25
N GLN A 72 10.81 8.36 -8.34
CA GLN A 72 10.59 6.94 -8.04
C GLN A 72 9.16 6.53 -8.36
N LEU A 73 8.87 5.25 -8.16
CA LEU A 73 7.53 4.73 -8.42
C LEU A 73 6.94 4.09 -7.17
N ARG A 74 5.68 4.39 -6.90
CA ARG A 74 5.00 3.85 -5.72
C ARG A 74 3.61 3.32 -6.10
N PHE A 75 3.01 2.56 -5.20
CA PHE A 75 1.68 1.99 -5.44
C PHE A 75 0.80 2.14 -4.19
N GLU A 76 -0.51 2.22 -4.42
CA GLU A 76 -1.46 2.38 -3.33
C GLU A 76 -2.82 1.78 -3.70
N VAL A 77 -3.55 1.31 -2.70
CA VAL A 77 -4.86 0.72 -2.92
C VAL A 77 -5.97 1.72 -2.62
N GLY A 78 -6.62 2.22 -3.68
CA GLY A 78 -7.69 3.18 -3.52
C GLY A 78 -8.74 2.72 -2.52
N THR A 79 -9.05 1.41 -2.56
CA THR A 79 -10.04 0.85 -1.67
C THR A 79 -9.73 -0.61 -1.36
N LYS A 80 -9.84 -0.98 -0.08
CA LYS A 80 -9.58 -2.34 0.35
C LYS A 80 -10.86 -3.03 0.82
N PRO A 81 -10.86 -4.37 0.83
CA PRO A 81 -12.00 -5.16 1.27
C PRO A 81 -12.24 -5.06 2.77
N VAL A 82 -13.39 -5.57 3.22
CA VAL A 82 -13.74 -5.54 4.63
C VAL A 82 -14.26 -6.89 5.10
N THR A 83 -13.99 -7.22 6.36
CA THR A 83 -14.45 -8.48 6.93
C THR A 83 -14.29 -8.48 8.45
N GLN A 84 -15.08 -9.32 9.12
CA GLN A 84 -15.04 -9.42 10.57
C GLN A 84 -15.20 -10.86 11.03
N THR A 85 -15.22 -11.07 12.34
CA THR A 85 -15.36 -12.41 12.90
C THR A 85 -15.36 -12.37 14.42
N PRO A 86 -16.46 -11.90 15.00
CA PRO A 86 -16.62 -11.80 16.46
C PRO A 86 -16.73 -13.16 17.13
N GLN A 87 -17.01 -13.17 18.43
CA GLN A 87 -17.14 -14.41 19.19
C GLN A 87 -17.58 -14.12 20.61
N ALA A 88 -18.13 -15.14 21.27
CA ALA A 88 -18.60 -15.01 22.65
C ALA A 88 -19.16 -16.33 23.17
N ALA A 89 -19.06 -16.53 24.47
CA ALA A 89 -19.55 -17.75 25.10
C ALA A 89 -19.35 -17.71 26.61
N VAL A 90 -20.27 -18.33 27.34
CA VAL A 90 -20.20 -18.37 28.79
C VAL A 90 -20.81 -19.66 29.34
N THR A 91 -20.23 -20.17 30.43
CA THR A 91 -20.71 -21.39 31.04
C THR A 91 -20.01 -21.65 32.38
N SER A 92 -20.62 -22.49 33.21
CA SER A 92 -20.06 -22.82 34.51
C SER A 92 -20.67 -24.11 35.06
N ASN A 93 -20.30 -24.45 36.29
CA ASN A 93 -20.80 -25.66 36.93
C ASN A 93 -20.26 -25.80 38.34
N VAL A 94 -20.97 -26.55 39.17
CA VAL A 94 -20.56 -26.77 40.56
C VAL A 94 -20.79 -28.21 40.99
N ALA A 95 -19.97 -28.68 41.92
CA ALA A 95 -20.09 -30.06 42.41
C ALA A 95 -19.06 -30.33 43.50
N ALA A 96 -19.46 -31.10 44.51
CA ALA A 96 -18.58 -31.44 45.62
C ALA A 96 -19.24 -32.45 46.55
N PRO A 97 -19.32 -33.71 46.10
CA PRO A 97 -19.93 -34.80 46.88
C PRO A 97 -19.07 -35.18 48.08
N ALA A 98 -19.48 -36.24 48.76
CA ALA A 98 -18.75 -36.73 49.94
C ALA A 98 -19.36 -38.01 50.48
N GLN A 99 -18.67 -38.63 51.43
CA GLN A 99 -19.16 -39.87 52.03
C GLN A 99 -18.21 -40.34 53.13
N VAL A 100 -18.63 -41.38 53.86
CA VAL A 100 -17.83 -41.92 54.95
C VAL A 100 -18.46 -43.17 55.53
N ALA A 101 -17.64 -44.10 56.00
CA ALA A 101 -18.12 -45.34 56.58
C ALA A 101 -16.97 -46.18 57.13
N GLN A 102 -17.26 -46.96 58.17
CA GLN A 102 -16.24 -47.81 58.78
C GLN A 102 -16.85 -48.68 59.88
N THR A 103 -16.15 -49.74 60.24
CA THR A 103 -16.62 -50.66 61.28
C THR A 103 -15.56 -51.69 61.62
N GLN A 104 -15.59 -52.17 62.86
CA GLN A 104 -14.63 -53.18 63.32
C GLN A 104 -15.04 -53.74 64.67
N PRO A 105 -16.09 -54.57 64.68
CA PRO A 105 -16.60 -55.20 65.90
C PRO A 105 -15.65 -56.25 66.45
N GLN A 106 -16.07 -56.91 67.54
CA GLN A 106 -15.25 -57.94 68.16
C GLN A 106 -16.01 -58.63 69.28
N ARG A 107 -15.39 -59.65 69.87
CA ARG A 107 -16.02 -60.39 70.95
C ARG A 107 -16.24 -59.51 72.17
N SER A 1 8.95 15.58 -22.82
CA SER A 1 8.56 15.10 -21.50
C SER A 1 7.18 15.61 -21.11
N LEU A 2 6.18 14.73 -21.20
CA LEU A 2 4.82 15.09 -20.85
C LEU A 2 4.54 14.84 -19.37
N SER A 3 4.90 13.66 -18.90
CA SER A 3 4.69 13.30 -17.50
C SER A 3 5.31 11.93 -17.19
N LEU A 4 5.62 11.71 -15.92
CA LEU A 4 6.21 10.45 -15.50
C LEU A 4 5.41 9.26 -16.00
N TRP A 5 4.15 9.19 -15.60
CA TRP A 5 3.26 8.10 -16.03
C TRP A 5 3.36 7.89 -17.54
N GLN A 6 2.97 8.90 -18.31
CA GLN A 6 3.00 8.81 -19.76
C GLN A 6 4.28 8.14 -20.23
N GLN A 7 5.42 8.63 -19.75
CA GLN A 7 6.71 8.08 -20.13
C GLN A 7 6.82 6.62 -19.71
N CYS A 8 6.44 6.33 -18.47
CA CYS A 8 6.49 4.97 -17.96
C CYS A 8 5.79 3.99 -18.90
N LEU A 9 4.63 4.41 -19.42
CA LEU A 9 3.87 3.57 -20.34
C LEU A 9 4.58 3.44 -21.68
N ALA A 10 4.86 4.58 -22.30
CA ALA A 10 5.53 4.60 -23.59
C ALA A 10 6.79 3.74 -23.56
N ARG A 11 7.56 3.87 -22.47
CA ARG A 11 8.79 3.11 -22.32
C ARG A 11 8.50 1.62 -22.20
N LEU A 12 7.45 1.27 -21.46
CA LEU A 12 7.07 -0.12 -21.27
C LEU A 12 6.54 -0.72 -22.57
N GLN A 13 5.83 0.10 -23.35
CA GLN A 13 5.27 -0.36 -24.62
C GLN A 13 6.32 -0.28 -25.72
N ASP A 14 7.38 0.48 -25.48
CA ASP A 14 8.45 0.65 -26.46
C ASP A 14 9.52 -0.42 -26.28
N GLU A 15 9.84 -0.72 -25.03
CA GLU A 15 10.85 -1.72 -24.71
C GLU A 15 10.45 -3.08 -25.25
N LEU A 16 9.16 -3.38 -25.22
CA LEU A 16 8.64 -4.65 -25.72
C LEU A 16 7.12 -4.69 -25.63
N PRO A 17 6.50 -5.51 -26.50
CA PRO A 17 5.05 -5.66 -26.55
C PRO A 17 4.51 -6.39 -25.32
N ALA A 18 3.89 -5.65 -24.41
CA ALA A 18 3.33 -6.23 -23.20
C ALA A 18 2.04 -5.52 -22.80
N THR A 19 0.92 -5.95 -23.38
CA THR A 19 -0.37 -5.36 -23.09
C THR A 19 -0.72 -5.50 -21.61
N GLU A 20 0.01 -6.37 -20.91
CA GLU A 20 -0.21 -6.59 -19.49
C GLU A 20 -0.37 -5.27 -18.75
N PHE A 21 0.69 -4.48 -18.75
CA PHE A 21 0.68 -3.18 -18.07
C PHE A 21 -0.51 -2.35 -18.51
N SER A 22 -0.93 -2.53 -19.76
CA SER A 22 -2.05 -1.80 -20.31
C SER A 22 -3.35 -2.16 -19.58
N MET A 23 -3.31 -3.25 -18.83
CA MET A 23 -4.47 -3.70 -18.08
C MET A 23 -4.30 -3.43 -16.59
N TRP A 24 -3.04 -3.44 -16.13
CA TRP A 24 -2.74 -3.21 -14.73
C TRP A 24 -2.27 -1.77 -14.51
N ILE A 25 -2.71 -0.87 -15.39
CA ILE A 25 -2.33 0.53 -15.29
C ILE A 25 -3.45 1.44 -15.79
N ARG A 26 -4.06 1.04 -16.90
CA ARG A 26 -5.14 1.82 -17.51
C ARG A 26 -6.18 2.19 -16.45
N PRO A 27 -6.76 1.17 -15.80
CA PRO A 27 -7.77 1.37 -14.77
C PRO A 27 -7.20 1.98 -13.49
N LEU A 28 -5.88 2.12 -13.46
CA LEU A 28 -5.21 2.70 -12.30
C LEU A 28 -5.09 4.21 -12.43
N GLN A 29 -5.04 4.90 -11.30
CA GLN A 29 -4.93 6.36 -11.29
C GLN A 29 -3.55 6.79 -10.83
N ALA A 30 -2.75 7.32 -11.75
CA ALA A 30 -1.41 7.78 -11.44
C ALA A 30 -1.43 9.19 -10.88
N GLU A 31 -0.43 9.52 -10.06
CA GLU A 31 -0.34 10.85 -9.46
C GLU A 31 1.11 11.24 -9.25
N LEU A 32 1.52 12.33 -9.88
CA LEU A 32 2.89 12.82 -9.77
C LEU A 32 3.08 13.62 -8.48
N SER A 33 4.15 13.30 -7.74
CA SER A 33 4.44 13.97 -6.48
C SER A 33 5.66 14.87 -6.62
N ASP A 34 5.92 15.32 -7.85
CA ASP A 34 7.06 16.19 -8.12
C ASP A 34 8.36 15.40 -8.15
N ASN A 35 8.26 14.11 -7.84
CA ASN A 35 9.43 13.24 -7.83
C ASN A 35 9.05 11.81 -7.45
N THR A 36 7.77 11.48 -7.62
CA THR A 36 7.28 10.15 -7.30
C THR A 36 5.96 9.87 -8.00
N LEU A 37 5.92 8.78 -8.77
CA LEU A 37 4.72 8.41 -9.51
C LEU A 37 3.92 7.36 -8.74
N ALA A 38 2.84 7.80 -8.08
CA ALA A 38 2.00 6.89 -7.32
C ALA A 38 0.81 6.41 -8.15
N LEU A 39 0.46 5.14 -7.99
CA LEU A 39 -0.65 4.55 -8.72
C LEU A 39 -1.77 4.12 -7.78
N TYR A 40 -3.01 4.39 -8.17
CA TYR A 40 -4.16 4.03 -7.36
C TYR A 40 -4.97 2.92 -8.02
N ALA A 41 -5.00 1.76 -7.38
CA ALA A 41 -5.74 0.62 -7.90
C ALA A 41 -6.93 0.28 -7.01
N PRO A 42 -7.89 -0.48 -7.57
CA PRO A 42 -9.10 -0.89 -6.83
C PRO A 42 -8.79 -1.89 -5.73
N ASN A 43 -7.59 -2.47 -5.76
CA ASN A 43 -7.17 -3.45 -4.77
C ASN A 43 -5.66 -3.46 -4.61
N ARG A 44 -5.17 -4.32 -3.72
CA ARG A 44 -3.74 -4.44 -3.49
C ARG A 44 -3.09 -5.40 -4.47
N PHE A 45 -3.88 -6.35 -4.97
CA PHE A 45 -3.39 -7.34 -5.92
C PHE A 45 -2.67 -6.66 -7.08
N VAL A 46 -3.31 -5.64 -7.64
CA VAL A 46 -2.73 -4.91 -8.76
C VAL A 46 -1.40 -4.26 -8.37
N LEU A 47 -1.39 -3.63 -7.20
CA LEU A 47 -0.18 -2.97 -6.72
C LEU A 47 1.02 -3.91 -6.78
N ASP A 48 0.91 -5.05 -6.11
CA ASP A 48 1.99 -6.03 -6.09
C ASP A 48 2.37 -6.44 -7.51
N TRP A 49 1.38 -6.86 -8.28
CA TRP A 49 1.61 -7.28 -9.66
C TRP A 49 2.41 -6.23 -10.42
N VAL A 50 1.94 -4.99 -10.39
CA VAL A 50 2.62 -3.90 -11.08
C VAL A 50 4.02 -3.67 -10.50
N ARG A 51 4.14 -3.82 -9.20
CA ARG A 51 5.42 -3.64 -8.53
C ARG A 51 6.45 -4.65 -9.02
N ASP A 52 5.96 -5.70 -9.68
CA ASP A 52 6.84 -6.74 -10.20
C ASP A 52 7.23 -6.44 -11.65
N LYS A 53 6.24 -6.12 -12.47
CA LYS A 53 6.48 -5.81 -13.88
C LYS A 53 6.77 -4.32 -14.07
N TYR A 54 5.73 -3.51 -14.02
CA TYR A 54 5.86 -2.07 -14.18
C TYR A 54 7.12 -1.56 -13.49
N LEU A 55 7.21 -1.81 -12.19
CA LEU A 55 8.37 -1.37 -11.41
C LEU A 55 9.67 -1.60 -12.17
N ASN A 56 9.99 -2.87 -12.40
CA ASN A 56 11.20 -3.23 -13.13
C ASN A 56 11.44 -2.29 -14.30
N ASN A 57 10.42 -2.18 -15.17
CA ASN A 57 10.51 -1.31 -16.34
C ASN A 57 10.81 0.13 -15.93
N ILE A 58 9.91 0.71 -15.13
CA ILE A 58 10.08 2.08 -14.67
C ILE A 58 11.48 2.31 -14.12
N ASN A 59 11.86 1.49 -13.14
CA ASN A 59 13.18 1.61 -12.53
C ASN A 59 14.27 1.76 -13.59
N GLY A 60 14.28 0.85 -14.55
CA GLY A 60 15.27 0.91 -15.61
C GLY A 60 15.28 2.24 -16.32
N LEU A 61 14.10 2.82 -16.51
CA LEU A 61 13.98 4.11 -17.19
C LEU A 61 14.45 5.24 -16.29
N LEU A 62 13.97 5.25 -15.05
CA LEU A 62 14.35 6.28 -14.09
C LEU A 62 15.86 6.44 -14.04
N THR A 63 16.56 5.32 -13.88
CA THR A 63 18.02 5.34 -13.82
C THR A 63 18.63 5.78 -15.16
N SER A 64 18.14 5.18 -16.23
CA SER A 64 18.63 5.52 -17.57
C SER A 64 18.32 6.97 -17.93
N PHE A 65 17.35 7.54 -17.23
CA PHE A 65 16.95 8.92 -17.48
C PHE A 65 17.88 9.89 -16.76
N CYS A 66 18.16 9.60 -15.49
CA CYS A 66 19.04 10.44 -14.68
C CYS A 66 20.06 9.60 -13.94
N GLY A 67 19.60 8.56 -13.27
CA GLY A 67 20.50 7.70 -12.53
C GLY A 67 20.72 8.16 -11.10
N ALA A 68 19.94 7.61 -10.18
CA ALA A 68 20.05 7.97 -8.77
C ALA A 68 19.44 9.35 -8.51
N ASP A 69 19.01 10.01 -9.58
CA ASP A 69 18.41 11.34 -9.46
C ASP A 69 16.94 11.30 -9.86
N ALA A 70 16.55 10.24 -10.58
CA ALA A 70 15.17 10.10 -11.02
C ALA A 70 14.23 9.89 -9.83
N PRO A 71 12.92 10.08 -10.07
CA PRO A 71 11.91 9.91 -9.03
C PRO A 71 11.72 8.46 -8.63
N GLN A 72 10.64 8.19 -7.89
CA GLN A 72 10.36 6.83 -7.44
C GLN A 72 8.92 6.43 -7.79
N LEU A 73 8.60 5.16 -7.59
CA LEU A 73 7.26 4.66 -7.89
C LEU A 73 6.50 4.35 -6.60
N ARG A 74 5.19 4.60 -6.62
CA ARG A 74 4.36 4.35 -5.46
C ARG A 74 3.07 3.62 -5.86
N PHE A 75 2.59 2.76 -4.98
CA PHE A 75 1.37 2.00 -5.24
C PHE A 75 0.45 2.01 -4.03
N GLU A 76 -0.85 2.13 -4.28
CA GLU A 76 -1.83 2.16 -3.21
C GLU A 76 -3.22 1.78 -3.73
N VAL A 77 -4.12 1.44 -2.81
CA VAL A 77 -5.48 1.06 -3.18
C VAL A 77 -6.44 2.24 -3.07
N GLY A 78 -6.84 2.77 -4.21
CA GLY A 78 -7.76 3.90 -4.22
C GLY A 78 -9.11 3.56 -3.65
N THR A 79 -9.77 2.56 -4.23
CA THR A 79 -11.09 2.14 -3.78
C THR A 79 -11.00 0.88 -2.93
N LYS A 80 -11.73 0.85 -1.82
CA LYS A 80 -11.74 -0.29 -0.93
C LYS A 80 -13.10 -0.98 -0.92
N PRO A 81 -13.13 -2.25 -0.52
CA PRO A 81 -14.35 -3.04 -0.45
C PRO A 81 -15.29 -2.56 0.65
N VAL A 82 -16.52 -3.07 0.64
CA VAL A 82 -17.51 -2.70 1.65
C VAL A 82 -18.12 -3.94 2.31
N THR A 83 -18.49 -3.80 3.57
CA THR A 83 -19.07 -4.91 4.33
C THR A 83 -19.74 -4.41 5.61
N GLN A 84 -20.76 -5.13 6.06
CA GLN A 84 -21.48 -4.76 7.27
C GLN A 84 -22.58 -5.76 7.58
N THR A 85 -22.42 -6.51 8.67
CA THR A 85 -23.41 -7.50 9.07
C THR A 85 -23.52 -7.58 10.59
N PRO A 86 -24.16 -6.57 11.19
CA PRO A 86 -24.35 -6.50 12.64
C PRO A 86 -25.34 -7.55 13.14
N GLN A 87 -25.44 -7.67 14.45
CA GLN A 87 -26.34 -8.64 15.07
C GLN A 87 -26.30 -8.55 16.59
N ALA A 88 -27.40 -8.92 17.23
CA ALA A 88 -27.49 -8.89 18.69
C ALA A 88 -28.84 -9.41 19.17
N ALA A 89 -28.85 -9.98 20.37
CA ALA A 89 -30.06 -10.52 20.96
C ALA A 89 -29.82 -11.07 22.35
N VAL A 90 -30.69 -10.71 23.29
CA VAL A 90 -30.56 -11.17 24.66
C VAL A 90 -31.92 -11.35 25.31
N THR A 91 -32.00 -12.26 26.29
CA THR A 91 -33.25 -12.54 26.98
C THR A 91 -33.02 -13.40 28.21
N SER A 92 -33.97 -13.38 29.14
CA SER A 92 -33.86 -14.16 30.36
C SER A 92 -35.09 -13.96 31.24
N ASN A 93 -35.24 -14.83 32.24
CA ASN A 93 -36.38 -14.75 33.16
C ASN A 93 -36.29 -15.82 34.23
N VAL A 94 -36.67 -15.47 35.46
CA VAL A 94 -36.63 -16.40 36.57
C VAL A 94 -37.80 -16.16 37.53
N ALA A 95 -38.25 -17.23 38.18
CA ALA A 95 -39.36 -17.13 39.12
C ALA A 95 -39.65 -18.49 39.76
N ALA A 96 -39.86 -18.48 41.07
CA ALA A 96 -40.16 -19.71 41.80
C ALA A 96 -40.46 -19.42 43.27
N PRO A 97 -41.65 -18.86 43.52
CA PRO A 97 -42.10 -18.53 44.88
C PRO A 97 -42.37 -19.76 45.73
N ALA A 98 -42.70 -19.55 47.00
CA ALA A 98 -43.00 -20.64 47.91
C ALA A 98 -43.40 -20.12 49.29
N GLN A 99 -43.97 -21.00 50.11
CA GLN A 99 -44.39 -20.62 51.45
C GLN A 99 -44.93 -21.83 52.21
N VAL A 100 -44.58 -21.93 53.49
CA VAL A 100 -45.03 -23.03 54.33
C VAL A 100 -45.18 -22.60 55.77
N ALA A 101 -46.18 -23.15 56.46
CA ALA A 101 -46.43 -22.82 57.85
C ALA A 101 -47.18 -23.95 58.55
N GLN A 102 -47.15 -23.94 59.88
CA GLN A 102 -47.84 -24.96 60.67
C GLN A 102 -47.81 -24.62 62.15
N THR A 103 -48.58 -25.36 62.94
CA THR A 103 -48.65 -25.13 64.38
C THR A 103 -49.22 -26.34 65.10
N GLN A 104 -49.29 -26.26 66.43
CA GLN A 104 -49.82 -27.34 67.24
C GLN A 104 -50.63 -26.80 68.41
N PRO A 105 -51.48 -27.67 68.99
CA PRO A 105 -52.34 -27.30 70.12
C PRO A 105 -51.53 -27.08 71.40
N GLN A 106 -52.24 -26.94 72.52
CA GLN A 106 -51.59 -26.74 73.81
C GLN A 106 -52.46 -27.26 74.95
N ARG A 107 -51.93 -27.22 76.16
CA ARG A 107 -52.65 -27.70 77.32
C ARG A 107 -53.02 -26.54 78.24
N SER A 1 1.71 18.28 -20.82
CA SER A 1 3.02 18.58 -21.37
C SER A 1 4.09 17.66 -20.77
N LEU A 2 4.18 16.45 -21.32
CA LEU A 2 5.15 15.46 -20.85
C LEU A 2 4.89 15.11 -19.39
N SER A 3 4.18 14.01 -19.17
CA SER A 3 3.86 13.56 -17.82
C SER A 3 4.66 12.30 -17.46
N LEU A 4 5.08 12.21 -16.21
CA LEU A 4 5.85 11.07 -15.75
C LEU A 4 5.16 9.76 -16.13
N TRP A 5 3.92 9.61 -15.69
CA TRP A 5 3.15 8.40 -15.99
C TRP A 5 3.19 8.08 -17.48
N GLN A 6 2.79 9.05 -18.30
CA GLN A 6 2.79 8.87 -19.75
C GLN A 6 4.10 8.23 -20.22
N GLN A 7 5.22 8.79 -19.76
CA GLN A 7 6.53 8.27 -20.14
C GLN A 7 6.70 6.82 -19.70
N CYS A 8 6.30 6.54 -18.47
CA CYS A 8 6.41 5.19 -17.92
C CYS A 8 5.71 4.18 -18.82
N LEU A 9 4.53 4.55 -19.31
CA LEU A 9 3.75 3.67 -20.17
C LEU A 9 4.46 3.48 -21.52
N ALA A 10 4.76 4.59 -22.19
CA ALA A 10 5.43 4.53 -23.48
C ALA A 10 6.70 3.69 -23.41
N ARG A 11 7.49 3.90 -22.34
CA ARG A 11 8.72 3.15 -22.16
C ARG A 11 8.44 1.65 -22.05
N LEU A 12 7.42 1.30 -21.28
CA LEU A 12 7.05 -0.10 -21.10
C LEU A 12 6.53 -0.71 -22.40
N GLN A 13 5.66 0.04 -23.08
CA GLN A 13 5.09 -0.43 -24.34
C GLN A 13 6.16 -0.52 -25.43
N ASP A 14 7.26 0.22 -25.23
CA ASP A 14 8.35 0.22 -26.19
C ASP A 14 9.33 -0.92 -25.90
N GLU A 15 9.51 -1.22 -24.61
CA GLU A 15 10.42 -2.28 -24.21
C GLU A 15 9.91 -3.65 -24.66
N LEU A 16 8.59 -3.80 -24.69
CA LEU A 16 7.98 -5.06 -25.10
C LEU A 16 6.50 -4.86 -25.44
N PRO A 17 5.97 -5.72 -26.32
CA PRO A 17 4.57 -5.65 -26.75
C PRO A 17 3.61 -6.06 -25.63
N ALA A 18 4.17 -6.63 -24.57
CA ALA A 18 3.35 -7.07 -23.43
C ALA A 18 2.31 -6.01 -23.07
N THR A 19 1.07 -6.24 -23.49
CA THR A 19 -0.01 -5.32 -23.22
C THR A 19 -0.48 -5.43 -21.76
N GLU A 20 0.03 -6.43 -21.06
CA GLU A 20 -0.32 -6.65 -19.67
C GLU A 20 -0.30 -5.33 -18.90
N PHE A 21 0.83 -4.63 -18.96
CA PHE A 21 0.98 -3.36 -18.27
C PHE A 21 -0.15 -2.39 -18.64
N SER A 22 -0.64 -2.51 -19.87
CA SER A 22 -1.71 -1.65 -20.35
C SER A 22 -3.05 -2.05 -19.70
N MET A 23 -3.07 -3.22 -19.09
CA MET A 23 -4.28 -3.71 -18.44
C MET A 23 -4.23 -3.46 -16.94
N TRP A 24 -3.03 -3.49 -16.37
CA TRP A 24 -2.85 -3.26 -14.95
C TRP A 24 -2.39 -1.84 -14.67
N ILE A 25 -2.73 -0.93 -15.58
CA ILE A 25 -2.38 0.48 -15.43
C ILE A 25 -3.43 1.39 -16.04
N ARG A 26 -4.11 0.89 -17.07
CA ARG A 26 -5.15 1.67 -17.74
C ARG A 26 -6.14 2.24 -16.72
N PRO A 27 -6.84 1.34 -16.01
CA PRO A 27 -7.83 1.73 -15.00
C PRO A 27 -7.18 2.35 -13.77
N LEU A 28 -5.88 2.15 -13.63
CA LEU A 28 -5.14 2.69 -12.49
C LEU A 28 -5.05 4.21 -12.57
N GLN A 29 -4.67 4.84 -11.47
CA GLN A 29 -4.54 6.29 -11.42
C GLN A 29 -3.19 6.70 -10.82
N ALA A 30 -2.31 7.23 -11.67
CA ALA A 30 -0.99 7.66 -11.22
C ALA A 30 -1.02 9.11 -10.76
N GLU A 31 -0.20 9.41 -9.75
CA GLU A 31 -0.13 10.76 -9.22
C GLU A 31 1.31 11.19 -8.99
N LEU A 32 1.72 12.28 -9.64
CA LEU A 32 3.08 12.78 -9.50
C LEU A 32 3.26 13.53 -8.19
N SER A 33 4.32 13.21 -7.46
CA SER A 33 4.60 13.86 -6.19
C SER A 33 5.81 14.79 -6.30
N ASP A 34 6.04 15.29 -7.51
CA ASP A 34 7.16 16.19 -7.75
C ASP A 34 8.48 15.43 -7.79
N ASN A 35 8.41 14.14 -7.50
CA ASN A 35 9.60 13.29 -7.48
C ASN A 35 9.25 11.85 -7.14
N THR A 36 7.97 11.51 -7.30
CA THR A 36 7.50 10.17 -7.00
C THR A 36 6.15 9.90 -7.66
N LEU A 37 6.11 8.88 -8.52
CA LEU A 37 4.88 8.53 -9.23
C LEU A 37 4.14 7.40 -8.50
N ALA A 38 3.07 7.76 -7.80
CA ALA A 38 2.27 6.78 -7.06
C ALA A 38 1.07 6.33 -7.88
N LEU A 39 0.90 5.02 -7.99
CA LEU A 39 -0.22 4.46 -8.74
C LEU A 39 -1.35 4.06 -7.80
N TYR A 40 -2.58 4.26 -8.26
CA TYR A 40 -3.76 3.92 -7.46
C TYR A 40 -4.56 2.82 -8.12
N ALA A 41 -4.67 1.68 -7.44
CA ALA A 41 -5.41 0.54 -7.96
C ALA A 41 -6.67 0.29 -7.13
N PRO A 42 -7.62 -0.46 -7.72
CA PRO A 42 -8.89 -0.79 -7.05
C PRO A 42 -8.70 -1.78 -5.90
N ASN A 43 -7.52 -2.41 -5.87
CA ASN A 43 -7.22 -3.38 -4.81
C ASN A 43 -5.71 -3.51 -4.62
N ARG A 44 -5.31 -4.38 -3.70
CA ARG A 44 -3.89 -4.60 -3.42
C ARG A 44 -3.28 -5.57 -4.42
N PHE A 45 -4.10 -6.46 -4.96
CA PHE A 45 -3.65 -7.44 -5.93
C PHE A 45 -2.91 -6.77 -7.08
N VAL A 46 -3.56 -5.80 -7.70
CA VAL A 46 -2.95 -5.07 -8.81
C VAL A 46 -1.60 -4.50 -8.44
N LEU A 47 -1.55 -3.79 -7.32
CA LEU A 47 -0.31 -3.19 -6.84
C LEU A 47 0.85 -4.19 -6.91
N ASP A 48 0.68 -5.32 -6.24
CA ASP A 48 1.70 -6.36 -6.24
C ASP A 48 2.11 -6.72 -7.66
N TRP A 49 1.13 -7.00 -8.51
CA TRP A 49 1.40 -7.36 -9.90
C TRP A 49 2.18 -6.26 -10.61
N VAL A 50 1.63 -5.04 -10.59
CA VAL A 50 2.27 -3.91 -11.23
C VAL A 50 3.70 -3.73 -10.73
N ARG A 51 3.87 -3.79 -9.42
CA ARG A 51 5.19 -3.64 -8.81
C ARG A 51 6.12 -4.76 -9.25
N ASP A 52 5.54 -5.82 -9.82
CA ASP A 52 6.32 -6.96 -10.28
C ASP A 52 7.05 -6.63 -11.58
N LYS A 53 6.29 -6.18 -12.58
CA LYS A 53 6.87 -5.83 -13.87
C LYS A 53 7.03 -4.32 -14.01
N TYR A 54 5.90 -3.61 -13.97
CA TYR A 54 5.91 -2.16 -14.08
C TYR A 54 7.11 -1.56 -13.35
N LEU A 55 7.24 -1.91 -12.07
CA LEU A 55 8.34 -1.40 -11.25
C LEU A 55 9.66 -1.50 -12.00
N ASN A 56 10.10 -2.74 -12.25
CA ASN A 56 11.36 -2.97 -12.96
C ASN A 56 11.50 -2.02 -14.14
N ASN A 57 10.43 -1.88 -14.92
CA ASN A 57 10.43 -1.01 -16.08
C ASN A 57 10.65 0.44 -15.67
N ILE A 58 9.74 0.96 -14.85
CA ILE A 58 9.83 2.34 -14.38
C ILE A 58 11.22 2.63 -13.82
N ASN A 59 11.62 1.86 -12.81
CA ASN A 59 12.92 2.04 -12.17
C ASN A 59 14.02 2.17 -13.23
N GLY A 60 14.11 1.17 -14.10
CA GLY A 60 15.12 1.18 -15.15
C GLY A 60 15.11 2.47 -15.95
N LEU A 61 13.91 3.00 -16.18
CA LEU A 61 13.76 4.24 -16.94
C LEU A 61 14.28 5.43 -16.14
N LEU A 62 13.79 5.56 -14.92
CA LEU A 62 14.19 6.67 -14.04
C LEU A 62 15.70 6.80 -14.00
N THR A 63 16.39 5.69 -13.74
CA THR A 63 17.85 5.68 -13.67
C THR A 63 18.45 6.05 -15.02
N SER A 64 17.97 5.42 -16.08
CA SER A 64 18.46 5.68 -17.43
C SER A 64 18.14 7.10 -17.86
N PHE A 65 17.15 7.70 -17.21
CA PHE A 65 16.74 9.07 -17.53
C PHE A 65 17.69 10.08 -16.88
N CYS A 66 18.01 9.85 -15.60
CA CYS A 66 18.89 10.74 -14.87
C CYS A 66 19.92 9.95 -14.07
N GLY A 67 19.44 8.95 -13.32
CA GLY A 67 20.33 8.14 -12.52
C GLY A 67 20.53 8.70 -11.12
N ALA A 68 19.73 8.23 -10.18
CA ALA A 68 19.82 8.69 -8.80
C ALA A 68 19.25 10.09 -8.65
N ASP A 69 18.84 10.69 -9.76
CA ASP A 69 18.28 12.03 -9.76
C ASP A 69 16.81 12.00 -10.18
N ALA A 70 16.42 10.94 -10.88
CA ALA A 70 15.05 10.80 -11.35
C ALA A 70 14.12 10.44 -10.20
N PRO A 71 12.80 10.61 -10.42
CA PRO A 71 11.78 10.30 -9.42
C PRO A 71 11.65 8.81 -9.17
N GLN A 72 10.82 8.45 -8.19
CA GLN A 72 10.62 7.05 -7.85
C GLN A 72 9.20 6.62 -8.20
N LEU A 73 8.90 5.33 -7.98
CA LEU A 73 7.58 4.80 -8.28
C LEU A 73 6.96 4.15 -7.04
N ARG A 74 5.69 4.47 -6.79
CA ARG A 74 4.99 3.91 -5.64
C ARG A 74 3.62 3.37 -6.05
N PHE A 75 3.01 2.57 -5.18
CA PHE A 75 1.71 1.97 -5.45
C PHE A 75 0.80 2.10 -4.24
N GLU A 76 -0.51 2.15 -4.49
CA GLU A 76 -1.49 2.27 -3.41
C GLU A 76 -2.87 1.86 -3.89
N VAL A 77 -3.77 1.59 -2.95
CA VAL A 77 -5.13 1.19 -3.28
C VAL A 77 -6.09 2.38 -3.20
N GLY A 78 -6.52 2.86 -4.36
CA GLY A 78 -7.44 3.99 -4.40
C GLY A 78 -8.72 3.72 -3.62
N THR A 79 -9.16 2.47 -3.62
CA THR A 79 -10.38 2.09 -2.92
C THR A 79 -10.28 0.66 -2.38
N LYS A 80 -10.66 0.49 -1.12
CA LYS A 80 -10.61 -0.83 -0.49
C LYS A 80 -12.02 -1.32 -0.16
N PRO A 81 -12.17 -2.64 -0.02
CA PRO A 81 -13.46 -3.27 0.29
C PRO A 81 -13.91 -2.97 1.72
N VAL A 82 -15.17 -3.31 2.02
CA VAL A 82 -15.71 -3.08 3.35
C VAL A 82 -16.36 -4.34 3.90
N THR A 83 -16.31 -4.50 5.22
CA THR A 83 -16.88 -5.66 5.87
C THR A 83 -16.82 -5.53 7.39
N GLN A 84 -17.70 -6.25 8.08
CA GLN A 84 -17.75 -6.20 9.54
C GLN A 84 -18.79 -7.18 10.08
N THR A 85 -18.37 -8.02 11.03
CA THR A 85 -19.26 -9.00 11.63
C THR A 85 -18.93 -9.21 13.10
N PRO A 86 -19.30 -8.23 13.94
CA PRO A 86 -19.05 -8.29 15.38
C PRO A 86 -19.93 -9.33 16.08
N GLN A 87 -19.55 -9.69 17.30
CA GLN A 87 -20.29 -10.68 18.06
C GLN A 87 -19.66 -10.89 19.44
N ALA A 88 -20.44 -11.45 20.36
CA ALA A 88 -19.95 -11.70 21.71
C ALA A 88 -21.02 -12.39 22.56
N ALA A 89 -20.59 -13.18 23.54
CA ALA A 89 -21.51 -13.89 24.41
C ALA A 89 -20.75 -14.69 25.48
N VAL A 90 -21.21 -14.59 26.72
CA VAL A 90 -20.58 -15.30 27.82
C VAL A 90 -21.61 -15.73 28.86
N THR A 91 -21.41 -16.91 29.43
CA THR A 91 -22.32 -17.44 30.44
C THR A 91 -21.65 -18.54 31.25
N SER A 92 -22.06 -18.66 32.52
CA SER A 92 -21.50 -19.67 33.41
C SER A 92 -22.14 -19.60 34.79
N ASN A 93 -22.05 -20.70 35.53
CA ASN A 93 -22.63 -20.76 36.88
C ASN A 93 -22.38 -22.11 37.52
N VAL A 94 -21.75 -22.10 38.69
CA VAL A 94 -21.44 -23.33 39.41
C VAL A 94 -21.68 -23.17 40.90
N ALA A 95 -22.02 -24.28 41.56
CA ALA A 95 -22.28 -24.26 42.99
C ALA A 95 -22.59 -25.66 43.52
N ALA A 96 -21.93 -26.04 44.61
CA ALA A 96 -22.14 -27.35 45.20
C ALA A 96 -21.31 -27.52 46.47
N PRO A 97 -21.73 -26.85 47.56
CA PRO A 97 -21.04 -26.91 48.84
C PRO A 97 -21.17 -28.27 49.51
N ALA A 98 -20.64 -28.39 50.72
CA ALA A 98 -20.69 -29.63 51.47
C ALA A 98 -20.15 -29.45 52.89
N GLN A 99 -20.16 -30.54 53.66
CA GLN A 99 -19.67 -30.50 55.03
C GLN A 99 -19.78 -31.87 55.69
N VAL A 100 -18.92 -32.12 56.67
CA VAL A 100 -18.92 -33.39 57.37
C VAL A 100 -17.91 -33.38 58.52
N ALA A 101 -18.21 -34.13 59.58
CA ALA A 101 -17.34 -34.21 60.74
C ALA A 101 -17.75 -35.35 61.66
N GLN A 102 -16.78 -35.87 62.41
CA GLN A 102 -17.04 -36.98 63.33
C GLN A 102 -15.77 -37.38 64.07
N THR A 103 -15.88 -37.51 65.39
CA THR A 103 -14.75 -37.88 66.22
C THR A 103 -15.18 -38.30 67.61
N GLN A 104 -14.22 -38.52 68.50
CA GLN A 104 -14.52 -38.93 69.86
C GLN A 104 -15.21 -40.28 69.89
N PRO A 105 -14.45 -41.35 69.58
CA PRO A 105 -14.98 -42.71 69.56
C PRO A 105 -15.28 -43.23 70.96
N GLN A 106 -15.61 -44.52 71.05
CA GLN A 106 -15.92 -45.14 72.33
C GLN A 106 -14.90 -46.22 72.69
N ARG A 107 -14.92 -46.65 73.94
CA ARG A 107 -13.99 -47.68 74.41
C ARG A 107 -14.42 -49.05 73.91
N SER A 1 4.67 17.50 -24.74
CA SER A 1 4.71 17.31 -23.30
C SER A 1 4.69 15.82 -22.95
N LEU A 2 5.45 15.44 -21.94
CA LEU A 2 5.52 14.05 -21.51
C LEU A 2 5.62 13.96 -19.99
N SER A 3 4.62 13.34 -19.37
CA SER A 3 4.59 13.18 -17.92
C SER A 3 5.19 11.85 -17.50
N LEU A 4 5.46 11.70 -16.21
CA LEU A 4 6.04 10.48 -15.68
C LEU A 4 5.23 9.25 -16.11
N TRP A 5 3.97 9.21 -15.70
CA TRP A 5 3.08 8.11 -16.03
C TRP A 5 3.14 7.82 -17.53
N GLN A 6 2.72 8.78 -18.34
CA GLN A 6 2.72 8.62 -19.78
C GLN A 6 4.03 8.01 -20.26
N GLN A 7 5.15 8.58 -19.82
CA GLN A 7 6.46 8.09 -20.21
C GLN A 7 6.65 6.64 -19.78
N CYS A 8 6.26 6.33 -18.55
CA CYS A 8 6.38 4.98 -18.03
C CYS A 8 5.70 3.97 -18.96
N LEU A 9 4.51 4.34 -19.45
CA LEU A 9 3.77 3.46 -20.34
C LEU A 9 4.48 3.30 -21.68
N ALA A 10 4.76 4.43 -22.33
CA ALA A 10 5.45 4.40 -23.62
C ALA A 10 6.73 3.59 -23.54
N ARG A 11 7.44 3.73 -22.43
CA ARG A 11 8.70 3.00 -22.23
C ARG A 11 8.45 1.51 -22.11
N LEU A 12 7.39 1.14 -21.41
CA LEU A 12 7.04 -0.26 -21.23
C LEU A 12 6.50 -0.86 -22.51
N GLN A 13 5.83 -0.05 -23.32
CA GLN A 13 5.27 -0.51 -24.59
C GLN A 13 6.31 -0.42 -25.71
N ASP A 14 7.37 0.35 -25.46
CA ASP A 14 8.44 0.51 -26.44
C ASP A 14 9.51 -0.55 -26.26
N GLU A 15 9.85 -0.83 -25.01
CA GLU A 15 10.87 -1.84 -24.71
C GLU A 15 10.47 -3.20 -25.24
N LEU A 16 9.17 -3.49 -25.20
CA LEU A 16 8.66 -4.77 -25.69
C LEU A 16 7.13 -4.80 -25.63
N PRO A 17 6.53 -5.64 -26.48
CA PRO A 17 5.07 -5.79 -26.53
C PRO A 17 4.50 -6.48 -25.30
N ALA A 18 3.96 -5.69 -24.39
CA ALA A 18 3.39 -6.24 -23.15
C ALA A 18 2.10 -5.51 -22.79
N THR A 19 0.98 -5.95 -23.37
CA THR A 19 -0.31 -5.35 -23.09
C THR A 19 -0.69 -5.49 -21.63
N GLU A 20 0.03 -6.34 -20.91
CA GLU A 20 -0.24 -6.56 -19.49
C GLU A 20 -0.42 -5.23 -18.76
N PHE A 21 0.64 -4.45 -18.70
CA PHE A 21 0.58 -3.16 -18.02
C PHE A 21 -0.59 -2.32 -18.53
N SER A 22 -0.92 -2.49 -19.81
CA SER A 22 -2.01 -1.76 -20.42
C SER A 22 -3.34 -2.08 -19.74
N MET A 23 -3.35 -3.18 -19.00
CA MET A 23 -4.56 -3.61 -18.29
C MET A 23 -4.44 -3.33 -16.79
N TRP A 24 -3.22 -3.38 -16.29
CA TRP A 24 -2.97 -3.13 -14.87
C TRP A 24 -2.50 -1.69 -14.65
N ILE A 25 -2.87 -0.80 -15.57
CA ILE A 25 -2.48 0.60 -15.47
C ILE A 25 -3.58 1.50 -16.01
N ARG A 26 -4.25 1.04 -17.05
CA ARG A 26 -5.33 1.82 -17.67
C ARG A 26 -6.31 2.32 -16.62
N PRO A 27 -6.96 1.39 -15.91
CA PRO A 27 -7.93 1.71 -14.87
C PRO A 27 -7.27 2.32 -13.63
N LEU A 28 -5.96 2.16 -13.53
CA LEU A 28 -5.21 2.69 -12.39
C LEU A 28 -5.11 4.21 -12.47
N GLN A 29 -4.79 4.83 -11.35
CA GLN A 29 -4.67 6.29 -11.28
C GLN A 29 -3.31 6.69 -10.72
N ALA A 30 -2.46 7.24 -11.59
CA ALA A 30 -1.13 7.67 -11.18
C ALA A 30 -1.14 9.12 -10.72
N GLU A 31 -0.16 9.49 -9.89
CA GLU A 31 -0.06 10.85 -9.38
C GLU A 31 1.40 11.26 -9.19
N LEU A 32 1.78 12.36 -9.83
CA LEU A 32 3.15 12.85 -9.74
C LEU A 32 3.34 13.71 -8.49
N SER A 33 4.40 13.44 -7.75
CA SER A 33 4.69 14.20 -6.54
C SER A 33 5.90 15.10 -6.72
N ASP A 34 6.19 15.45 -7.97
CA ASP A 34 7.32 16.30 -8.29
C ASP A 34 8.63 15.52 -8.23
N ASN A 35 8.54 14.27 -7.79
CA ASN A 35 9.72 13.41 -7.68
C ASN A 35 9.32 11.99 -7.29
N THR A 36 8.05 11.66 -7.49
CA THR A 36 7.55 10.33 -7.17
C THR A 36 6.23 10.06 -7.88
N LEU A 37 6.20 8.97 -8.65
CA LEU A 37 4.99 8.59 -9.40
C LEU A 37 4.25 7.47 -8.69
N ALA A 38 3.21 7.83 -7.94
CA ALA A 38 2.41 6.85 -7.22
C ALA A 38 1.18 6.44 -8.02
N LEU A 39 0.86 5.15 -7.99
CA LEU A 39 -0.30 4.63 -8.71
C LEU A 39 -1.37 4.16 -7.75
N TYR A 40 -2.63 4.25 -8.17
CA TYR A 40 -3.75 3.83 -7.34
C TYR A 40 -4.55 2.73 -8.03
N ALA A 41 -4.66 1.58 -7.38
CA ALA A 41 -5.40 0.45 -7.93
C ALA A 41 -6.67 0.19 -7.12
N PRO A 42 -7.61 -0.56 -7.73
CA PRO A 42 -8.88 -0.90 -7.08
C PRO A 42 -8.69 -1.89 -5.93
N ASN A 43 -7.50 -2.45 -5.82
CA ASN A 43 -7.19 -3.42 -4.77
C ASN A 43 -5.68 -3.52 -4.55
N ARG A 44 -5.28 -4.39 -3.63
CA ARG A 44 -3.87 -4.59 -3.33
C ARG A 44 -3.24 -5.57 -4.31
N PHE A 45 -4.07 -6.43 -4.89
CA PHE A 45 -3.60 -7.42 -5.86
C PHE A 45 -2.88 -6.74 -7.02
N VAL A 46 -3.53 -5.77 -7.63
CA VAL A 46 -2.96 -5.05 -8.76
C VAL A 46 -1.59 -4.48 -8.41
N LEU A 47 -1.53 -3.78 -7.27
CA LEU A 47 -0.27 -3.19 -6.82
C LEU A 47 0.87 -4.19 -6.90
N ASP A 48 0.72 -5.32 -6.21
CA ASP A 48 1.74 -6.35 -6.21
C ASP A 48 2.14 -6.73 -7.64
N TRP A 49 1.14 -6.95 -8.48
CA TRP A 49 1.38 -7.33 -9.87
C TRP A 49 2.17 -6.24 -10.60
N VAL A 50 1.65 -5.01 -10.55
CA VAL A 50 2.31 -3.88 -11.20
C VAL A 50 3.75 -3.74 -10.74
N ARG A 51 3.95 -3.78 -9.42
CA ARG A 51 5.28 -3.65 -8.85
C ARG A 51 6.17 -4.82 -9.28
N ASP A 52 5.55 -5.86 -9.82
CA ASP A 52 6.28 -7.03 -10.27
C ASP A 52 7.01 -6.75 -11.58
N LYS A 53 6.25 -6.29 -12.59
CA LYS A 53 6.83 -5.98 -13.89
C LYS A 53 7.02 -4.47 -14.06
N TYR A 54 5.92 -3.72 -13.97
CA TYR A 54 5.95 -2.28 -14.11
C TYR A 54 7.17 -1.70 -13.39
N LEU A 55 7.31 -2.03 -12.12
CA LEU A 55 8.43 -1.55 -11.32
C LEU A 55 9.74 -1.65 -12.09
N ASN A 56 10.17 -2.89 -12.35
CA ASN A 56 11.41 -3.12 -13.07
C ASN A 56 11.55 -2.14 -14.24
N ASN A 57 10.49 -1.99 -15.01
CA ASN A 57 10.49 -1.08 -16.16
C ASN A 57 10.70 0.35 -15.71
N ILE A 58 9.80 0.85 -14.88
CA ILE A 58 9.88 2.22 -14.38
C ILE A 58 11.26 2.50 -13.79
N ASN A 59 11.65 1.71 -12.79
CA ASN A 59 12.96 1.87 -12.15
C ASN A 59 14.05 2.03 -13.19
N GLY A 60 14.18 1.05 -14.07
CA GLY A 60 15.20 1.10 -15.11
C GLY A 60 15.16 2.39 -15.89
N LEU A 61 13.96 2.91 -16.13
CA LEU A 61 13.79 4.15 -16.87
C LEU A 61 14.25 5.35 -16.05
N LEU A 62 13.75 5.44 -14.83
CA LEU A 62 14.11 6.54 -13.93
C LEU A 62 15.62 6.73 -13.89
N THR A 63 16.34 5.64 -13.64
CA THR A 63 17.79 5.68 -13.57
C THR A 63 18.39 6.06 -14.92
N SER A 64 17.92 5.41 -15.98
CA SER A 64 18.42 5.69 -17.32
C SER A 64 18.07 7.11 -17.75
N PHE A 65 17.07 7.69 -17.10
CA PHE A 65 16.63 9.04 -17.41
C PHE A 65 17.56 10.08 -16.77
N CYS A 66 17.87 9.86 -15.50
CA CYS A 66 18.74 10.76 -14.76
C CYS A 66 19.77 9.99 -13.95
N GLY A 67 19.31 9.00 -13.20
CA GLY A 67 20.20 8.20 -12.39
C GLY A 67 20.39 8.76 -11.00
N ALA A 68 19.59 8.27 -10.05
CA ALA A 68 19.67 8.73 -8.67
C ALA A 68 19.06 10.12 -8.53
N ASP A 69 18.64 10.70 -9.64
CA ASP A 69 18.04 12.03 -9.63
C ASP A 69 16.57 11.97 -10.06
N ALA A 70 16.22 10.89 -10.76
CA ALA A 70 14.85 10.71 -11.23
C ALA A 70 13.91 10.37 -10.07
N PRO A 71 12.60 10.51 -10.31
CA PRO A 71 11.57 10.22 -9.31
C PRO A 71 11.46 8.74 -8.99
N GLN A 72 10.71 8.41 -7.94
CA GLN A 72 10.52 7.02 -7.55
C GLN A 72 9.09 6.56 -7.79
N LEU A 73 8.93 5.27 -8.03
CA LEU A 73 7.61 4.70 -8.29
C LEU A 73 6.91 4.31 -6.98
N ARG A 74 5.62 4.59 -6.90
CA ARG A 74 4.84 4.28 -5.71
C ARG A 74 3.52 3.60 -6.08
N PHE A 75 2.93 2.91 -5.12
CA PHE A 75 1.67 2.22 -5.34
C PHE A 75 0.75 2.34 -4.13
N GLU A 76 -0.55 2.29 -4.37
CA GLU A 76 -1.53 2.39 -3.29
C GLU A 76 -2.90 1.86 -3.74
N VAL A 77 -3.76 1.59 -2.78
CA VAL A 77 -5.10 1.07 -3.06
C VAL A 77 -6.13 2.19 -3.01
N GLY A 78 -6.62 2.59 -4.18
CA GLY A 78 -7.61 3.65 -4.25
C GLY A 78 -8.82 3.36 -3.37
N THR A 79 -9.54 2.30 -3.68
CA THR A 79 -10.72 1.92 -2.92
C THR A 79 -10.63 0.47 -2.44
N LYS A 80 -11.60 0.06 -1.64
CA LYS A 80 -11.64 -1.30 -1.11
C LYS A 80 -12.82 -2.08 -1.68
N PRO A 81 -12.72 -3.41 -1.67
CA PRO A 81 -13.77 -4.29 -2.17
C PRO A 81 -15.01 -4.28 -1.29
N VAL A 82 -16.09 -4.87 -1.79
CA VAL A 82 -17.35 -4.93 -1.04
C VAL A 82 -17.34 -6.09 -0.05
N THR A 83 -18.05 -5.91 1.07
CA THR A 83 -18.13 -6.94 2.10
C THR A 83 -19.00 -6.48 3.26
N GLN A 84 -19.81 -7.40 3.78
CA GLN A 84 -20.68 -7.10 4.90
C GLN A 84 -21.40 -8.36 5.39
N THR A 85 -21.43 -8.53 6.71
CA THR A 85 -22.09 -9.70 7.30
C THR A 85 -22.78 -9.33 8.61
N PRO A 86 -23.91 -8.62 8.50
CA PRO A 86 -24.68 -8.19 9.67
C PRO A 86 -25.37 -9.35 10.37
N GLN A 87 -25.75 -9.15 11.63
CA GLN A 87 -26.42 -10.18 12.41
C GLN A 87 -27.16 -9.58 13.60
N ALA A 88 -28.21 -10.26 14.04
CA ALA A 88 -28.99 -9.79 15.17
C ALA A 88 -30.11 -10.78 15.51
N ALA A 89 -30.37 -10.94 16.80
CA ALA A 89 -31.42 -11.85 17.26
C ALA A 89 -31.56 -11.81 18.77
N VAL A 90 -32.75 -11.45 19.24
CA VAL A 90 -33.02 -11.37 20.67
C VAL A 90 -34.48 -11.70 20.98
N THR A 91 -34.71 -12.36 22.11
CA THR A 91 -36.06 -12.73 22.52
C THR A 91 -36.04 -13.44 23.86
N SER A 92 -37.05 -13.16 24.69
CA SER A 92 -37.16 -13.77 26.01
C SER A 92 -38.40 -13.28 26.73
N ASN A 93 -39.06 -14.19 27.43
CA ASN A 93 -40.28 -13.87 28.17
C ASN A 93 -40.82 -15.09 28.90
N VAL A 94 -40.91 -14.98 30.23
CA VAL A 94 -41.42 -16.08 31.05
C VAL A 94 -42.12 -15.56 32.30
N ALA A 95 -43.28 -16.14 32.61
CA ALA A 95 -44.04 -15.72 33.77
C ALA A 95 -45.30 -16.58 33.93
N ALA A 96 -45.83 -16.62 35.15
CA ALA A 96 -47.04 -17.39 35.43
C ALA A 96 -47.53 -17.15 36.85
N PRO A 97 -48.81 -17.47 37.09
CA PRO A 97 -49.43 -17.29 38.42
C PRO A 97 -48.88 -18.27 39.45
N ALA A 98 -49.37 -18.16 40.69
CA ALA A 98 -48.94 -19.04 41.75
C ALA A 98 -49.68 -18.74 43.05
N GLN A 99 -50.49 -19.70 43.49
CA GLN A 99 -51.27 -19.54 44.72
C GLN A 99 -52.06 -20.80 45.03
N VAL A 100 -52.14 -21.14 46.32
CA VAL A 100 -52.86 -22.33 46.75
C VAL A 100 -52.91 -22.43 48.26
N ALA A 101 -54.00 -22.98 48.79
CA ALA A 101 -54.15 -23.13 50.23
C ALA A 101 -55.48 -23.83 50.56
N GLN A 102 -55.55 -24.41 51.76
CA GLN A 102 -56.74 -25.11 52.20
C GLN A 102 -56.58 -25.63 53.62
N THR A 103 -57.70 -25.91 54.27
CA THR A 103 -57.68 -26.42 55.64
C THR A 103 -59.07 -26.85 56.09
N GLN A 104 -59.13 -27.71 57.10
CA GLN A 104 -60.40 -28.20 57.62
C GLN A 104 -60.28 -28.55 59.10
N PRO A 105 -61.43 -28.62 59.79
CA PRO A 105 -61.49 -28.95 61.21
C PRO A 105 -61.12 -30.41 61.49
N GLN A 106 -61.24 -30.82 62.75
CA GLN A 106 -60.92 -32.19 63.14
C GLN A 106 -61.49 -32.49 64.51
N ARG A 107 -62.25 -33.59 64.60
CA ARG A 107 -62.86 -34.00 65.85
C ARG A 107 -61.80 -34.16 66.95
N SER A 1 4.25 15.02 -25.15
CA SER A 1 4.14 14.44 -23.82
C SER A 1 5.29 14.92 -22.93
N LEU A 2 5.04 14.98 -21.63
CA LEU A 2 6.05 15.41 -20.67
C LEU A 2 5.66 15.01 -19.25
N SER A 3 5.04 13.84 -19.12
CA SER A 3 4.61 13.35 -17.81
C SER A 3 5.28 12.02 -17.49
N LEU A 4 5.66 11.84 -16.23
CA LEU A 4 6.30 10.61 -15.79
C LEU A 4 5.51 9.39 -16.22
N TRP A 5 4.25 9.32 -15.78
CA TRP A 5 3.38 8.20 -16.12
C TRP A 5 3.42 7.92 -17.62
N GLN A 6 3.01 8.91 -18.41
CA GLN A 6 2.99 8.77 -19.86
C GLN A 6 4.27 8.09 -20.35
N GLN A 7 5.42 8.60 -19.92
CA GLN A 7 6.70 8.04 -20.33
C GLN A 7 6.81 6.57 -19.91
N CYS A 8 6.42 6.29 -18.67
CA CYS A 8 6.47 4.93 -18.14
C CYS A 8 5.70 3.97 -19.04
N LEU A 9 4.55 4.41 -19.53
CA LEU A 9 3.71 3.60 -20.40
C LEU A 9 4.39 3.38 -21.74
N ALA A 10 4.76 4.46 -22.41
CA ALA A 10 5.43 4.38 -23.70
C ALA A 10 6.68 3.52 -23.63
N ARG A 11 7.43 3.69 -22.55
CA ARG A 11 8.67 2.93 -22.36
C ARG A 11 8.37 1.43 -22.23
N LEU A 12 7.35 1.11 -21.45
CA LEU A 12 6.96 -0.28 -21.25
C LEU A 12 6.29 -0.85 -22.49
N GLN A 13 5.71 0.03 -23.31
CA GLN A 13 5.04 -0.38 -24.52
C GLN A 13 6.02 -0.46 -25.69
N ASP A 14 7.17 0.20 -25.54
CA ASP A 14 8.19 0.20 -26.58
C ASP A 14 9.16 -0.94 -26.38
N GLU A 15 9.49 -1.23 -25.12
CA GLU A 15 10.42 -2.31 -24.80
C GLU A 15 9.88 -3.65 -25.28
N LEU A 16 8.56 -3.78 -25.29
CA LEU A 16 7.92 -5.01 -25.74
C LEU A 16 6.41 -4.81 -25.92
N PRO A 17 5.80 -5.69 -26.73
CA PRO A 17 4.36 -5.63 -27.01
C PRO A 17 3.52 -5.99 -25.80
N ALA A 18 4.18 -6.44 -24.74
CA ALA A 18 3.49 -6.83 -23.51
C ALA A 18 2.42 -5.81 -23.13
N THR A 19 1.16 -6.13 -23.42
CA THR A 19 0.06 -5.24 -23.11
C THR A 19 -0.35 -5.34 -21.64
N GLU A 20 0.22 -6.32 -20.95
CA GLU A 20 -0.08 -6.52 -19.54
C GLU A 20 -0.05 -5.20 -18.78
N PHE A 21 1.06 -4.48 -18.90
CA PHE A 21 1.22 -3.20 -18.23
C PHE A 21 0.05 -2.27 -18.55
N SER A 22 -0.48 -2.38 -19.76
CA SER A 22 -1.60 -1.55 -20.18
C SER A 22 -2.89 -2.02 -19.54
N MET A 23 -2.87 -3.22 -18.96
CA MET A 23 -4.05 -3.78 -18.32
C MET A 23 -4.01 -3.52 -16.81
N TRP A 24 -2.80 -3.39 -16.27
CA TRP A 24 -2.63 -3.14 -14.84
C TRP A 24 -2.17 -1.70 -14.59
N ILE A 25 -2.60 -0.79 -15.46
CA ILE A 25 -2.23 0.61 -15.33
C ILE A 25 -3.32 1.52 -15.88
N ARG A 26 -3.90 1.11 -17.01
CA ARG A 26 -4.96 1.89 -17.64
C ARG A 26 -6.02 2.29 -16.62
N PRO A 27 -6.64 1.29 -15.98
CA PRO A 27 -7.68 1.52 -14.97
C PRO A 27 -7.12 2.11 -13.69
N LEU A 28 -5.80 2.19 -13.60
CA LEU A 28 -5.14 2.74 -12.42
C LEU A 28 -4.97 4.26 -12.55
N GLN A 29 -4.74 4.92 -11.43
CA GLN A 29 -4.55 6.37 -11.42
C GLN A 29 -3.18 6.74 -10.88
N ALA A 30 -2.31 7.22 -11.75
CA ALA A 30 -0.95 7.62 -11.36
C ALA A 30 -0.94 9.05 -10.85
N GLU A 31 0.02 9.35 -9.97
CA GLU A 31 0.15 10.69 -9.41
C GLU A 31 1.62 11.05 -9.19
N LEU A 32 2.05 12.14 -9.81
CA LEU A 32 3.43 12.59 -9.69
C LEU A 32 3.63 13.40 -8.40
N SER A 33 4.72 13.12 -7.70
CA SER A 33 5.03 13.80 -6.45
C SER A 33 6.34 14.57 -6.56
N ASP A 34 6.71 14.93 -7.79
CA ASP A 34 7.94 15.67 -8.02
C ASP A 34 9.15 14.74 -7.95
N ASN A 35 8.91 13.50 -7.55
CA ASN A 35 9.98 12.52 -7.44
C ASN A 35 9.44 11.18 -6.99
N THR A 36 8.12 10.99 -7.11
CA THR A 36 7.48 9.75 -6.72
C THR A 36 6.22 9.49 -7.54
N LEU A 37 6.27 8.48 -8.38
CA LEU A 37 5.12 8.12 -9.23
C LEU A 37 4.22 7.11 -8.53
N ALA A 38 3.16 7.61 -7.89
CA ALA A 38 2.22 6.76 -7.19
C ALA A 38 1.16 6.22 -8.14
N LEU A 39 0.49 5.15 -7.72
CA LEU A 39 -0.55 4.53 -8.54
C LEU A 39 -1.72 4.08 -7.68
N TYR A 40 -2.94 4.34 -8.16
CA TYR A 40 -4.14 3.96 -7.43
C TYR A 40 -4.88 2.83 -8.14
N ALA A 41 -5.01 1.70 -7.46
CA ALA A 41 -5.70 0.55 -8.03
C ALA A 41 -6.97 0.22 -7.24
N PRO A 42 -7.85 -0.58 -7.85
CA PRO A 42 -9.12 -0.98 -7.23
C PRO A 42 -8.90 -1.95 -6.08
N ASN A 43 -7.69 -2.51 -5.99
CA ASN A 43 -7.36 -3.44 -4.92
C ASN A 43 -5.85 -3.50 -4.70
N ARG A 44 -5.43 -4.34 -3.75
CA ARG A 44 -4.01 -4.48 -3.43
C ARG A 44 -3.33 -5.43 -4.41
N PHE A 45 -4.10 -6.36 -4.96
CA PHE A 45 -3.57 -7.34 -5.91
C PHE A 45 -2.82 -6.63 -7.04
N VAL A 46 -3.47 -5.65 -7.65
CA VAL A 46 -2.87 -4.90 -8.75
C VAL A 46 -1.58 -4.23 -8.30
N LEU A 47 -1.61 -3.62 -7.13
CA LEU A 47 -0.44 -2.94 -6.58
C LEU A 47 0.80 -3.85 -6.64
N ASP A 48 0.71 -4.99 -5.98
CA ASP A 48 1.81 -5.95 -5.97
C ASP A 48 2.22 -6.33 -7.37
N TRP A 49 1.24 -6.58 -8.23
CA TRP A 49 1.49 -6.97 -9.62
C TRP A 49 2.32 -5.90 -10.32
N VAL A 50 1.84 -4.66 -10.28
CA VAL A 50 2.54 -3.55 -10.91
C VAL A 50 3.98 -3.45 -10.42
N ARG A 51 4.15 -3.53 -9.11
CA ARG A 51 5.48 -3.45 -8.51
C ARG A 51 6.36 -4.61 -8.96
N ASP A 52 5.73 -5.63 -9.54
CA ASP A 52 6.45 -6.80 -10.00
C ASP A 52 7.21 -6.50 -11.29
N LYS A 53 6.47 -6.16 -12.35
CA LYS A 53 7.09 -5.84 -13.63
C LYS A 53 7.23 -4.33 -13.80
N TYR A 54 6.10 -3.63 -13.89
CA TYR A 54 6.10 -2.18 -14.05
C TYR A 54 7.28 -1.55 -13.32
N LEU A 55 7.42 -1.89 -12.04
CA LEU A 55 8.52 -1.35 -11.23
C LEU A 55 9.84 -1.43 -11.98
N ASN A 56 10.32 -2.65 -12.21
CA ASN A 56 11.57 -2.87 -12.92
C ASN A 56 11.67 -1.94 -14.14
N ASN A 57 10.63 -1.96 -14.96
CA ASN A 57 10.60 -1.13 -16.16
C ASN A 57 10.83 0.34 -15.81
N ILE A 58 9.95 0.88 -14.97
CA ILE A 58 10.05 2.28 -14.56
C ILE A 58 11.45 2.60 -14.06
N ASN A 59 11.91 1.83 -13.08
CA ASN A 59 13.23 2.03 -12.50
C ASN A 59 14.27 2.25 -13.59
N GLY A 60 14.37 1.29 -14.51
CA GLY A 60 15.31 1.40 -15.60
C GLY A 60 15.18 2.69 -16.38
N LEU A 61 13.94 3.16 -16.54
CA LEU A 61 13.67 4.39 -17.26
C LEU A 61 14.08 5.60 -16.45
N LEU A 62 13.57 5.68 -15.22
CA LEU A 62 13.89 6.79 -14.33
C LEU A 62 15.39 7.09 -14.35
N THR A 63 16.19 6.04 -14.24
CA THR A 63 17.64 6.19 -14.25
C THR A 63 18.15 6.58 -15.63
N SER A 64 17.67 5.89 -16.65
CA SER A 64 18.08 6.16 -18.02
C SER A 64 17.60 7.54 -18.47
N PHE A 65 16.63 8.09 -17.74
CA PHE A 65 16.08 9.40 -18.06
C PHE A 65 16.98 10.51 -17.54
N CYS A 66 17.41 10.37 -16.28
CA CYS A 66 18.27 11.36 -15.66
C CYS A 66 19.41 10.69 -14.89
N GLY A 67 19.05 9.75 -14.02
CA GLY A 67 20.04 9.04 -13.23
C GLY A 67 20.51 9.84 -12.04
N ALA A 68 20.71 11.15 -12.24
CA ALA A 68 21.15 12.02 -11.16
C ALA A 68 20.05 12.22 -10.12
N ASP A 69 18.86 11.73 -10.43
CA ASP A 69 17.73 11.85 -9.52
C ASP A 69 17.04 10.51 -9.33
N ALA A 70 16.62 9.91 -10.44
CA ALA A 70 15.94 8.62 -10.39
C ALA A 70 14.99 8.53 -9.20
N PRO A 71 13.74 9.00 -9.41
CA PRO A 71 12.72 8.98 -8.37
C PRO A 71 12.24 7.57 -8.03
N GLN A 72 11.12 7.49 -7.33
CA GLN A 72 10.55 6.20 -6.95
C GLN A 72 9.09 6.10 -7.36
N LEU A 73 8.48 4.95 -7.08
CA LEU A 73 7.07 4.73 -7.41
C LEU A 73 6.27 4.38 -6.17
N ARG A 74 4.96 4.61 -6.23
CA ARG A 74 4.08 4.31 -5.11
C ARG A 74 2.84 3.55 -5.58
N PHE A 75 2.25 2.78 -4.67
CA PHE A 75 1.06 1.99 -4.99
C PHE A 75 0.09 1.98 -3.82
N GLU A 76 -1.20 2.04 -4.13
CA GLU A 76 -2.24 2.04 -3.10
C GLU A 76 -3.60 1.74 -3.71
N VAL A 77 -4.54 1.35 -2.86
CA VAL A 77 -5.89 1.02 -3.30
C VAL A 77 -6.79 2.25 -3.29
N GLY A 78 -7.09 2.77 -4.49
CA GLY A 78 -7.93 3.94 -4.60
C GLY A 78 -9.23 3.80 -3.83
N THR A 79 -9.73 2.57 -3.75
CA THR A 79 -10.98 2.30 -3.05
C THR A 79 -11.06 0.84 -2.63
N LYS A 80 -11.43 0.61 -1.36
CA LYS A 80 -11.55 -0.74 -0.84
C LYS A 80 -13.01 -1.07 -0.50
N PRO A 81 -13.32 -2.37 -0.46
CA PRO A 81 -14.68 -2.84 -0.15
C PRO A 81 -15.06 -2.60 1.30
N VAL A 82 -16.34 -2.79 1.62
CA VAL A 82 -16.83 -2.59 2.98
C VAL A 82 -17.75 -3.73 3.40
N THR A 83 -17.75 -4.03 4.69
CA THR A 83 -18.60 -5.10 5.23
C THR A 83 -18.59 -5.09 6.75
N GLN A 84 -19.56 -5.78 7.34
CA GLN A 84 -19.67 -5.86 8.79
C GLN A 84 -20.86 -6.71 9.21
N THR A 85 -20.65 -7.53 10.24
CA THR A 85 -21.71 -8.40 10.73
C THR A 85 -21.61 -8.59 12.25
N PRO A 86 -22.00 -7.54 12.99
CA PRO A 86 -21.97 -7.55 14.45
C PRO A 86 -23.02 -8.49 15.05
N GLN A 87 -23.02 -8.60 16.37
CA GLN A 87 -23.98 -9.47 17.06
C GLN A 87 -24.07 -9.11 18.54
N ALA A 88 -24.76 -9.95 19.30
CA ALA A 88 -24.93 -9.72 20.74
C ALA A 88 -25.73 -10.83 21.39
N ALA A 89 -25.90 -10.75 22.70
CA ALA A 89 -26.65 -11.76 23.44
C ALA A 89 -26.82 -11.36 24.90
N VAL A 90 -27.87 -11.86 25.53
CA VAL A 90 -28.15 -11.55 26.93
C VAL A 90 -28.77 -12.74 27.64
N THR A 91 -28.50 -12.84 28.95
CA THR A 91 -29.02 -13.95 29.75
C THR A 91 -28.88 -13.66 31.24
N SER A 92 -29.61 -14.41 32.05
CA SER A 92 -29.56 -14.24 33.50
C SER A 92 -30.48 -15.23 34.20
N ASN A 93 -30.42 -15.25 35.52
CA ASN A 93 -31.25 -16.16 36.31
C ASN A 93 -31.01 -15.95 37.80
N VAL A 94 -32.04 -16.21 38.60
CA VAL A 94 -31.95 -16.05 40.05
C VAL A 94 -32.66 -17.18 40.77
N ALA A 95 -32.16 -17.53 41.96
CA ALA A 95 -32.76 -18.60 42.75
C ALA A 95 -32.03 -18.77 44.08
N ALA A 96 -32.75 -19.26 45.08
CA ALA A 96 -32.17 -19.48 46.40
C ALA A 96 -32.87 -20.60 47.14
N PRO A 97 -32.20 -21.17 48.16
CA PRO A 97 -32.75 -22.27 48.97
C PRO A 97 -33.90 -21.81 49.85
N ALA A 98 -34.35 -22.69 50.74
CA ALA A 98 -35.44 -22.37 51.65
C ALA A 98 -35.02 -22.56 53.10
N GLN A 99 -36.00 -22.52 54.01
CA GLN A 99 -35.73 -22.68 55.43
C GLN A 99 -36.88 -23.41 56.12
N VAL A 100 -36.60 -23.97 57.29
CA VAL A 100 -37.62 -24.68 58.06
C VAL A 100 -37.07 -25.12 59.41
N ALA A 101 -37.96 -25.24 60.39
CA ALA A 101 -37.57 -25.66 61.73
C ALA A 101 -38.80 -26.05 62.56
N GLN A 102 -38.55 -26.53 63.78
CA GLN A 102 -39.63 -26.93 64.67
C GLN A 102 -39.11 -27.19 66.07
N THR A 103 -39.96 -27.72 66.94
CA THR A 103 -39.59 -28.03 68.31
C THR A 103 -40.71 -28.76 69.04
N GLN A 104 -40.42 -29.19 70.27
CA GLN A 104 -41.40 -29.92 71.07
C GLN A 104 -41.20 -29.63 72.55
N PRO A 105 -42.25 -29.89 73.35
CA PRO A 105 -42.21 -29.66 74.80
C PRO A 105 -41.30 -30.66 75.51
N GLN A 106 -41.35 -30.65 76.84
CA GLN A 106 -40.53 -31.55 77.64
C GLN A 106 -41.40 -32.43 78.54
N ARG A 107 -40.75 -33.13 79.46
CA ARG A 107 -41.46 -34.02 80.38
C ARG A 107 -42.55 -33.25 81.14
N SER A 1 4.34 18.37 -22.58
CA SER A 1 4.24 18.21 -21.14
C SER A 1 4.73 16.82 -20.72
N LEU A 2 6.00 16.75 -20.32
CA LEU A 2 6.59 15.49 -19.89
C LEU A 2 5.93 14.98 -18.62
N SER A 3 5.29 13.81 -18.70
CA SER A 3 4.61 13.22 -17.56
C SER A 3 5.25 11.90 -17.17
N LEU A 4 5.49 11.71 -15.88
CA LEU A 4 6.10 10.49 -15.38
C LEU A 4 5.31 9.26 -15.82
N TRP A 5 4.00 9.28 -15.55
CA TRP A 5 3.14 8.16 -15.91
C TRP A 5 3.21 7.89 -17.41
N GLN A 6 2.80 8.86 -18.20
CA GLN A 6 2.82 8.72 -19.66
C GLN A 6 4.15 8.12 -20.14
N GLN A 7 5.23 8.51 -19.47
CA GLN A 7 6.56 8.02 -19.83
C GLN A 7 6.70 6.54 -19.46
N CYS A 8 6.38 6.21 -18.21
CA CYS A 8 6.46 4.85 -17.72
C CYS A 8 5.75 3.89 -18.67
N LEU A 9 4.58 4.30 -19.15
CA LEU A 9 3.79 3.48 -20.07
C LEU A 9 4.47 3.38 -21.43
N ALA A 10 4.70 4.52 -22.06
CA ALA A 10 5.36 4.57 -23.36
C ALA A 10 6.64 3.74 -23.37
N ARG A 11 7.40 3.85 -22.28
CA ARG A 11 8.66 3.12 -22.16
C ARG A 11 8.42 1.62 -22.07
N LEU A 12 7.39 1.24 -21.31
CA LEU A 12 7.05 -0.17 -21.15
C LEU A 12 6.50 -0.76 -22.45
N GLN A 13 5.80 0.07 -23.22
CA GLN A 13 5.23 -0.36 -24.48
C GLN A 13 6.24 -0.23 -25.62
N ASP A 14 7.29 0.54 -25.37
CA ASP A 14 8.33 0.76 -26.37
C ASP A 14 9.42 -0.29 -26.23
N GLU A 15 9.77 -0.63 -24.99
CA GLU A 15 10.82 -1.61 -24.73
C GLU A 15 10.43 -2.97 -25.29
N LEU A 16 9.14 -3.28 -25.26
CA LEU A 16 8.64 -4.55 -25.77
C LEU A 16 7.12 -4.61 -25.68
N PRO A 17 6.51 -5.46 -26.53
CA PRO A 17 5.06 -5.64 -26.56
C PRO A 17 4.53 -6.34 -25.32
N ALA A 18 3.94 -5.58 -24.41
CA ALA A 18 3.39 -6.14 -23.18
C ALA A 18 2.10 -5.43 -22.78
N THR A 19 0.98 -5.87 -23.35
CA THR A 19 -0.32 -5.28 -23.06
C THR A 19 -0.67 -5.44 -21.58
N GLU A 20 0.06 -6.30 -20.89
CA GLU A 20 -0.17 -6.54 -19.47
C GLU A 20 -0.33 -5.22 -18.72
N PHE A 21 0.74 -4.43 -18.70
CA PHE A 21 0.73 -3.14 -18.01
C PHE A 21 -0.45 -2.30 -18.47
N SER A 22 -0.84 -2.46 -19.74
CA SER A 22 -1.94 -1.70 -20.30
C SER A 22 -3.25 -2.08 -19.63
N MET A 23 -3.25 -3.19 -18.91
CA MET A 23 -4.44 -3.68 -18.22
C MET A 23 -4.33 -3.42 -16.72
N TRP A 24 -3.10 -3.44 -16.21
CA TRP A 24 -2.87 -3.22 -14.78
C TRP A 24 -2.42 -1.78 -14.52
N ILE A 25 -2.90 -0.86 -15.36
CA ILE A 25 -2.54 0.54 -15.22
C ILE A 25 -3.62 1.44 -15.82
N ARG A 26 -4.24 0.97 -16.89
CA ARG A 26 -5.29 1.73 -17.56
C ARG A 26 -6.36 2.17 -16.57
N PRO A 27 -7.00 1.18 -15.91
CA PRO A 27 -8.04 1.44 -14.92
C PRO A 27 -7.51 2.08 -13.64
N LEU A 28 -6.19 2.16 -13.55
CA LEU A 28 -5.54 2.75 -12.38
C LEU A 28 -5.40 4.26 -12.55
N GLN A 29 -5.16 4.95 -11.43
CA GLN A 29 -5.00 6.40 -11.45
C GLN A 29 -3.65 6.80 -10.87
N ALA A 30 -2.75 7.28 -11.72
CA ALA A 30 -1.44 7.71 -11.30
C ALA A 30 -1.45 9.15 -10.81
N GLU A 31 -0.53 9.48 -9.90
CA GLU A 31 -0.44 10.83 -9.35
C GLU A 31 1.01 11.25 -9.20
N LEU A 32 1.37 12.36 -9.84
CA LEU A 32 2.73 12.88 -9.78
C LEU A 32 2.90 13.82 -8.60
N SER A 33 3.85 13.50 -7.72
CA SER A 33 4.11 14.32 -6.54
C SER A 33 5.51 14.95 -6.62
N ASP A 34 5.71 15.80 -7.62
CA ASP A 34 6.99 16.47 -7.80
C ASP A 34 8.03 15.51 -8.37
N ASN A 35 8.27 14.42 -7.65
CA ASN A 35 9.24 13.42 -8.08
C ASN A 35 8.80 12.02 -7.66
N THR A 36 7.50 11.85 -7.45
CA THR A 36 6.95 10.56 -7.05
C THR A 36 5.71 10.21 -7.86
N LEU A 37 5.79 9.11 -8.61
CA LEU A 37 4.67 8.67 -9.43
C LEU A 37 3.89 7.55 -8.73
N ALA A 38 2.87 7.92 -7.98
CA ALA A 38 2.05 6.95 -7.27
C ALA A 38 0.93 6.42 -8.17
N LEU A 39 0.47 5.21 -7.86
CA LEU A 39 -0.60 4.59 -8.64
C LEU A 39 -1.76 4.18 -7.74
N TYR A 40 -2.98 4.47 -8.18
CA TYR A 40 -4.17 4.13 -7.41
C TYR A 40 -4.92 2.97 -8.05
N ALA A 41 -4.96 1.84 -7.36
CA ALA A 41 -5.64 0.66 -7.85
C ALA A 41 -6.86 0.32 -7.00
N PRO A 42 -7.78 -0.47 -7.56
CA PRO A 42 -9.00 -0.89 -6.86
C PRO A 42 -8.72 -1.86 -5.72
N ASN A 43 -7.53 -2.46 -5.74
CA ASN A 43 -7.14 -3.40 -4.70
C ASN A 43 -5.62 -3.47 -4.57
N ARG A 44 -5.14 -4.32 -3.66
CA ARG A 44 -3.71 -4.48 -3.44
C ARG A 44 -3.10 -5.43 -4.45
N PHE A 45 -3.92 -6.37 -4.93
CA PHE A 45 -3.46 -7.35 -5.91
C PHE A 45 -2.77 -6.67 -7.08
N VAL A 46 -3.41 -5.66 -7.64
CA VAL A 46 -2.85 -4.92 -8.76
C VAL A 46 -1.51 -4.28 -8.40
N LEU A 47 -1.45 -3.67 -7.22
CA LEU A 47 -0.23 -3.03 -6.74
C LEU A 47 0.95 -4.00 -6.81
N ASP A 48 0.85 -5.11 -6.11
CA ASP A 48 1.90 -6.12 -6.10
C ASP A 48 2.29 -6.52 -7.51
N TRP A 49 1.29 -6.83 -8.33
CA TRP A 49 1.52 -7.24 -9.71
C TRP A 49 2.31 -6.17 -10.47
N VAL A 50 1.80 -4.95 -10.46
CA VAL A 50 2.45 -3.83 -11.14
C VAL A 50 3.90 -3.69 -10.67
N ARG A 51 4.09 -3.76 -9.36
CA ARG A 51 5.42 -3.63 -8.78
C ARG A 51 6.32 -4.79 -9.20
N ASP A 52 5.71 -5.83 -9.76
CA ASP A 52 6.45 -7.00 -10.20
C ASP A 52 7.13 -6.74 -11.54
N LYS A 53 6.36 -6.28 -12.51
CA LYS A 53 6.88 -5.97 -13.83
C LYS A 53 7.11 -4.47 -14.01
N TYR A 54 6.02 -3.72 -13.98
CA TYR A 54 6.10 -2.27 -14.13
C TYR A 54 7.34 -1.71 -13.43
N LEU A 55 7.46 -2.00 -12.14
CA LEU A 55 8.60 -1.53 -11.35
C LEU A 55 9.90 -1.73 -12.12
N ASN A 56 10.27 -2.99 -12.34
CA ASN A 56 11.50 -3.31 -13.05
C ASN A 56 11.70 -2.38 -14.24
N ASN A 57 10.69 -2.31 -15.10
CA ASN A 57 10.75 -1.46 -16.28
C ASN A 57 11.04 -0.01 -15.89
N ILE A 58 10.15 0.56 -15.08
CA ILE A 58 10.30 1.95 -14.63
C ILE A 58 11.70 2.19 -14.08
N ASN A 59 12.12 1.34 -13.15
CA ASN A 59 13.43 1.47 -12.54
C ASN A 59 14.51 1.66 -13.61
N GLY A 60 14.59 0.73 -14.54
CA GLY A 60 15.58 0.82 -15.60
C GLY A 60 15.54 2.16 -16.32
N LEU A 61 14.33 2.70 -16.51
CA LEU A 61 14.16 3.98 -17.18
C LEU A 61 14.63 5.13 -16.29
N LEU A 62 14.18 5.14 -15.05
CA LEU A 62 14.55 6.17 -14.10
C LEU A 62 16.06 6.36 -14.07
N THR A 63 16.79 5.26 -13.89
CA THR A 63 18.25 5.30 -13.85
C THR A 63 18.82 5.79 -15.17
N SER A 64 18.32 5.23 -16.27
CA SER A 64 18.79 5.61 -17.60
C SER A 64 18.44 7.06 -17.91
N PHE A 65 17.44 7.60 -17.20
CA PHE A 65 17.02 8.97 -17.39
C PHE A 65 17.94 9.94 -16.65
N CYS A 66 18.26 9.60 -15.41
CA CYS A 66 19.12 10.44 -14.59
C CYS A 66 20.19 9.60 -13.89
N GLY A 67 19.76 8.53 -13.23
CA GLY A 67 20.69 7.66 -12.53
C GLY A 67 20.90 8.08 -11.09
N ALA A 68 20.13 7.48 -10.18
CA ALA A 68 20.23 7.80 -8.76
C ALA A 68 19.62 9.16 -8.46
N ASP A 69 19.19 9.86 -9.50
CA ASP A 69 18.58 11.18 -9.35
C ASP A 69 17.14 11.17 -9.82
N ALA A 70 16.78 10.15 -10.59
CA ALA A 70 15.41 10.03 -11.10
C ALA A 70 14.41 9.88 -9.97
N PRO A 71 13.12 10.12 -10.28
CA PRO A 71 12.04 10.03 -9.30
C PRO A 71 11.78 8.59 -8.86
N GLN A 72 10.63 8.37 -8.23
CA GLN A 72 10.25 7.05 -7.76
C GLN A 72 8.75 6.82 -7.89
N LEU A 73 8.36 5.59 -8.21
CA LEU A 73 6.96 5.24 -8.36
C LEU A 73 6.39 4.66 -7.07
N ARG A 74 5.08 4.75 -6.91
CA ARG A 74 4.42 4.23 -5.72
C ARG A 74 3.12 3.51 -6.08
N PHE A 75 2.63 2.69 -5.17
CA PHE A 75 1.39 1.94 -5.40
C PHE A 75 0.51 1.96 -4.16
N GLU A 76 -0.80 2.04 -4.38
CA GLU A 76 -1.76 2.06 -3.28
C GLU A 76 -3.17 1.73 -3.78
N VAL A 77 -4.05 1.41 -2.84
CA VAL A 77 -5.43 1.08 -3.18
C VAL A 77 -6.34 2.29 -3.03
N GLY A 78 -6.77 2.84 -4.15
CA GLY A 78 -7.64 4.00 -4.13
C GLY A 78 -7.12 5.11 -3.23
N THR A 79 -8.02 5.92 -2.71
CA THR A 79 -7.65 7.03 -1.83
C THR A 79 -7.76 6.61 -0.37
N LYS A 80 -7.34 7.51 0.52
CA LYS A 80 -7.39 7.24 1.96
C LYS A 80 -8.45 8.11 2.63
N PRO A 81 -9.69 7.61 2.67
CA PRO A 81 -10.81 8.32 3.28
C PRO A 81 -10.69 8.39 4.80
N VAL A 82 -11.54 9.21 5.42
CA VAL A 82 -11.54 9.36 6.87
C VAL A 82 -12.46 8.35 7.54
N THR A 83 -12.08 7.91 8.74
CA THR A 83 -12.87 6.94 9.48
C THR A 83 -13.03 7.37 10.94
N GLN A 84 -13.87 6.64 11.67
CA GLN A 84 -14.10 6.94 13.08
C GLN A 84 -13.65 5.78 13.97
N THR A 85 -12.73 6.07 14.89
CA THR A 85 -12.21 5.05 15.79
C THR A 85 -11.90 5.65 17.17
N PRO A 86 -12.96 5.95 17.94
CA PRO A 86 -12.83 6.52 19.28
C PRO A 86 -12.25 5.52 20.28
N GLN A 87 -11.76 6.04 21.40
CA GLN A 87 -11.18 5.19 22.43
C GLN A 87 -11.10 5.95 23.76
N ALA A 88 -10.62 5.26 24.80
CA ALA A 88 -10.49 5.86 26.12
C ALA A 88 -9.88 4.88 27.11
N ALA A 89 -9.36 5.40 28.21
CA ALA A 89 -8.75 4.57 29.24
C ALA A 89 -8.27 5.41 30.42
N VAL A 90 -8.29 4.82 31.61
CA VAL A 90 -7.87 5.51 32.82
C VAL A 90 -7.22 4.56 33.80
N THR A 91 -6.30 5.08 34.61
CA THR A 91 -5.61 4.26 35.61
C THR A 91 -5.01 5.13 36.71
N SER A 92 -4.39 4.48 37.70
CA SER A 92 -3.78 5.20 38.81
C SER A 92 -3.00 4.24 39.71
N ASN A 93 -2.33 4.79 40.71
CA ASN A 93 -1.54 3.99 41.64
C ASN A 93 -0.98 4.86 42.76
N VAL A 94 -0.68 4.23 43.90
CA VAL A 94 -0.13 4.94 45.04
C VAL A 94 0.86 4.07 45.80
N ALA A 95 1.84 4.71 46.43
CA ALA A 95 2.85 3.99 47.19
C ALA A 95 3.46 4.88 48.27
N ALA A 96 4.35 4.31 49.07
CA ALA A 96 5.01 5.05 50.14
C ALA A 96 6.47 4.64 50.29
N PRO A 97 7.26 5.50 50.93
CA PRO A 97 8.69 5.24 51.15
C PRO A 97 8.93 4.13 52.15
N ALA A 98 10.19 3.95 52.55
CA ALA A 98 10.55 2.91 53.50
C ALA A 98 12.02 3.02 53.92
N GLN A 99 12.28 2.85 55.20
CA GLN A 99 13.65 2.93 55.72
C GLN A 99 13.82 2.04 56.94
N VAL A 100 15.05 1.61 57.19
CA VAL A 100 15.35 0.75 58.33
C VAL A 100 16.84 0.48 58.43
N ALA A 101 17.33 0.34 59.66
CA ALA A 101 18.75 0.07 59.91
C ALA A 101 19.02 -0.13 61.39
N GLN A 102 20.25 -0.50 61.71
CA GLN A 102 20.65 -0.72 63.10
C GLN A 102 22.14 -1.06 63.20
N THR A 103 22.67 -0.99 64.41
CA THR A 103 24.08 -1.29 64.64
C THR A 103 24.33 -1.72 66.08
N GLN A 104 25.51 -2.25 66.34
CA GLN A 104 25.87 -2.70 67.68
C GLN A 104 27.38 -2.62 67.89
N PRO A 105 27.79 -2.14 69.08
CA PRO A 105 29.21 -2.00 69.43
C PRO A 105 29.88 -3.35 69.64
N GLN A 106 31.11 -3.33 70.14
CA GLN A 106 31.86 -4.55 70.39
C GLN A 106 32.62 -4.47 71.71
N ARG A 107 33.50 -5.44 71.94
CA ARG A 107 34.29 -5.47 73.18
C ARG A 107 35.53 -4.59 73.05
N SER A 1 5.00 11.51 -25.22
CA SER A 1 5.46 11.63 -23.84
C SER A 1 5.26 13.04 -23.32
N LEU A 2 4.59 13.15 -22.17
CA LEU A 2 4.33 14.44 -21.56
C LEU A 2 4.65 14.42 -20.06
N SER A 3 3.93 13.59 -19.32
CA SER A 3 4.13 13.47 -17.88
C SER A 3 4.84 12.16 -17.54
N LEU A 4 5.23 12.02 -16.29
CA LEU A 4 5.92 10.82 -15.83
C LEU A 4 5.14 9.56 -16.23
N TRP A 5 3.88 9.50 -15.83
CA TRP A 5 3.03 8.36 -16.14
C TRP A 5 3.10 8.03 -17.63
N GLN A 6 2.70 8.99 -18.46
CA GLN A 6 2.72 8.79 -19.92
C GLN A 6 4.01 8.10 -20.36
N GLN A 7 5.14 8.68 -19.96
CA GLN A 7 6.45 8.12 -20.32
C GLN A 7 6.53 6.65 -19.92
N CYS A 8 6.17 6.35 -18.68
CA CYS A 8 6.21 4.98 -18.19
C CYS A 8 5.44 4.05 -19.11
N LEU A 9 4.29 4.50 -19.57
CA LEU A 9 3.45 3.70 -20.47
C LEU A 9 4.19 3.39 -21.77
N ALA A 10 4.55 4.45 -22.50
CA ALA A 10 5.26 4.29 -23.76
C ALA A 10 6.53 3.46 -23.58
N ARG A 11 7.25 3.72 -22.50
CA ARG A 11 8.49 2.99 -22.21
C ARG A 11 8.22 1.50 -22.05
N LEU A 12 7.08 1.16 -21.44
CA LEU A 12 6.69 -0.22 -21.24
C LEU A 12 6.48 -0.94 -22.56
N GLN A 13 5.54 -0.42 -23.36
CA GLN A 13 5.24 -1.02 -24.65
C GLN A 13 6.42 -0.89 -25.60
N ASP A 14 7.35 0.01 -25.27
CA ASP A 14 8.53 0.23 -26.09
C ASP A 14 9.62 -0.77 -25.76
N GLU A 15 9.88 -0.97 -24.47
CA GLU A 15 10.90 -1.90 -24.02
C GLU A 15 10.51 -3.34 -24.36
N LEU A 16 9.20 -3.59 -24.45
CA LEU A 16 8.70 -4.92 -24.77
C LEU A 16 7.22 -4.87 -25.12
N PRO A 17 6.74 -5.93 -25.78
CA PRO A 17 5.33 -6.04 -26.19
C PRO A 17 4.39 -6.21 -25.01
N ALA A 18 4.96 -6.37 -23.82
CA ALA A 18 4.18 -6.55 -22.60
C ALA A 18 3.10 -5.48 -22.49
N THR A 19 1.88 -5.84 -22.88
CA THR A 19 0.76 -4.90 -22.82
C THR A 19 0.05 -4.97 -21.47
N GLU A 20 0.42 -5.97 -20.67
CA GLU A 20 -0.18 -6.16 -19.35
C GLU A 20 -0.35 -4.81 -18.65
N PHE A 21 0.71 -4.00 -18.66
CA PHE A 21 0.68 -2.70 -18.02
C PHE A 21 -0.57 -1.91 -18.42
N SER A 22 -0.86 -1.92 -19.73
CA SER A 22 -2.02 -1.21 -20.24
C SER A 22 -3.30 -1.74 -19.63
N MET A 23 -3.24 -2.95 -19.07
CA MET A 23 -4.39 -3.58 -18.46
C MET A 23 -4.38 -3.37 -16.94
N TRP A 24 -3.18 -3.19 -16.39
CA TRP A 24 -3.03 -2.98 -14.95
C TRP A 24 -2.58 -1.55 -14.65
N ILE A 25 -2.95 -0.63 -15.53
CA ILE A 25 -2.59 0.77 -15.35
C ILE A 25 -3.68 1.69 -15.86
N ARG A 26 -4.28 1.33 -16.99
CA ARG A 26 -5.35 2.12 -17.59
C ARG A 26 -6.40 2.49 -16.54
N PRO A 27 -7.01 1.46 -15.92
CA PRO A 27 -8.04 1.66 -14.89
C PRO A 27 -7.45 2.23 -13.60
N LEU A 28 -6.14 2.28 -13.51
CA LEU A 28 -5.46 2.82 -12.33
C LEU A 28 -5.31 4.34 -12.42
N GLN A 29 -4.81 4.94 -11.35
CA GLN A 29 -4.63 6.38 -11.31
C GLN A 29 -3.25 6.73 -10.77
N ALA A 30 -2.38 7.23 -11.65
CA ALA A 30 -1.03 7.61 -11.25
C ALA A 30 -0.99 9.02 -10.71
N GLU A 31 -0.34 9.19 -9.55
CA GLU A 31 -0.23 10.50 -8.92
C GLU A 31 1.20 11.04 -9.02
N LEU A 32 1.34 12.20 -9.67
CA LEU A 32 2.66 12.81 -9.83
C LEU A 32 2.94 13.80 -8.70
N SER A 33 3.96 13.51 -7.91
CA SER A 33 4.32 14.38 -6.78
C SER A 33 5.63 15.10 -7.08
N ASP A 34 5.77 15.59 -8.30
CA ASP A 34 6.97 16.32 -8.71
C ASP A 34 8.12 15.35 -8.99
N ASN A 35 8.35 14.43 -8.07
CA ASN A 35 9.41 13.45 -8.20
C ASN A 35 8.99 12.08 -7.65
N THR A 36 7.68 11.88 -7.55
CA THR A 36 7.13 10.63 -7.03
C THR A 36 5.92 10.17 -7.83
N LEU A 37 6.09 9.11 -8.60
CA LEU A 37 5.01 8.57 -9.41
C LEU A 37 4.27 7.45 -8.67
N ALA A 38 3.19 7.82 -8.00
CA ALA A 38 2.38 6.85 -7.26
C ALA A 38 1.40 6.14 -8.17
N LEU A 39 0.96 4.96 -7.76
CA LEU A 39 0.01 4.17 -8.54
C LEU A 39 -1.20 3.79 -7.70
N TYR A 40 -2.39 4.19 -8.15
CA TYR A 40 -3.62 3.90 -7.43
C TYR A 40 -4.38 2.75 -8.11
N ALA A 41 -4.62 1.69 -7.35
CA ALA A 41 -5.33 0.52 -7.88
C ALA A 41 -6.57 0.23 -7.06
N PRO A 42 -7.50 -0.54 -7.64
CA PRO A 42 -8.76 -0.91 -6.97
C PRO A 42 -8.54 -1.89 -5.83
N ASN A 43 -7.32 -2.43 -5.74
CA ASN A 43 -6.99 -3.38 -4.69
C ASN A 43 -5.48 -3.59 -4.62
N ARG A 44 -5.05 -4.39 -3.65
CA ARG A 44 -3.63 -4.68 -3.47
C ARG A 44 -3.11 -5.59 -4.58
N PHE A 45 -3.95 -6.54 -5.00
CA PHE A 45 -3.58 -7.48 -6.05
C PHE A 45 -2.88 -6.77 -7.20
N VAL A 46 -3.54 -5.74 -7.74
CA VAL A 46 -2.98 -4.98 -8.85
C VAL A 46 -1.60 -4.42 -8.50
N LEU A 47 -1.51 -3.79 -7.33
CA LEU A 47 -0.25 -3.21 -6.87
C LEU A 47 0.89 -4.21 -7.00
N ASP A 48 0.73 -5.37 -6.36
CA ASP A 48 1.74 -6.42 -6.41
C ASP A 48 2.12 -6.75 -7.85
N TRP A 49 1.10 -7.02 -8.67
CA TRP A 49 1.32 -7.34 -10.07
C TRP A 49 2.10 -6.24 -10.78
N VAL A 50 1.57 -5.02 -10.74
CA VAL A 50 2.22 -3.88 -11.38
C VAL A 50 3.66 -3.73 -10.89
N ARG A 51 3.85 -3.85 -9.58
CA ARG A 51 5.18 -3.72 -8.99
C ARG A 51 6.08 -4.86 -9.45
N ASP A 52 5.48 -5.88 -10.05
CA ASP A 52 6.24 -7.02 -10.53
C ASP A 52 6.92 -6.72 -11.87
N LYS A 53 6.13 -6.25 -12.83
CA LYS A 53 6.66 -5.92 -14.14
C LYS A 53 6.85 -4.41 -14.29
N TYR A 54 5.75 -3.66 -14.23
CA TYR A 54 5.80 -2.21 -14.35
C TYR A 54 7.02 -1.65 -13.62
N LEU A 55 7.12 -1.96 -12.33
CA LEU A 55 8.25 -1.48 -11.53
C LEU A 55 9.56 -1.62 -12.29
N ASN A 56 9.97 -2.86 -12.54
CA ASN A 56 11.22 -3.12 -13.26
C ASN A 56 11.39 -2.14 -14.41
N ASN A 57 10.34 -1.96 -15.20
CA ASN A 57 10.37 -1.05 -16.33
C ASN A 57 10.60 0.39 -15.87
N ILE A 58 9.72 0.86 -15.01
CA ILE A 58 9.83 2.23 -14.49
C ILE A 58 11.23 2.50 -13.93
N ASN A 59 11.64 1.68 -12.97
CA ASN A 59 12.95 1.82 -12.34
C ASN A 59 14.04 1.95 -13.41
N GLY A 60 14.13 0.94 -14.27
CA GLY A 60 15.14 0.96 -15.33
C GLY A 60 15.14 2.27 -16.10
N LEU A 61 13.95 2.81 -16.36
CA LEU A 61 13.83 4.06 -17.09
C LEU A 61 14.29 5.24 -16.25
N LEU A 62 13.80 5.31 -15.01
CA LEU A 62 14.17 6.39 -14.10
C LEU A 62 15.68 6.58 -14.06
N THR A 63 16.41 5.47 -13.84
CA THR A 63 17.86 5.52 -13.78
C THR A 63 18.45 5.92 -15.13
N SER A 64 17.96 5.29 -16.20
CA SER A 64 18.45 5.59 -17.54
C SER A 64 18.11 7.02 -17.95
N PHE A 65 17.14 7.60 -17.26
CA PHE A 65 16.72 8.96 -17.55
C PHE A 65 17.65 9.98 -16.87
N CYS A 66 17.97 9.71 -15.61
CA CYS A 66 18.84 10.60 -14.85
C CYS A 66 19.88 9.79 -14.07
N GLY A 67 19.42 8.78 -13.34
CA GLY A 67 20.33 7.94 -12.57
C GLY A 67 20.56 8.50 -11.18
N ALA A 68 19.82 7.98 -10.20
CA ALA A 68 19.95 8.42 -8.82
C ALA A 68 19.31 9.79 -8.62
N ASP A 69 18.85 10.39 -9.71
CA ASP A 69 18.22 11.70 -9.65
C ASP A 69 16.75 11.62 -10.06
N ALA A 70 16.40 10.55 -10.76
CA ALA A 70 15.03 10.34 -11.21
C ALA A 70 14.09 10.15 -10.03
N PRO A 71 12.77 10.26 -10.29
CA PRO A 71 11.74 10.11 -9.26
C PRO A 71 11.63 8.67 -8.76
N GLN A 72 10.59 8.40 -7.98
CA GLN A 72 10.36 7.06 -7.43
C GLN A 72 8.94 6.60 -7.71
N LEU A 73 8.77 5.28 -7.88
CA LEU A 73 7.46 4.70 -8.14
C LEU A 73 6.78 4.27 -6.85
N ARG A 74 5.54 4.71 -6.66
CA ARG A 74 4.77 4.36 -5.47
C ARG A 74 3.52 3.57 -5.84
N PHE A 75 2.94 2.90 -4.84
CA PHE A 75 1.74 2.11 -5.06
C PHE A 75 0.76 2.28 -3.91
N GLU A 76 -0.53 2.08 -4.18
CA GLU A 76 -1.56 2.21 -3.16
C GLU A 76 -2.92 1.82 -3.72
N VAL A 77 -3.83 1.43 -2.83
CA VAL A 77 -5.17 1.02 -3.23
C VAL A 77 -6.15 2.17 -3.09
N GLY A 78 -6.57 2.73 -4.23
CA GLY A 78 -7.50 3.83 -4.22
C GLY A 78 -7.07 4.95 -3.28
N THR A 79 -8.04 5.72 -2.79
CA THR A 79 -7.76 6.83 -1.89
C THR A 79 -8.22 6.51 -0.47
N LYS A 80 -7.42 6.91 0.51
CA LYS A 80 -7.75 6.68 1.91
C LYS A 80 -8.03 7.99 2.63
N PRO A 81 -8.77 7.91 3.75
CA PRO A 81 -9.11 9.08 4.56
C PRO A 81 -7.91 9.66 5.29
N VAL A 82 -8.08 10.85 5.86
CA VAL A 82 -7.01 11.51 6.59
C VAL A 82 -7.04 11.16 8.06
N THR A 83 -5.88 11.10 8.69
CA THR A 83 -5.78 10.78 10.10
C THR A 83 -5.34 11.99 10.92
N GLN A 84 -5.45 11.88 12.24
CA GLN A 84 -5.06 12.97 13.13
C GLN A 84 -5.17 12.54 14.60
N THR A 85 -4.02 12.30 15.21
CA THR A 85 -3.98 11.88 16.61
C THR A 85 -2.85 12.57 17.36
N PRO A 86 -3.03 13.88 17.61
CA PRO A 86 -2.03 14.69 18.32
C PRO A 86 -1.94 14.33 19.80
N GLN A 87 -0.73 14.37 20.34
CA GLN A 87 -0.50 14.04 21.75
C GLN A 87 0.89 14.48 22.20
N ALA A 88 1.01 14.80 23.47
CA ALA A 88 2.29 15.24 24.03
C ALA A 88 2.22 15.34 25.55
N ALA A 89 3.36 15.64 26.17
CA ALA A 89 3.43 15.77 27.62
C ALA A 89 4.71 16.46 28.05
N VAL A 90 4.74 16.94 29.29
CA VAL A 90 5.92 17.62 29.81
C VAL A 90 6.11 17.31 31.30
N THR A 91 7.36 17.31 31.74
CA THR A 91 7.69 17.02 33.13
C THR A 91 8.98 17.72 33.55
N SER A 92 9.13 17.95 34.85
CA SER A 92 10.31 18.61 35.38
C SER A 92 10.78 17.93 36.67
N ASN A 93 12.04 18.16 37.03
CA ASN A 93 12.60 17.57 38.23
C ASN A 93 14.03 18.08 38.46
N VAL A 94 14.36 18.35 39.71
CA VAL A 94 15.69 18.83 40.07
C VAL A 94 16.25 18.09 41.28
N ALA A 95 17.56 17.92 41.32
CA ALA A 95 18.22 17.23 42.42
C ALA A 95 19.72 17.47 42.41
N ALA A 96 20.27 17.77 43.57
CA ALA A 96 21.70 18.03 43.70
C ALA A 96 22.12 18.15 45.17
N PRO A 97 22.15 17.00 45.86
CA PRO A 97 22.52 16.95 47.28
C PRO A 97 24.01 17.24 47.50
N ALA A 98 24.46 17.13 48.74
CA ALA A 98 25.85 17.38 49.09
C ALA A 98 26.26 16.61 50.33
N GLN A 99 27.56 16.49 50.55
CA GLN A 99 28.08 15.77 51.70
C GLN A 99 29.59 15.88 51.78
N VAL A 100 30.11 16.09 52.99
CA VAL A 100 31.56 16.21 53.19
C VAL A 100 31.91 16.11 54.67
N ALA A 101 33.12 15.63 54.95
CA ALA A 101 33.58 15.48 56.33
C ALA A 101 35.09 15.30 56.38
N GLN A 102 35.68 15.68 57.51
CA GLN A 102 37.13 15.55 57.68
C GLN A 102 37.46 14.78 58.96
N THR A 103 38.52 13.99 58.90
CA THR A 103 38.94 13.20 60.06
C THR A 103 40.44 12.97 60.04
N GLN A 104 41.07 13.07 61.21
CA GLN A 104 42.51 12.87 61.33
C GLN A 104 42.85 12.11 62.60
N PRO A 105 44.02 11.46 62.61
CA PRO A 105 44.49 10.68 63.76
C PRO A 105 44.85 11.56 64.95
N GLN A 106 45.26 10.93 66.04
CA GLN A 106 45.63 11.65 67.26
C GLN A 106 46.75 10.92 68.00
N ARG A 107 47.51 11.67 68.79
CA ARG A 107 48.61 11.10 69.56
C ARG A 107 49.66 10.47 68.63
N SER A 1 2.34 16.79 -21.55
CA SER A 1 3.22 16.84 -22.71
C SER A 1 4.38 15.84 -22.58
N LEU A 2 4.73 15.54 -21.33
CA LEU A 2 5.81 14.59 -21.06
C LEU A 2 5.73 14.08 -19.63
N SER A 3 4.51 13.88 -19.14
CA SER A 3 4.30 13.39 -17.78
C SER A 3 5.06 12.09 -17.55
N LEU A 4 5.42 11.83 -16.30
CA LEU A 4 6.16 10.63 -15.93
C LEU A 4 5.35 9.38 -16.28
N TRP A 5 4.09 9.37 -15.86
CA TRP A 5 3.20 8.24 -16.13
C TRP A 5 3.21 7.88 -17.61
N GLN A 6 2.68 8.78 -18.43
CA GLN A 6 2.62 8.57 -19.87
C GLN A 6 3.96 8.07 -20.40
N GLN A 7 5.04 8.68 -19.93
CA GLN A 7 6.39 8.30 -20.36
C GLN A 7 6.69 6.86 -19.97
N CYS A 8 6.33 6.50 -18.74
CA CYS A 8 6.58 5.16 -18.23
C CYS A 8 5.88 4.11 -19.10
N LEU A 9 4.67 4.43 -19.54
CA LEU A 9 3.90 3.52 -20.38
C LEU A 9 4.55 3.36 -21.75
N ALA A 10 4.78 4.48 -22.43
CA ALA A 10 5.40 4.46 -23.75
C ALA A 10 6.67 3.63 -23.74
N ARG A 11 7.47 3.78 -22.69
CA ARG A 11 8.72 3.04 -22.56
C ARG A 11 8.45 1.56 -22.35
N LEU A 12 7.44 1.24 -21.55
CA LEU A 12 7.09 -0.14 -21.27
C LEU A 12 6.53 -0.82 -22.52
N GLN A 13 5.84 -0.04 -23.35
CA GLN A 13 5.25 -0.57 -24.57
C GLN A 13 6.25 -0.50 -25.73
N ASP A 14 7.29 0.31 -25.56
CA ASP A 14 8.31 0.47 -26.59
C ASP A 14 9.43 -0.54 -26.39
N GLU A 15 9.79 -0.79 -25.14
CA GLU A 15 10.85 -1.74 -24.81
C GLU A 15 10.51 -3.14 -25.31
N LEU A 16 9.22 -3.47 -25.28
CA LEU A 16 8.75 -4.78 -25.73
C LEU A 16 7.24 -4.87 -25.65
N PRO A 17 6.65 -5.80 -26.43
CA PRO A 17 5.21 -6.02 -26.46
C PRO A 17 4.69 -6.64 -25.17
N ALA A 18 4.11 -5.81 -24.31
CA ALA A 18 3.56 -6.28 -23.04
C ALA A 18 2.29 -5.52 -22.68
N THR A 19 1.18 -5.94 -23.26
CA THR A 19 -0.11 -5.29 -23.00
C THR A 19 -0.51 -5.44 -21.53
N GLU A 20 0.19 -6.32 -20.82
CA GLU A 20 -0.09 -6.54 -19.41
C GLU A 20 -0.25 -5.23 -18.67
N PHE A 21 0.83 -4.44 -18.62
CA PHE A 21 0.81 -3.15 -17.94
C PHE A 21 -0.35 -2.30 -18.44
N SER A 22 -0.71 -2.48 -19.70
CA SER A 22 -1.80 -1.71 -20.30
C SER A 22 -3.13 -2.05 -19.64
N MET A 23 -3.15 -3.15 -18.89
CA MET A 23 -4.35 -3.58 -18.20
C MET A 23 -4.24 -3.35 -16.70
N TRP A 24 -3.01 -3.42 -16.19
CA TRP A 24 -2.76 -3.22 -14.76
C TRP A 24 -2.28 -1.80 -14.50
N ILE A 25 -2.78 -0.84 -15.27
CA ILE A 25 -2.40 0.55 -15.11
C ILE A 25 -3.42 1.48 -15.74
N ARG A 26 -4.02 1.04 -16.84
CA ARG A 26 -5.03 1.83 -17.54
C ARG A 26 -6.11 2.29 -16.57
N PRO A 27 -6.80 1.34 -15.94
CA PRO A 27 -7.88 1.62 -14.98
C PRO A 27 -7.34 2.25 -13.68
N LEU A 28 -6.02 2.28 -13.56
CA LEU A 28 -5.39 2.85 -12.37
C LEU A 28 -5.12 4.34 -12.54
N GLN A 29 -4.93 5.04 -11.42
CA GLN A 29 -4.67 6.47 -11.46
C GLN A 29 -3.29 6.79 -10.87
N ALA A 30 -2.37 7.20 -11.73
CA ALA A 30 -1.02 7.55 -11.28
C ALA A 30 -0.96 8.96 -10.73
N GLU A 31 -0.07 9.19 -9.77
CA GLU A 31 0.08 10.50 -9.15
C GLU A 31 1.55 10.89 -9.06
N LEU A 32 1.90 12.00 -9.69
CA LEU A 32 3.28 12.49 -9.67
C LEU A 32 3.53 13.37 -8.45
N SER A 33 4.66 13.12 -7.78
CA SER A 33 5.01 13.90 -6.60
C SER A 33 6.41 14.49 -6.74
N ASP A 34 6.73 14.96 -7.94
CA ASP A 34 8.04 15.55 -8.20
C ASP A 34 9.09 14.46 -8.43
N ASN A 35 9.09 13.46 -7.55
CA ASN A 35 10.05 12.36 -7.64
C ASN A 35 9.43 11.06 -7.14
N THR A 36 8.10 11.00 -7.13
CA THR A 36 7.39 9.82 -6.68
C THR A 36 6.15 9.56 -7.54
N LEU A 37 6.20 8.51 -8.34
CA LEU A 37 5.08 8.15 -9.20
C LEU A 37 4.19 7.10 -8.54
N ALA A 38 3.14 7.57 -7.87
CA ALA A 38 2.21 6.68 -7.19
C ALA A 38 1.15 6.15 -8.16
N LEU A 39 0.45 5.10 -7.74
CA LEU A 39 -0.59 4.51 -8.58
C LEU A 39 -1.78 4.07 -7.73
N TYR A 40 -2.98 4.37 -8.21
CA TYR A 40 -4.20 4.01 -7.50
C TYR A 40 -4.92 2.85 -8.18
N ALA A 41 -5.05 1.74 -7.46
CA ALA A 41 -5.70 0.56 -7.99
C ALA A 41 -6.96 0.22 -7.20
N PRO A 42 -7.85 -0.59 -7.80
CA PRO A 42 -9.10 -1.00 -7.16
C PRO A 42 -8.88 -1.95 -5.99
N ASN A 43 -7.68 -2.51 -5.92
CA ASN A 43 -7.34 -3.44 -4.84
C ASN A 43 -5.83 -3.48 -4.61
N ARG A 44 -5.40 -4.31 -3.67
CA ARG A 44 -3.98 -4.44 -3.36
C ARG A 44 -3.29 -5.40 -4.32
N PHE A 45 -4.06 -6.36 -4.85
CA PHE A 45 -3.52 -7.34 -5.78
C PHE A 45 -2.78 -6.66 -6.93
N VAL A 46 -3.46 -5.70 -7.58
CA VAL A 46 -2.87 -4.97 -8.69
C VAL A 46 -1.59 -4.28 -8.28
N LEU A 47 -1.60 -3.66 -7.10
CA LEU A 47 -0.44 -2.96 -6.58
C LEU A 47 0.81 -3.83 -6.66
N ASP A 48 0.75 -4.98 -5.98
CA ASP A 48 1.88 -5.92 -5.97
C ASP A 48 2.26 -6.32 -7.39
N TRP A 49 1.24 -6.62 -8.21
CA TRP A 49 1.48 -7.02 -9.59
C TRP A 49 2.27 -5.95 -10.35
N VAL A 50 1.76 -4.73 -10.33
CA VAL A 50 2.41 -3.61 -11.01
C VAL A 50 3.86 -3.47 -10.56
N ARG A 51 4.08 -3.54 -9.25
CA ARG A 51 5.42 -3.42 -8.70
C ARG A 51 6.31 -4.58 -9.15
N ASP A 52 5.67 -5.61 -9.71
CA ASP A 52 6.40 -6.79 -10.18
C ASP A 52 7.08 -6.50 -11.51
N LYS A 53 6.29 -6.03 -12.48
CA LYS A 53 6.82 -5.71 -13.81
C LYS A 53 7.06 -4.22 -13.95
N TYR A 54 5.99 -3.43 -13.87
CA TYR A 54 6.08 -1.98 -14.00
C TYR A 54 7.33 -1.46 -13.30
N LEU A 55 7.44 -1.74 -12.00
CA LEU A 55 8.59 -1.30 -11.22
C LEU A 55 9.88 -1.45 -12.01
N ASN A 56 10.26 -2.69 -12.28
CA ASN A 56 11.48 -2.96 -13.03
C ASN A 56 11.60 -2.04 -14.24
N ASN A 57 10.54 -1.99 -15.05
CA ASN A 57 10.53 -1.15 -16.24
C ASN A 57 10.83 0.30 -15.88
N ILE A 58 9.98 0.87 -15.02
CA ILE A 58 10.14 2.25 -14.60
C ILE A 58 11.57 2.52 -14.13
N ASN A 59 12.03 1.72 -13.17
CA ASN A 59 13.38 1.86 -12.63
C ASN A 59 14.39 2.05 -13.76
N GLY A 60 14.40 1.10 -14.70
CA GLY A 60 15.33 1.18 -15.81
C GLY A 60 15.23 2.49 -16.56
N LEU A 61 14.01 3.00 -16.69
CA LEU A 61 13.77 4.25 -17.39
C LEU A 61 14.24 5.44 -16.56
N LEU A 62 13.70 5.57 -15.36
CA LEU A 62 14.07 6.66 -14.46
C LEU A 62 15.58 6.89 -14.48
N THR A 63 16.33 5.79 -14.41
CA THR A 63 17.79 5.88 -14.41
C THR A 63 18.32 6.27 -15.78
N SER A 64 17.83 5.60 -16.82
CA SER A 64 18.26 5.88 -18.19
C SER A 64 17.82 7.28 -18.61
N PHE A 65 16.86 7.85 -17.88
CA PHE A 65 16.36 9.18 -18.17
C PHE A 65 17.28 10.25 -17.60
N CYS A 66 17.67 10.08 -16.34
CA CYS A 66 18.55 11.03 -15.68
C CYS A 66 19.65 10.30 -14.90
N GLY A 67 19.25 9.36 -14.06
CA GLY A 67 20.21 8.61 -13.27
C GLY A 67 20.71 9.39 -12.07
N ALA A 68 20.95 10.68 -12.26
CA ALA A 68 21.43 11.54 -11.18
C ALA A 68 20.35 11.75 -10.13
N ASP A 69 19.14 11.32 -10.44
CA ASP A 69 18.02 11.46 -9.52
C ASP A 69 17.28 10.14 -9.36
N ALA A 70 16.82 9.58 -10.48
CA ALA A 70 16.10 8.31 -10.46
C ALA A 70 15.13 8.25 -9.29
N PRO A 71 13.91 8.78 -9.50
CA PRO A 71 12.86 8.79 -8.48
C PRO A 71 12.32 7.40 -8.17
N GLN A 72 11.18 7.35 -7.51
CA GLN A 72 10.55 6.08 -7.15
C GLN A 72 9.07 6.10 -7.48
N LEU A 73 8.41 4.97 -7.25
CA LEU A 73 6.98 4.85 -7.53
C LEU A 73 6.21 4.46 -6.27
N ARG A 74 4.89 4.60 -6.32
CA ARG A 74 4.04 4.27 -5.18
C ARG A 74 2.80 3.51 -5.64
N PHE A 75 2.19 2.77 -4.72
CA PHE A 75 0.99 2.00 -5.03
C PHE A 75 0.02 1.99 -3.84
N GLU A 76 -1.27 2.06 -4.14
CA GLU A 76 -2.29 2.07 -3.10
C GLU A 76 -3.66 1.72 -3.68
N VAL A 77 -4.60 1.40 -2.80
CA VAL A 77 -5.95 1.04 -3.22
C VAL A 77 -6.87 2.27 -3.21
N GLY A 78 -7.20 2.76 -4.39
CA GLY A 78 -8.07 3.92 -4.49
C GLY A 78 -9.39 3.72 -3.76
N THR A 79 -9.82 2.46 -3.65
CA THR A 79 -11.07 2.14 -2.97
C THR A 79 -11.15 0.66 -2.65
N LYS A 80 -11.57 0.34 -1.43
CA LYS A 80 -11.70 -1.05 -1.00
C LYS A 80 -13.16 -1.41 -0.76
N PRO A 81 -13.47 -2.72 -0.81
CA PRO A 81 -14.82 -3.22 -0.60
C PRO A 81 -15.27 -3.08 0.85
N VAL A 82 -16.56 -3.31 1.09
CA VAL A 82 -17.12 -3.21 2.43
C VAL A 82 -18.00 -4.41 2.76
N THR A 83 -18.02 -4.79 4.03
CA THR A 83 -18.81 -5.93 4.48
C THR A 83 -19.03 -5.90 5.99
N GLN A 84 -20.13 -6.50 6.43
CA GLN A 84 -20.45 -6.54 7.85
C GLN A 84 -21.75 -7.31 8.09
N THR A 85 -21.66 -8.33 8.95
CA THR A 85 -22.83 -9.16 9.26
C THR A 85 -22.66 -9.85 10.61
N PRO A 86 -22.73 -9.07 11.70
CA PRO A 86 -22.59 -9.60 13.05
C PRO A 86 -23.78 -10.45 13.47
N GLN A 87 -23.51 -11.45 14.31
CA GLN A 87 -24.56 -12.35 14.78
C GLN A 87 -24.00 -13.36 15.78
N ALA A 88 -24.46 -13.26 17.02
CA ALA A 88 -24.01 -14.16 18.07
C ALA A 88 -24.73 -13.87 19.39
N ALA A 89 -25.23 -14.92 20.03
CA ALA A 89 -25.95 -14.78 21.29
C ALA A 89 -26.39 -16.14 21.82
N VAL A 90 -25.79 -16.56 22.93
CA VAL A 90 -26.12 -17.84 23.54
C VAL A 90 -25.98 -17.78 25.06
N THR A 91 -26.93 -18.38 25.76
CA THR A 91 -26.92 -18.40 27.22
C THR A 91 -28.09 -19.21 27.77
N SER A 92 -27.76 -20.26 28.51
CA SER A 92 -28.78 -21.13 29.10
C SER A 92 -28.14 -22.24 29.92
N ASN A 93 -28.22 -22.12 31.24
CA ASN A 93 -27.64 -23.12 32.14
C ASN A 93 -27.89 -22.75 33.59
N VAL A 94 -28.68 -23.57 34.29
CA VAL A 94 -28.99 -23.32 35.68
C VAL A 94 -28.97 -24.63 36.48
N ALA A 95 -28.38 -24.58 37.67
CA ALA A 95 -28.30 -25.76 38.54
C ALA A 95 -27.61 -25.42 39.85
N ALA A 96 -28.04 -26.06 40.93
CA ALA A 96 -27.46 -25.83 42.24
C ALA A 96 -28.12 -26.72 43.30
N PRO A 97 -27.81 -28.03 43.23
CA PRO A 97 -28.35 -29.02 44.17
C PRO A 97 -27.79 -28.85 45.58
N ALA A 98 -28.58 -29.25 46.57
CA ALA A 98 -28.16 -29.14 47.96
C ALA A 98 -29.23 -29.71 48.90
N GLN A 99 -28.83 -30.67 49.73
CA GLN A 99 -29.76 -31.29 50.68
C GLN A 99 -29.03 -32.31 51.55
N VAL A 100 -28.85 -31.97 52.82
CA VAL A 100 -28.17 -32.85 53.76
C VAL A 100 -28.29 -32.32 55.19
N ALA A 101 -28.47 -33.23 56.14
CA ALA A 101 -28.60 -32.86 57.55
C ALA A 101 -28.69 -34.09 58.44
N GLN A 102 -27.95 -34.09 59.54
CA GLN A 102 -27.97 -35.21 60.47
C GLN A 102 -27.06 -34.94 61.66
N THR A 103 -27.53 -35.26 62.85
CA THR A 103 -26.76 -35.05 64.07
C THR A 103 -27.50 -35.56 65.30
N GLN A 104 -26.82 -36.36 66.11
CA GLN A 104 -27.42 -36.91 67.32
C GLN A 104 -26.41 -37.76 68.08
N PRO A 105 -25.39 -37.11 68.65
CA PRO A 105 -24.34 -37.79 69.42
C PRO A 105 -24.87 -38.33 70.74
N GLN A 106 -24.99 -39.65 70.84
CA GLN A 106 -25.48 -40.29 72.05
C GLN A 106 -24.77 -41.63 72.27
N ARG A 107 -24.90 -42.16 73.49
CA ARG A 107 -24.28 -43.43 73.83
C ARG A 107 -25.05 -44.60 73.22
N SER A 1 8.16 13.30 -23.82
CA SER A 1 8.27 13.22 -22.37
C SER A 1 7.63 14.44 -21.71
N LEU A 2 6.44 14.25 -21.18
CA LEU A 2 5.71 15.33 -20.52
C LEU A 2 5.33 14.94 -19.09
N SER A 3 4.66 13.80 -18.96
CA SER A 3 4.24 13.31 -17.66
C SER A 3 4.94 12.00 -17.31
N LEU A 4 5.30 11.84 -16.04
CA LEU A 4 5.97 10.64 -15.58
C LEU A 4 5.21 9.39 -16.00
N TRP A 5 3.96 9.29 -15.58
CA TRP A 5 3.13 8.14 -15.92
C TRP A 5 3.17 7.86 -17.41
N GLN A 6 2.70 8.82 -18.21
CA GLN A 6 2.69 8.68 -19.66
C GLN A 6 3.99 8.04 -20.15
N GLN A 7 5.11 8.65 -19.79
CA GLN A 7 6.42 8.14 -20.20
C GLN A 7 6.58 6.68 -19.79
N CYS A 8 6.31 6.38 -18.54
CA CYS A 8 6.43 5.02 -18.02
C CYS A 8 5.68 4.04 -18.91
N LEU A 9 4.48 4.42 -19.34
CA LEU A 9 3.67 3.57 -20.19
C LEU A 9 4.34 3.36 -21.55
N ALA A 10 4.61 4.46 -22.25
CA ALA A 10 5.25 4.39 -23.56
C ALA A 10 6.57 3.63 -23.47
N ARG A 11 7.28 3.79 -22.37
CA ARG A 11 8.55 3.13 -22.16
C ARG A 11 8.38 1.61 -22.09
N LEU A 12 7.33 1.18 -21.40
CA LEU A 12 7.04 -0.23 -21.25
C LEU A 12 6.55 -0.84 -22.57
N GLN A 13 5.81 -0.05 -23.33
CA GLN A 13 5.29 -0.50 -24.61
C GLN A 13 6.34 -0.36 -25.71
N ASP A 14 7.36 0.45 -25.45
CA ASP A 14 8.43 0.66 -26.41
C ASP A 14 9.55 -0.36 -26.22
N GLU A 15 9.88 -0.64 -24.96
CA GLU A 15 10.93 -1.60 -24.65
C GLU A 15 10.60 -2.97 -25.21
N LEU A 16 9.32 -3.33 -25.19
CA LEU A 16 8.87 -4.62 -25.68
C LEU A 16 7.34 -4.71 -25.65
N PRO A 17 6.78 -5.57 -26.50
CA PRO A 17 5.33 -5.78 -26.59
C PRO A 17 4.78 -6.49 -25.37
N ALA A 18 4.12 -5.72 -24.49
CA ALA A 18 3.54 -6.28 -23.27
C ALA A 18 2.25 -5.56 -22.89
N THR A 19 1.16 -5.95 -23.52
CA THR A 19 -0.14 -5.33 -23.26
C THR A 19 -0.53 -5.49 -21.80
N GLU A 20 0.16 -6.38 -21.09
CA GLU A 20 -0.11 -6.62 -19.69
C GLU A 20 -0.25 -5.31 -18.92
N PHE A 21 0.81 -4.50 -18.94
CA PHE A 21 0.80 -3.22 -18.25
C PHE A 21 -0.39 -2.36 -18.69
N SER A 22 -0.78 -2.53 -19.94
CA SER A 22 -1.90 -1.78 -20.49
C SER A 22 -3.22 -2.20 -19.83
N MET A 23 -3.19 -3.33 -19.14
CA MET A 23 -4.38 -3.83 -18.47
C MET A 23 -4.27 -3.63 -16.96
N TRP A 24 -3.05 -3.58 -16.45
CA TRP A 24 -2.80 -3.39 -15.02
C TRP A 24 -2.36 -1.96 -14.74
N ILE A 25 -2.86 -1.02 -15.53
CA ILE A 25 -2.51 0.39 -15.37
C ILE A 25 -3.63 1.29 -15.87
N ARG A 26 -4.32 0.85 -16.91
CA ARG A 26 -5.42 1.61 -17.48
C ARG A 26 -6.43 2.02 -16.41
N PRO A 27 -6.99 1.01 -15.72
CA PRO A 27 -7.97 1.24 -14.66
C PRO A 27 -7.35 1.87 -13.42
N LEU A 28 -6.03 1.97 -13.41
CA LEU A 28 -5.32 2.56 -12.28
C LEU A 28 -5.13 4.07 -12.48
N GLN A 29 -4.87 4.77 -11.39
CA GLN A 29 -4.68 6.21 -11.44
C GLN A 29 -3.35 6.61 -10.80
N ALA A 30 -2.40 7.02 -11.62
CA ALA A 30 -1.08 7.42 -11.14
C ALA A 30 -1.08 8.88 -10.71
N GLU A 31 -0.24 9.21 -9.73
CA GLU A 31 -0.15 10.57 -9.23
C GLU A 31 1.30 11.00 -9.09
N LEU A 32 1.64 12.15 -9.68
CA LEU A 32 3.00 12.68 -9.62
C LEU A 32 3.19 13.55 -8.39
N SER A 33 4.32 13.35 -7.70
CA SER A 33 4.63 14.11 -6.50
C SER A 33 5.84 15.01 -6.73
N ASP A 34 6.10 15.34 -7.99
CA ASP A 34 7.23 16.20 -8.34
C ASP A 34 8.53 15.40 -8.34
N ASN A 35 8.47 14.17 -7.83
CA ASN A 35 9.64 13.32 -7.77
C ASN A 35 9.26 11.88 -7.42
N THR A 36 7.97 11.57 -7.59
CA THR A 36 7.47 10.23 -7.29
C THR A 36 6.13 9.99 -7.97
N LEU A 37 6.04 8.90 -8.73
CA LEU A 37 4.82 8.55 -9.45
C LEU A 37 4.09 7.41 -8.74
N ALA A 38 3.09 7.77 -7.93
CA ALA A 38 2.32 6.77 -7.20
C ALA A 38 1.27 6.13 -8.10
N LEU A 39 0.70 5.02 -7.63
CA LEU A 39 -0.32 4.32 -8.40
C LEU A 39 -1.54 4.01 -7.53
N TYR A 40 -2.71 4.40 -8.02
CA TYR A 40 -3.95 4.18 -7.28
C TYR A 40 -4.80 3.10 -7.96
N ALA A 41 -5.12 2.05 -7.21
CA ALA A 41 -5.92 0.95 -7.74
C ALA A 41 -7.09 0.64 -6.82
N PRO A 42 -8.08 -0.10 -7.34
CA PRO A 42 -9.28 -0.48 -6.58
C PRO A 42 -8.97 -1.49 -5.49
N ASN A 43 -7.80 -2.12 -5.58
CA ASN A 43 -7.39 -3.11 -4.60
C ASN A 43 -5.87 -3.09 -4.40
N ARG A 44 -5.35 -4.12 -3.75
CA ARG A 44 -3.92 -4.22 -3.50
C ARG A 44 -3.28 -5.25 -4.44
N PHE A 45 -4.05 -6.25 -4.82
CA PHE A 45 -3.56 -7.30 -5.72
C PHE A 45 -2.82 -6.68 -6.92
N VAL A 46 -3.53 -5.85 -7.67
CA VAL A 46 -2.97 -5.20 -8.84
C VAL A 46 -1.63 -4.55 -8.51
N LEU A 47 -1.61 -3.76 -7.45
CA LEU A 47 -0.39 -3.08 -7.02
C LEU A 47 0.80 -4.02 -7.03
N ASP A 48 0.68 -5.11 -6.27
CA ASP A 48 1.75 -6.10 -6.20
C ASP A 48 2.18 -6.55 -7.60
N TRP A 49 1.20 -6.87 -8.42
CA TRP A 49 1.47 -7.31 -9.79
C TRP A 49 2.23 -6.24 -10.57
N VAL A 50 1.65 -5.05 -10.65
CA VAL A 50 2.26 -3.95 -11.36
C VAL A 50 3.68 -3.69 -10.86
N ARG A 51 3.83 -3.65 -9.55
CA ARG A 51 5.13 -3.41 -8.93
C ARG A 51 6.10 -4.54 -9.26
N ASP A 52 5.56 -5.65 -9.77
CA ASP A 52 6.38 -6.79 -10.13
C ASP A 52 7.07 -6.59 -11.47
N LYS A 53 6.29 -6.17 -12.47
CA LYS A 53 6.82 -5.93 -13.81
C LYS A 53 7.02 -4.44 -14.05
N TYR A 54 5.93 -3.68 -14.01
CA TYR A 54 5.97 -2.25 -14.23
C TYR A 54 7.17 -1.63 -13.52
N LEU A 55 7.27 -1.87 -12.22
CA LEU A 55 8.37 -1.33 -11.42
C LEU A 55 9.71 -1.52 -12.14
N ASN A 56 10.11 -2.77 -12.31
CA ASN A 56 11.36 -3.08 -13.00
C ASN A 56 11.56 -2.17 -14.21
N ASN A 57 10.56 -2.14 -15.08
CA ASN A 57 10.63 -1.31 -16.28
C ASN A 57 10.92 0.15 -15.93
N ILE A 58 10.04 0.74 -15.14
CA ILE A 58 10.19 2.13 -14.72
C ILE A 58 11.59 2.38 -14.16
N ASN A 59 11.98 1.55 -13.20
CA ASN A 59 13.29 1.67 -12.57
C ASN A 59 14.38 1.87 -13.63
N GLY A 60 14.47 0.93 -14.55
CA GLY A 60 15.47 1.01 -15.61
C GLY A 60 15.44 2.34 -16.33
N LEU A 61 14.24 2.87 -16.54
CA LEU A 61 14.07 4.15 -17.22
C LEU A 61 14.53 5.30 -16.34
N LEU A 62 14.08 5.32 -15.10
CA LEU A 62 14.43 6.36 -14.15
C LEU A 62 15.95 6.55 -14.10
N THR A 63 16.67 5.45 -13.91
CA THR A 63 18.13 5.50 -13.86
C THR A 63 18.72 5.94 -15.19
N SER A 64 18.21 5.39 -16.28
CA SER A 64 18.69 5.72 -17.61
C SER A 64 18.36 7.18 -17.96
N PHE A 65 17.37 7.73 -17.26
CA PHE A 65 16.96 9.11 -17.49
C PHE A 65 17.89 10.08 -16.77
N CYS A 66 18.21 9.77 -15.51
CA CYS A 66 19.08 10.61 -14.71
C CYS A 66 20.13 9.77 -13.99
N GLY A 67 19.68 8.72 -13.32
CA GLY A 67 20.59 7.84 -12.59
C GLY A 67 20.76 8.26 -11.15
N ALA A 68 19.96 7.66 -10.26
CA ALA A 68 20.02 7.98 -8.84
C ALA A 68 19.44 9.35 -8.56
N ASP A 69 19.03 10.05 -9.62
CA ASP A 69 18.45 11.39 -9.48
C ASP A 69 16.98 11.39 -9.90
N ALA A 70 16.59 10.37 -10.67
CA ALA A 70 15.22 10.25 -11.13
C ALA A 70 14.26 10.00 -9.98
N PRO A 71 12.96 10.22 -10.22
CA PRO A 71 11.92 10.01 -9.21
C PRO A 71 11.70 8.54 -8.89
N GLN A 72 10.76 8.26 -7.99
CA GLN A 72 10.46 6.89 -7.60
C GLN A 72 9.01 6.54 -7.92
N LEU A 73 8.62 5.31 -7.62
CA LEU A 73 7.26 4.84 -7.87
C LEU A 73 6.57 4.46 -6.57
N ARG A 74 5.26 4.69 -6.52
CA ARG A 74 4.47 4.37 -5.33
C ARG A 74 3.22 3.58 -5.71
N PHE A 75 2.66 2.88 -4.72
CA PHE A 75 1.46 2.08 -4.94
C PHE A 75 0.50 2.18 -3.76
N GLU A 76 -0.79 2.13 -4.04
CA GLU A 76 -1.80 2.22 -3.00
C GLU A 76 -3.19 1.95 -3.56
N VAL A 77 -4.13 1.62 -2.67
CA VAL A 77 -5.50 1.34 -3.09
C VAL A 77 -6.38 2.57 -2.95
N GLY A 78 -6.73 3.16 -4.09
CA GLY A 78 -7.58 4.35 -4.08
C GLY A 78 -8.97 4.06 -3.54
N THR A 79 -9.15 4.24 -2.23
CA THR A 79 -10.43 4.00 -1.60
C THR A 79 -10.51 4.69 -0.24
N LYS A 80 -11.69 4.64 0.38
CA LYS A 80 -11.90 5.26 1.68
C LYS A 80 -11.08 4.55 2.75
N PRO A 81 -10.83 5.26 3.87
CA PRO A 81 -10.06 4.73 4.99
C PRO A 81 -10.80 3.62 5.73
N VAL A 82 -10.09 2.92 6.61
CA VAL A 82 -10.69 1.85 7.39
C VAL A 82 -10.37 2.00 8.88
N THR A 83 -11.29 1.52 9.72
CA THR A 83 -11.10 1.61 11.17
C THR A 83 -11.58 0.33 11.85
N GLN A 84 -11.62 0.36 13.18
CA GLN A 84 -12.06 -0.79 13.96
C GLN A 84 -11.12 -1.98 13.75
N THR A 85 -10.21 -2.17 14.70
CA THR A 85 -9.26 -3.27 14.63
C THR A 85 -8.95 -3.84 16.01
N PRO A 86 -9.91 -4.59 16.56
CA PRO A 86 -9.78 -5.21 17.89
C PRO A 86 -8.76 -6.34 17.89
N GLN A 87 -8.26 -6.67 19.08
CA GLN A 87 -7.27 -7.73 19.22
C GLN A 87 -6.88 -7.91 20.69
N ALA A 88 -6.56 -9.15 21.05
CA ALA A 88 -6.15 -9.46 22.41
C ALA A 88 -5.76 -10.93 22.56
N ALA A 89 -4.61 -11.17 23.17
CA ALA A 89 -4.11 -12.53 23.36
C ALA A 89 -2.80 -12.53 24.13
N VAL A 90 -2.66 -13.49 25.03
CA VAL A 90 -1.44 -13.62 25.84
C VAL A 90 -1.05 -15.07 26.06
N THR A 91 0.21 -15.39 25.84
CA THR A 91 0.70 -16.75 26.01
C THR A 91 2.23 -16.77 26.16
N SER A 92 2.73 -17.74 26.91
CA SER A 92 4.16 -17.87 27.13
C SER A 92 4.50 -19.24 27.72
N ASN A 93 5.73 -19.68 27.50
CA ASN A 93 6.18 -20.97 28.00
C ASN A 93 7.65 -21.21 27.66
N VAL A 94 8.42 -21.67 28.64
CA VAL A 94 9.83 -21.94 28.44
C VAL A 94 10.25 -23.23 29.15
N ALA A 95 11.17 -23.96 28.53
CA ALA A 95 11.66 -25.21 29.09
C ALA A 95 12.75 -25.82 28.22
N ALA A 96 13.83 -26.27 28.84
CA ALA A 96 14.94 -26.87 28.13
C ALA A 96 16.03 -27.34 29.09
N PRO A 97 15.77 -28.44 29.80
CA PRO A 97 16.72 -29.01 30.76
C PRO A 97 17.94 -29.63 30.09
N ALA A 98 18.77 -30.29 30.87
CA ALA A 98 19.96 -30.93 30.35
C ALA A 98 20.72 -31.68 31.45
N GLN A 99 21.80 -32.35 31.06
CA GLN A 99 22.61 -33.10 32.02
C GLN A 99 23.84 -33.71 31.34
N VAL A 100 24.70 -34.33 32.13
CA VAL A 100 25.91 -34.95 31.60
C VAL A 100 26.53 -35.89 32.63
N ALA A 101 27.18 -36.94 32.13
CA ALA A 101 27.82 -37.92 33.00
C ALA A 101 28.78 -38.81 32.22
N GLN A 102 29.75 -39.38 32.92
CA GLN A 102 30.74 -40.26 32.29
C GLN A 102 31.52 -41.05 33.33
N THR A 103 32.07 -42.18 32.91
CA THR A 103 32.84 -43.02 33.82
C THR A 103 33.42 -44.23 33.08
N GLN A 104 34.75 -44.37 33.12
CA GLN A 104 35.42 -45.47 32.46
C GLN A 104 36.91 -45.48 32.78
N PRO A 105 37.25 -45.86 34.02
CA PRO A 105 38.64 -45.92 34.48
C PRO A 105 39.43 -47.04 33.81
N GLN A 106 40.75 -46.92 33.85
CA GLN A 106 41.62 -47.92 33.23
C GLN A 106 42.40 -48.69 34.30
N ARG A 107 42.63 -49.97 34.05
CA ARG A 107 43.36 -50.82 34.99
C ARG A 107 44.70 -51.24 34.40
N SER A 1 6.87 12.78 -23.91
CA SER A 1 7.32 12.73 -22.53
C SER A 1 6.88 13.97 -21.76
N LEU A 2 5.57 14.16 -21.66
CA LEU A 2 5.02 15.31 -20.96
C LEU A 2 4.75 14.97 -19.48
N SER A 3 4.27 13.76 -19.24
CA SER A 3 3.97 13.32 -17.88
C SER A 3 4.75 12.05 -17.54
N LEU A 4 5.09 11.89 -16.27
CA LEU A 4 5.83 10.71 -15.81
C LEU A 4 5.10 9.43 -16.18
N TRP A 5 3.84 9.34 -15.77
CA TRP A 5 3.02 8.17 -16.05
C TRP A 5 3.07 7.81 -17.54
N GLN A 6 2.50 8.68 -18.37
CA GLN A 6 2.48 8.47 -19.81
C GLN A 6 3.84 8.00 -20.31
N GLN A 7 4.90 8.58 -19.76
CA GLN A 7 6.26 8.22 -20.15
C GLN A 7 6.57 6.78 -19.78
N CYS A 8 6.22 6.39 -18.56
CA CYS A 8 6.46 5.04 -18.07
C CYS A 8 5.76 4.02 -18.97
N LEU A 9 4.55 4.35 -19.40
CA LEU A 9 3.78 3.46 -20.26
C LEU A 9 4.49 3.23 -21.60
N ALA A 10 4.77 4.34 -22.29
CA ALA A 10 5.45 4.28 -23.59
C ALA A 10 6.73 3.46 -23.48
N ARG A 11 7.45 3.63 -22.38
CA ARG A 11 8.70 2.91 -22.17
C ARG A 11 8.45 1.41 -22.01
N LEU A 12 7.35 1.07 -21.36
CA LEU A 12 7.00 -0.33 -21.14
C LEU A 12 6.59 -1.00 -22.45
N GLN A 13 5.92 -0.24 -23.32
CA GLN A 13 5.47 -0.76 -24.60
C GLN A 13 6.61 -0.72 -25.63
N ASP A 14 7.61 0.11 -25.35
CA ASP A 14 8.75 0.25 -26.25
C ASP A 14 9.87 -0.72 -25.87
N GLU A 15 10.02 -0.96 -24.58
CA GLU A 15 11.06 -1.87 -24.09
C GLU A 15 10.79 -3.29 -24.54
N LEU A 16 9.51 -3.64 -24.65
CA LEU A 16 9.11 -4.98 -25.07
C LEU A 16 7.59 -5.08 -25.22
N PRO A 17 7.14 -6.05 -26.03
CA PRO A 17 5.71 -6.27 -26.27
C PRO A 17 5.00 -6.83 -25.04
N ALA A 18 4.21 -5.98 -24.39
CA ALA A 18 3.47 -6.39 -23.19
C ALA A 18 2.26 -5.50 -22.97
N THR A 19 1.23 -5.69 -23.80
CA THR A 19 0.02 -4.89 -23.69
C THR A 19 -0.61 -5.03 -22.31
N GLU A 20 -0.21 -6.07 -21.58
CA GLU A 20 -0.73 -6.31 -20.24
C GLU A 20 -0.62 -5.07 -19.38
N PHE A 21 0.47 -4.33 -19.54
CA PHE A 21 0.71 -3.10 -18.79
C PHE A 21 -0.45 -2.12 -18.97
N SER A 22 -1.17 -2.27 -20.08
CA SER A 22 -2.29 -1.40 -20.39
C SER A 22 -3.56 -1.88 -19.69
N MET A 23 -3.52 -3.11 -19.20
CA MET A 23 -4.66 -3.69 -18.51
C MET A 23 -4.55 -3.49 -17.01
N TRP A 24 -3.32 -3.47 -16.50
CA TRP A 24 -3.08 -3.28 -15.07
C TRP A 24 -2.65 -1.85 -14.78
N ILE A 25 -3.07 -0.92 -15.63
CA ILE A 25 -2.73 0.49 -15.47
C ILE A 25 -3.86 1.39 -15.94
N ARG A 26 -4.64 0.89 -16.90
CA ARG A 26 -5.76 1.65 -17.45
C ARG A 26 -6.63 2.21 -16.32
N PRO A 27 -7.27 1.31 -15.56
CA PRO A 27 -8.13 1.69 -14.44
C PRO A 27 -7.35 2.29 -13.27
N LEU A 28 -6.04 2.10 -13.28
CA LEU A 28 -5.18 2.62 -12.23
C LEU A 28 -5.11 4.14 -12.29
N GLN A 29 -4.70 4.76 -11.18
CA GLN A 29 -4.59 6.20 -11.10
C GLN A 29 -3.21 6.62 -10.61
N ALA A 30 -2.40 7.15 -11.51
CA ALA A 30 -1.05 7.59 -11.16
C ALA A 30 -1.06 9.03 -10.66
N GLU A 31 -0.31 9.27 -9.58
CA GLU A 31 -0.23 10.61 -9.00
C GLU A 31 1.21 11.10 -8.98
N LEU A 32 1.45 12.21 -9.68
CA LEU A 32 2.79 12.79 -9.75
C LEU A 32 3.00 13.81 -8.63
N SER A 33 4.10 13.68 -7.91
CA SER A 33 4.41 14.57 -6.81
C SER A 33 5.74 15.30 -7.05
N ASP A 34 5.89 15.84 -8.26
CA ASP A 34 7.12 16.55 -8.62
C ASP A 34 8.24 15.57 -8.94
N ASN A 35 8.48 14.63 -8.03
CA ASN A 35 9.53 13.64 -8.21
C ASN A 35 9.10 12.29 -7.65
N THR A 36 7.79 12.08 -7.53
CA THR A 36 7.26 10.84 -7.01
C THR A 36 6.03 10.40 -7.79
N LEU A 37 6.15 9.30 -8.51
CA LEU A 37 5.04 8.76 -9.30
C LEU A 37 4.40 7.56 -8.62
N ALA A 38 3.28 7.79 -7.95
CA ALA A 38 2.57 6.73 -7.26
C ALA A 38 1.52 6.08 -8.16
N LEU A 39 1.13 4.85 -7.82
CA LEU A 39 0.13 4.13 -8.60
C LEU A 39 -1.03 3.68 -7.72
N TYR A 40 -2.22 4.16 -8.04
CA TYR A 40 -3.41 3.80 -7.27
C TYR A 40 -4.22 2.74 -8.00
N ALA A 41 -4.37 1.57 -7.37
CA ALA A 41 -5.12 0.47 -7.96
C ALA A 41 -6.42 0.24 -7.20
N PRO A 42 -7.34 -0.52 -7.82
CA PRO A 42 -8.64 -0.82 -7.22
C PRO A 42 -8.52 -1.78 -6.04
N ASN A 43 -7.32 -2.31 -5.83
CA ASN A 43 -7.07 -3.24 -4.73
C ASN A 43 -5.58 -3.49 -4.57
N ARG A 44 -5.23 -4.36 -3.62
CA ARG A 44 -3.84 -4.69 -3.35
C ARG A 44 -3.31 -5.67 -4.40
N PHE A 45 -4.21 -6.45 -4.98
CA PHE A 45 -3.83 -7.44 -5.99
C PHE A 45 -3.14 -6.77 -7.16
N VAL A 46 -3.83 -5.85 -7.83
CA VAL A 46 -3.27 -5.14 -8.97
C VAL A 46 -1.91 -4.54 -8.63
N LEU A 47 -1.84 -3.85 -7.50
CA LEU A 47 -0.60 -3.22 -7.07
C LEU A 47 0.55 -4.22 -7.09
N ASP A 48 0.39 -5.34 -6.38
CA ASP A 48 1.41 -6.37 -6.33
C ASP A 48 1.86 -6.75 -7.74
N TRP A 49 0.90 -6.96 -8.63
CA TRP A 49 1.21 -7.33 -10.01
C TRP A 49 1.97 -6.22 -10.72
N VAL A 50 1.42 -5.01 -10.68
CA VAL A 50 2.04 -3.85 -11.31
C VAL A 50 3.47 -3.66 -10.82
N ARG A 51 3.63 -3.62 -9.50
CA ARG A 51 4.94 -3.44 -8.89
C ARG A 51 5.88 -4.58 -9.28
N ASP A 52 5.31 -5.66 -9.80
CA ASP A 52 6.10 -6.81 -10.21
C ASP A 52 6.84 -6.54 -11.51
N LYS A 53 6.10 -6.10 -12.53
CA LYS A 53 6.68 -5.80 -13.83
C LYS A 53 6.84 -4.29 -14.01
N TYR A 54 5.72 -3.57 -13.96
CA TYR A 54 5.74 -2.12 -14.11
C TYR A 54 6.94 -1.50 -13.39
N LEU A 55 7.05 -1.79 -12.09
CA LEU A 55 8.15 -1.26 -11.30
C LEU A 55 9.48 -1.43 -12.02
N ASN A 56 9.89 -2.68 -12.21
CA ASN A 56 11.14 -2.98 -12.90
C ASN A 56 11.35 -2.04 -14.08
N ASN A 57 10.32 -1.90 -14.91
CA ASN A 57 10.40 -1.04 -16.08
C ASN A 57 10.65 0.41 -15.68
N ILE A 58 9.84 0.90 -14.74
CA ILE A 58 9.97 2.27 -14.27
C ILE A 58 11.40 2.55 -13.78
N ASN A 59 11.85 1.75 -12.82
CA ASN A 59 13.19 1.90 -12.27
C ASN A 59 14.23 2.03 -13.39
N GLY A 60 14.24 1.05 -14.28
CA GLY A 60 15.19 1.07 -15.38
C GLY A 60 15.14 2.37 -16.16
N LEU A 61 13.93 2.90 -16.35
CA LEU A 61 13.76 4.15 -17.08
C LEU A 61 14.27 5.34 -16.27
N LEU A 62 13.83 5.43 -15.02
CA LEU A 62 14.25 6.52 -14.14
C LEU A 62 15.76 6.71 -14.19
N THR A 63 16.49 5.62 -13.98
CA THR A 63 17.95 5.65 -14.00
C THR A 63 18.48 6.05 -15.37
N SER A 64 17.94 5.40 -16.41
CA SER A 64 18.35 5.68 -17.78
C SER A 64 17.99 7.10 -18.19
N PHE A 65 17.04 7.69 -17.46
CA PHE A 65 16.60 9.05 -17.74
C PHE A 65 17.56 10.07 -17.12
N CYS A 66 17.94 9.84 -15.88
CA CYS A 66 18.86 10.73 -15.18
C CYS A 66 19.93 9.94 -14.44
N GLY A 67 19.51 8.94 -13.68
CA GLY A 67 20.46 8.13 -12.93
C GLY A 67 20.73 8.69 -11.55
N ALA A 68 20.01 8.18 -10.55
CA ALA A 68 20.18 8.63 -9.18
C ALA A 68 19.56 10.00 -8.96
N ASP A 69 19.06 10.59 -10.04
CA ASP A 69 18.43 11.91 -9.97
C ASP A 69 16.95 11.82 -10.33
N ALA A 70 16.57 10.74 -11.02
CA ALA A 70 15.18 10.54 -11.41
C ALA A 70 14.28 10.37 -10.19
N PRO A 71 12.96 10.48 -10.40
CA PRO A 71 11.98 10.35 -9.33
C PRO A 71 11.86 8.92 -8.81
N GLN A 72 10.83 8.65 -8.04
CA GLN A 72 10.61 7.33 -7.47
C GLN A 72 9.19 6.84 -7.73
N LEU A 73 9.02 5.52 -7.82
CA LEU A 73 7.71 4.94 -8.08
C LEU A 73 7.05 4.51 -6.77
N ARG A 74 5.75 4.81 -6.65
CA ARG A 74 5.00 4.46 -5.45
C ARG A 74 3.73 3.71 -5.81
N PHE A 75 3.03 3.21 -4.80
CA PHE A 75 1.79 2.46 -5.01
C PHE A 75 0.80 2.73 -3.87
N GLU A 76 -0.48 2.47 -4.15
CA GLU A 76 -1.53 2.69 -3.15
C GLU A 76 -2.78 1.90 -3.50
N VAL A 77 -3.41 1.31 -2.49
CA VAL A 77 -4.61 0.52 -2.69
C VAL A 77 -5.86 1.36 -2.48
N GLY A 78 -6.56 1.68 -3.57
CA GLY A 78 -7.76 2.48 -3.47
C GLY A 78 -8.77 1.90 -2.49
N THR A 79 -9.60 0.98 -2.98
CA THR A 79 -10.61 0.36 -2.13
C THR A 79 -10.10 -0.96 -1.55
N LYS A 80 -10.35 -1.17 -0.26
CA LYS A 80 -9.92 -2.38 0.41
C LYS A 80 -11.13 -3.23 0.83
N PRO A 81 -10.90 -4.53 1.03
CA PRO A 81 -11.95 -5.47 1.42
C PRO A 81 -12.41 -5.24 2.86
N VAL A 82 -13.51 -5.91 3.23
CA VAL A 82 -14.07 -5.77 4.57
C VAL A 82 -14.61 -7.10 5.07
N THR A 83 -14.54 -7.30 6.39
CA THR A 83 -15.02 -8.54 7.00
C THR A 83 -15.35 -8.32 8.48
N GLN A 84 -16.47 -8.87 8.91
CA GLN A 84 -16.91 -8.74 10.30
C GLN A 84 -18.15 -9.59 10.57
N THR A 85 -18.50 -9.73 11.84
CA THR A 85 -19.68 -10.51 12.23
C THR A 85 -20.23 -10.03 13.57
N PRO A 86 -21.51 -10.36 13.82
CA PRO A 86 -22.18 -9.98 15.07
C PRO A 86 -21.64 -10.73 16.28
N GLN A 87 -21.99 -10.25 17.46
CA GLN A 87 -21.53 -10.89 18.70
C GLN A 87 -22.20 -10.24 19.92
N ALA A 88 -22.75 -11.08 20.79
CA ALA A 88 -23.42 -10.58 21.99
C ALA A 88 -23.92 -11.73 22.85
N ALA A 89 -24.29 -11.44 24.09
CA ALA A 89 -24.80 -12.45 25.01
C ALA A 89 -25.21 -11.83 26.34
N VAL A 90 -26.26 -12.37 26.94
CA VAL A 90 -26.76 -11.87 28.22
C VAL A 90 -27.32 -13.00 29.07
N THR A 91 -27.14 -12.89 30.39
CA THR A 91 -27.63 -13.91 31.30
C THR A 91 -27.46 -13.46 32.76
N SER A 92 -28.39 -13.88 33.61
CA SER A 92 -28.34 -13.52 35.03
C SER A 92 -29.47 -14.19 35.79
N ASN A 93 -29.35 -14.22 37.12
CA ASN A 93 -30.36 -14.83 37.97
C ASN A 93 -29.99 -14.69 39.44
N VAL A 94 -30.96 -14.30 40.26
CA VAL A 94 -30.74 -14.12 41.69
C VAL A 94 -31.94 -14.62 42.49
N ALA A 95 -31.67 -15.11 43.70
CA ALA A 95 -32.72 -15.61 44.57
C ALA A 95 -32.16 -16.07 45.91
N ALA A 96 -32.96 -15.95 46.96
CA ALA A 96 -32.53 -16.35 48.30
C ALA A 96 -33.73 -16.74 49.16
N PRO A 97 -33.47 -17.50 50.24
CA PRO A 97 -34.51 -17.95 51.16
C PRO A 97 -35.10 -16.80 51.98
N ALA A 98 -35.98 -17.15 52.92
CA ALA A 98 -36.60 -16.14 53.78
C ALA A 98 -37.52 -16.80 54.80
N GLN A 99 -37.32 -16.48 56.07
CA GLN A 99 -38.13 -17.04 57.14
C GLN A 99 -37.95 -16.25 58.44
N VAL A 100 -38.85 -16.47 59.39
CA VAL A 100 -38.78 -15.78 60.67
C VAL A 100 -39.84 -16.31 61.63
N ALA A 101 -39.55 -16.24 62.93
CA ALA A 101 -40.46 -16.71 63.96
C ALA A 101 -39.97 -16.34 65.35
N GLN A 102 -40.86 -16.45 66.33
CA GLN A 102 -40.51 -16.13 67.72
C GLN A 102 -41.69 -16.39 68.64
N THR A 103 -41.39 -16.76 69.89
CA THR A 103 -42.42 -17.03 70.87
C THR A 103 -41.82 -17.38 72.23
N GLN A 104 -42.57 -17.13 73.29
CA GLN A 104 -42.10 -17.42 74.65
C GLN A 104 -43.21 -17.20 75.67
N PRO A 105 -44.21 -18.09 75.68
CA PRO A 105 -45.34 -18.01 76.58
C PRO A 105 -44.95 -18.31 78.03
N GLN A 106 -45.56 -17.59 78.97
CA GLN A 106 -45.27 -17.77 80.38
C GLN A 106 -46.49 -17.43 81.24
N ARG A 107 -46.37 -17.65 82.54
CA ARG A 107 -47.46 -17.37 83.47
C ARG A 107 -47.75 -15.87 83.52
N SER A 1 3.57 18.52 -20.21
CA SER A 1 3.93 17.69 -21.36
C SER A 1 4.97 16.65 -20.96
N LEU A 2 4.78 15.42 -21.41
CA LEU A 2 5.71 14.33 -21.11
C LEU A 2 5.81 14.12 -19.60
N SER A 3 4.75 13.60 -19.01
CA SER A 3 4.72 13.35 -17.56
C SER A 3 5.37 12.01 -17.24
N LEU A 4 5.68 11.81 -15.97
CA LEU A 4 6.31 10.57 -15.52
C LEU A 4 5.51 9.35 -16.00
N TRP A 5 4.27 9.24 -15.55
CA TRP A 5 3.41 8.13 -15.93
C TRP A 5 3.45 7.91 -17.43
N GLN A 6 3.03 8.92 -18.19
CA GLN A 6 3.02 8.84 -19.65
C GLN A 6 4.29 8.18 -20.16
N GLN A 7 5.44 8.68 -19.71
CA GLN A 7 6.73 8.14 -20.12
C GLN A 7 6.87 6.69 -19.70
N CYS A 8 6.49 6.39 -18.47
CA CYS A 8 6.58 5.03 -17.94
C CYS A 8 5.86 4.05 -18.86
N LEU A 9 4.68 4.44 -19.33
CA LEU A 9 3.89 3.60 -20.21
C LEU A 9 4.57 3.45 -21.58
N ALA A 10 4.83 4.58 -22.21
CA ALA A 10 5.47 4.58 -23.52
C ALA A 10 6.73 3.73 -23.52
N ARG A 11 7.50 3.81 -22.43
CA ARG A 11 8.74 3.04 -22.31
C ARG A 11 8.43 1.56 -22.19
N LEU A 12 7.41 1.22 -21.42
CA LEU A 12 7.02 -0.18 -21.22
C LEU A 12 6.42 -0.76 -22.50
N GLN A 13 5.79 0.09 -23.30
CA GLN A 13 5.18 -0.34 -24.54
C GLN A 13 6.18 -0.25 -25.69
N ASP A 14 7.25 0.50 -25.48
CA ASP A 14 8.28 0.66 -26.49
C ASP A 14 9.37 -0.42 -26.36
N GLU A 15 9.70 -0.75 -25.11
CA GLU A 15 10.72 -1.75 -24.85
C GLU A 15 10.31 -3.11 -25.42
N LEU A 16 9.01 -3.40 -25.37
CA LEU A 16 8.49 -4.66 -25.89
C LEU A 16 6.97 -4.70 -25.78
N PRO A 17 6.33 -5.50 -26.65
CA PRO A 17 4.87 -5.65 -26.67
C PRO A 17 4.36 -6.40 -25.45
N ALA A 18 3.85 -5.66 -24.47
CA ALA A 18 3.32 -6.27 -23.25
C ALA A 18 2.01 -5.61 -22.83
N THR A 19 0.89 -6.12 -23.37
CA THR A 19 -0.41 -5.58 -23.05
C THR A 19 -0.70 -5.68 -21.55
N GLU A 20 0.08 -6.49 -20.86
CA GLU A 20 -0.10 -6.68 -19.42
C GLU A 20 -0.25 -5.33 -18.71
N PHE A 21 0.81 -4.54 -18.72
CA PHE A 21 0.79 -3.23 -18.08
C PHE A 21 -0.38 -2.40 -18.58
N SER A 22 -0.77 -2.61 -19.83
CA SER A 22 -1.88 -1.88 -20.43
C SER A 22 -3.19 -2.21 -19.74
N MET A 23 -3.18 -3.30 -18.95
CA MET A 23 -4.37 -3.73 -18.24
C MET A 23 -4.24 -3.46 -16.75
N TRP A 24 -3.00 -3.49 -16.25
CA TRP A 24 -2.73 -3.24 -14.84
C TRP A 24 -2.24 -1.81 -14.62
N ILE A 25 -2.70 -0.90 -15.46
CA ILE A 25 -2.30 0.51 -15.36
C ILE A 25 -3.40 1.42 -15.90
N ARG A 26 -4.10 0.95 -16.92
CA ARG A 26 -5.17 1.73 -17.53
C ARG A 26 -6.22 2.14 -16.49
N PRO A 27 -6.80 1.13 -15.82
CA PRO A 27 -7.82 1.35 -14.79
C PRO A 27 -7.24 1.99 -13.53
N LEU A 28 -5.91 2.10 -13.48
CA LEU A 28 -5.23 2.69 -12.33
C LEU A 28 -5.10 4.20 -12.50
N GLN A 29 -4.97 4.89 -11.38
CA GLN A 29 -4.83 6.35 -11.39
C GLN A 29 -3.47 6.77 -10.86
N ALA A 30 -2.62 7.28 -11.74
CA ALA A 30 -1.29 7.72 -11.36
C ALA A 30 -1.32 9.17 -10.88
N GLU A 31 -0.29 9.54 -10.10
CA GLU A 31 -0.20 10.90 -9.57
C GLU A 31 1.26 11.30 -9.35
N LEU A 32 1.66 12.42 -9.95
CA LEU A 32 3.02 12.91 -9.82
C LEU A 32 3.15 13.85 -8.62
N SER A 33 3.97 13.46 -7.65
CA SER A 33 4.19 14.27 -6.45
C SER A 33 5.64 14.73 -6.36
N ASP A 34 6.21 15.14 -7.49
CA ASP A 34 7.59 15.58 -7.52
C ASP A 34 8.55 14.44 -7.25
N ASN A 35 9.09 13.86 -8.32
CA ASN A 35 10.02 12.75 -8.19
C ASN A 35 9.35 11.54 -7.56
N THR A 36 8.02 11.56 -7.52
CA THR A 36 7.25 10.47 -6.93
C THR A 36 6.02 10.15 -7.77
N LEU A 37 6.04 9.01 -8.44
CA LEU A 37 4.93 8.59 -9.28
C LEU A 37 4.09 7.51 -8.59
N ALA A 38 2.99 7.94 -7.97
CA ALA A 38 2.11 7.01 -7.27
C ALA A 38 0.96 6.56 -8.16
N LEU A 39 0.36 5.43 -7.82
CA LEU A 39 -0.75 4.89 -8.61
C LEU A 39 -1.85 4.36 -7.69
N TYR A 40 -3.09 4.41 -8.17
CA TYR A 40 -4.22 3.93 -7.39
C TYR A 40 -4.90 2.75 -8.10
N ALA A 41 -4.99 1.63 -7.40
CA ALA A 41 -5.62 0.43 -7.95
C ALA A 41 -6.88 0.06 -7.17
N PRO A 42 -7.74 -0.76 -7.79
CA PRO A 42 -8.99 -1.21 -7.17
C PRO A 42 -8.76 -2.16 -6.00
N ASN A 43 -7.53 -2.67 -5.88
CA ASN A 43 -7.17 -3.58 -4.81
C ASN A 43 -5.66 -3.63 -4.61
N ARG A 44 -5.22 -4.43 -3.65
CA ARG A 44 -3.80 -4.57 -3.35
C ARG A 44 -3.14 -5.52 -4.34
N PHE A 45 -3.90 -6.46 -4.86
CA PHE A 45 -3.39 -7.43 -5.82
C PHE A 45 -2.70 -6.73 -6.98
N VAL A 46 -3.34 -5.70 -7.51
CA VAL A 46 -2.79 -4.94 -8.63
C VAL A 46 -1.48 -4.25 -8.24
N LEU A 47 -1.49 -3.63 -7.07
CA LEU A 47 -0.30 -2.93 -6.57
C LEU A 47 0.93 -3.82 -6.67
N ASP A 48 0.88 -4.96 -5.99
CA ASP A 48 2.00 -5.91 -5.99
C ASP A 48 2.35 -6.32 -7.41
N TRP A 49 1.34 -6.68 -8.19
CA TRP A 49 1.55 -7.10 -9.57
C TRP A 49 2.32 -6.04 -10.35
N VAL A 50 1.79 -4.83 -10.36
CA VAL A 50 2.43 -3.72 -11.07
C VAL A 50 3.88 -3.55 -10.63
N ARG A 51 4.11 -3.59 -9.32
CA ARG A 51 5.44 -3.44 -8.75
C ARG A 51 6.34 -4.60 -9.17
N ASP A 52 5.72 -5.65 -9.71
CA ASP A 52 6.46 -6.82 -10.15
C ASP A 52 7.13 -6.58 -11.50
N LYS A 53 6.34 -6.13 -12.47
CA LYS A 53 6.85 -5.85 -13.81
C LYS A 53 7.06 -4.36 -14.01
N TYR A 54 5.98 -3.59 -13.94
CA TYR A 54 6.05 -2.15 -14.11
C TYR A 54 7.29 -1.57 -13.43
N LEU A 55 7.44 -1.86 -12.14
CA LEU A 55 8.58 -1.37 -11.38
C LEU A 55 9.87 -1.55 -12.16
N ASN A 56 10.25 -2.80 -12.39
CA ASN A 56 11.48 -3.11 -13.12
C ASN A 56 11.63 -2.18 -14.33
N ASN A 57 10.58 -2.08 -15.14
CA ASN A 57 10.60 -1.22 -16.31
C ASN A 57 10.87 0.23 -15.93
N ILE A 58 9.99 0.79 -15.09
CA ILE A 58 10.14 2.17 -14.64
C ILE A 58 11.55 2.44 -14.14
N ASN A 59 11.97 1.67 -13.14
CA ASN A 59 13.30 1.82 -12.57
C ASN A 59 14.35 1.95 -13.66
N GLY A 60 14.38 0.99 -14.58
CA GLY A 60 15.34 1.01 -15.66
C GLY A 60 15.33 2.32 -16.42
N LEU A 61 14.14 2.89 -16.58
CA LEU A 61 14.00 4.16 -17.29
C LEU A 61 14.47 5.33 -16.43
N LEU A 62 13.96 5.40 -15.19
CA LEU A 62 14.33 6.46 -14.28
C LEU A 62 15.84 6.67 -14.27
N THR A 63 16.59 5.58 -14.15
CA THR A 63 18.04 5.65 -14.13
C THR A 63 18.60 5.90 -15.52
N SER A 64 18.01 5.25 -16.52
CA SER A 64 18.44 5.40 -17.90
C SER A 64 18.21 6.83 -18.39
N PHE A 65 17.35 7.55 -17.69
CA PHE A 65 17.03 8.92 -18.06
C PHE A 65 18.10 9.89 -17.53
N CYS A 66 18.40 9.77 -16.24
CA CYS A 66 19.40 10.62 -15.61
C CYS A 66 20.29 9.82 -14.68
N GLY A 67 19.67 9.03 -13.81
CA GLY A 67 20.43 8.21 -12.87
C GLY A 67 20.41 8.78 -11.47
N ALA A 68 20.94 9.99 -11.31
CA ALA A 68 20.98 10.64 -10.01
C ALA A 68 19.67 11.35 -9.70
N ASP A 69 18.73 11.25 -10.63
CA ASP A 69 17.42 11.89 -10.47
C ASP A 69 16.30 10.85 -10.49
N ALA A 70 16.65 9.61 -10.82
CA ALA A 70 15.68 8.52 -10.87
C ALA A 70 14.76 8.56 -9.67
N PRO A 71 13.51 8.98 -9.90
CA PRO A 71 12.50 9.06 -8.83
C PRO A 71 12.06 7.69 -8.34
N GLN A 72 10.94 7.66 -7.60
CA GLN A 72 10.41 6.42 -7.07
C GLN A 72 8.95 6.25 -7.43
N LEU A 73 8.47 5.01 -7.37
CA LEU A 73 7.07 4.72 -7.70
C LEU A 73 6.27 4.43 -6.44
N ARG A 74 4.98 4.73 -6.48
CA ARG A 74 4.10 4.50 -5.34
C ARG A 74 2.81 3.80 -5.77
N PHE A 75 2.20 3.05 -4.86
CA PHE A 75 0.96 2.34 -5.15
C PHE A 75 0.01 2.41 -3.97
N GLU A 76 -1.29 2.40 -4.26
CA GLU A 76 -2.30 2.46 -3.21
C GLU A 76 -3.61 1.83 -3.69
N VAL A 77 -4.49 1.52 -2.74
CA VAL A 77 -5.78 0.90 -3.06
C VAL A 77 -6.91 1.91 -2.97
N GLY A 78 -7.43 2.31 -4.13
CA GLY A 78 -8.52 3.27 -4.18
C GLY A 78 -9.65 2.91 -3.23
N THR A 79 -9.83 1.62 -3.00
CA THR A 79 -10.89 1.13 -2.13
C THR A 79 -10.45 1.15 -0.67
N LYS A 80 -11.40 1.27 0.24
CA LYS A 80 -11.11 1.30 1.67
C LYS A 80 -11.67 0.07 2.36
N PRO A 81 -11.12 -0.25 3.55
CA PRO A 81 -11.55 -1.41 4.34
C PRO A 81 -12.94 -1.21 4.94
N VAL A 82 -13.49 -2.26 5.50
CA VAL A 82 -14.81 -2.21 6.12
C VAL A 82 -14.72 -1.95 7.61
N THR A 83 -15.70 -1.23 8.16
CA THR A 83 -15.72 -0.91 9.57
C THR A 83 -16.91 -1.59 10.27
N GLN A 84 -16.61 -2.36 11.31
CA GLN A 84 -17.64 -3.06 12.07
C GLN A 84 -17.04 -3.86 13.21
N THR A 85 -17.19 -3.36 14.43
CA THR A 85 -16.66 -4.03 15.61
C THR A 85 -17.55 -3.80 16.82
N PRO A 86 -18.70 -4.47 16.83
CA PRO A 86 -19.68 -4.36 17.94
C PRO A 86 -19.16 -5.00 19.23
N GLN A 87 -19.90 -4.79 20.31
CA GLN A 87 -19.51 -5.35 21.60
C GLN A 87 -20.53 -4.98 22.67
N ALA A 88 -20.69 -5.86 23.66
CA ALA A 88 -21.64 -5.63 24.75
C ALA A 88 -21.59 -6.76 25.77
N ALA A 89 -21.89 -6.44 27.02
CA ALA A 89 -21.89 -7.44 28.09
C ALA A 89 -22.30 -6.81 29.42
N VAL A 90 -23.09 -7.55 30.19
CA VAL A 90 -23.56 -7.07 31.49
C VAL A 90 -23.73 -8.22 32.46
N THR A 91 -23.58 -7.93 33.75
CA THR A 91 -23.72 -8.93 34.80
C THR A 91 -23.56 -8.33 36.18
N SER A 92 -24.25 -8.90 37.16
CA SER A 92 -24.19 -8.41 38.54
C SER A 92 -25.06 -9.25 39.46
N ASN A 93 -24.60 -9.44 40.69
CA ASN A 93 -25.34 -10.22 41.67
C ASN A 93 -24.61 -10.25 43.01
N VAL A 94 -25.31 -9.89 44.07
CA VAL A 94 -24.73 -9.87 45.41
C VAL A 94 -25.72 -10.40 46.45
N ALA A 95 -25.20 -11.06 47.47
CA ALA A 95 -26.03 -11.61 48.53
C ALA A 95 -25.19 -12.29 49.61
N ALA A 96 -25.61 -12.15 50.86
CA ALA A 96 -24.90 -12.75 51.97
C ALA A 96 -25.59 -12.47 53.30
N PRO A 97 -26.72 -13.16 53.52
CA PRO A 97 -27.51 -13.01 54.75
C PRO A 97 -26.81 -13.57 55.97
N ALA A 98 -27.38 -13.32 57.14
CA ALA A 98 -26.80 -13.80 58.40
C ALA A 98 -27.66 -13.41 59.59
N GLN A 99 -27.56 -14.18 60.67
CA GLN A 99 -28.34 -13.92 61.87
C GLN A 99 -28.02 -14.94 62.96
N VAL A 100 -28.02 -14.48 64.21
CA VAL A 100 -27.74 -15.35 65.34
C VAL A 100 -27.91 -14.61 66.66
N ALA A 101 -28.32 -15.35 67.69
CA ALA A 101 -28.51 -14.75 69.01
C ALA A 101 -28.93 -15.82 70.03
N GLN A 102 -28.74 -15.52 71.30
CA GLN A 102 -29.09 -16.44 72.37
C GLN A 102 -28.80 -15.84 73.74
N THR A 103 -29.37 -16.44 74.79
CA THR A 103 -29.17 -15.97 76.15
C THR A 103 -29.89 -16.85 77.15
N GLN A 104 -29.34 -16.95 78.35
CA GLN A 104 -29.94 -17.76 79.41
C GLN A 104 -29.18 -17.60 80.72
N PRO A 105 -29.35 -16.44 81.36
CA PRO A 105 -28.68 -16.13 82.63
C PRO A 105 -29.24 -16.97 83.78
N GLN A 106 -28.80 -16.66 85.01
CA GLN A 106 -29.25 -17.37 86.19
C GLN A 106 -28.97 -16.57 87.45
N ARG A 107 -29.39 -17.10 88.59
CA ARG A 107 -29.20 -16.43 89.87
C ARG A 107 -28.60 -17.38 90.90
N SER A 1 6.14 18.12 -23.97
CA SER A 1 5.88 17.81 -22.56
C SER A 1 5.51 16.34 -22.41
N LEU A 2 6.10 15.70 -21.40
CA LEU A 2 5.82 14.29 -21.13
C LEU A 2 5.79 14.03 -19.63
N SER A 3 4.62 13.67 -19.12
CA SER A 3 4.45 13.38 -17.70
C SER A 3 5.10 12.05 -17.33
N LEU A 4 5.41 11.88 -16.05
CA LEU A 4 6.02 10.65 -15.57
C LEU A 4 5.24 9.43 -16.03
N TRP A 5 3.96 9.37 -15.64
CA TRP A 5 3.11 8.25 -16.02
C TRP A 5 3.19 7.97 -17.52
N GLN A 6 2.88 8.99 -18.32
CA GLN A 6 2.92 8.86 -19.77
C GLN A 6 4.19 8.13 -20.21
N GLN A 7 5.35 8.65 -19.81
CA GLN A 7 6.62 8.04 -20.17
C GLN A 7 6.66 6.58 -19.75
N CYS A 8 6.26 6.30 -18.52
CA CYS A 8 6.24 4.94 -18.00
C CYS A 8 5.51 4.00 -18.94
N LEU A 9 4.36 4.47 -19.45
CA LEU A 9 3.56 3.67 -20.35
C LEU A 9 4.29 3.41 -21.66
N ALA A 10 4.67 4.49 -22.34
CA ALA A 10 5.39 4.38 -23.61
C ALA A 10 6.62 3.49 -23.46
N ARG A 11 7.38 3.70 -22.38
CA ARG A 11 8.58 2.92 -22.12
C ARG A 11 8.25 1.43 -21.99
N LEU A 12 7.12 1.14 -21.36
CA LEU A 12 6.69 -0.24 -21.16
C LEU A 12 6.45 -0.93 -22.51
N GLN A 13 5.52 -0.39 -23.29
CA GLN A 13 5.21 -0.96 -24.60
C GLN A 13 6.40 -0.83 -25.54
N ASP A 14 7.34 0.04 -25.20
CA ASP A 14 8.53 0.25 -26.02
C ASP A 14 9.58 -0.82 -25.73
N GLU A 15 9.83 -1.06 -24.46
CA GLU A 15 10.81 -2.06 -24.05
C GLU A 15 10.39 -3.45 -24.48
N LEU A 16 9.08 -3.67 -24.56
CA LEU A 16 8.54 -4.96 -24.96
C LEU A 16 7.05 -4.85 -25.29
N PRO A 17 6.53 -5.85 -26.02
CA PRO A 17 5.12 -5.90 -26.41
C PRO A 17 4.19 -6.14 -25.21
N ALA A 18 4.78 -6.35 -24.05
CA ALA A 18 4.01 -6.60 -22.84
C ALA A 18 2.89 -5.57 -22.68
N THR A 19 1.68 -5.96 -23.05
CA THR A 19 0.52 -5.08 -22.95
C THR A 19 -0.11 -5.15 -21.57
N GLU A 20 0.34 -6.10 -20.77
CA GLU A 20 -0.19 -6.28 -19.42
C GLU A 20 -0.40 -4.94 -18.74
N PHE A 21 0.65 -4.12 -18.71
CA PHE A 21 0.59 -2.80 -18.10
C PHE A 21 -0.65 -2.04 -18.56
N SER A 22 -0.92 -2.10 -19.86
CA SER A 22 -2.08 -1.42 -20.44
C SER A 22 -3.36 -1.85 -19.75
N MET A 23 -3.33 -3.04 -19.15
CA MET A 23 -4.51 -3.57 -18.45
C MET A 23 -4.39 -3.34 -16.95
N TRP A 24 -3.16 -3.28 -16.45
CA TRP A 24 -2.91 -3.07 -15.04
C TRP A 24 -2.46 -1.63 -14.77
N ILE A 25 -2.89 -0.71 -15.63
CA ILE A 25 -2.53 0.69 -15.48
C ILE A 25 -3.66 1.60 -15.98
N ARG A 26 -4.28 1.21 -17.08
CA ARG A 26 -5.37 1.99 -17.66
C ARG A 26 -6.40 2.35 -16.60
N PRO A 27 -6.97 1.32 -15.96
CA PRO A 27 -7.99 1.50 -14.92
C PRO A 27 -7.41 2.09 -13.64
N LEU A 28 -6.08 2.15 -13.58
CA LEU A 28 -5.39 2.70 -12.41
C LEU A 28 -5.24 4.21 -12.52
N GLN A 29 -4.82 4.84 -11.43
CA GLN A 29 -4.64 6.28 -11.41
C GLN A 29 -3.28 6.65 -10.82
N ALA A 30 -2.39 7.14 -11.67
CA ALA A 30 -1.05 7.53 -11.23
C ALA A 30 -1.04 8.97 -10.73
N GLU A 31 -0.24 9.22 -9.70
CA GLU A 31 -0.14 10.56 -9.12
C GLU A 31 1.32 10.98 -8.98
N LEU A 32 1.65 12.13 -9.57
CA LEU A 32 3.01 12.65 -9.52
C LEU A 32 3.21 13.53 -8.30
N SER A 33 4.34 13.34 -7.61
CA SER A 33 4.65 14.11 -6.41
C SER A 33 5.85 15.02 -6.66
N ASP A 34 6.11 15.32 -7.92
CA ASP A 34 7.23 16.18 -8.29
C ASP A 34 8.54 15.39 -8.28
N ASN A 35 8.50 14.19 -7.73
CA ASN A 35 9.67 13.34 -7.66
C ASN A 35 9.30 11.90 -7.33
N THR A 36 8.01 11.58 -7.49
CA THR A 36 7.51 10.23 -7.22
C THR A 36 6.18 9.99 -7.91
N LEU A 37 6.11 8.92 -8.69
CA LEU A 37 4.89 8.57 -9.41
C LEU A 37 4.20 7.38 -8.75
N ALA A 38 3.17 7.66 -7.95
CA ALA A 38 2.42 6.62 -7.26
C ALA A 38 1.34 6.03 -8.17
N LEU A 39 0.87 4.85 -7.83
CA LEU A 39 -0.16 4.18 -8.61
C LEU A 39 -1.35 3.81 -7.73
N TYR A 40 -2.54 4.19 -8.19
CA TYR A 40 -3.77 3.90 -7.45
C TYR A 40 -4.55 2.79 -8.12
N ALA A 41 -4.71 1.67 -7.40
CA ALA A 41 -5.44 0.53 -7.92
C ALA A 41 -6.67 0.23 -7.06
N PRO A 42 -7.61 -0.54 -7.62
CA PRO A 42 -8.86 -0.91 -6.93
C PRO A 42 -8.60 -1.89 -5.78
N ASN A 43 -7.41 -2.46 -5.76
CA ASN A 43 -7.03 -3.41 -4.71
C ASN A 43 -5.52 -3.58 -4.63
N ARG A 44 -5.06 -4.30 -3.62
CA ARG A 44 -3.64 -4.54 -3.43
C ARG A 44 -3.09 -5.49 -4.48
N PHE A 45 -3.95 -6.40 -4.95
CA PHE A 45 -3.55 -7.37 -5.97
C PHE A 45 -2.86 -6.68 -7.15
N VAL A 46 -3.54 -5.69 -7.71
CA VAL A 46 -3.00 -4.95 -8.85
C VAL A 46 -1.65 -4.34 -8.51
N LEU A 47 -1.55 -3.77 -7.32
CA LEU A 47 -0.30 -3.15 -6.86
C LEU A 47 0.86 -4.13 -6.95
N ASP A 48 0.72 -5.27 -6.27
CA ASP A 48 1.76 -6.29 -6.27
C ASP A 48 2.16 -6.65 -7.70
N TRP A 49 1.16 -6.94 -8.53
CA TRP A 49 1.41 -7.31 -9.92
C TRP A 49 2.15 -6.20 -10.65
N VAL A 50 1.58 -5.01 -10.66
CA VAL A 50 2.20 -3.86 -11.33
C VAL A 50 3.64 -3.66 -10.85
N ARG A 51 3.82 -3.69 -9.53
CA ARG A 51 5.15 -3.51 -8.95
C ARG A 51 6.09 -4.64 -9.37
N ASP A 52 5.51 -5.71 -9.92
CA ASP A 52 6.30 -6.84 -10.37
C ASP A 52 6.99 -6.54 -11.69
N LYS A 53 6.21 -6.17 -12.69
CA LYS A 53 6.74 -5.86 -14.01
C LYS A 53 6.90 -4.35 -14.18
N TYR A 54 5.78 -3.64 -14.15
CA TYR A 54 5.79 -2.20 -14.31
C TYR A 54 6.99 -1.57 -13.61
N LEU A 55 7.13 -1.88 -12.32
CA LEU A 55 8.24 -1.35 -11.54
C LEU A 55 9.56 -1.48 -12.29
N ASN A 56 9.98 -2.72 -12.55
CA ASN A 56 11.23 -2.98 -13.27
C ASN A 56 11.39 -2.00 -14.43
N ASN A 57 10.32 -1.82 -15.20
CA ASN A 57 10.34 -0.91 -16.34
C ASN A 57 10.55 0.53 -15.88
N ILE A 58 9.70 0.99 -14.97
CA ILE A 58 9.79 2.34 -14.45
C ILE A 58 11.18 2.63 -13.90
N ASN A 59 11.61 1.84 -12.93
CA ASN A 59 12.94 2.01 -12.33
C ASN A 59 14.01 2.11 -13.40
N GLY A 60 14.05 1.12 -14.30
CA GLY A 60 15.03 1.13 -15.36
C GLY A 60 15.06 2.43 -16.12
N LEU A 61 13.89 3.01 -16.34
CA LEU A 61 13.78 4.27 -17.07
C LEU A 61 14.31 5.43 -16.24
N LEU A 62 13.85 5.52 -14.99
CA LEU A 62 14.28 6.58 -14.09
C LEU A 62 15.80 6.70 -14.09
N THR A 63 16.48 5.58 -13.89
CA THR A 63 17.93 5.56 -13.86
C THR A 63 18.51 5.94 -15.22
N SER A 64 17.99 5.33 -16.28
CA SER A 64 18.45 5.60 -17.64
C SER A 64 18.17 7.05 -18.03
N PHE A 65 17.22 7.67 -17.34
CA PHE A 65 16.86 9.05 -17.61
C PHE A 65 17.84 10.02 -16.96
N CYS A 66 18.18 9.75 -15.70
CA CYS A 66 19.11 10.60 -14.97
C CYS A 66 20.13 9.74 -14.20
N GLY A 67 19.63 8.76 -13.47
CA GLY A 67 20.50 7.89 -12.70
C GLY A 67 20.72 8.39 -11.28
N ALA A 68 19.93 7.88 -10.35
CA ALA A 68 20.03 8.28 -8.95
C ALA A 68 19.46 9.67 -8.73
N ASP A 69 19.05 10.32 -9.82
CA ASP A 69 18.48 11.66 -9.74
C ASP A 69 17.00 11.64 -10.12
N ALA A 70 16.58 10.58 -10.81
CA ALA A 70 15.19 10.44 -11.21
C ALA A 70 14.28 10.16 -10.03
N PRO A 71 12.97 10.33 -10.22
CA PRO A 71 11.97 10.09 -9.17
C PRO A 71 11.83 8.61 -8.83
N GLN A 72 10.81 8.29 -8.04
CA GLN A 72 10.57 6.91 -7.65
C GLN A 72 9.12 6.51 -7.93
N LEU A 73 8.85 5.21 -7.87
CA LEU A 73 7.50 4.70 -8.12
C LEU A 73 6.82 4.31 -6.82
N ARG A 74 5.51 4.54 -6.74
CA ARG A 74 4.74 4.21 -5.55
C ARG A 74 3.47 3.45 -5.92
N PHE A 75 2.87 2.80 -4.93
CA PHE A 75 1.65 2.03 -5.14
C PHE A 75 0.70 2.17 -3.96
N GLU A 76 -0.60 2.09 -4.24
CA GLU A 76 -1.62 2.21 -3.21
C GLU A 76 -2.99 1.84 -3.74
N VAL A 77 -3.90 1.47 -2.84
CA VAL A 77 -5.25 1.10 -3.23
C VAL A 77 -6.20 2.28 -3.16
N GLY A 78 -6.58 2.80 -4.31
CA GLY A 78 -7.48 3.94 -4.37
C GLY A 78 -8.76 3.70 -3.59
N THR A 79 -9.64 2.87 -4.15
CA THR A 79 -10.91 2.56 -3.50
C THR A 79 -10.75 1.42 -2.50
N LYS A 80 -11.30 1.61 -1.30
CA LYS A 80 -11.23 0.60 -0.26
C LYS A 80 -12.61 0.03 0.05
N PRO A 81 -12.64 -1.17 0.66
CA PRO A 81 -13.89 -1.84 1.02
C PRO A 81 -14.61 -1.15 2.17
N VAL A 82 -15.85 -1.55 2.42
CA VAL A 82 -16.65 -0.97 3.49
C VAL A 82 -16.47 -1.74 4.79
N THR A 83 -16.54 -1.03 5.91
CA THR A 83 -16.38 -1.65 7.22
C THR A 83 -17.18 -0.90 8.28
N GLN A 84 -17.82 -1.65 9.18
CA GLN A 84 -18.61 -1.06 10.25
C GLN A 84 -19.21 -2.13 11.14
N THR A 85 -18.80 -2.13 12.41
CA THR A 85 -19.29 -3.12 13.37
C THR A 85 -19.74 -2.43 14.65
N PRO A 86 -20.87 -1.72 14.57
CA PRO A 86 -21.43 -1.00 15.73
C PRO A 86 -22.01 -1.96 16.78
N GLN A 87 -22.44 -1.40 17.90
CA GLN A 87 -23.00 -2.20 18.98
C GLN A 87 -23.47 -1.32 20.13
N ALA A 88 -24.12 -1.93 21.12
CA ALA A 88 -24.62 -1.20 22.27
C ALA A 88 -25.23 -2.14 23.30
N ALA A 89 -25.42 -1.65 24.52
CA ALA A 89 -26.00 -2.45 25.59
C ALA A 89 -26.32 -1.59 26.80
N VAL A 90 -27.45 -1.86 27.44
CA VAL A 90 -27.88 -1.12 28.63
C VAL A 90 -28.59 -2.02 29.61
N THR A 91 -28.43 -1.72 30.90
CA THR A 91 -29.06 -2.50 31.96
C THR A 91 -28.97 -1.79 33.30
N SER A 92 -29.84 -2.18 34.23
CA SER A 92 -29.85 -1.57 35.56
C SER A 92 -30.88 -2.26 36.46
N ASN A 93 -30.89 -1.89 37.72
CA ASN A 93 -31.83 -2.45 38.68
C ASN A 93 -31.67 -1.81 40.06
N VAL A 94 -32.79 -1.66 40.77
CA VAL A 94 -32.76 -1.05 42.10
C VAL A 94 -33.64 -1.84 43.06
N ALA A 95 -33.25 -1.84 44.33
CA ALA A 95 -33.99 -2.54 45.37
C ALA A 95 -33.41 -2.29 46.74
N ALA A 96 -34.27 -1.93 47.69
CA ALA A 96 -33.83 -1.66 49.06
C ALA A 96 -35.03 -1.41 49.98
N PRO A 97 -35.81 -2.47 50.24
CA PRO A 97 -36.99 -2.40 51.10
C PRO A 97 -36.63 -2.18 52.56
N ALA A 98 -37.65 -2.00 53.40
CA ALA A 98 -37.44 -1.80 54.82
C ALA A 98 -38.76 -1.73 55.57
N GLN A 99 -38.70 -1.89 56.90
CA GLN A 99 -39.90 -1.86 57.72
C GLN A 99 -39.53 -1.79 59.20
N VAL A 100 -39.49 -0.59 59.75
CA VAL A 100 -39.16 -0.39 61.15
C VAL A 100 -40.12 -1.15 62.06
N ALA A 101 -39.81 -1.18 63.34
CA ALA A 101 -40.66 -1.87 64.32
C ALA A 101 -40.14 -1.65 65.74
N GLN A 102 -41.06 -1.38 66.66
CA GLN A 102 -40.70 -1.15 68.06
C GLN A 102 -41.93 -0.90 68.91
N THR A 103 -41.83 -1.21 70.20
CA THR A 103 -42.94 -1.01 71.11
C THR A 103 -42.52 -1.27 72.56
N GLN A 104 -43.15 -0.57 73.49
CA GLN A 104 -42.85 -0.72 74.91
C GLN A 104 -43.92 -0.07 75.78
N PRO A 105 -44.32 -0.78 76.84
CA PRO A 105 -45.34 -0.30 77.77
C PRO A 105 -44.85 0.88 78.62
N GLN A 106 -45.65 1.26 79.60
CA GLN A 106 -45.30 2.37 80.48
C GLN A 106 -46.31 2.51 81.62
N ARG A 107 -45.99 3.36 82.59
CA ARG A 107 -46.86 3.59 83.73
C ARG A 107 -46.96 5.07 84.05
N SER A 1 8.66 16.12 -23.26
CA SER A 1 8.72 15.86 -21.83
C SER A 1 7.57 14.95 -21.40
N LEU A 2 6.34 15.46 -21.52
CA LEU A 2 5.16 14.69 -21.15
C LEU A 2 5.18 14.35 -19.66
N SER A 3 4.05 13.87 -19.15
CA SER A 3 3.94 13.51 -17.74
C SER A 3 4.71 12.22 -17.45
N LEU A 4 5.10 12.04 -16.20
CA LEU A 4 5.84 10.86 -15.78
C LEU A 4 5.07 9.59 -16.15
N TRP A 5 3.83 9.50 -15.70
CA TRP A 5 2.99 8.35 -15.98
C TRP A 5 3.02 7.99 -17.46
N GLN A 6 2.49 8.88 -18.29
CA GLN A 6 2.47 8.67 -19.73
C GLN A 6 3.81 8.17 -20.23
N GLN A 7 4.88 8.88 -19.86
CA GLN A 7 6.23 8.50 -20.28
C GLN A 7 6.55 7.07 -19.87
N CYS A 8 6.23 6.73 -18.63
CA CYS A 8 6.48 5.39 -18.10
C CYS A 8 5.78 4.34 -18.96
N LEU A 9 4.56 4.66 -19.40
CA LEU A 9 3.78 3.74 -20.22
C LEU A 9 4.47 3.49 -21.56
N ALA A 10 4.71 4.57 -22.30
CA ALA A 10 5.36 4.49 -23.60
C ALA A 10 6.62 3.63 -23.52
N ARG A 11 7.45 3.91 -22.52
CA ARG A 11 8.69 3.17 -22.33
C ARG A 11 8.42 1.70 -22.01
N LEU A 12 7.30 1.46 -21.34
CA LEU A 12 6.92 0.09 -20.98
C LEU A 12 6.48 -0.70 -22.20
N GLN A 13 5.52 -0.16 -22.93
CA GLN A 13 5.01 -0.82 -24.13
C GLN A 13 6.07 -0.86 -25.23
N ASP A 14 7.06 0.03 -25.11
CA ASP A 14 8.14 0.10 -26.08
C ASP A 14 9.28 -0.85 -25.71
N GLU A 15 9.70 -0.80 -24.45
CA GLU A 15 10.77 -1.65 -23.96
C GLU A 15 10.48 -3.11 -24.26
N LEU A 16 9.21 -3.49 -24.18
CA LEU A 16 8.79 -4.86 -24.44
C LEU A 16 7.34 -4.91 -24.90
N PRO A 17 6.97 -6.01 -25.57
CA PRO A 17 5.60 -6.21 -26.07
C PRO A 17 4.61 -6.45 -24.95
N ALA A 18 5.11 -6.58 -23.72
CA ALA A 18 4.26 -6.80 -22.56
C ALA A 18 3.16 -5.73 -22.47
N THR A 19 1.99 -6.06 -22.99
CA THR A 19 0.86 -5.14 -22.97
C THR A 19 0.06 -5.27 -21.68
N GLU A 20 0.38 -6.29 -20.90
CA GLU A 20 -0.31 -6.53 -19.63
C GLU A 20 -0.48 -5.23 -18.86
N PHE A 21 0.62 -4.50 -18.70
CA PHE A 21 0.59 -3.23 -17.97
C PHE A 21 -0.58 -2.36 -18.43
N SER A 22 -0.85 -2.39 -19.74
CA SER A 22 -1.94 -1.60 -20.31
C SER A 22 -3.26 -1.92 -19.62
N MET A 23 -3.40 -3.16 -19.17
CA MET A 23 -4.62 -3.59 -18.50
C MET A 23 -4.52 -3.33 -16.99
N TRP A 24 -3.31 -3.38 -16.46
CA TRP A 24 -3.08 -3.15 -15.04
C TRP A 24 -2.60 -1.73 -14.78
N ILE A 25 -2.96 -0.82 -15.69
CA ILE A 25 -2.55 0.59 -15.56
C ILE A 25 -3.63 1.51 -16.10
N ARG A 26 -4.33 1.06 -17.14
CA ARG A 26 -5.38 1.85 -17.76
C ARG A 26 -6.35 2.39 -16.70
N PRO A 27 -7.03 1.46 -15.99
CA PRO A 27 -7.98 1.81 -14.94
C PRO A 27 -7.31 2.39 -13.71
N LEU A 28 -6.00 2.20 -13.61
CA LEU A 28 -5.23 2.71 -12.48
C LEU A 28 -5.11 4.23 -12.54
N GLN A 29 -4.70 4.83 -11.44
CA GLN A 29 -4.54 6.27 -11.36
C GLN A 29 -3.20 6.65 -10.75
N ALA A 30 -2.30 7.17 -11.58
CA ALA A 30 -0.98 7.57 -11.11
C ALA A 30 -0.97 9.03 -10.65
N GLU A 31 -0.17 9.32 -9.64
CA GLU A 31 -0.07 10.67 -9.10
C GLU A 31 1.39 11.11 -9.00
N LEU A 32 1.70 12.24 -9.64
CA LEU A 32 3.06 12.78 -9.62
C LEU A 32 3.28 13.67 -8.41
N SER A 33 4.40 13.46 -7.72
CA SER A 33 4.72 14.25 -6.53
C SER A 33 5.93 15.14 -6.79
N ASP A 34 6.15 15.47 -8.06
CA ASP A 34 7.27 16.32 -8.45
C ASP A 34 8.59 15.54 -8.39
N ASN A 35 8.53 14.32 -7.89
CA ASN A 35 9.71 13.47 -7.78
C ASN A 35 9.32 12.05 -7.39
N THR A 36 8.05 11.71 -7.58
CA THR A 36 7.56 10.38 -7.24
C THR A 36 6.25 10.09 -7.95
N LEU A 37 6.22 9.01 -8.73
CA LEU A 37 5.02 8.62 -9.47
C LEU A 37 4.32 7.46 -8.77
N ALA A 38 3.31 7.77 -7.98
CA ALA A 38 2.54 6.75 -7.27
C ALA A 38 1.50 6.12 -8.17
N LEU A 39 1.02 4.94 -7.78
CA LEU A 39 0.00 4.23 -8.55
C LEU A 39 -1.19 3.86 -7.68
N TYR A 40 -2.39 4.22 -8.11
CA TYR A 40 -3.60 3.92 -7.37
C TYR A 40 -4.40 2.82 -8.06
N ALA A 41 -4.52 1.68 -7.39
CA ALA A 41 -5.27 0.55 -7.94
C ALA A 41 -6.53 0.29 -7.13
N PRO A 42 -7.47 -0.45 -7.72
CA PRO A 42 -8.75 -0.79 -7.08
C PRO A 42 -8.57 -1.78 -5.93
N ASN A 43 -7.41 -2.42 -5.88
CA ASN A 43 -7.12 -3.39 -4.83
C ASN A 43 -5.61 -3.56 -4.66
N ARG A 44 -5.23 -4.44 -3.74
CA ARG A 44 -3.81 -4.69 -3.48
C ARG A 44 -3.23 -5.66 -4.51
N PHE A 45 -4.09 -6.51 -5.06
CA PHE A 45 -3.66 -7.49 -6.06
C PHE A 45 -2.94 -6.79 -7.21
N VAL A 46 -3.59 -5.76 -7.76
CA VAL A 46 -3.01 -5.02 -8.88
C VAL A 46 -1.65 -4.42 -8.50
N LEU A 47 -1.55 -3.94 -7.27
CA LEU A 47 -0.31 -3.35 -6.78
C LEU A 47 0.86 -4.33 -6.91
N ASP A 48 0.69 -5.51 -6.30
CA ASP A 48 1.73 -6.54 -6.35
C ASP A 48 2.10 -6.88 -7.80
N TRP A 49 1.08 -7.08 -8.62
CA TRP A 49 1.29 -7.42 -10.03
C TRP A 49 2.02 -6.30 -10.75
N VAL A 50 1.40 -5.13 -10.79
CA VAL A 50 2.00 -3.97 -11.45
C VAL A 50 3.41 -3.72 -10.95
N ARG A 51 3.58 -3.73 -9.63
CA ARG A 51 4.88 -3.50 -9.02
C ARG A 51 5.86 -4.60 -9.40
N ASP A 52 5.33 -5.68 -9.96
CA ASP A 52 6.16 -6.81 -10.38
C ASP A 52 6.82 -6.53 -11.73
N LYS A 53 6.01 -6.12 -12.70
CA LYS A 53 6.51 -5.82 -14.03
C LYS A 53 6.66 -4.31 -14.24
N TYR A 54 5.53 -3.61 -14.24
CA TYR A 54 5.55 -2.16 -14.43
C TYR A 54 6.73 -1.52 -13.70
N LEU A 55 6.86 -1.81 -12.41
CA LEU A 55 7.95 -1.27 -11.61
C LEU A 55 9.28 -1.43 -12.33
N ASN A 56 9.69 -2.69 -12.53
CA ASN A 56 10.94 -2.98 -13.20
C ASN A 56 11.17 -2.03 -14.37
N ASN A 57 10.15 -1.90 -15.22
CA ASN A 57 10.23 -1.02 -16.38
C ASN A 57 10.52 0.41 -15.96
N ILE A 58 9.72 0.93 -15.04
CA ILE A 58 9.88 2.29 -14.55
C ILE A 58 11.30 2.51 -14.01
N ASN A 59 11.70 1.68 -13.06
CA ASN A 59 13.03 1.78 -12.47
C ASN A 59 14.10 1.93 -13.55
N GLY A 60 14.16 0.96 -14.45
CA GLY A 60 15.14 1.01 -15.52
C GLY A 60 15.10 2.32 -16.29
N LEU A 61 13.91 2.85 -16.48
CA LEU A 61 13.73 4.11 -17.20
C LEU A 61 14.24 5.29 -16.37
N LEU A 62 13.82 5.34 -15.11
CA LEU A 62 14.23 6.40 -14.21
C LEU A 62 15.75 6.58 -14.22
N THR A 63 16.47 5.47 -14.06
CA THR A 63 17.92 5.51 -14.06
C THR A 63 18.47 5.92 -15.42
N SER A 64 17.93 5.31 -16.47
CA SER A 64 18.36 5.61 -17.83
C SER A 64 18.01 7.05 -18.21
N PHE A 65 17.06 7.62 -17.50
CA PHE A 65 16.62 8.99 -17.76
C PHE A 65 17.56 9.99 -17.09
N CYS A 66 17.88 9.74 -15.83
CA CYS A 66 18.76 10.62 -15.07
C CYS A 66 19.86 9.82 -14.38
N GLY A 67 19.46 8.77 -13.67
CA GLY A 67 20.43 7.93 -12.97
C GLY A 67 20.73 8.45 -11.58
N ALA A 68 20.02 7.91 -10.59
CA ALA A 68 20.23 8.31 -9.20
C ALA A 68 19.62 9.69 -8.94
N ASP A 69 19.10 10.31 -10.00
CA ASP A 69 18.49 11.63 -9.88
C ASP A 69 16.99 11.57 -10.20
N ALA A 70 16.59 10.51 -10.89
CA ALA A 70 15.19 10.32 -11.27
C ALA A 70 14.32 10.13 -10.04
N PRO A 71 13.00 10.30 -10.22
CA PRO A 71 12.03 10.16 -9.12
C PRO A 71 11.88 8.71 -8.68
N GLN A 72 10.86 8.44 -7.87
CA GLN A 72 10.61 7.09 -7.37
C GLN A 72 9.19 6.65 -7.71
N LEU A 73 8.96 5.34 -7.65
CA LEU A 73 7.65 4.78 -7.95
C LEU A 73 6.92 4.37 -6.67
N ARG A 74 5.64 4.69 -6.60
CA ARG A 74 4.83 4.37 -5.43
C ARG A 74 3.58 3.58 -5.83
N PHE A 75 2.98 2.90 -4.86
CA PHE A 75 1.79 2.11 -5.11
C PHE A 75 0.82 2.19 -3.94
N GLU A 76 -0.47 2.02 -4.22
CA GLU A 76 -1.50 2.08 -3.19
C GLU A 76 -2.87 1.74 -3.76
N VAL A 77 -3.80 1.39 -2.88
CA VAL A 77 -5.15 1.04 -3.30
C VAL A 77 -6.09 2.24 -3.18
N GLY A 78 -6.47 2.80 -4.33
CA GLY A 78 -7.37 3.95 -4.33
C GLY A 78 -8.63 3.69 -3.54
N THR A 79 -9.02 2.43 -3.46
CA THR A 79 -10.23 2.05 -2.74
C THR A 79 -9.96 1.91 -1.24
N LYS A 80 -11.04 1.77 -0.46
CA LYS A 80 -10.91 1.62 0.98
C LYS A 80 -11.36 0.23 1.43
N PRO A 81 -10.87 -0.21 2.59
CA PRO A 81 -11.21 -1.52 3.15
C PRO A 81 -12.67 -1.60 3.61
N VAL A 82 -13.12 -2.80 3.93
CA VAL A 82 -14.48 -3.02 4.39
C VAL A 82 -14.54 -4.04 5.51
N THR A 83 -15.49 -3.87 6.42
CA THR A 83 -15.66 -4.79 7.54
C THR A 83 -16.80 -4.35 8.45
N GLN A 84 -17.51 -5.32 9.01
CA GLN A 84 -18.63 -5.03 9.90
C GLN A 84 -19.26 -6.32 10.41
N THR A 85 -19.27 -6.48 11.73
CA THR A 85 -19.85 -7.67 12.35
C THR A 85 -20.24 -7.41 13.81
N PRO A 86 -21.13 -8.24 14.34
CA PRO A 86 -21.61 -8.12 15.72
C PRO A 86 -20.53 -8.47 16.74
N GLN A 87 -20.91 -8.55 18.00
CA GLN A 87 -19.97 -8.88 19.07
C GLN A 87 -20.70 -9.00 20.42
N ALA A 88 -20.61 -10.17 21.03
CA ALA A 88 -21.25 -10.42 22.31
C ALA A 88 -20.95 -11.83 22.81
N ALA A 89 -21.28 -12.09 24.08
CA ALA A 89 -21.04 -13.39 24.67
C ALA A 89 -21.57 -13.44 26.10
N VAL A 90 -22.21 -14.55 26.46
CA VAL A 90 -22.76 -14.72 27.80
C VAL A 90 -22.64 -16.17 28.26
N THR A 91 -22.48 -16.36 29.57
CA THR A 91 -22.36 -17.70 30.13
C THR A 91 -22.45 -17.65 31.65
N SER A 92 -22.84 -18.79 32.26
CA SER A 92 -22.97 -18.87 33.70
C SER A 92 -23.41 -20.27 34.12
N ASN A 93 -23.03 -20.67 35.34
CA ASN A 93 -23.39 -21.98 35.85
C ASN A 93 -22.86 -22.17 37.27
N VAL A 94 -23.68 -22.76 38.14
CA VAL A 94 -23.29 -22.99 39.52
C VAL A 94 -23.72 -24.38 39.98
N ALA A 95 -22.78 -25.12 40.57
CA ALA A 95 -23.07 -26.46 41.06
C ALA A 95 -21.84 -27.07 41.73
N ALA A 96 -22.07 -27.72 42.88
CA ALA A 96 -20.98 -28.34 43.62
C ALA A 96 -21.50 -29.06 44.86
N PRO A 97 -22.16 -30.21 44.65
CA PRO A 97 -22.72 -31.01 45.74
C PRO A 97 -21.65 -31.66 46.60
N ALA A 98 -22.07 -32.52 47.52
CA ALA A 98 -21.13 -33.21 48.40
C ALA A 98 -21.88 -34.17 49.35
N GLN A 99 -21.12 -35.00 50.04
CA GLN A 99 -21.70 -35.96 50.98
C GLN A 99 -20.62 -36.70 51.75
N VAL A 100 -20.96 -37.16 52.95
CA VAL A 100 -20.01 -37.87 53.80
C VAL A 100 -20.71 -39.00 54.56
N ALA A 101 -19.98 -40.08 54.81
CA ALA A 101 -20.51 -41.22 55.53
C ALA A 101 -19.47 -42.31 55.71
N GLN A 102 -19.42 -42.90 56.89
CA GLN A 102 -18.47 -43.96 57.19
C GLN A 102 -18.78 -44.61 58.54
N THR A 103 -17.89 -45.50 58.97
CA THR A 103 -18.06 -46.21 60.23
C THR A 103 -16.84 -47.06 60.57
N GLN A 104 -16.75 -47.48 61.82
CA GLN A 104 -15.63 -48.30 62.28
C GLN A 104 -15.99 -49.06 63.55
N PRO A 105 -16.84 -50.10 63.40
CA PRO A 105 -17.28 -50.93 64.51
C PRO A 105 -16.14 -51.80 65.07
N GLN A 106 -16.27 -52.18 66.34
CA GLN A 106 -15.26 -53.01 66.99
C GLN A 106 -15.91 -54.11 67.82
N ARG A 107 -15.39 -55.33 67.71
CA ARG A 107 -15.92 -56.46 68.44
C ARG A 107 -14.80 -57.39 68.91
N SER A 1 7.41 11.63 -23.26
CA SER A 1 6.31 12.17 -24.05
C SER A 1 5.81 13.49 -23.48
N LEU A 2 5.23 13.41 -22.28
CA LEU A 2 4.71 14.60 -21.62
C LEU A 2 4.86 14.48 -20.10
N SER A 3 4.02 13.66 -19.49
CA SER A 3 4.06 13.46 -18.05
C SER A 3 4.80 12.17 -17.70
N LEU A 4 5.18 12.05 -16.44
CA LEU A 4 5.89 10.85 -15.96
C LEU A 4 5.14 9.59 -16.34
N TRP A 5 3.90 9.47 -15.88
CA TRP A 5 3.07 8.32 -16.17
C TRP A 5 3.13 7.96 -17.65
N GLN A 6 2.65 8.87 -18.49
CA GLN A 6 2.64 8.66 -19.93
C GLN A 6 3.97 8.05 -20.39
N GLN A 7 5.07 8.67 -19.99
CA GLN A 7 6.40 8.19 -20.38
C GLN A 7 6.59 6.74 -19.93
N CYS A 8 6.29 6.46 -18.66
CA CYS A 8 6.43 5.12 -18.13
C CYS A 8 5.74 4.09 -19.01
N LEU A 9 4.54 4.45 -19.49
CA LEU A 9 3.77 3.56 -20.35
C LEU A 9 4.47 3.34 -21.69
N ALA A 10 4.75 4.43 -22.39
CA ALA A 10 5.42 4.36 -23.68
C ALA A 10 6.70 3.55 -23.59
N ARG A 11 7.43 3.71 -22.49
CA ARG A 11 8.68 2.99 -22.27
C ARG A 11 8.41 1.49 -22.10
N LEU A 12 7.34 1.16 -21.39
CA LEU A 12 6.98 -0.23 -21.15
C LEU A 12 6.47 -0.89 -22.43
N GLN A 13 5.84 -0.09 -23.29
CA GLN A 13 5.31 -0.59 -24.55
C GLN A 13 6.36 -0.52 -25.65
N ASP A 14 7.40 0.25 -25.41
CA ASP A 14 8.49 0.41 -26.38
C ASP A 14 9.58 -0.62 -26.16
N GLU A 15 9.88 -0.89 -24.88
CA GLU A 15 10.91 -1.85 -24.53
C GLU A 15 10.55 -3.24 -25.06
N LEU A 16 9.27 -3.56 -25.06
CA LEU A 16 8.80 -4.86 -25.54
C LEU A 16 7.28 -4.91 -25.56
N PRO A 17 6.73 -5.80 -26.41
CA PRO A 17 5.28 -5.98 -26.54
C PRO A 17 4.67 -6.63 -25.31
N ALA A 18 4.10 -5.81 -24.43
CA ALA A 18 3.47 -6.30 -23.21
C ALA A 18 2.22 -5.50 -22.86
N THR A 19 1.11 -5.82 -23.54
CA THR A 19 -0.14 -5.12 -23.31
C THR A 19 -0.61 -5.28 -21.86
N GLU A 20 0.02 -6.22 -21.15
CA GLU A 20 -0.32 -6.47 -19.75
C GLU A 20 -0.46 -5.17 -18.98
N PHE A 21 0.62 -4.40 -18.94
CA PHE A 21 0.63 -3.13 -18.23
C PHE A 21 -0.55 -2.25 -18.67
N SER A 22 -0.92 -2.37 -19.94
CA SER A 22 -2.02 -1.59 -20.48
C SER A 22 -3.34 -1.96 -19.80
N MET A 23 -3.34 -3.09 -19.10
CA MET A 23 -4.52 -3.56 -18.40
C MET A 23 -4.39 -3.33 -16.89
N TRP A 24 -3.16 -3.37 -16.40
CA TRP A 24 -2.90 -3.17 -14.98
C TRP A 24 -2.44 -1.75 -14.71
N ILE A 25 -2.80 -0.83 -15.60
CA ILE A 25 -2.41 0.57 -15.45
C ILE A 25 -3.52 1.49 -15.93
N ARG A 26 -4.16 1.13 -17.03
CA ARG A 26 -5.25 1.92 -17.59
C ARG A 26 -6.27 2.28 -16.50
N PRO A 27 -6.85 1.23 -15.88
CA PRO A 27 -7.86 1.41 -14.82
C PRO A 27 -7.26 1.97 -13.55
N LEU A 28 -5.92 2.05 -13.50
CA LEU A 28 -5.23 2.58 -12.33
C LEU A 28 -5.11 4.10 -12.40
N GLN A 29 -4.82 4.72 -11.26
CA GLN A 29 -4.69 6.16 -11.19
C GLN A 29 -3.29 6.55 -10.72
N ALA A 30 -2.49 7.10 -11.64
CA ALA A 30 -1.14 7.52 -11.32
C ALA A 30 -1.12 8.94 -10.75
N GLU A 31 -0.24 9.18 -9.78
CA GLU A 31 -0.13 10.49 -9.15
C GLU A 31 1.32 10.96 -9.16
N LEU A 32 1.55 12.13 -9.76
CA LEU A 32 2.88 12.70 -9.83
C LEU A 32 3.15 13.64 -8.65
N SER A 33 4.16 13.30 -7.86
CA SER A 33 4.52 14.11 -6.69
C SER A 33 5.71 15.02 -7.01
N ASP A 34 5.93 15.27 -8.30
CA ASP A 34 7.03 16.13 -8.73
C ASP A 34 8.35 15.39 -8.62
N ASN A 35 8.32 14.19 -8.06
CA ASN A 35 9.53 13.38 -7.89
C ASN A 35 9.18 11.96 -7.45
N THR A 36 7.92 11.58 -7.65
CA THR A 36 7.46 10.25 -7.28
C THR A 36 6.18 9.88 -8.02
N LEU A 37 6.23 8.80 -8.78
CA LEU A 37 5.07 8.35 -9.54
C LEU A 37 4.30 7.27 -8.76
N ALA A 38 3.19 7.67 -8.15
CA ALA A 38 2.36 6.74 -7.38
C ALA A 38 1.34 6.05 -8.28
N LEU A 39 0.86 4.89 -7.83
CA LEU A 39 -0.11 4.12 -8.60
C LEU A 39 -1.28 3.71 -7.71
N TYR A 40 -2.47 4.19 -8.05
CA TYR A 40 -3.67 3.87 -7.29
C TYR A 40 -4.43 2.70 -7.93
N ALA A 41 -4.25 1.51 -7.36
CA ALA A 41 -4.91 0.32 -7.87
C ALA A 41 -6.25 0.09 -7.17
N PRO A 42 -7.13 -0.68 -7.82
CA PRO A 42 -8.46 -0.99 -7.27
C PRO A 42 -8.38 -1.92 -6.06
N ASN A 43 -7.26 -2.61 -5.92
CA ASN A 43 -7.07 -3.53 -4.81
C ASN A 43 -5.58 -3.83 -4.60
N ARG A 44 -5.30 -4.85 -3.79
CA ARG A 44 -3.92 -5.23 -3.52
C ARG A 44 -3.34 -6.05 -4.67
N PHE A 45 -4.14 -6.97 -5.19
CA PHE A 45 -3.71 -7.82 -6.30
C PHE A 45 -3.00 -6.99 -7.38
N VAL A 46 -3.72 -6.01 -7.92
CA VAL A 46 -3.17 -5.14 -8.95
C VAL A 46 -1.95 -4.39 -8.44
N LEU A 47 -2.04 -3.90 -7.21
CA LEU A 47 -0.94 -3.15 -6.61
C LEU A 47 0.37 -3.94 -6.67
N ASP A 48 0.37 -5.12 -6.04
CA ASP A 48 1.54 -5.98 -6.03
C ASP A 48 1.95 -6.36 -7.45
N TRP A 49 0.97 -6.55 -8.32
CA TRP A 49 1.23 -6.92 -9.70
C TRP A 49 2.01 -5.82 -10.42
N VAL A 50 1.46 -4.61 -10.42
CA VAL A 50 2.11 -3.48 -11.07
C VAL A 50 3.54 -3.30 -10.57
N ARG A 51 3.69 -3.31 -9.25
CA ARG A 51 5.01 -3.15 -8.63
C ARG A 51 5.92 -4.32 -8.98
N ASP A 52 5.33 -5.38 -9.51
CA ASP A 52 6.08 -6.57 -9.89
C ASP A 52 6.78 -6.37 -11.23
N LYS A 53 6.01 -5.95 -12.23
CA LYS A 53 6.55 -5.73 -13.57
C LYS A 53 6.78 -4.24 -13.81
N TYR A 54 5.70 -3.48 -13.81
CA TYR A 54 5.79 -2.03 -14.03
C TYR A 54 7.01 -1.45 -13.34
N LEU A 55 7.12 -1.69 -12.04
CA LEU A 55 8.25 -1.19 -11.25
C LEU A 55 9.56 -1.39 -12.00
N ASN A 56 9.93 -2.66 -12.17
CA ASN A 56 11.17 -2.99 -12.87
C ASN A 56 11.37 -2.10 -14.09
N ASN A 57 10.37 -2.05 -14.96
CA ASN A 57 10.43 -1.24 -16.17
C ASN A 57 10.73 0.21 -15.82
N ILE A 58 9.85 0.82 -15.02
CA ILE A 58 10.02 2.20 -14.62
C ILE A 58 11.43 2.46 -14.08
N ASN A 59 11.85 1.63 -13.14
CA ASN A 59 13.18 1.77 -12.54
C ASN A 59 14.25 1.91 -13.63
N GLY A 60 14.28 0.96 -14.55
CA GLY A 60 15.26 1.01 -15.63
C GLY A 60 15.25 2.33 -16.36
N LEU A 61 14.05 2.89 -16.55
CA LEU A 61 13.90 4.17 -17.25
C LEU A 61 14.42 5.31 -16.38
N LEU A 62 13.98 5.35 -15.13
CA LEU A 62 14.39 6.39 -14.20
C LEU A 62 15.91 6.54 -14.19
N THR A 63 16.61 5.42 -14.06
CA THR A 63 18.06 5.43 -14.04
C THR A 63 18.64 5.86 -15.39
N SER A 64 18.08 5.32 -16.46
CA SER A 64 18.54 5.65 -17.81
C SER A 64 18.24 7.11 -18.15
N PHE A 65 17.28 7.69 -17.43
CA PHE A 65 16.89 9.08 -17.64
C PHE A 65 17.84 10.03 -16.93
N CYS A 66 18.16 9.71 -15.68
CA CYS A 66 19.07 10.53 -14.88
C CYS A 66 20.15 9.68 -14.22
N GLY A 67 19.71 8.61 -13.55
CA GLY A 67 20.64 7.73 -12.87
C GLY A 67 20.94 8.18 -11.46
N ALA A 68 20.23 7.60 -10.49
CA ALA A 68 20.41 7.95 -9.09
C ALA A 68 19.83 9.31 -8.78
N ASP A 69 19.34 10.00 -9.81
CA ASP A 69 18.76 11.33 -9.64
C ASP A 69 17.27 11.31 -9.97
N ALA A 70 16.85 10.28 -10.70
CA ALA A 70 15.44 10.14 -11.08
C ALA A 70 14.55 9.99 -9.85
N PRO A 71 13.24 10.20 -10.04
CA PRO A 71 12.25 10.09 -8.96
C PRO A 71 12.05 8.65 -8.51
N GLN A 72 10.99 8.41 -7.75
CA GLN A 72 10.69 7.08 -7.24
C GLN A 72 9.27 6.67 -7.63
N LEU A 73 8.90 5.44 -7.26
CA LEU A 73 7.57 4.93 -7.57
C LEU A 73 6.76 4.71 -6.30
N ARG A 74 5.44 4.89 -6.40
CA ARG A 74 4.57 4.70 -5.25
C ARG A 74 3.33 3.88 -5.63
N PHE A 75 2.65 3.35 -4.63
CA PHE A 75 1.46 2.53 -4.86
C PHE A 75 0.44 2.72 -3.74
N GLU A 76 -0.83 2.58 -4.07
CA GLU A 76 -1.90 2.73 -3.09
C GLU A 76 -3.14 1.95 -3.51
N VAL A 77 -3.76 1.27 -2.55
CA VAL A 77 -4.96 0.49 -2.83
C VAL A 77 -6.23 1.31 -2.57
N GLY A 78 -6.89 1.72 -3.64
CA GLY A 78 -8.10 2.51 -3.52
C GLY A 78 -7.91 3.72 -2.61
N THR A 79 -8.43 3.62 -1.39
CA THR A 79 -8.32 4.71 -0.43
C THR A 79 -7.76 4.22 0.90
N LYS A 80 -7.41 5.16 1.77
CA LYS A 80 -6.87 4.82 3.08
C LYS A 80 -7.97 4.42 4.05
N PRO A 81 -7.60 3.69 5.11
CA PRO A 81 -8.54 3.22 6.13
C PRO A 81 -9.07 4.36 6.97
N VAL A 82 -10.10 4.07 7.78
CA VAL A 82 -10.70 5.07 8.66
C VAL A 82 -11.06 4.47 10.01
N THR A 83 -11.00 5.30 11.05
CA THR A 83 -11.34 4.85 12.40
C THR A 83 -11.59 6.03 13.33
N GLN A 84 -12.50 5.85 14.27
CA GLN A 84 -12.84 6.91 15.22
C GLN A 84 -13.90 6.44 16.21
N THR A 85 -13.49 6.28 17.47
CA THR A 85 -14.42 5.83 18.51
C THR A 85 -13.71 5.72 19.85
N PRO A 86 -13.36 6.87 20.43
CA PRO A 86 -12.67 6.93 21.73
C PRO A 86 -13.57 6.51 22.88
N GLN A 87 -12.97 6.16 24.00
CA GLN A 87 -13.71 5.73 25.18
C GLN A 87 -12.77 5.40 26.34
N ALA A 88 -13.12 5.87 27.53
CA ALA A 88 -12.31 5.63 28.71
C ALA A 88 -12.95 6.24 29.96
N ALA A 89 -12.90 5.50 31.07
CA ALA A 89 -13.48 5.98 32.32
C ALA A 89 -13.19 5.01 33.46
N VAL A 90 -12.48 5.48 34.47
CA VAL A 90 -12.14 4.66 35.62
C VAL A 90 -12.10 5.48 36.90
N THR A 91 -12.51 4.88 38.01
CA THR A 91 -12.52 5.55 39.30
C THR A 91 -13.01 4.62 40.41
N SER A 92 -12.33 4.68 41.55
CA SER A 92 -12.68 3.84 42.69
C SER A 92 -11.78 4.13 43.88
N ASN A 93 -12.33 3.98 45.09
CA ASN A 93 -11.56 4.23 46.30
C ASN A 93 -12.40 3.90 47.54
N VAL A 94 -11.83 3.12 48.45
CA VAL A 94 -12.52 2.74 49.67
C VAL A 94 -11.58 2.78 50.87
N ALA A 95 -12.14 3.05 52.05
CA ALA A 95 -11.34 3.11 53.26
C ALA A 95 -12.22 3.41 54.48
N ALA A 96 -11.91 2.77 55.60
CA ALA A 96 -12.67 2.96 56.83
C ALA A 96 -12.07 2.14 57.97
N PRO A 97 -10.88 2.55 58.43
CA PRO A 97 -10.18 1.88 59.53
C PRO A 97 -10.87 2.09 60.87
N ALA A 98 -10.53 1.25 61.84
CA ALA A 98 -11.11 1.34 63.17
C ALA A 98 -10.52 0.28 64.10
N GLN A 99 -10.29 0.67 65.36
CA GLN A 99 -9.72 -0.23 66.35
C GLN A 99 -9.65 0.43 67.72
N VAL A 100 -10.03 -0.31 68.76
CA VAL A 100 -10.00 0.21 70.11
C VAL A 100 -10.11 -0.92 71.13
N ALA A 101 -9.47 -0.75 72.28
CA ALA A 101 -9.49 -1.74 73.34
C ALA A 101 -8.71 -1.29 74.56
N GLN A 102 -9.23 -1.59 75.75
CA GLN A 102 -8.57 -1.20 76.99
C GLN A 102 -9.13 -2.00 78.16
N THR A 103 -8.26 -2.37 79.08
CA THR A 103 -8.65 -3.14 80.26
C THR A 103 -7.51 -3.22 81.27
N GLN A 104 -7.87 -3.43 82.53
CA GLN A 104 -6.89 -3.53 83.60
C GLN A 104 -7.52 -4.07 84.88
N PRO A 105 -7.83 -5.37 84.88
CA PRO A 105 -8.45 -6.03 86.04
C PRO A 105 -7.48 -6.16 87.21
N GLN A 106 -8.03 -6.40 88.40
CA GLN A 106 -7.21 -6.56 89.60
C GLN A 106 -8.02 -7.20 90.73
N ARG A 107 -7.47 -8.25 91.30
CA ARG A 107 -8.13 -8.96 92.40
C ARG A 107 -7.14 -9.36 93.47
N SER A 1 0.47 14.85 -24.82
CA SER A 1 0.78 15.50 -23.54
C SER A 1 2.03 14.91 -22.93
N LEU A 2 2.63 15.66 -21.99
CA LEU A 2 3.84 15.21 -21.31
C LEU A 2 3.59 15.00 -19.83
N SER A 3 4.01 13.85 -19.32
CA SER A 3 3.82 13.53 -17.90
C SER A 3 4.57 12.25 -17.53
N LEU A 4 5.00 12.17 -16.28
CA LEU A 4 5.74 11.00 -15.80
C LEU A 4 5.02 9.72 -16.19
N TRP A 5 3.74 9.63 -15.85
CA TRP A 5 2.95 8.44 -16.16
C TRP A 5 3.07 8.09 -17.64
N GLN A 6 2.65 9.01 -18.50
CA GLN A 6 2.72 8.79 -19.94
C GLN A 6 4.08 8.23 -20.34
N GLN A 7 5.12 8.64 -19.63
CA GLN A 7 6.48 8.19 -19.92
C GLN A 7 6.65 6.73 -19.54
N CYS A 8 6.24 6.38 -18.32
CA CYS A 8 6.35 5.01 -17.83
C CYS A 8 5.63 4.05 -18.77
N LEU A 9 4.47 4.46 -19.26
CA LEU A 9 3.69 3.63 -20.17
C LEU A 9 4.40 3.45 -21.50
N ALA A 10 4.72 4.56 -22.16
CA ALA A 10 5.42 4.52 -23.44
C ALA A 10 6.64 3.61 -23.37
N ARG A 11 7.45 3.80 -22.33
CA ARG A 11 8.65 2.99 -22.16
C ARG A 11 8.31 1.51 -22.02
N LEU A 12 7.24 1.22 -21.30
CA LEU A 12 6.80 -0.15 -21.09
C LEU A 12 6.54 -0.85 -22.42
N GLN A 13 5.59 -0.33 -23.18
CA GLN A 13 5.24 -0.90 -24.47
C GLN A 13 6.40 -0.77 -25.46
N ASP A 14 7.33 0.13 -25.14
CA ASP A 14 8.49 0.37 -25.99
C ASP A 14 9.55 -0.71 -25.77
N GLU A 15 9.80 -1.04 -24.51
CA GLU A 15 10.80 -2.05 -24.17
C GLU A 15 10.34 -3.43 -24.64
N LEU A 16 9.03 -3.64 -24.69
CA LEU A 16 8.47 -4.90 -25.12
C LEU A 16 6.96 -4.78 -25.38
N PRO A 17 6.41 -5.76 -26.11
CA PRO A 17 4.99 -5.78 -26.45
C PRO A 17 4.11 -6.05 -25.24
N ALA A 18 4.74 -6.31 -24.10
CA ALA A 18 4.02 -6.59 -22.86
C ALA A 18 2.87 -5.60 -22.67
N THR A 19 1.65 -6.05 -22.96
CA THR A 19 0.47 -5.21 -22.82
C THR A 19 -0.05 -5.24 -21.38
N GLU A 20 0.51 -6.12 -20.56
CA GLU A 20 0.10 -6.26 -19.18
C GLU A 20 -0.19 -4.88 -18.56
N PHE A 21 0.82 -4.02 -18.56
CA PHE A 21 0.68 -2.68 -18.01
C PHE A 21 -0.58 -2.01 -18.53
N SER A 22 -0.80 -2.10 -19.83
CA SER A 22 -1.98 -1.50 -20.45
C SER A 22 -3.26 -2.00 -19.81
N MET A 23 -3.17 -3.15 -19.15
CA MET A 23 -4.33 -3.75 -18.49
C MET A 23 -4.26 -3.53 -16.98
N TRP A 24 -3.04 -3.38 -16.47
CA TRP A 24 -2.83 -3.18 -15.04
C TRP A 24 -2.38 -1.74 -14.76
N ILE A 25 -2.89 -0.80 -15.55
CA ILE A 25 -2.54 0.60 -15.39
C ILE A 25 -3.65 1.51 -15.91
N ARG A 26 -4.32 1.07 -16.97
CA ARG A 26 -5.41 1.84 -17.56
C ARG A 26 -6.43 2.24 -16.50
N PRO A 27 -7.02 1.24 -15.84
CA PRO A 27 -8.03 1.47 -14.80
C PRO A 27 -7.42 2.07 -13.54
N LEU A 28 -6.10 2.15 -13.50
CA LEU A 28 -5.40 2.70 -12.35
C LEU A 28 -5.25 4.21 -12.47
N GLN A 29 -4.97 4.87 -11.35
CA GLN A 29 -4.81 6.32 -11.35
C GLN A 29 -3.43 6.70 -10.83
N ALA A 30 -2.59 7.21 -11.74
CA ALA A 30 -1.24 7.62 -11.39
C ALA A 30 -1.22 9.05 -10.87
N GLU A 31 -0.46 9.27 -9.80
CA GLU A 31 -0.36 10.61 -9.20
C GLU A 31 1.11 11.04 -9.08
N LEU A 32 1.43 12.16 -9.71
CA LEU A 32 2.79 12.68 -9.68
C LEU A 32 3.04 13.49 -8.40
N SER A 33 4.09 13.13 -7.68
CA SER A 33 4.43 13.81 -6.43
C SER A 33 5.62 14.74 -6.65
N ASP A 34 5.83 15.16 -7.89
CA ASP A 34 6.93 16.05 -8.22
C ASP A 34 8.25 15.30 -8.24
N ASN A 35 8.21 14.02 -7.88
CA ASN A 35 9.41 13.19 -7.85
C ASN A 35 9.06 11.75 -7.46
N THR A 36 7.79 11.39 -7.62
CA THR A 36 7.33 10.05 -7.29
C THR A 36 6.01 9.73 -7.97
N LEU A 37 6.00 8.66 -8.76
CA LEU A 37 4.79 8.25 -9.47
C LEU A 37 4.02 7.19 -8.69
N ALA A 38 2.95 7.61 -8.01
CA ALA A 38 2.14 6.69 -7.22
C ALA A 38 0.98 6.14 -8.04
N LEU A 39 0.68 4.87 -7.86
CA LEU A 39 -0.41 4.22 -8.59
C LEU A 39 -1.59 3.93 -7.67
N TYR A 40 -2.78 4.32 -8.09
CA TYR A 40 -3.98 4.10 -7.31
C TYR A 40 -4.87 3.03 -7.94
N ALA A 41 -4.82 1.82 -7.37
CA ALA A 41 -5.62 0.72 -7.88
C ALA A 41 -6.82 0.43 -6.97
N PRO A 42 -7.80 -0.30 -7.51
CA PRO A 42 -9.01 -0.66 -6.75
C PRO A 42 -8.73 -1.66 -5.64
N ASN A 43 -7.55 -2.27 -5.70
CA ASN A 43 -7.16 -3.26 -4.69
C ASN A 43 -5.64 -3.36 -4.59
N ARG A 44 -5.16 -4.24 -3.71
CA ARG A 44 -3.73 -4.43 -3.51
C ARG A 44 -3.17 -5.40 -4.55
N PHE A 45 -4.01 -6.32 -5.01
CA PHE A 45 -3.59 -7.31 -5.99
C PHE A 45 -2.88 -6.64 -7.17
N VAL A 46 -3.56 -5.68 -7.80
CA VAL A 46 -3.00 -4.96 -8.93
C VAL A 46 -1.65 -4.35 -8.59
N LEU A 47 -1.59 -3.66 -7.47
CA LEU A 47 -0.35 -3.03 -7.02
C LEU A 47 0.81 -4.01 -7.09
N ASP A 48 0.67 -5.13 -6.37
CA ASP A 48 1.71 -6.15 -6.35
C ASP A 48 2.12 -6.54 -7.77
N TRP A 49 1.13 -6.83 -8.60
CA TRP A 49 1.40 -7.22 -9.99
C TRP A 49 2.19 -6.14 -10.71
N VAL A 50 1.68 -4.92 -10.68
CA VAL A 50 2.35 -3.80 -11.34
C VAL A 50 3.79 -3.66 -10.86
N ARG A 51 3.98 -3.73 -9.54
CA ARG A 51 5.31 -3.61 -8.96
C ARG A 51 6.20 -4.76 -9.40
N ASP A 52 5.58 -5.79 -9.98
CA ASP A 52 6.33 -6.97 -10.44
C ASP A 52 7.01 -6.68 -11.78
N LYS A 53 6.23 -6.21 -12.74
CA LYS A 53 6.75 -5.90 -14.07
C LYS A 53 6.98 -4.40 -14.23
N TYR A 54 5.90 -3.63 -14.16
CA TYR A 54 5.97 -2.18 -14.30
C TYR A 54 7.21 -1.64 -13.58
N LEU A 55 7.33 -1.95 -12.30
CA LEU A 55 8.47 -1.50 -11.50
C LEU A 55 9.77 -1.64 -12.29
N ASN A 56 10.17 -2.89 -12.53
CA ASN A 56 11.39 -3.16 -13.28
C ASN A 56 11.57 -2.19 -14.44
N ASN A 57 10.53 -2.09 -15.28
CA ASN A 57 10.57 -1.20 -16.43
C ASN A 57 10.84 0.23 -16.00
N ILE A 58 9.97 0.76 -15.15
CA ILE A 58 10.10 2.13 -14.65
C ILE A 58 11.51 2.37 -14.12
N ASN A 59 11.94 1.54 -13.19
CA ASN A 59 13.27 1.66 -12.59
C ASN A 59 14.33 1.88 -13.67
N GLY A 60 14.39 0.96 -14.62
CA GLY A 60 15.36 1.07 -15.70
C GLY A 60 15.30 2.41 -16.40
N LEU A 61 14.09 2.93 -16.55
CA LEU A 61 13.90 4.22 -17.21
C LEU A 61 14.39 5.37 -16.33
N LEU A 62 13.95 5.38 -15.09
CA LEU A 62 14.34 6.42 -14.14
C LEU A 62 15.85 6.60 -14.14
N THR A 63 16.58 5.50 -14.01
CA THR A 63 18.04 5.53 -14.00
C THR A 63 18.58 6.02 -15.33
N SER A 64 18.07 5.46 -16.42
CA SER A 64 18.51 5.83 -17.75
C SER A 64 18.16 7.29 -18.06
N PHE A 65 17.18 7.82 -17.33
CA PHE A 65 16.73 9.19 -17.52
C PHE A 65 17.67 10.16 -16.81
N CYS A 66 18.04 9.83 -15.58
CA CYS A 66 18.93 10.68 -14.79
C CYS A 66 20.00 9.84 -14.11
N GLY A 67 19.57 8.77 -13.43
CA GLY A 67 20.52 7.91 -12.74
C GLY A 67 20.76 8.36 -11.30
N ALA A 68 20.02 7.76 -10.37
CA ALA A 68 20.17 8.10 -8.96
C ALA A 68 19.55 9.46 -8.65
N ASP A 69 19.08 10.13 -9.69
CA ASP A 69 18.46 11.45 -9.54
C ASP A 69 16.98 11.40 -9.91
N ALA A 70 16.60 10.38 -10.67
CA ALA A 70 15.22 10.22 -11.09
C ALA A 70 14.30 9.97 -9.90
N PRO A 71 12.99 10.13 -10.13
CA PRO A 71 11.98 9.94 -9.08
C PRO A 71 11.83 8.47 -8.69
N GLN A 72 10.78 8.17 -7.93
CA GLN A 72 10.52 6.80 -7.49
C GLN A 72 9.10 6.39 -7.82
N LEU A 73 8.81 5.10 -7.64
CA LEU A 73 7.48 4.56 -7.92
C LEU A 73 6.73 4.27 -6.62
N ARG A 74 5.42 4.55 -6.63
CA ARG A 74 4.59 4.32 -5.46
C ARG A 74 3.33 3.55 -5.83
N PHE A 75 2.76 2.84 -4.87
CA PHE A 75 1.56 2.05 -5.09
C PHE A 75 0.62 2.13 -3.89
N GLU A 76 -0.68 2.09 -4.16
CA GLU A 76 -1.68 2.16 -3.10
C GLU A 76 -3.06 1.80 -3.63
N VAL A 77 -3.99 1.51 -2.72
CA VAL A 77 -5.35 1.15 -3.09
C VAL A 77 -6.28 2.35 -2.97
N GLY A 78 -6.67 2.90 -4.12
CA GLY A 78 -7.57 4.05 -4.12
C GLY A 78 -7.08 5.16 -3.20
N THR A 79 -7.99 6.07 -2.85
CA THR A 79 -7.64 7.19 -1.98
C THR A 79 -8.17 6.96 -0.57
N LYS A 80 -7.63 7.73 0.38
CA LYS A 80 -8.05 7.61 1.77
C LYS A 80 -8.79 8.87 2.23
N PRO A 81 -9.59 8.73 3.29
CA PRO A 81 -10.37 9.85 3.85
C PRO A 81 -9.48 10.90 4.52
N VAL A 82 -10.07 12.04 4.86
CA VAL A 82 -9.34 13.11 5.51
C VAL A 82 -8.69 12.64 6.80
N THR A 83 -7.53 13.20 7.11
CA THR A 83 -6.81 12.83 8.33
C THR A 83 -7.58 13.22 9.58
N GLN A 84 -7.80 12.26 10.47
CA GLN A 84 -8.53 12.51 11.70
C GLN A 84 -8.33 11.37 12.69
N THR A 85 -7.47 11.60 13.68
CA THR A 85 -7.19 10.59 14.70
C THR A 85 -7.19 11.19 16.09
N PRO A 86 -8.38 11.53 16.59
CA PRO A 86 -8.54 12.13 17.91
C PRO A 86 -8.26 11.14 19.04
N GLN A 87 -7.89 11.66 20.20
CA GLN A 87 -7.58 10.81 21.35
C GLN A 87 -7.40 11.65 22.62
N ALA A 88 -7.42 10.99 23.77
CA ALA A 88 -7.26 11.67 25.04
C ALA A 88 -7.13 10.68 26.19
N ALA A 89 -6.53 11.11 27.29
CA ALA A 89 -6.34 10.27 28.46
C ALA A 89 -5.69 11.04 29.60
N VAL A 90 -6.22 10.85 30.81
CA VAL A 90 -5.69 11.52 31.98
C VAL A 90 -5.57 10.57 33.17
N THR A 91 -4.54 10.75 33.98
CA THR A 91 -4.30 9.91 35.14
C THR A 91 -3.22 10.49 36.04
N SER A 92 -3.24 10.10 37.31
CA SER A 92 -2.27 10.59 38.27
C SER A 92 -2.49 9.96 39.65
N ASN A 93 -1.40 9.65 40.33
CA ASN A 93 -1.49 9.05 41.66
C ASN A 93 -0.09 8.88 42.27
N VAL A 94 0.07 9.34 43.51
CA VAL A 94 1.34 9.24 44.21
C VAL A 94 1.14 9.02 45.70
N ALA A 95 1.95 8.16 46.28
CA ALA A 95 1.87 7.86 47.71
C ALA A 95 2.95 6.88 48.13
N ALA A 96 3.70 7.24 49.17
CA ALA A 96 4.78 6.38 49.67
C ALA A 96 5.43 7.00 50.91
N PRO A 97 4.70 7.01 52.03
CA PRO A 97 5.19 7.57 53.29
C PRO A 97 6.29 6.71 53.91
N ALA A 98 7.00 7.28 54.88
CA ALA A 98 8.09 6.57 55.55
C ALA A 98 8.48 7.27 56.85
N GLN A 99 9.41 6.67 57.58
CA GLN A 99 9.86 7.24 58.84
C GLN A 99 11.20 6.63 59.26
N VAL A 100 11.94 7.34 60.09
CA VAL A 100 13.24 6.87 60.57
C VAL A 100 13.48 7.29 62.01
N ALA A 101 14.23 6.46 62.74
CA ALA A 101 14.53 6.74 64.14
C ALA A 101 15.70 5.89 64.63
N GLN A 102 16.42 6.40 65.62
CA GLN A 102 17.56 5.68 66.18
C GLN A 102 18.05 6.34 67.47
N THR A 103 18.75 5.57 68.29
CA THR A 103 19.27 6.08 69.55
C THR A 103 20.45 5.24 70.05
N GLN A 104 21.46 5.90 70.57
CA GLN A 104 22.65 5.23 71.08
C GLN A 104 23.54 6.18 71.86
N PRO A 105 23.07 6.60 73.04
CA PRO A 105 23.82 7.53 73.90
C PRO A 105 25.05 6.88 74.52
N GLN A 106 25.90 7.69 75.14
CA GLN A 106 27.11 7.20 75.76
C GLN A 106 26.91 7.00 77.26
N ARG A 107 27.86 6.30 77.90
CA ARG A 107 27.78 6.03 79.32
C ARG A 107 28.02 7.32 80.13
N SER A 1 2.22 17.48 -22.11
CA SER A 1 3.60 17.40 -22.55
C SER A 1 4.24 16.08 -22.13
N LEU A 2 3.48 15.00 -22.26
CA LEU A 2 3.97 13.67 -21.89
C LEU A 2 4.43 13.65 -20.44
N SER A 3 3.49 13.53 -19.51
CA SER A 3 3.81 13.49 -18.10
C SER A 3 4.56 12.22 -17.74
N LEU A 4 5.01 12.13 -16.49
CA LEU A 4 5.75 10.97 -16.02
C LEU A 4 5.01 9.68 -16.36
N TRP A 5 3.79 9.56 -15.86
CA TRP A 5 2.98 8.37 -16.12
C TRP A 5 3.02 7.99 -17.59
N GLN A 6 2.59 8.91 -18.45
CA GLN A 6 2.58 8.67 -19.89
C GLN A 6 3.89 8.02 -20.34
N GLN A 7 5.00 8.65 -19.99
CA GLN A 7 6.32 8.14 -20.37
C GLN A 7 6.48 6.68 -19.94
N CYS A 8 6.13 6.40 -18.69
CA CYS A 8 6.23 5.04 -18.15
C CYS A 8 5.49 4.05 -19.04
N LEU A 9 4.32 4.46 -19.53
CA LEU A 9 3.51 3.60 -20.40
C LEU A 9 4.23 3.34 -21.72
N ALA A 10 4.52 4.40 -22.45
CA ALA A 10 5.21 4.27 -23.73
C ALA A 10 6.51 3.50 -23.58
N ARG A 11 7.21 3.72 -22.47
CA ARG A 11 8.48 3.04 -22.22
C ARG A 11 8.26 1.55 -22.03
N LEU A 12 7.18 1.18 -21.36
CA LEU A 12 6.85 -0.21 -21.11
C LEU A 12 6.39 -0.90 -22.39
N GLN A 13 5.67 -0.16 -23.23
CA GLN A 13 5.17 -0.70 -24.49
C GLN A 13 6.27 -0.69 -25.55
N ASP A 14 7.29 0.14 -25.34
CA ASP A 14 8.39 0.25 -26.29
C ASP A 14 9.52 -0.71 -25.91
N GLU A 15 9.78 -0.83 -24.61
CA GLU A 15 10.84 -1.72 -24.13
C GLU A 15 10.51 -3.17 -24.46
N LEU A 16 9.23 -3.51 -24.42
CA LEU A 16 8.79 -4.87 -24.71
C LEU A 16 7.36 -4.87 -25.24
N PRO A 17 6.99 -5.97 -25.92
CA PRO A 17 5.65 -6.13 -26.49
C PRO A 17 4.58 -6.33 -25.41
N ALA A 18 5.03 -6.60 -24.19
CA ALA A 18 4.11 -6.80 -23.07
C ALA A 18 3.10 -5.67 -22.98
N THR A 19 1.90 -5.90 -23.51
CA THR A 19 0.85 -4.90 -23.49
C THR A 19 -0.01 -5.04 -22.23
N GLU A 20 0.16 -6.15 -21.52
CA GLU A 20 -0.60 -6.40 -20.31
C GLU A 20 -0.58 -5.17 -19.39
N PHE A 21 0.56 -4.50 -19.33
CA PHE A 21 0.70 -3.32 -18.49
C PHE A 21 -0.43 -2.33 -18.75
N SER A 22 -0.92 -2.30 -19.99
CA SER A 22 -2.00 -1.40 -20.37
C SER A 22 -3.28 -1.75 -19.63
N MET A 23 -3.43 -3.03 -19.28
CA MET A 23 -4.60 -3.50 -18.57
C MET A 23 -4.46 -3.30 -17.07
N TRP A 24 -3.22 -3.39 -16.58
CA TRP A 24 -2.95 -3.21 -15.17
C TRP A 24 -2.47 -1.80 -14.87
N ILE A 25 -2.85 -0.86 -15.74
CA ILE A 25 -2.46 0.54 -15.57
C ILE A 25 -3.57 1.47 -16.04
N ARG A 26 -4.31 1.04 -17.05
CA ARG A 26 -5.41 1.85 -17.58
C ARG A 26 -6.34 2.31 -16.47
N PRO A 27 -6.93 1.35 -15.75
CA PRO A 27 -7.85 1.64 -14.65
C PRO A 27 -7.14 2.23 -13.44
N LEU A 28 -5.83 2.05 -13.39
CA LEU A 28 -5.02 2.57 -12.29
C LEU A 28 -5.00 4.10 -12.31
N GLN A 29 -4.65 4.69 -11.16
CA GLN A 29 -4.57 6.14 -11.06
C GLN A 29 -3.19 6.58 -10.56
N ALA A 30 -2.42 7.18 -11.47
CA ALA A 30 -1.08 7.64 -11.13
C ALA A 30 -1.11 9.08 -10.64
N GLU A 31 -0.06 9.50 -9.94
CA GLU A 31 0.03 10.86 -9.41
C GLU A 31 1.49 11.29 -9.29
N LEU A 32 1.81 12.42 -9.90
CA LEU A 32 3.16 12.96 -9.86
C LEU A 32 3.39 13.79 -8.60
N SER A 33 4.38 13.39 -7.80
CA SER A 33 4.69 14.10 -6.56
C SER A 33 5.87 15.05 -6.77
N ASP A 34 6.08 15.47 -8.00
CA ASP A 34 7.17 16.37 -8.33
C ASP A 34 8.50 15.64 -8.36
N ASN A 35 8.48 14.37 -7.97
CA ASN A 35 9.69 13.55 -7.95
C ASN A 35 9.36 12.11 -7.54
N THR A 36 8.10 11.74 -7.67
CA THR A 36 7.65 10.40 -7.32
C THR A 36 6.33 10.06 -7.98
N LEU A 37 6.34 9.03 -8.83
CA LEU A 37 5.15 8.60 -9.55
C LEU A 37 4.40 7.54 -8.75
N ALA A 38 3.37 7.95 -8.02
CA ALA A 38 2.57 7.03 -7.22
C ALA A 38 1.37 6.52 -8.01
N LEU A 39 1.09 5.24 -7.87
CA LEU A 39 -0.04 4.63 -8.57
C LEU A 39 -1.09 4.13 -7.58
N TYR A 40 -2.35 4.17 -7.99
CA TYR A 40 -3.45 3.72 -7.14
C TYR A 40 -4.22 2.57 -7.81
N ALA A 41 -4.22 1.41 -7.17
CA ALA A 41 -4.92 0.25 -7.69
C ALA A 41 -6.24 0.03 -6.98
N PRO A 42 -7.19 -0.65 -7.65
CA PRO A 42 -8.51 -0.94 -7.09
C PRO A 42 -8.45 -1.96 -5.95
N ASN A 43 -7.32 -2.64 -5.83
CA ASN A 43 -7.13 -3.64 -4.79
C ASN A 43 -5.66 -3.99 -4.63
N ARG A 44 -5.37 -4.92 -3.73
CA ARG A 44 -4.00 -5.35 -3.48
C ARG A 44 -3.48 -6.22 -4.62
N PHE A 45 -4.38 -7.02 -5.19
CA PHE A 45 -4.02 -7.91 -6.30
C PHE A 45 -3.28 -7.14 -7.39
N VAL A 46 -3.99 -6.23 -8.04
CA VAL A 46 -3.41 -5.43 -9.12
C VAL A 46 -2.13 -4.72 -8.65
N LEU A 47 -2.18 -4.15 -7.45
CA LEU A 47 -1.03 -3.45 -6.89
C LEU A 47 0.21 -4.32 -6.95
N ASP A 48 0.19 -5.45 -6.25
CA ASP A 48 1.31 -6.37 -6.24
C ASP A 48 1.76 -6.71 -7.66
N TRP A 49 0.79 -6.87 -8.55
CA TRP A 49 1.08 -7.18 -9.95
C TRP A 49 1.86 -6.06 -10.62
N VAL A 50 1.27 -4.86 -10.62
CA VAL A 50 1.90 -3.71 -11.23
C VAL A 50 3.32 -3.50 -10.69
N ARG A 51 3.44 -3.48 -9.37
CA ARG A 51 4.74 -3.30 -8.73
C ARG A 51 5.69 -4.44 -9.09
N ASP A 52 5.13 -5.52 -9.64
CA ASP A 52 5.94 -6.67 -10.02
C ASP A 52 6.67 -6.42 -11.34
N LYS A 53 5.92 -5.98 -12.35
CA LYS A 53 6.49 -5.70 -13.66
C LYS A 53 6.67 -4.20 -13.86
N TYR A 54 5.57 -3.47 -13.82
CA TYR A 54 5.62 -2.02 -14.00
C TYR A 54 6.80 -1.41 -13.26
N LEU A 55 6.91 -1.71 -11.98
CA LEU A 55 8.01 -1.19 -11.17
C LEU A 55 9.34 -1.36 -11.88
N ASN A 56 9.75 -2.61 -12.08
CA ASN A 56 11.01 -2.90 -12.75
C ASN A 56 11.21 -1.99 -13.96
N ASN A 57 10.18 -1.86 -14.77
CA ASN A 57 10.24 -1.01 -15.96
C ASN A 57 10.53 0.43 -15.58
N ILE A 58 9.68 0.99 -14.72
CA ILE A 58 9.85 2.37 -14.28
C ILE A 58 11.27 2.62 -13.77
N ASN A 59 11.69 1.83 -12.79
CA ASN A 59 13.02 1.95 -12.22
C ASN A 59 14.08 2.04 -13.31
N GLY A 60 14.11 1.03 -14.17
CA GLY A 60 15.09 1.01 -15.26
C GLY A 60 15.07 2.30 -16.07
N LEU A 61 13.88 2.86 -16.26
CA LEU A 61 13.73 4.09 -17.02
C LEU A 61 14.29 5.29 -16.25
N LEU A 62 13.88 5.41 -14.99
CA LEU A 62 14.34 6.51 -14.14
C LEU A 62 15.86 6.62 -14.18
N THR A 63 16.54 5.50 -13.98
CA THR A 63 18.00 5.48 -13.99
C THR A 63 18.54 5.82 -15.37
N SER A 64 17.97 5.19 -16.39
CA SER A 64 18.40 5.42 -17.77
C SER A 64 18.10 6.86 -18.20
N PHE A 65 17.16 7.48 -17.50
CA PHE A 65 16.78 8.86 -17.80
C PHE A 65 17.77 9.85 -17.22
N CYS A 66 18.15 9.63 -15.96
CA CYS A 66 19.10 10.50 -15.28
C CYS A 66 20.14 9.68 -14.52
N GLY A 67 19.68 8.71 -13.74
CA GLY A 67 20.58 7.88 -12.98
C GLY A 67 20.85 8.44 -11.59
N ALA A 68 20.08 7.98 -10.61
CA ALA A 68 20.24 8.44 -9.23
C ALA A 68 19.71 9.85 -9.06
N ASP A 69 19.26 10.45 -10.16
CA ASP A 69 18.72 11.80 -10.13
C ASP A 69 17.24 11.81 -10.47
N ALA A 70 16.80 10.76 -11.15
CA ALA A 70 15.40 10.64 -11.54
C ALA A 70 14.51 10.36 -10.33
N PRO A 71 13.19 10.57 -10.50
CA PRO A 71 12.21 10.36 -9.44
C PRO A 71 12.03 8.88 -9.10
N GLN A 72 11.14 8.60 -8.15
CA GLN A 72 10.88 7.23 -7.73
C GLN A 72 9.45 6.82 -8.06
N LEU A 73 9.11 5.57 -7.78
CA LEU A 73 7.78 5.06 -8.04
C LEU A 73 7.06 4.70 -6.75
N ARG A 74 5.77 5.00 -6.67
CA ARG A 74 4.98 4.71 -5.49
C ARG A 74 3.72 3.93 -5.86
N PHE A 75 3.11 3.30 -4.85
CA PHE A 75 1.90 2.52 -5.07
C PHE A 75 0.95 2.63 -3.88
N GLU A 76 -0.34 2.45 -4.14
CA GLU A 76 -1.34 2.53 -3.09
C GLU A 76 -2.60 1.75 -3.46
N VAL A 77 -3.23 1.15 -2.47
CA VAL A 77 -4.45 0.37 -2.69
C VAL A 77 -5.69 1.17 -2.33
N GLY A 78 -6.44 1.59 -3.34
CA GLY A 78 -7.64 2.37 -3.11
C GLY A 78 -7.40 3.57 -2.21
N THR A 79 -7.81 3.45 -0.95
CA THR A 79 -7.64 4.53 0.01
C THR A 79 -6.82 4.08 1.22
N LYS A 80 -6.38 5.04 2.03
CA LYS A 80 -5.59 4.73 3.21
C LYS A 80 -6.28 3.67 4.06
N PRO A 81 -5.48 2.96 4.89
CA PRO A 81 -6.00 1.91 5.77
C PRO A 81 -6.84 2.48 6.91
N VAL A 82 -7.52 1.58 7.62
CA VAL A 82 -8.37 1.99 8.74
C VAL A 82 -8.23 1.02 9.92
N THR A 83 -8.37 1.55 11.12
CA THR A 83 -8.27 0.73 12.32
C THR A 83 -8.47 1.57 13.59
N GLN A 84 -8.82 0.92 14.68
CA GLN A 84 -9.04 1.61 15.95
C GLN A 84 -9.27 0.61 17.09
N THR A 85 -8.60 0.85 18.21
CA THR A 85 -8.72 -0.03 19.36
C THR A 85 -8.65 0.77 20.66
N PRO A 86 -9.73 1.50 20.98
CA PRO A 86 -9.81 2.31 22.19
C PRO A 86 -9.91 1.46 23.46
N GLN A 87 -9.26 1.92 24.52
CA GLN A 87 -9.27 1.20 25.79
C GLN A 87 -8.57 2.01 26.88
N ALA A 88 -8.86 1.67 28.13
CA ALA A 88 -8.26 2.36 29.26
C ALA A 88 -8.62 1.68 30.58
N ALA A 89 -7.62 1.46 31.43
CA ALA A 89 -7.84 0.83 32.71
C ALA A 89 -6.55 0.77 33.52
N VAL A 90 -6.60 1.28 34.75
CA VAL A 90 -5.43 1.28 35.62
C VAL A 90 -5.84 1.16 37.09
N THR A 91 -5.11 0.36 37.85
CA THR A 91 -5.40 0.16 39.26
C THR A 91 -4.14 -0.28 40.02
N SER A 92 -4.07 0.09 41.29
CA SER A 92 -2.93 -0.26 42.13
C SER A 92 -3.14 0.20 43.57
N ASN A 93 -2.59 -0.56 44.51
CA ASN A 93 -2.72 -0.23 45.92
C ASN A 93 -1.85 -1.15 46.78
N VAL A 94 -0.95 -0.55 47.55
CA VAL A 94 -0.06 -1.32 48.42
C VAL A 94 0.06 -0.66 49.79
N ALA A 95 0.27 -1.49 50.82
CA ALA A 95 0.41 -0.99 52.18
C ALA A 95 0.73 -2.12 53.15
N ALA A 96 1.75 -1.91 53.99
CA ALA A 96 2.15 -2.91 54.97
C ALA A 96 3.25 -2.38 55.87
N PRO A 97 2.90 -1.42 56.73
CA PRO A 97 3.85 -0.80 57.67
C PRO A 97 4.29 -1.77 58.77
N ALA A 98 5.19 -1.31 59.63
CA ALA A 98 5.68 -2.13 60.73
C ALA A 98 6.60 -1.32 61.64
N GLN A 99 6.70 -1.74 62.90
CA GLN A 99 7.55 -1.07 63.87
C GLN A 99 7.75 -1.93 65.11
N VAL A 100 8.95 -1.85 65.69
CA VAL A 100 9.28 -2.62 66.88
C VAL A 100 10.61 -2.16 67.47
N ALA A 101 10.69 -2.19 68.81
CA ALA A 101 11.91 -1.78 69.50
C ALA A 101 11.81 -2.06 70.99
N GLN A 102 12.95 -2.27 71.63
CA GLN A 102 12.99 -2.56 73.06
C GLN A 102 14.42 -2.46 73.60
N THR A 103 14.55 -2.05 74.84
CA THR A 103 15.86 -1.91 75.47
C THR A 103 15.80 -2.31 76.95
N GLN A 104 16.95 -2.24 77.61
CA GLN A 104 17.03 -2.60 79.03
C GLN A 104 17.95 -1.63 79.78
N PRO A 105 17.80 -1.60 81.11
CA PRO A 105 18.60 -0.73 81.98
C PRO A 105 20.05 -1.17 82.05
N GLN A 106 20.85 -0.44 82.83
CA GLN A 106 22.27 -0.77 82.99
C GLN A 106 22.85 -0.05 84.20
N ARG A 107 23.50 -0.81 85.08
CA ARG A 107 24.11 -0.25 86.28
C ARG A 107 25.39 0.50 85.94
N SER A 1 1.85 14.34 -24.69
CA SER A 1 2.14 15.27 -23.61
C SER A 1 3.44 14.88 -22.90
N LEU A 2 3.81 15.67 -21.89
CA LEU A 2 5.03 15.40 -21.14
C LEU A 2 4.71 15.10 -19.68
N SER A 3 4.57 13.81 -19.37
CA SER A 3 4.26 13.39 -18.01
C SER A 3 4.96 12.07 -17.68
N LEU A 4 5.38 11.93 -16.42
CA LEU A 4 6.06 10.73 -15.98
C LEU A 4 5.27 9.48 -16.35
N TRP A 5 4.03 9.40 -15.88
CA TRP A 5 3.17 8.26 -16.16
C TRP A 5 3.20 7.92 -17.65
N GLN A 6 2.73 8.85 -18.48
CA GLN A 6 2.70 8.65 -19.91
C GLN A 6 3.99 8.01 -20.41
N GLN A 7 5.13 8.62 -20.06
CA GLN A 7 6.43 8.11 -20.47
C GLN A 7 6.59 6.66 -20.03
N CYS A 8 6.25 6.38 -18.77
CA CYS A 8 6.37 5.04 -18.21
C CYS A 8 5.62 4.03 -19.08
N LEU A 9 4.45 4.43 -19.56
CA LEU A 9 3.63 3.56 -20.40
C LEU A 9 4.32 3.29 -21.74
N ALA A 10 4.60 4.36 -22.48
CA ALA A 10 5.25 4.24 -23.78
C ALA A 10 6.55 3.44 -23.67
N ARG A 11 7.26 3.62 -22.56
CA ARG A 11 8.51 2.91 -22.33
C ARG A 11 8.27 1.42 -22.14
N LEU A 12 7.19 1.08 -21.43
CA LEU A 12 6.85 -0.31 -21.18
C LEU A 12 6.30 -0.97 -22.44
N GLN A 13 5.62 -0.20 -23.26
CA GLN A 13 5.05 -0.71 -24.51
C GLN A 13 6.10 -0.72 -25.62
N ASP A 14 7.13 0.09 -25.45
CA ASP A 14 8.20 0.17 -26.44
C ASP A 14 9.34 -0.78 -26.10
N GLU A 15 9.61 -0.93 -24.80
CA GLU A 15 10.67 -1.81 -24.33
C GLU A 15 10.36 -3.27 -24.66
N LEU A 16 9.08 -3.62 -24.62
CA LEU A 16 8.64 -4.98 -24.91
C LEU A 16 7.18 -5.00 -25.36
N PRO A 17 6.77 -6.11 -25.98
CA PRO A 17 5.40 -6.29 -26.47
C PRO A 17 4.40 -6.45 -25.32
N ALA A 18 4.92 -6.63 -24.12
CA ALA A 18 4.07 -6.80 -22.93
C ALA A 18 2.99 -5.71 -22.88
N THR A 19 1.79 -6.06 -23.31
CA THR A 19 0.68 -5.12 -23.30
C THR A 19 -0.12 -5.22 -22.02
N GLU A 20 0.11 -6.29 -21.26
CA GLU A 20 -0.60 -6.51 -20.01
C GLU A 20 -0.54 -5.25 -19.13
N PHE A 21 0.59 -4.56 -19.18
CA PHE A 21 0.78 -3.35 -18.39
C PHE A 21 -0.35 -2.35 -18.65
N SER A 22 -0.89 -2.39 -19.86
CA SER A 22 -1.97 -1.49 -20.24
C SER A 22 -3.26 -1.85 -19.51
N MET A 23 -3.35 -3.08 -19.03
CA MET A 23 -4.52 -3.56 -18.32
C MET A 23 -4.38 -3.29 -16.81
N TRP A 24 -3.15 -3.35 -16.32
CA TRP A 24 -2.89 -3.12 -14.91
C TRP A 24 -2.41 -1.69 -14.67
N ILE A 25 -2.79 -0.79 -15.57
CA ILE A 25 -2.40 0.61 -15.45
C ILE A 25 -3.51 1.53 -15.97
N ARG A 26 -4.23 1.06 -16.98
CA ARG A 26 -5.32 1.84 -17.57
C ARG A 26 -6.25 2.38 -16.48
N PRO A 27 -6.89 1.47 -15.74
CA PRO A 27 -7.82 1.83 -14.66
C PRO A 27 -7.10 2.44 -13.46
N LEU A 28 -5.78 2.25 -13.40
CA LEU A 28 -4.97 2.78 -12.31
C LEU A 28 -4.88 4.30 -12.38
N GLN A 29 -4.56 4.91 -11.25
CA GLN A 29 -4.44 6.36 -11.18
C GLN A 29 -3.07 6.78 -10.68
N ALA A 30 -2.24 7.31 -11.57
CA ALA A 30 -0.90 7.74 -11.21
C ALA A 30 -0.89 9.21 -10.77
N GLU A 31 0.10 9.59 -9.98
CA GLU A 31 0.22 10.95 -9.50
C GLU A 31 1.68 11.32 -9.26
N LEU A 32 2.14 12.38 -9.94
CA LEU A 32 3.52 12.83 -9.80
C LEU A 32 3.69 13.66 -8.52
N SER A 33 4.76 13.37 -7.79
CA SER A 33 5.05 14.08 -6.55
C SER A 33 6.35 14.88 -6.66
N ASP A 34 6.69 15.26 -7.90
CA ASP A 34 7.92 16.03 -8.15
C ASP A 34 9.15 15.12 -8.11
N ASN A 35 8.93 13.86 -7.71
CA ASN A 35 10.02 12.89 -7.65
C ASN A 35 9.51 11.55 -7.13
N THR A 36 8.21 11.32 -7.26
CA THR A 36 7.60 10.08 -6.81
C THR A 36 6.31 9.80 -7.57
N LEU A 37 6.32 8.75 -8.38
CA LEU A 37 5.14 8.37 -9.15
C LEU A 37 4.28 7.37 -8.40
N ALA A 38 3.23 7.88 -7.76
CA ALA A 38 2.32 7.03 -7.00
C ALA A 38 1.11 6.62 -7.83
N LEU A 39 0.78 5.34 -7.80
CA LEU A 39 -0.35 4.81 -8.55
C LEU A 39 -1.43 4.28 -7.62
N TYR A 40 -2.68 4.29 -8.09
CA TYR A 40 -3.79 3.81 -7.30
C TYR A 40 -4.57 2.73 -8.05
N ALA A 41 -4.72 1.57 -7.43
CA ALA A 41 -5.44 0.45 -8.03
C ALA A 41 -6.73 0.16 -7.27
N PRO A 42 -7.64 -0.58 -7.93
CA PRO A 42 -8.93 -0.95 -7.34
C PRO A 42 -8.78 -1.96 -6.20
N ASN A 43 -7.58 -2.50 -6.05
CA ASN A 43 -7.30 -3.47 -5.00
C ASN A 43 -5.80 -3.58 -4.73
N ARG A 44 -5.42 -4.46 -3.82
CA ARG A 44 -4.02 -4.65 -3.46
C ARG A 44 -3.35 -5.62 -4.42
N PHE A 45 -4.16 -6.44 -5.10
CA PHE A 45 -3.63 -7.42 -6.06
C PHE A 45 -2.91 -6.73 -7.21
N VAL A 46 -3.57 -5.73 -7.80
CA VAL A 46 -2.99 -4.99 -8.91
C VAL A 46 -1.66 -4.34 -8.51
N LEU A 47 -1.62 -3.77 -7.31
CA LEU A 47 -0.41 -3.13 -6.82
C LEU A 47 0.78 -4.08 -6.89
N ASP A 48 0.65 -5.22 -6.22
CA ASP A 48 1.72 -6.22 -6.21
C ASP A 48 2.14 -6.58 -7.63
N TRP A 49 1.15 -6.85 -8.47
CA TRP A 49 1.42 -7.22 -9.86
C TRP A 49 2.18 -6.11 -10.58
N VAL A 50 1.66 -4.89 -10.51
CA VAL A 50 2.30 -3.75 -11.15
C VAL A 50 3.75 -3.60 -10.68
N ARG A 51 3.95 -3.63 -9.37
CA ARG A 51 5.28 -3.48 -8.79
C ARG A 51 6.18 -4.64 -9.23
N ASP A 52 5.57 -5.69 -9.76
CA ASP A 52 6.32 -6.85 -10.22
C ASP A 52 7.05 -6.56 -11.53
N LYS A 53 6.30 -6.13 -12.53
CA LYS A 53 6.86 -5.80 -13.84
C LYS A 53 7.01 -4.30 -14.01
N TYR A 54 5.90 -3.58 -13.95
CA TYR A 54 5.92 -2.14 -14.09
C TYR A 54 7.12 -1.53 -13.40
N LEU A 55 7.28 -1.84 -12.11
CA LEU A 55 8.40 -1.33 -11.33
C LEU A 55 9.71 -1.44 -12.11
N ASN A 56 10.15 -2.67 -12.35
CA ASN A 56 11.39 -2.91 -13.08
C ASN A 56 11.49 -1.98 -14.28
N ASN A 57 10.42 -1.91 -15.07
CA ASN A 57 10.40 -1.06 -16.26
C ASN A 57 10.62 0.40 -15.88
N ILE A 58 9.72 0.94 -15.07
CA ILE A 58 9.82 2.33 -14.63
C ILE A 58 11.22 2.64 -14.11
N ASN A 59 11.66 1.89 -13.10
CA ASN A 59 12.97 2.08 -12.51
C ASN A 59 14.04 2.21 -13.60
N GLY A 60 14.04 1.27 -14.54
CA GLY A 60 15.00 1.30 -15.62
C GLY A 60 15.01 2.62 -16.37
N LEU A 61 13.81 3.19 -16.53
CA LEU A 61 13.68 4.46 -17.24
C LEU A 61 14.09 5.62 -16.36
N LEU A 62 13.47 5.71 -15.17
CA LEU A 62 13.77 6.78 -14.22
C LEU A 62 15.28 6.98 -14.09
N THR A 63 16.03 5.88 -14.16
CA THR A 63 17.48 5.94 -14.05
C THR A 63 18.13 6.17 -15.40
N SER A 64 17.55 5.56 -16.44
CA SER A 64 18.08 5.70 -17.79
C SER A 64 17.89 7.12 -18.31
N PHE A 65 17.00 7.86 -17.66
CA PHE A 65 16.72 9.24 -18.05
C PHE A 65 17.80 10.18 -17.52
N CYS A 66 18.08 10.07 -16.23
CA CYS A 66 19.09 10.92 -15.58
C CYS A 66 19.95 10.10 -14.63
N GLY A 67 19.31 9.32 -13.77
CA GLY A 67 20.03 8.50 -12.82
C GLY A 67 20.21 9.19 -11.48
N ALA A 68 20.85 10.36 -11.51
CA ALA A 68 21.09 11.12 -10.29
C ALA A 68 19.82 11.81 -9.81
N ASP A 69 18.76 11.72 -10.62
CA ASP A 69 17.49 12.34 -10.28
C ASP A 69 16.36 11.31 -10.33
N ALA A 70 16.69 10.10 -10.78
CA ALA A 70 15.70 9.03 -10.87
C ALA A 70 14.83 8.97 -9.62
N PRO A 71 13.56 9.35 -9.75
CA PRO A 71 12.61 9.36 -8.64
C PRO A 71 12.23 7.94 -8.21
N GLN A 72 11.17 7.84 -7.41
CA GLN A 72 10.71 6.54 -6.92
C GLN A 72 9.26 6.29 -7.33
N LEU A 73 8.81 5.05 -7.17
CA LEU A 73 7.44 4.69 -7.52
C LEU A 73 6.65 4.29 -6.29
N ARG A 74 5.37 4.65 -6.26
CA ARG A 74 4.51 4.32 -5.13
C ARG A 74 3.22 3.68 -5.61
N PHE A 75 2.58 2.91 -4.72
CA PHE A 75 1.33 2.23 -5.05
C PHE A 75 0.35 2.28 -3.89
N GLU A 76 -0.93 2.40 -4.20
CA GLU A 76 -1.96 2.46 -3.17
C GLU A 76 -3.22 1.71 -3.63
N VAL A 77 -3.94 1.15 -2.66
CA VAL A 77 -5.16 0.40 -2.95
C VAL A 77 -6.40 1.24 -2.66
N GLY A 78 -7.06 1.69 -3.73
CA GLY A 78 -8.26 2.51 -3.56
C GLY A 78 -8.03 3.69 -2.66
N THR A 79 -8.71 3.71 -1.52
CA THR A 79 -8.59 4.81 -0.57
C THR A 79 -7.96 4.34 0.73
N LYS A 80 -7.64 5.28 1.61
CA LYS A 80 -7.04 4.96 2.90
C LYS A 80 -8.01 5.22 4.04
N PRO A 81 -8.84 4.21 4.36
CA PRO A 81 -9.83 4.31 5.44
C PRO A 81 -9.19 4.36 6.81
N VAL A 82 -9.99 4.66 7.83
CA VAL A 82 -9.50 4.75 9.19
C VAL A 82 -10.42 3.98 10.15
N THR A 83 -9.83 3.43 11.21
CA THR A 83 -10.59 2.68 12.20
C THR A 83 -9.75 2.37 13.42
N GLN A 84 -10.41 1.97 14.51
CA GLN A 84 -9.71 1.65 15.75
C GLN A 84 -10.66 1.00 16.76
N THR A 85 -10.10 0.22 17.66
CA THR A 85 -10.91 -0.46 18.68
C THR A 85 -10.03 -1.30 19.61
N PRO A 86 -9.27 -0.62 20.48
CA PRO A 86 -8.37 -1.28 21.44
C PRO A 86 -9.13 -2.02 22.53
N GLN A 87 -8.40 -2.62 23.45
CA GLN A 87 -9.00 -3.36 24.55
C GLN A 87 -7.94 -3.93 25.48
N ALA A 88 -8.37 -4.47 26.61
CA ALA A 88 -7.46 -5.04 27.60
C ALA A 88 -8.20 -5.65 28.77
N ALA A 89 -7.53 -6.51 29.53
CA ALA A 89 -8.15 -7.15 30.68
C ALA A 89 -7.14 -8.05 31.41
N VAL A 90 -7.19 -8.03 32.73
CA VAL A 90 -6.28 -8.83 33.54
C VAL A 90 -6.95 -9.29 34.83
N THR A 91 -6.54 -10.46 35.32
CA THR A 91 -7.11 -11.00 36.54
C THR A 91 -6.40 -12.29 36.94
N SER A 92 -6.18 -12.46 38.25
CA SER A 92 -5.51 -13.64 38.76
C SER A 92 -5.44 -13.62 40.29
N ASN A 93 -5.33 -14.80 40.89
CA ASN A 93 -5.27 -14.91 42.35
C ASN A 93 -5.13 -16.36 42.78
N VAL A 94 -4.00 -16.69 43.39
CA VAL A 94 -3.73 -18.04 43.85
C VAL A 94 -2.91 -18.04 45.13
N ALA A 95 -3.15 -19.03 45.98
CA ALA A 95 -2.43 -19.15 47.24
C ALA A 95 -2.73 -20.49 47.92
N ALA A 96 -1.68 -21.13 48.43
CA ALA A 96 -1.83 -22.41 49.11
C ALA A 96 -0.49 -22.91 49.63
N PRO A 97 0.00 -22.29 50.72
CA PRO A 97 1.27 -22.65 51.34
C PRO A 97 1.22 -24.01 52.03
N ALA A 98 2.30 -24.36 52.71
CA ALA A 98 2.37 -25.64 53.40
C ALA A 98 3.61 -25.72 54.28
N GLN A 99 3.88 -26.90 54.84
CA GLN A 99 5.04 -27.11 55.69
C GLN A 99 5.36 -28.59 55.83
N VAL A 100 6.52 -28.89 56.40
CA VAL A 100 6.95 -30.27 56.59
C VAL A 100 8.26 -30.34 57.35
N ALA A 101 8.43 -31.39 58.14
CA ALA A 101 9.64 -31.59 58.93
C ALA A 101 9.69 -32.97 59.55
N GLN A 102 10.89 -33.50 59.72
CA GLN A 102 11.07 -34.82 60.32
C GLN A 102 12.54 -35.18 60.42
N THR A 103 12.85 -36.20 61.22
CA THR A 103 14.23 -36.64 61.41
C THR A 103 14.28 -37.91 62.26
N GLN A 104 15.43 -38.57 62.23
CA GLN A 104 15.61 -39.80 62.99
C GLN A 104 16.90 -39.74 63.82
N PRO A 105 16.98 -40.60 64.85
CA PRO A 105 18.15 -40.66 65.73
C PRO A 105 19.38 -41.23 65.02
N GLN A 106 20.48 -41.31 65.75
CA GLN A 106 21.74 -41.84 65.20
C GLN A 106 22.50 -42.63 66.24
N ARG A 107 22.97 -43.81 65.85
CA ARG A 107 23.73 -44.67 66.76
C ARG A 107 25.21 -44.68 66.39
N SER A 1 5.72 18.14 -23.23
CA SER A 1 6.39 18.01 -21.95
C SER A 1 6.30 16.58 -21.42
N LEU A 2 5.14 15.96 -21.63
CA LEU A 2 4.91 14.60 -21.17
C LEU A 2 5.00 14.51 -19.65
N SER A 3 4.53 13.39 -19.09
CA SER A 3 4.56 13.19 -17.65
C SER A 3 5.17 11.84 -17.31
N LEU A 4 5.45 11.64 -16.03
CA LEU A 4 6.04 10.38 -15.56
C LEU A 4 5.23 9.18 -16.05
N TRP A 5 3.96 9.14 -15.66
CA TRP A 5 3.08 8.05 -16.06
C TRP A 5 3.19 7.78 -17.56
N GLN A 6 2.89 8.80 -18.36
CA GLN A 6 2.95 8.68 -19.81
C GLN A 6 4.24 7.99 -20.24
N GLN A 7 5.37 8.48 -19.73
CA GLN A 7 6.67 7.91 -20.08
C GLN A 7 6.75 6.45 -19.64
N CYS A 8 6.30 6.17 -18.41
CA CYS A 8 6.33 4.82 -17.88
C CYS A 8 5.67 3.84 -18.85
N LEU A 9 4.53 4.24 -19.40
CA LEU A 9 3.80 3.39 -20.34
C LEU A 9 4.56 3.27 -21.66
N ALA A 10 4.85 4.42 -22.28
CA ALA A 10 5.57 4.43 -23.55
C ALA A 10 6.85 3.60 -23.46
N ARG A 11 7.54 3.70 -22.33
CA ARG A 11 8.79 2.95 -22.13
C ARG A 11 8.51 1.45 -22.06
N LEU A 12 7.45 1.08 -21.36
CA LEU A 12 7.07 -0.32 -21.22
C LEU A 12 6.54 -0.88 -22.52
N GLN A 13 5.91 -0.02 -23.32
CA GLN A 13 5.35 -0.43 -24.61
C GLN A 13 6.40 -0.33 -25.71
N ASP A 14 7.48 0.39 -25.43
CA ASP A 14 8.55 0.56 -26.40
C ASP A 14 9.60 -0.53 -26.25
N GLU A 15 9.90 -0.88 -25.00
CA GLU A 15 10.90 -1.91 -24.71
C GLU A 15 10.47 -3.26 -25.28
N LEU A 16 9.16 -3.51 -25.25
CA LEU A 16 8.61 -4.76 -25.77
C LEU A 16 7.08 -4.76 -25.70
N PRO A 17 6.45 -5.55 -26.57
CA PRO A 17 4.99 -5.67 -26.62
C PRO A 17 4.42 -6.38 -25.40
N ALA A 18 3.87 -5.61 -24.46
CA ALA A 18 3.29 -6.18 -23.26
C ALA A 18 2.02 -5.44 -22.86
N THR A 19 0.89 -5.84 -23.44
CA THR A 19 -0.39 -5.22 -23.14
C THR A 19 -0.76 -5.36 -21.67
N GLU A 20 -0.05 -6.26 -20.98
CA GLU A 20 -0.30 -6.50 -19.56
C GLU A 20 -0.46 -5.19 -18.80
N PHE A 21 0.62 -4.41 -18.74
CA PHE A 21 0.61 -3.13 -18.05
C PHE A 21 -0.56 -2.27 -18.53
N SER A 22 -0.93 -2.42 -19.79
CA SER A 22 -2.02 -1.65 -20.37
C SER A 22 -3.34 -2.00 -19.70
N MET A 23 -3.35 -3.12 -18.99
CA MET A 23 -4.56 -3.57 -18.29
C MET A 23 -4.45 -3.30 -16.79
N TRP A 24 -3.23 -3.36 -16.28
CA TRP A 24 -2.98 -3.13 -14.86
C TRP A 24 -2.52 -1.69 -14.62
N ILE A 25 -2.89 -0.80 -15.53
CA ILE A 25 -2.52 0.61 -15.40
C ILE A 25 -3.61 1.52 -15.97
N ARG A 26 -4.27 1.05 -17.03
CA ARG A 26 -5.34 1.82 -17.66
C ARG A 26 -6.32 2.34 -16.62
N PRO A 27 -7.01 1.40 -15.95
CA PRO A 27 -8.00 1.74 -14.91
C PRO A 27 -7.36 2.32 -13.65
N LEU A 28 -6.04 2.14 -13.53
CA LEU A 28 -5.30 2.64 -12.38
C LEU A 28 -5.22 4.17 -12.42
N GLN A 29 -4.81 4.75 -11.29
CA GLN A 29 -4.68 6.21 -11.19
C GLN A 29 -3.30 6.60 -10.69
N ALA A 30 -2.48 7.12 -11.59
CA ALA A 30 -1.13 7.54 -11.24
C ALA A 30 -1.05 9.05 -11.06
N GLU A 31 -0.33 9.49 -10.03
CA GLU A 31 -0.18 10.91 -9.74
C GLU A 31 1.28 11.26 -9.46
N LEU A 32 1.75 12.34 -10.08
CA LEU A 32 3.12 12.78 -9.90
C LEU A 32 3.27 13.64 -8.65
N SER A 33 4.36 13.46 -7.93
CA SER A 33 4.61 14.21 -6.70
C SER A 33 5.84 15.10 -6.86
N ASP A 34 6.17 15.45 -8.10
CA ASP A 34 7.31 16.29 -8.38
C ASP A 34 8.60 15.49 -8.34
N ASN A 35 8.50 14.24 -7.91
CA ASN A 35 9.66 13.36 -7.81
C ASN A 35 9.25 11.95 -7.41
N THR A 36 7.97 11.65 -7.57
CA THR A 36 7.44 10.34 -7.23
C THR A 36 6.09 10.09 -7.89
N LEU A 37 6.00 8.99 -8.63
CA LEU A 37 4.76 8.63 -9.32
C LEU A 37 4.02 7.53 -8.58
N ALA A 38 2.97 7.89 -7.87
CA ALA A 38 2.17 6.93 -7.12
C ALA A 38 0.93 6.51 -7.91
N LEU A 39 0.67 5.21 -7.92
CA LEU A 39 -0.49 4.67 -8.63
C LEU A 39 -1.53 4.14 -7.66
N TYR A 40 -2.81 4.31 -8.01
CA TYR A 40 -3.90 3.84 -7.16
C TYR A 40 -4.71 2.75 -7.86
N ALA A 41 -4.77 1.58 -7.23
CA ALA A 41 -5.52 0.45 -7.80
C ALA A 41 -6.74 0.13 -6.95
N PRO A 42 -7.68 -0.61 -7.54
CA PRO A 42 -8.92 -1.02 -6.85
C PRO A 42 -8.67 -2.05 -5.76
N ASN A 43 -7.45 -2.59 -5.74
CA ASN A 43 -7.07 -3.58 -4.74
C ASN A 43 -5.56 -3.74 -4.67
N ARG A 44 -5.08 -4.29 -3.55
CA ARG A 44 -3.65 -4.49 -3.35
C ARG A 44 -3.09 -5.47 -4.38
N PHE A 45 -3.96 -6.35 -4.88
CA PHE A 45 -3.56 -7.34 -5.88
C PHE A 45 -2.83 -6.69 -7.04
N VAL A 46 -3.50 -5.72 -7.67
CA VAL A 46 -2.92 -5.01 -8.81
C VAL A 46 -1.57 -4.41 -8.45
N LEU A 47 -1.52 -3.73 -7.31
CA LEU A 47 -0.29 -3.10 -6.84
C LEU A 47 0.88 -4.08 -6.92
N ASP A 48 0.74 -5.20 -6.23
CA ASP A 48 1.78 -6.23 -6.20
C ASP A 48 2.18 -6.63 -7.63
N TRP A 49 1.18 -6.90 -8.46
CA TRP A 49 1.43 -7.29 -9.84
C TRP A 49 2.21 -6.21 -10.59
N VAL A 50 1.68 -4.99 -10.57
CA VAL A 50 2.33 -3.87 -11.24
C VAL A 50 3.76 -3.70 -10.76
N ARG A 51 3.95 -3.74 -9.44
CA ARG A 51 5.28 -3.59 -8.86
C ARG A 51 6.18 -4.75 -9.25
N ASP A 52 5.59 -5.80 -9.80
CA ASP A 52 6.34 -6.97 -10.24
C ASP A 52 7.05 -6.70 -11.56
N LYS A 53 6.29 -6.25 -12.55
CA LYS A 53 6.85 -5.95 -13.87
C LYS A 53 7.04 -4.46 -14.05
N TYR A 54 5.94 -3.71 -14.00
CA TYR A 54 5.98 -2.26 -14.17
C TYR A 54 7.20 -1.68 -13.45
N LEU A 55 7.32 -1.98 -12.16
CA LEU A 55 8.43 -1.48 -11.37
C LEU A 55 9.75 -1.62 -12.11
N ASN A 56 10.17 -2.87 -12.35
CA ASN A 56 11.41 -3.13 -13.05
C ASN A 56 11.59 -2.18 -14.22
N ASN A 57 10.55 -2.06 -15.05
CA ASN A 57 10.59 -1.19 -16.21
C ASN A 57 10.82 0.26 -15.79
N ILE A 58 9.88 0.79 -15.00
CA ILE A 58 9.98 2.16 -14.52
C ILE A 58 11.35 2.45 -13.93
N ASN A 59 11.74 1.65 -12.94
CA ASN A 59 13.03 1.82 -12.28
C ASN A 59 14.14 2.00 -13.31
N GLY A 60 14.28 1.02 -14.20
CA GLY A 60 15.30 1.08 -15.23
C GLY A 60 15.27 2.39 -15.99
N LEU A 61 14.08 2.91 -16.23
CA LEU A 61 13.92 4.16 -16.96
C LEU A 61 14.39 5.34 -16.12
N LEU A 62 13.90 5.42 -14.88
CA LEU A 62 14.28 6.50 -13.98
C LEU A 62 15.78 6.67 -13.94
N THR A 63 16.50 5.57 -13.71
CA THR A 63 17.95 5.61 -13.64
C THR A 63 18.55 6.02 -14.98
N SER A 64 18.07 5.40 -16.05
CA SER A 64 18.56 5.71 -17.40
C SER A 64 18.21 7.14 -17.79
N PHE A 65 17.21 7.71 -17.12
CA PHE A 65 16.77 9.07 -17.40
C PHE A 65 17.70 10.09 -16.74
N CYS A 66 18.01 9.84 -15.47
CA CYS A 66 18.89 10.74 -14.72
C CYS A 66 19.92 9.95 -13.91
N GLY A 67 19.45 8.94 -13.19
CA GLY A 67 20.34 8.13 -12.38
C GLY A 67 20.49 8.65 -10.97
N ALA A 68 19.68 8.14 -10.06
CA ALA A 68 19.73 8.56 -8.66
C ALA A 68 19.12 9.94 -8.49
N ASP A 69 18.72 10.56 -9.59
CA ASP A 69 18.11 11.88 -9.56
C ASP A 69 16.66 11.83 -10.02
N ALA A 70 16.32 10.79 -10.77
CA ALA A 70 14.95 10.62 -11.27
C ALA A 70 13.99 10.30 -10.13
N PRO A 71 12.68 10.44 -10.41
CA PRO A 71 11.63 10.17 -9.42
C PRO A 71 11.51 8.69 -9.10
N GLN A 72 10.66 8.38 -8.12
CA GLN A 72 10.45 7.00 -7.70
C GLN A 72 9.03 6.55 -8.03
N LEU A 73 8.77 5.26 -7.81
CA LEU A 73 7.43 4.71 -8.08
C LEU A 73 6.71 4.39 -6.78
N ARG A 74 5.41 4.68 -6.75
CA ARG A 74 4.60 4.42 -5.57
C ARG A 74 3.31 3.69 -5.94
N PHE A 75 2.77 2.94 -4.99
CA PHE A 75 1.54 2.19 -5.22
C PHE A 75 0.64 2.23 -3.99
N GLU A 76 -0.67 2.21 -4.22
CA GLU A 76 -1.64 2.25 -3.13
C GLU A 76 -3.01 1.78 -3.60
N VAL A 77 -3.90 1.50 -2.64
CA VAL A 77 -5.24 1.05 -2.97
C VAL A 77 -6.23 2.19 -2.94
N GLY A 78 -6.67 2.62 -4.12
CA GLY A 78 -7.62 3.71 -4.22
C GLY A 78 -7.17 4.94 -3.44
N THR A 79 -7.81 5.20 -2.31
CA THR A 79 -7.48 6.34 -1.48
C THR A 79 -6.90 5.91 -0.14
N LYS A 80 -6.45 6.88 0.64
CA LYS A 80 -5.88 6.59 1.96
C LYS A 80 -6.96 6.13 2.93
N PRO A 81 -6.53 5.43 3.99
CA PRO A 81 -7.45 4.92 5.02
C PRO A 81 -8.05 6.03 5.87
N VAL A 82 -9.05 5.69 6.67
CA VAL A 82 -9.71 6.66 7.53
C VAL A 82 -9.86 6.12 8.95
N THR A 83 -9.84 7.03 9.92
CA THR A 83 -9.98 6.64 11.32
C THR A 83 -8.80 5.78 11.78
N GLN A 84 -7.88 6.40 12.52
CA GLN A 84 -6.71 5.67 13.01
C GLN A 84 -5.93 6.54 14.00
N THR A 85 -6.02 6.19 15.29
CA THR A 85 -5.32 6.93 16.32
C THR A 85 -5.58 6.32 17.69
N PRO A 86 -4.95 5.17 17.96
CA PRO A 86 -5.10 4.46 19.23
C PRO A 86 -4.42 5.19 20.38
N GLN A 87 -4.57 4.66 21.59
CA GLN A 87 -3.98 5.27 22.78
C GLN A 87 -2.90 4.36 23.36
N ALA A 88 -1.98 4.97 24.12
CA ALA A 88 -0.90 4.21 24.73
C ALA A 88 -0.01 5.13 25.57
N ALA A 89 0.40 4.65 26.74
CA ALA A 89 1.25 5.42 27.63
C ALA A 89 1.87 4.53 28.71
N VAL A 90 2.97 4.99 29.30
CA VAL A 90 3.65 4.24 30.33
C VAL A 90 4.29 5.17 31.37
N THR A 91 4.34 4.72 32.61
CA THR A 91 4.91 5.51 33.69
C THR A 91 6.18 4.87 34.24
N SER A 92 7.05 5.68 34.82
CA SER A 92 8.31 5.18 35.38
C SER A 92 9.11 6.32 36.01
N ASN A 93 10.11 5.95 36.81
CA ASN A 93 10.94 6.94 37.48
C ASN A 93 12.14 6.27 38.15
N VAL A 94 13.33 6.81 37.91
CA VAL A 94 14.55 6.26 38.50
C VAL A 94 15.46 7.38 38.99
N ALA A 95 16.24 7.09 40.04
CA ALA A 95 17.16 8.05 40.60
C ALA A 95 18.43 7.38 41.10
N ALA A 96 19.53 8.11 41.09
CA ALA A 96 20.81 7.59 41.55
C ALA A 96 21.90 8.65 41.48
N PRO A 97 21.83 9.64 42.39
CA PRO A 97 22.80 10.73 42.46
C PRO A 97 24.18 10.26 42.94
N ALA A 98 25.19 11.07 42.69
CA ALA A 98 26.56 10.74 43.11
C ALA A 98 27.41 11.99 43.21
N GLN A 99 28.51 11.89 43.96
CA GLN A 99 29.41 13.02 44.13
C GLN A 99 30.73 12.57 44.77
N VAL A 100 31.79 13.34 44.54
CA VAL A 100 33.10 13.01 45.09
C VAL A 100 34.12 14.11 44.77
N ALA A 101 35.08 14.28 45.68
CA ALA A 101 36.11 15.30 45.50
C ALA A 101 37.44 14.85 46.10
N GLN A 102 38.47 15.67 45.94
CA GLN A 102 39.79 15.35 46.47
C GLN A 102 40.74 16.52 46.27
N THR A 103 41.79 16.58 47.09
CA THR A 103 42.77 17.64 47.01
C THR A 103 44.14 17.16 47.51
N GLN A 104 45.17 17.95 47.23
CA GLN A 104 46.53 17.61 47.65
C GLN A 104 47.20 18.81 48.30
N PRO A 105 47.92 18.55 49.41
CA PRO A 105 48.63 19.59 50.15
C PRO A 105 49.84 20.12 49.38
N GLN A 106 50.38 21.25 49.84
CA GLN A 106 51.54 21.86 49.21
C GLN A 106 52.80 21.67 50.05
N ARG A 107 53.92 22.14 49.54
CA ARG A 107 55.20 22.03 50.25
C ARG A 107 55.28 23.04 51.37
#